data_5MRW
#
_entry.id   5MRW
#
_cell.length_a   124.720
_cell.length_b   166.290
_cell.length_c   196.300
_cell.angle_alpha   90.000
_cell.angle_beta   107.410
_cell.angle_gamma   90.000
#
_symmetry.space_group_name_H-M   'P 1 21 1'
#
loop_
_entity.id
_entity.type
_entity.pdbx_description
1 polymer 'Potassium-transporting ATPase potassium-binding subunit'
2 polymer 'Potassium-transporting ATPase ATP-binding subunit'
3 polymer 'Potassium-transporting ATPase KdpC subunit'
4 polymer 'Potassium-transporting ATPase KdpF subunit'
5 non-polymer 'POTASSIUM ION'
6 non-polymer 1,2-DIMYRISTOYL-SN-GLYCERO-3-PHOSPHOCHOLINE
7 non-polymer 'octyl beta-D-glucopyranoside'
8 water water
#
loop_
_entity_poly.entity_id
_entity_poly.type
_entity_poly.pdbx_seq_one_letter_code
_entity_poly.pdbx_strand_id
1 'polypeptide(L)'
;MAAQGFLLIATFLLVLMVLARPLGSGLARLINDIPLPGTTGVERVLFRALGVSDREMNWKQYLCAILGLNMLGLAVLFFM
LLGQHYLPLNPQQLPGLSWDLALNTAVSFVTNTNWRSYSGETTLSYFSQMAGLTVQNFLSAASGIAVIFALIRAFTRQSM
STLGNAWVDLLRITLWVLVPVALLIALFFIQQGALQNFLPYQAVNTVEGAQQLLPMGPVASQEAIKMLGTNGGGFFNANS
SHPFENPTALTNFVQMLAIFLIPTALCFAFGEVMGDRRQGRMLLWAMSVIFVICVGVVMWAEVQGNPHLLALGTDSSINM
EGKESRFGVLVSSLFAVVTTAASCGAVIAMHDSFTALGGMVPMWLMQIGEVVFGGVGSGLYGMMLFVLLAVFIAGLMIGR
TPEYLGKKIDVREMKLTALAILVTPTLVLMGAALAMMTDAGRSAMLNPGPHGFSEVLYAVSSAANNNGSAFAGLSANSPF
WNCLLAFCMFVGRFGVIIPVMAIAGSLVSKKSQAASSGTLPTHGPLFVGLLIGTVLLVGALTFIPALALGPVAEYLS
;
A,E,I
2 'polypeptide(L)'
;FEPTLVVQALKEAVKKLNPQAQWRNPVMFIVWIGSLLTTCISIAMASGAMPGNALFSAAISGWLWITVLFANFAEALAEG
RSKAQANSLKGVKKTAFARKLREPKYGAAADKVPADQLRKGDIVLVEAGDIIPCDGEVIEGGASVDESAITGE(SEP)AP
VIRESGGDFASVTGGTRILSDWLVIECSVNPGETFLDRMIAMVEGAQRRKTPNEIALTILLIALTIVFLLATATLWPFSA
WGGNAVSVTVLVALLVCLIPTTIGGLLSAIGVAGMSRMLGANVIATSGRAVEAAGDVDVLLLDKTGTITLGNRQASEFIP
AQGVDEKTLADAAQLASLADETPEGRSIVILAKQRFNLRERDVQSLHATFVPFTAQSRMSGINIDNRMIRKGSVDAIRRH
VEANGGHFPTDVDQKVDQVARQGATPLVVVEGSRVLGVIALKDIVKGGIKERFAQLRKMGIKTVMITGDNRLTAAAIAAE
AGVDDFLAEATPEAKLALIRQYQAEGRLVAMTGDGTNDAPALAQADVAVAMNSGTQAAKEAGNMVDLDSNPTKLIEVVHI
GKQMLMTRGSLTTFSIANDVAKYFAIIPAAFAATYPQLNALNIMCLHSPDSAILSAVIFNALIIVFLIPLALKGVSYKPL
TASAMLRRNLWIYGLGGLLVPFIGIKVIDLLLTVCGLV
;
B,F,J
3 'polypeptide(L)'
;LRPALSTFIFLLLITGGVYPLLTTVLGQWWFPWQANGSLIREGDTVRGSALIGQNFTGNGYFHGRPSATAEMPYNPQASG
GSNLAVSNPELDKLIAARVAALRAANPDASASVPVELVTASASGLDNNITPQAAAWQIPRVAKARNLSVEQLTQLIAKYS
QQPLVKYIGQPVVNIVELNLALDKLDE
;
C,G,K
4 'polypeptide(L)' MSAGVITGVLLVFLLLGYLVYALINAE D,H,L
#
loop_
_chem_comp.id
_chem_comp.type
_chem_comp.name
_chem_comp.formula
BOG D-saccharide 'octyl beta-D-glucopyranoside' 'C14 H28 O6'
K non-polymer 'POTASSIUM ION' 'K 1'
PX4 non-polymer 1,2-DIMYRISTOYL-SN-GLYCERO-3-PHOSPHOCHOLINE 'C36 H73 N O8 P 1'
#
# COMPACT_ATOMS: atom_id res chain seq x y z
N MET A 1 24.76 11.67 10.59
CA MET A 1 23.93 11.88 9.41
C MET A 1 23.63 10.56 8.70
N ALA A 2 24.69 9.91 8.19
CA ALA A 2 24.51 8.64 7.52
C ALA A 2 24.02 7.56 8.49
N ALA A 3 24.53 7.57 9.71
CA ALA A 3 24.08 6.59 10.70
C ALA A 3 22.65 6.88 11.15
N GLN A 4 22.33 8.15 11.39
CA GLN A 4 20.96 8.49 11.77
C GLN A 4 20.01 8.33 10.60
N GLY A 5 20.46 8.66 9.39
CA GLY A 5 19.64 8.41 8.21
C GLY A 5 19.38 6.95 7.99
N PHE A 6 20.34 6.09 8.37
CA PHE A 6 20.15 4.65 8.26
C PHE A 6 19.14 4.16 9.30
N LEU A 7 19.26 4.62 10.54
CA LEU A 7 18.35 4.18 11.59
C LEU A 7 16.92 4.65 11.32
N LEU A 8 16.76 5.82 10.69
CA LEU A 8 15.42 6.30 10.36
C LEU A 8 14.75 5.39 9.33
N ILE A 9 15.53 4.88 8.38
CA ILE A 9 14.97 3.94 7.41
C ILE A 9 14.70 2.60 8.05
N ALA A 10 15.65 2.10 8.86
CA ALA A 10 15.49 0.80 9.48
C ALA A 10 14.33 0.79 10.46
N THR A 11 14.22 1.81 11.31
CA THR A 11 13.12 1.87 12.26
C THR A 11 11.78 1.99 11.55
N PHE A 12 11.75 2.73 10.43
CA PHE A 12 10.49 2.89 9.70
C PHE A 12 10.04 1.58 9.06
N LEU A 13 10.97 0.86 8.42
CA LEU A 13 10.59 -0.38 7.74
C LEU A 13 10.30 -1.49 8.73
N LEU A 14 11.04 -1.54 9.85
CA LEU A 14 10.81 -2.58 10.84
C LEU A 14 9.43 -2.44 11.47
N VAL A 15 9.08 -1.23 11.92
CA VAL A 15 7.76 -1.00 12.50
C VAL A 15 6.68 -1.18 11.44
N LEU A 16 6.97 -0.86 10.19
CA LEU A 16 5.98 -1.01 9.12
C LEU A 16 5.63 -2.48 8.92
N MET A 17 6.64 -3.36 8.81
CA MET A 17 6.37 -4.77 8.59
C MET A 17 5.66 -5.42 9.78
N VAL A 18 5.93 -4.92 10.99
CA VAL A 18 5.27 -5.48 12.17
C VAL A 18 3.78 -5.18 12.16
N LEU A 19 3.40 -3.99 11.68
CA LEU A 19 1.99 -3.63 11.65
C LEU A 19 1.29 -4.20 10.41
N ALA A 20 1.99 -4.23 9.28
CA ALA A 20 1.37 -4.65 8.03
C ALA A 20 1.21 -6.16 7.91
N ARG A 21 1.94 -6.93 8.72
CA ARG A 21 1.81 -8.39 8.63
C ARG A 21 0.46 -8.88 9.12
N PRO A 22 -0.02 -8.52 10.33
CA PRO A 22 -1.36 -8.98 10.72
C PRO A 22 -2.48 -8.35 9.91
N LEU A 23 -2.32 -7.09 9.49
CA LEU A 23 -3.35 -6.47 8.65
C LEU A 23 -3.50 -7.21 7.33
N GLY A 24 -2.42 -7.80 6.82
CA GLY A 24 -2.53 -8.60 5.61
C GLY A 24 -3.40 -9.83 5.79
N SER A 25 -3.42 -10.39 7.00
CA SER A 25 -4.30 -11.52 7.28
C SER A 25 -5.77 -11.09 7.23
N GLY A 26 -6.08 -9.94 7.83
CA GLY A 26 -7.45 -9.46 7.78
C GLY A 26 -7.91 -9.13 6.37
N LEU A 27 -7.00 -8.62 5.54
CA LEU A 27 -7.33 -8.35 4.15
C LEU A 27 -7.51 -9.65 3.36
N ALA A 28 -6.77 -10.70 3.73
CA ALA A 28 -6.94 -11.98 3.06
C ALA A 28 -8.33 -12.55 3.31
N ARG A 29 -8.87 -12.33 4.51
CA ARG A 29 -10.24 -12.77 4.79
C ARG A 29 -11.25 -12.04 3.91
N LEU A 30 -11.09 -10.74 3.75
CA LEU A 30 -12.02 -9.98 2.91
C LEU A 30 -11.95 -10.42 1.45
N ILE A 31 -10.77 -10.84 0.99
CA ILE A 31 -10.66 -11.37 -0.35
C ILE A 31 -11.34 -12.73 -0.45
N ASN A 32 -11.23 -13.55 0.60
CA ASN A 32 -11.81 -14.88 0.65
C ASN A 32 -13.25 -14.89 1.13
N ASP A 33 -13.92 -13.73 1.14
CA ASP A 33 -15.31 -13.58 1.55
C ASP A 33 -15.55 -13.99 3.00
N ILE A 34 -14.49 -14.35 3.72
CA ILE A 34 -14.61 -14.75 5.12
C ILE A 34 -14.75 -13.50 5.98
N PRO A 35 -15.85 -13.34 6.70
CA PRO A 35 -16.06 -12.12 7.49
C PRO A 35 -15.09 -12.05 8.67
N LEU A 36 -14.97 -10.83 9.20
CA LEU A 36 -14.12 -10.59 10.35
C LEU A 36 -14.80 -11.14 11.61
N PRO A 37 -14.02 -11.42 12.68
CA PRO A 37 -14.58 -12.06 13.88
C PRO A 37 -15.88 -11.45 14.39
N GLY A 38 -15.83 -10.18 14.78
CA GLY A 38 -17.03 -9.54 15.31
C GLY A 38 -18.06 -9.19 14.25
N THR A 39 -17.67 -9.15 12.99
CA THR A 39 -18.54 -8.68 11.91
C THR A 39 -19.18 -9.86 11.17
N THR A 40 -19.90 -10.69 11.92
CA THR A 40 -20.59 -11.84 11.36
C THR A 40 -22.09 -11.63 11.24
N GLY A 41 -22.73 -11.17 12.31
CA GLY A 41 -24.17 -10.97 12.32
C GLY A 41 -24.58 -9.59 11.86
N VAL A 42 -23.75 -8.59 12.14
CA VAL A 42 -24.07 -7.21 11.76
C VAL A 42 -24.13 -7.08 10.24
N GLU A 43 -23.28 -7.82 9.53
CA GLU A 43 -23.30 -7.77 8.06
C GLU A 43 -24.65 -8.21 7.52
N ARG A 44 -25.18 -9.32 8.04
CA ARG A 44 -26.45 -9.85 7.56
C ARG A 44 -27.59 -8.86 7.78
N VAL A 45 -27.62 -8.22 8.96
CA VAL A 45 -28.67 -7.25 9.25
C VAL A 45 -28.52 -6.01 8.37
N LEU A 46 -27.28 -5.56 8.17
CA LEU A 46 -27.05 -4.33 7.41
C LEU A 46 -27.22 -4.54 5.92
N PHE A 47 -26.69 -5.65 5.37
CA PHE A 47 -26.75 -5.86 3.93
C PHE A 47 -28.19 -5.95 3.43
N ARG A 48 -29.06 -6.63 4.19
CA ARG A 48 -30.47 -6.69 3.81
C ARG A 48 -31.15 -5.35 4.00
N ALA A 49 -30.74 -4.57 4.99
CA ALA A 49 -31.33 -3.24 5.18
C ALA A 49 -30.95 -2.31 4.04
N LEU A 50 -29.74 -2.45 3.50
CA LEU A 50 -29.30 -1.65 2.37
C LEU A 50 -29.69 -2.24 1.04
N GLY A 51 -30.05 -3.52 1.00
CA GLY A 51 -30.41 -4.18 -0.24
C GLY A 51 -29.28 -4.91 -0.92
N VAL A 52 -28.14 -5.06 -0.26
CA VAL A 52 -27.02 -5.80 -0.83
C VAL A 52 -27.26 -7.29 -0.60
N SER A 53 -27.23 -8.07 -1.69
CA SER A 53 -27.66 -9.46 -1.65
C SER A 53 -26.50 -10.45 -1.70
N ASP A 54 -25.27 -9.97 -1.56
CA ASP A 54 -24.08 -10.82 -1.55
C ASP A 54 -23.93 -11.62 -2.85
N ARG A 55 -24.61 -11.19 -3.92
CA ARG A 55 -24.56 -11.90 -5.18
C ARG A 55 -23.19 -11.77 -5.82
N GLU A 56 -22.82 -12.77 -6.61
CA GLU A 56 -21.55 -12.74 -7.32
C GLU A 56 -21.70 -11.96 -8.63
N MET A 57 -20.67 -11.18 -8.96
CA MET A 57 -20.69 -10.30 -10.10
C MET A 57 -19.55 -10.64 -11.05
N ASN A 58 -19.82 -10.58 -12.35
CA ASN A 58 -18.77 -10.75 -13.34
C ASN A 58 -17.99 -9.45 -13.51
N TRP A 59 -16.95 -9.49 -14.34
CA TRP A 59 -16.06 -8.33 -14.45
C TRP A 59 -16.76 -7.14 -15.08
N LYS A 60 -17.67 -7.37 -16.02
CA LYS A 60 -18.43 -6.25 -16.59
C LYS A 60 -19.36 -5.64 -15.56
N GLN A 61 -19.96 -6.47 -14.69
CA GLN A 61 -20.84 -5.96 -13.65
C GLN A 61 -20.06 -5.34 -12.51
N TYR A 62 -18.93 -5.93 -12.14
CA TYR A 62 -18.11 -5.38 -11.07
C TYR A 62 -17.55 -4.02 -11.43
N LEU A 63 -17.19 -3.83 -12.72
CA LEU A 63 -16.66 -2.55 -13.15
C LEU A 63 -17.73 -1.47 -13.15
N CYS A 64 -18.92 -1.78 -13.66
CA CYS A 64 -20.00 -0.79 -13.71
C CYS A 64 -20.52 -0.41 -12.33
N ALA A 65 -20.25 -1.22 -11.31
CA ALA A 65 -20.62 -0.83 -9.96
C ALA A 65 -19.63 0.18 -9.37
N ILE A 66 -18.34 -0.03 -9.62
CA ILE A 66 -17.33 0.90 -9.13
C ILE A 66 -17.41 2.23 -9.89
N LEU A 67 -17.51 2.17 -11.22
CA LEU A 67 -17.64 3.40 -11.99
C LEU A 67 -18.95 4.10 -11.68
N GLY A 68 -20.00 3.35 -11.35
CA GLY A 68 -21.26 3.98 -10.99
C GLY A 68 -21.17 4.75 -9.69
N LEU A 69 -20.45 4.21 -8.71
CA LEU A 69 -20.31 4.91 -7.44
C LEU A 69 -19.43 6.15 -7.58
N ASN A 70 -18.40 6.08 -8.43
CA ASN A 70 -17.50 7.22 -8.57
C ASN A 70 -18.14 8.35 -9.36
N MET A 71 -18.84 8.02 -10.45
CA MET A 71 -19.55 9.06 -11.20
C MET A 71 -20.65 9.69 -10.35
N LEU A 72 -21.27 8.92 -9.47
CA LEU A 72 -22.20 9.50 -8.51
C LEU A 72 -21.47 10.33 -7.46
N GLY A 73 -20.21 9.99 -7.17
CA GLY A 73 -19.49 10.73 -6.14
C GLY A 73 -19.18 12.15 -6.55
N LEU A 74 -18.57 12.34 -7.73
CA LEU A 74 -18.21 13.68 -8.15
C LEU A 74 -19.43 14.52 -8.48
N ALA A 75 -20.54 13.88 -8.89
CA ALA A 75 -21.77 14.62 -9.13
C ALA A 75 -22.27 15.28 -7.85
N VAL A 76 -22.18 14.56 -6.73
CA VAL A 76 -22.60 15.12 -5.45
C VAL A 76 -21.59 16.16 -4.97
N LEU A 77 -20.29 15.86 -5.14
CA LEU A 77 -19.27 16.77 -4.64
C LEU A 77 -19.22 18.06 -5.44
N PHE A 78 -19.35 17.98 -6.76
CA PHE A 78 -19.30 19.17 -7.59
C PHE A 78 -20.43 20.15 -7.24
N PHE A 79 -21.60 19.62 -6.89
CA PHE A 79 -22.71 20.49 -6.51
C PHE A 79 -22.58 20.97 -5.07
N MET A 80 -21.90 20.21 -4.21
CA MET A 80 -21.64 20.70 -2.85
C MET A 80 -20.76 21.94 -2.87
N LEU A 81 -19.79 21.97 -3.79
CA LEU A 81 -18.87 23.10 -3.85
C LEU A 81 -19.50 24.31 -4.52
N LEU A 82 -20.42 24.10 -5.48
CA LEU A 82 -21.12 25.23 -6.08
C LEU A 82 -22.11 25.83 -5.10
N GLY A 83 -22.83 25.00 -4.34
CA GLY A 83 -23.77 25.48 -3.37
C GLY A 83 -23.22 25.47 -1.97
N GLN A 84 -21.92 25.74 -1.84
CA GLN A 84 -21.28 25.75 -0.53
C GLN A 84 -21.84 26.85 0.36
N HIS A 85 -22.28 27.96 -0.24
CA HIS A 85 -22.79 29.08 0.55
C HIS A 85 -24.10 28.73 1.25
N TYR A 86 -24.86 27.77 0.72
CA TYR A 86 -26.15 27.42 1.28
C TYR A 86 -26.07 26.33 2.33
N LEU A 87 -25.11 25.41 2.20
CA LEU A 87 -24.96 24.34 3.19
C LEU A 87 -24.44 24.91 4.51
N PRO A 88 -24.84 24.31 5.64
CA PRO A 88 -24.47 24.88 6.94
C PRO A 88 -23.00 24.66 7.32
N LEU A 89 -22.69 24.84 8.60
CA LEU A 89 -21.34 24.67 9.14
C LEU A 89 -20.33 25.55 8.38
N ASN A 90 -20.71 26.80 8.18
CA ASN A 90 -19.89 27.78 7.48
C ASN A 90 -19.77 29.02 8.34
N PRO A 91 -18.77 29.07 9.24
CA PRO A 91 -18.62 30.26 10.08
C PRO A 91 -18.30 31.52 9.27
N GLN A 92 -17.27 31.48 8.43
CA GLN A 92 -17.07 32.52 7.45
C GLN A 92 -18.18 32.45 6.41
N GLN A 93 -18.34 33.54 5.66
CA GLN A 93 -19.34 33.56 4.58
C GLN A 93 -18.70 33.27 3.24
N LEU A 94 -17.97 32.16 3.17
CA LEU A 94 -17.26 31.80 1.94
C LEU A 94 -18.25 31.48 0.84
N PRO A 95 -18.10 32.05 -0.35
CA PRO A 95 -19.06 31.80 -1.43
C PRO A 95 -18.81 30.46 -2.10
N GLY A 96 -19.73 30.12 -3.00
CA GLY A 96 -19.57 28.89 -3.77
C GLY A 96 -18.38 29.00 -4.71
N LEU A 97 -17.70 27.87 -4.91
CA LEU A 97 -16.51 27.85 -5.75
C LEU A 97 -16.91 28.05 -7.22
N SER A 98 -15.94 28.50 -8.01
CA SER A 98 -16.16 28.66 -9.44
C SER A 98 -16.29 27.29 -10.10
N TRP A 99 -16.81 27.29 -11.33
CA TRP A 99 -17.06 26.04 -12.04
C TRP A 99 -15.76 25.28 -12.29
N ASP A 100 -14.68 26.00 -12.62
CA ASP A 100 -13.42 25.34 -12.89
C ASP A 100 -12.77 24.83 -11.61
N LEU A 101 -12.91 25.57 -10.51
CA LEU A 101 -12.34 25.13 -9.24
C LEU A 101 -13.16 23.98 -8.65
N ALA A 102 -14.49 24.06 -8.75
CA ALA A 102 -15.32 22.98 -8.24
C ALA A 102 -15.15 21.71 -9.05
N LEU A 103 -15.07 21.82 -10.38
CA LEU A 103 -14.88 20.64 -11.22
C LEU A 103 -13.54 19.98 -10.94
N ASN A 104 -12.48 20.77 -10.83
CA ASN A 104 -11.15 20.20 -10.60
C ASN A 104 -11.08 19.50 -9.24
N THR A 105 -11.53 20.17 -8.18
CA THR A 105 -11.45 19.59 -6.85
C THR A 105 -12.41 18.41 -6.68
N ALA A 106 -13.56 18.44 -7.36
CA ALA A 106 -14.46 17.30 -7.29
C ALA A 106 -13.86 16.08 -7.97
N VAL A 107 -13.31 16.26 -9.18
CA VAL A 107 -12.61 15.18 -9.84
C VAL A 107 -11.40 14.75 -9.02
N SER A 108 -10.78 15.69 -8.30
CA SER A 108 -9.55 15.38 -7.57
C SER A 108 -9.79 14.36 -6.48
N PHE A 109 -10.80 14.59 -5.63
CA PHE A 109 -11.00 13.72 -4.47
C PHE A 109 -11.63 12.39 -4.85
N VAL A 110 -12.48 12.35 -5.88
CA VAL A 110 -13.00 11.07 -6.35
C VAL A 110 -11.88 10.24 -6.95
N THR A 111 -10.90 10.89 -7.57
CA THR A 111 -9.77 10.20 -8.18
C THR A 111 -8.79 9.64 -7.16
N ASN A 112 -8.92 10.02 -5.89
CA ASN A 112 -8.02 9.68 -4.78
C ASN A 112 -6.76 10.53 -4.85
N THR A 113 -6.71 11.52 -5.76
CA THR A 113 -5.50 12.31 -5.96
C THR A 113 -5.39 13.45 -4.96
N ASN A 114 -6.47 14.22 -4.80
CA ASN A 114 -6.51 15.39 -3.92
C ASN A 114 -5.49 16.45 -4.35
N TRP A 115 -5.66 16.93 -5.59
CA TRP A 115 -4.93 18.11 -6.03
C TRP A 115 -5.45 19.34 -5.30
N ARG A 116 -4.56 20.30 -5.06
CA ARG A 116 -4.88 21.49 -4.27
C ARG A 116 -4.51 22.72 -5.08
N SER A 117 -5.41 23.16 -5.95
CA SER A 117 -5.30 24.45 -6.62
C SER A 117 -6.00 25.55 -5.84
N TYR A 118 -6.09 25.42 -4.52
CA TYR A 118 -6.80 26.36 -3.67
C TYR A 118 -6.13 26.39 -2.31
N SER A 119 -6.48 27.39 -1.51
CA SER A 119 -6.02 27.50 -0.14
C SER A 119 -7.18 27.13 0.79
N GLY A 120 -6.99 26.07 1.57
CA GLY A 120 -8.05 25.51 2.39
C GLY A 120 -8.79 26.48 3.29
N GLU A 121 -8.05 27.21 4.13
CA GLU A 121 -8.69 28.11 5.07
C GLU A 121 -9.42 29.25 4.37
N THR A 122 -8.98 29.62 3.16
CA THR A 122 -9.59 30.72 2.42
C THR A 122 -10.72 30.25 1.51
N THR A 123 -10.72 28.98 1.10
CA THR A 123 -11.59 28.49 0.04
C THR A 123 -12.76 27.65 0.53
N LEU A 124 -12.57 26.81 1.53
CA LEU A 124 -13.54 25.77 1.88
C LEU A 124 -14.13 25.99 3.26
N SER A 125 -15.37 25.54 3.42
CA SER A 125 -16.08 25.58 4.69
C SER A 125 -15.97 24.23 5.39
N TYR A 126 -16.43 24.21 6.65
CA TYR A 126 -16.35 22.97 7.44
C TYR A 126 -17.20 21.87 6.82
N PHE A 127 -18.36 22.24 6.27
CA PHE A 127 -19.25 21.24 5.68
C PHE A 127 -18.64 20.63 4.43
N SER A 128 -18.08 21.47 3.54
CA SER A 128 -17.47 20.96 2.32
C SER A 128 -16.25 20.09 2.62
N GLN A 129 -15.53 20.39 3.70
CA GLN A 129 -14.40 19.57 4.08
C GLN A 129 -14.83 18.26 4.72
N MET A 130 -15.91 18.30 5.50
CA MET A 130 -16.36 17.14 6.26
C MET A 130 -17.35 16.28 5.50
N ALA A 131 -18.40 16.90 4.94
CA ALA A 131 -19.41 16.17 4.20
C ALA A 131 -19.07 16.01 2.73
N GLY A 132 -17.89 16.46 2.29
CA GLY A 132 -17.51 16.37 0.91
C GLY A 132 -16.14 15.77 0.68
N LEU A 133 -15.14 16.26 1.41
CA LEU A 133 -13.77 15.78 1.22
C LEU A 133 -13.47 14.54 2.03
N THR A 134 -13.94 14.46 3.28
CA THR A 134 -13.72 13.26 4.07
C THR A 134 -14.54 12.09 3.54
N VAL A 135 -15.77 12.37 3.09
CA VAL A 135 -16.61 11.31 2.54
C VAL A 135 -15.99 10.72 1.28
N GLN A 136 -15.29 11.55 0.50
CA GLN A 136 -14.66 11.08 -0.72
C GLN A 136 -13.27 10.50 -0.48
N ASN A 137 -12.62 10.84 0.63
CA ASN A 137 -11.37 10.18 0.99
C ASN A 137 -11.59 8.73 1.38
N PHE A 138 -12.79 8.37 1.82
CA PHE A 138 -13.10 6.97 2.10
C PHE A 138 -13.50 6.23 0.83
N LEU A 139 -14.40 6.82 0.04
CA LEU A 139 -14.93 6.12 -1.13
C LEU A 139 -13.85 5.91 -2.19
N SER A 140 -13.02 6.92 -2.43
CA SER A 140 -11.93 6.75 -3.40
C SER A 140 -10.94 5.70 -2.92
N ALA A 141 -10.67 5.65 -1.61
CA ALA A 141 -9.79 4.62 -1.08
C ALA A 141 -10.46 3.26 -1.11
N ALA A 142 -11.75 3.19 -0.79
CA ALA A 142 -12.47 1.92 -0.87
C ALA A 142 -12.54 1.41 -2.30
N SER A 143 -12.79 2.32 -3.26
CA SER A 143 -12.85 1.93 -4.65
C SER A 143 -11.52 1.35 -5.12
N GLY A 144 -10.41 1.91 -4.64
CA GLY A 144 -9.10 1.38 -5.01
C GLY A 144 -8.87 -0.02 -4.47
N ILE A 145 -9.20 -0.23 -3.19
CA ILE A 145 -9.03 -1.55 -2.59
C ILE A 145 -10.04 -2.55 -3.15
N ALA A 146 -11.18 -2.06 -3.65
CA ALA A 146 -12.15 -2.97 -4.26
C ALA A 146 -11.62 -3.54 -5.58
N VAL A 147 -10.97 -2.70 -6.39
CA VAL A 147 -10.45 -3.16 -7.67
C VAL A 147 -9.36 -4.20 -7.45
N ILE A 148 -8.47 -3.98 -6.48
CA ILE A 148 -7.40 -4.94 -6.25
C ILE A 148 -7.96 -6.23 -5.66
N PHE A 149 -9.08 -6.15 -4.93
CA PHE A 149 -9.73 -7.36 -4.44
C PHE A 149 -10.19 -8.24 -5.59
N ALA A 150 -10.79 -7.64 -6.62
CA ALA A 150 -11.23 -8.40 -7.78
C ALA A 150 -10.05 -9.02 -8.52
N LEU A 151 -8.97 -8.26 -8.71
CA LEU A 151 -7.82 -8.79 -9.45
C LEU A 151 -7.15 -9.93 -8.69
N ILE A 152 -7.00 -9.79 -7.37
CA ILE A 152 -6.42 -10.86 -6.57
C ILE A 152 -7.28 -12.10 -6.64
N ARG A 153 -8.61 -11.93 -6.61
CA ARG A 153 -9.50 -13.07 -6.76
C ARG A 153 -9.36 -13.74 -8.12
N ALA A 154 -9.06 -12.96 -9.16
CA ALA A 154 -8.87 -13.52 -10.50
C ALA A 154 -7.64 -14.43 -10.57
N PHE A 155 -6.73 -14.34 -9.60
CA PHE A 155 -5.57 -15.21 -9.58
C PHE A 155 -5.77 -16.45 -8.73
N THR A 156 -6.53 -16.34 -7.63
CA THR A 156 -6.76 -17.50 -6.77
C THR A 156 -7.93 -18.35 -7.25
N ARG A 157 -9.01 -17.73 -7.72
CA ARG A 157 -10.14 -18.48 -8.23
C ARG A 157 -9.79 -19.15 -9.55
N GLN A 158 -10.43 -20.29 -9.82
CA GLN A 158 -10.10 -21.12 -10.97
C GLN A 158 -11.38 -21.46 -11.73
N SER A 159 -11.34 -21.23 -13.04
CA SER A 159 -12.41 -21.62 -13.96
C SER A 159 -13.77 -21.12 -13.49
N MET A 160 -13.86 -19.82 -13.24
CA MET A 160 -15.10 -19.18 -12.85
C MET A 160 -15.35 -17.96 -13.74
N SER A 161 -16.42 -17.23 -13.44
CA SER A 161 -16.73 -16.02 -14.18
C SER A 161 -17.13 -14.87 -13.27
N THR A 162 -17.04 -15.03 -11.95
CA THR A 162 -17.44 -14.01 -11.00
C THR A 162 -16.25 -13.57 -10.17
N LEU A 163 -16.27 -12.32 -9.73
CA LEU A 163 -15.18 -11.71 -8.99
C LEU A 163 -15.61 -11.23 -7.61
N GLY A 164 -16.76 -11.69 -7.12
CA GLY A 164 -17.28 -11.26 -5.85
C GLY A 164 -18.37 -10.21 -6.00
N ASN A 165 -18.65 -9.52 -4.91
CA ASN A 165 -19.64 -8.45 -4.87
C ASN A 165 -18.93 -7.16 -4.50
N ALA A 166 -19.07 -6.14 -5.35
CA ALA A 166 -18.40 -4.87 -5.09
C ALA A 166 -19.03 -4.14 -3.91
N TRP A 167 -20.36 -4.18 -3.80
CA TRP A 167 -21.02 -3.47 -2.71
C TRP A 167 -20.70 -4.06 -1.36
N VAL A 168 -20.45 -5.38 -1.29
CA VAL A 168 -20.06 -6.00 -0.03
C VAL A 168 -18.64 -5.58 0.33
N ASP A 169 -17.76 -5.46 -0.67
CA ASP A 169 -16.39 -5.05 -0.40
C ASP A 169 -16.32 -3.59 0.02
N LEU A 170 -16.98 -2.70 -0.74
CA LEU A 170 -16.96 -1.28 -0.40
C LEU A 170 -17.52 -1.03 0.99
N LEU A 171 -18.43 -1.88 1.47
CA LEU A 171 -18.94 -1.75 2.83
C LEU A 171 -17.94 -2.31 3.84
N ARG A 172 -17.39 -3.49 3.56
CA ARG A 172 -16.45 -4.11 4.50
C ARG A 172 -15.15 -3.33 4.59
N ILE A 173 -14.72 -2.68 3.50
CA ILE A 173 -13.47 -1.94 3.52
C ILE A 173 -13.60 -0.69 4.39
N THR A 174 -14.67 0.08 4.19
CA THR A 174 -14.83 1.33 4.93
C THR A 174 -15.18 1.07 6.39
N LEU A 175 -16.12 0.16 6.65
CA LEU A 175 -16.70 0.04 7.98
C LEU A 175 -15.78 -0.64 8.97
N TRP A 176 -14.90 -1.55 8.53
CA TRP A 176 -14.09 -2.32 9.47
C TRP A 176 -12.61 -2.30 9.14
N VAL A 177 -12.15 -1.43 8.25
CA VAL A 177 -10.72 -1.25 8.02
C VAL A 177 -10.39 0.23 8.06
N LEU A 178 -11.07 1.02 7.22
CA LEU A 178 -10.77 2.45 7.14
C LEU A 178 -11.27 3.18 8.38
N VAL A 179 -12.58 3.10 8.65
CA VAL A 179 -13.15 3.88 9.75
C VAL A 179 -12.54 3.54 11.11
N PRO A 180 -12.43 2.26 11.51
CA PRO A 180 -11.90 2.01 12.86
C PRO A 180 -10.45 2.38 13.04
N VAL A 181 -9.60 2.07 12.05
CA VAL A 181 -8.18 2.42 12.18
C VAL A 181 -7.98 3.92 12.15
N ALA A 182 -8.65 4.61 11.22
CA ALA A 182 -8.54 6.06 11.16
C ALA A 182 -9.08 6.73 12.42
N LEU A 183 -10.10 6.14 13.05
CA LEU A 183 -10.59 6.67 14.30
C LEU A 183 -9.52 6.64 15.37
N LEU A 184 -8.75 5.55 15.45
CA LEU A 184 -7.65 5.50 16.41
C LEU A 184 -6.55 6.47 16.04
N ILE A 185 -6.22 6.55 14.74
CA ILE A 185 -5.15 7.44 14.30
C ILE A 185 -5.52 8.90 14.53
N ALA A 186 -6.77 9.27 14.24
CA ALA A 186 -7.19 10.65 14.43
C ALA A 186 -7.19 11.04 15.90
N LEU A 187 -7.55 10.10 16.78
CA LEU A 187 -7.54 10.40 18.21
C LEU A 187 -6.13 10.62 18.74
N PHE A 188 -5.16 9.86 18.21
CA PHE A 188 -3.77 10.07 18.63
C PHE A 188 -3.25 11.41 18.13
N PHE A 189 -3.72 11.87 16.96
CA PHE A 189 -3.35 13.19 16.49
C PHE A 189 -3.87 14.28 17.42
N ILE A 190 -5.13 14.16 17.84
CA ILE A 190 -5.73 15.16 18.72
C ILE A 190 -4.93 15.32 20.00
N GLN A 191 -4.50 14.19 20.59
CA GLN A 191 -3.75 14.27 21.84
C GLN A 191 -2.45 15.04 21.67
N GLN A 192 -1.76 14.82 20.54
CA GLN A 192 -0.50 15.50 20.27
C GLN A 192 -0.67 16.94 19.80
N GLY A 193 -1.91 17.40 19.61
CA GLY A 193 -2.13 18.81 19.29
C GLY A 193 -2.88 19.09 18.01
N ALA A 194 -3.44 18.06 17.38
CA ALA A 194 -4.18 18.28 16.15
C ALA A 194 -5.50 19.00 16.44
N LEU A 195 -6.11 19.53 15.39
CA LEU A 195 -7.30 20.36 15.48
C LEU A 195 -8.53 19.53 15.16
N GLN A 196 -9.57 19.65 15.99
CA GLN A 196 -10.81 18.89 15.78
C GLN A 196 -11.93 19.60 16.53
N ASN A 197 -12.61 20.52 15.83
CA ASN A 197 -13.72 21.26 16.40
C ASN A 197 -14.52 21.90 15.27
N PHE A 198 -15.57 22.62 15.64
CA PHE A 198 -16.41 23.35 14.69
C PHE A 198 -16.58 24.79 15.15
N LEU A 199 -15.52 25.35 15.72
CA LEU A 199 -15.54 26.71 16.25
C LEU A 199 -15.35 27.73 15.14
N PRO A 200 -15.81 28.96 15.35
CA PRO A 200 -15.50 30.03 14.39
C PRO A 200 -14.02 30.41 14.46
N TYR A 201 -13.59 31.15 13.45
CA TYR A 201 -12.19 31.56 13.38
C TYR A 201 -11.81 32.42 14.57
N GLN A 202 -10.72 32.06 15.24
CA GLN A 202 -10.29 32.72 16.47
C GLN A 202 -9.34 33.87 16.14
N ALA A 203 -9.59 35.02 16.75
CA ALA A 203 -8.72 36.18 16.62
C ALA A 203 -7.69 36.17 17.75
N VAL A 204 -6.44 36.49 17.40
CA VAL A 204 -5.33 36.44 18.34
C VAL A 204 -4.69 37.82 18.40
N ASN A 205 -4.62 38.39 19.61
CA ASN A 205 -3.89 39.64 19.86
C ASN A 205 -2.53 39.26 20.43
N THR A 206 -1.51 39.27 19.58
CA THR A 206 -0.18 38.84 19.99
C THR A 206 0.40 39.80 21.03
N VAL A 207 1.57 39.43 21.55
CA VAL A 207 2.25 40.29 22.53
C VAL A 207 2.69 41.59 21.87
N GLU A 208 2.92 41.58 20.56
CA GLU A 208 3.16 42.80 19.81
C GLU A 208 1.84 43.31 19.25
N GLY A 209 1.91 44.44 18.53
CA GLY A 209 0.69 45.07 18.04
C GLY A 209 -0.05 44.25 16.99
N ALA A 210 0.63 43.32 16.33
CA ALA A 210 0.01 42.58 15.24
C ALA A 210 -1.09 41.66 15.75
N GLN A 211 -2.14 41.52 14.96
CA GLN A 211 -3.26 40.62 15.24
C GLN A 211 -3.40 39.62 14.11
N GLN A 212 -3.72 38.37 14.45
CA GLN A 212 -3.86 37.30 13.49
C GLN A 212 -5.13 36.52 13.74
N LEU A 213 -5.68 35.95 12.67
CA LEU A 213 -6.93 35.20 12.71
C LEU A 213 -6.62 33.72 12.54
N LEU A 214 -7.06 32.89 13.51
CA LEU A 214 -6.78 31.46 13.53
C LEU A 214 -7.85 30.69 12.73
N PRO A 215 -7.42 29.70 11.94
CA PRO A 215 -8.39 28.85 11.24
C PRO A 215 -8.70 27.58 12.02
N MET A 216 -9.97 27.36 12.32
CA MET A 216 -10.41 26.16 13.03
C MET A 216 -11.02 25.17 12.05
N GLY A 217 -11.58 24.09 12.58
CA GLY A 217 -12.25 23.10 11.75
C GLY A 217 -11.93 21.68 12.15
N PRO A 218 -12.78 20.68 11.64
CA PRO A 218 -12.54 19.25 11.91
C PRO A 218 -11.39 18.69 11.09
N VAL A 219 -10.17 18.99 11.54
CA VAL A 219 -8.97 18.65 10.78
C VAL A 219 -8.48 17.24 11.12
N ALA A 220 -8.53 16.87 12.40
CA ALA A 220 -7.90 15.62 12.81
C ALA A 220 -8.55 14.40 12.17
N SER A 221 -9.88 14.41 12.07
CA SER A 221 -10.58 13.29 11.44
C SER A 221 -10.15 13.13 9.98
N GLN A 222 -10.13 14.25 9.24
CA GLN A 222 -9.70 14.19 7.84
C GLN A 222 -8.22 13.85 7.72
N GLU A 223 -7.42 14.19 8.73
CA GLU A 223 -5.99 13.94 8.64
C GLU A 223 -5.68 12.45 8.64
N ALA A 224 -6.45 11.66 9.40
CA ALA A 224 -6.19 10.22 9.48
C ALA A 224 -6.52 9.50 8.18
N ILE A 225 -7.56 9.95 7.47
CA ILE A 225 -7.98 9.26 6.26
C ILE A 225 -7.04 9.57 5.11
N LYS A 226 -6.63 10.84 4.97
CA LYS A 226 -5.80 11.23 3.84
C LYS A 226 -4.46 10.51 3.84
N MET A 227 -3.97 10.12 5.01
CA MET A 227 -2.73 9.37 5.12
C MET A 227 -2.96 7.87 4.98
N LEU A 228 -4.00 7.34 5.63
CA LEU A 228 -4.29 5.92 5.55
C LEU A 228 -4.86 5.55 4.18
N GLY A 229 -5.75 6.39 3.65
CA GLY A 229 -6.26 6.21 2.31
C GLY A 229 -5.39 6.76 1.20
N THR A 230 -4.20 7.26 1.56
CA THR A 230 -3.26 7.84 0.59
C THR A 230 -3.93 8.90 -0.27
N ASN A 231 -4.76 9.73 0.36
CA ASN A 231 -5.41 10.82 -0.34
C ASN A 231 -4.52 12.05 -0.42
N GLY A 232 -3.91 12.43 0.70
CA GLY A 232 -2.94 13.52 0.73
C GLY A 232 -3.51 14.91 0.65
N GLY A 233 -4.83 15.06 0.75
CA GLY A 233 -5.43 16.38 0.71
C GLY A 233 -5.56 17.02 2.07
N GLY A 234 -4.83 18.10 2.30
CA GLY A 234 -4.79 18.73 3.61
C GLY A 234 -5.89 19.75 3.81
N PHE A 235 -6.27 19.91 5.08
CA PHE A 235 -7.28 20.90 5.43
C PHE A 235 -6.81 22.32 5.13
N PHE A 236 -5.51 22.56 5.22
CA PHE A 236 -4.93 23.88 5.02
C PHE A 236 -4.03 23.87 3.78
N ASN A 237 -3.56 25.06 3.41
CA ASN A 237 -2.76 25.20 2.19
C ASN A 237 -1.43 24.44 2.31
N ALA A 238 -0.84 24.45 3.49
CA ALA A 238 0.32 23.61 3.80
C ALA A 238 -0.20 22.39 4.54
N ASN A 239 -0.27 21.25 3.85
CA ASN A 239 -1.05 20.13 4.38
C ASN A 239 -0.33 19.45 5.55
N SER A 240 0.84 18.88 5.30
CA SER A 240 1.53 18.09 6.33
C SER A 240 2.53 18.90 7.13
N SER A 241 2.92 20.08 6.65
CA SER A 241 3.81 20.94 7.41
C SER A 241 3.07 21.80 8.44
N HIS A 242 1.75 21.93 8.29
CA HIS A 242 0.98 22.75 9.22
C HIS A 242 1.02 22.15 10.62
N PRO A 243 1.28 22.94 11.65
CA PRO A 243 1.29 22.39 13.02
C PRO A 243 -0.05 21.88 13.48
N PHE A 244 -1.15 22.35 12.89
CA PHE A 244 -2.47 21.86 13.28
C PHE A 244 -2.75 20.47 12.72
N GLU A 245 -2.23 20.16 11.53
CA GLU A 245 -2.47 18.86 10.91
C GLU A 245 -1.42 17.83 11.31
N ASN A 246 -0.18 18.26 11.55
CA ASN A 246 0.90 17.36 11.97
C ASN A 246 1.69 18.07 13.05
N PRO A 247 1.27 17.96 14.32
CA PRO A 247 1.84 18.81 15.37
C PRO A 247 3.25 18.42 15.78
N THR A 248 3.50 17.14 15.99
CA THR A 248 4.78 16.68 16.53
C THR A 248 5.48 15.77 15.53
N ALA A 249 6.76 15.50 15.80
CA ALA A 249 7.49 14.51 15.04
C ALA A 249 6.96 13.11 15.28
N LEU A 250 6.28 12.89 16.41
CA LEU A 250 5.71 11.58 16.71
C LEU A 250 4.53 11.28 15.79
N THR A 251 3.63 12.25 15.62
CA THR A 251 2.53 12.08 14.68
C THR A 251 3.03 11.96 13.25
N ASN A 252 4.17 12.59 12.94
CA ASN A 252 4.72 12.48 11.59
C ASN A 252 5.17 11.05 11.29
N PHE A 253 5.81 10.40 12.26
CA PHE A 253 6.18 9.00 12.07
C PHE A 253 4.95 8.12 11.92
N VAL A 254 3.86 8.49 12.58
CA VAL A 254 2.60 7.77 12.41
C VAL A 254 2.03 8.04 11.02
N GLN A 255 2.12 9.29 10.55
CA GLN A 255 1.60 9.62 9.22
C GLN A 255 2.37 8.87 8.13
N MET A 256 3.68 8.68 8.31
CA MET A 256 4.45 7.95 7.32
C MET A 256 4.09 6.46 7.33
N LEU A 257 3.77 5.91 8.50
CA LEU A 257 3.32 4.53 8.55
C LEU A 257 1.97 4.36 7.87
N ALA A 258 1.07 5.33 8.07
CA ALA A 258 -0.26 5.23 7.47
C ALA A 258 -0.22 5.25 5.95
N ILE A 259 0.77 5.93 5.37
CA ILE A 259 0.89 5.94 3.92
C ILE A 259 1.25 4.55 3.41
N PHE A 260 2.11 3.84 4.13
CA PHE A 260 2.60 2.53 3.72
C PHE A 260 1.85 1.38 4.38
N LEU A 261 0.81 1.65 5.16
CA LEU A 261 0.15 0.59 5.92
C LEU A 261 -0.59 -0.39 5.01
N ILE A 262 -1.68 0.07 4.39
CA ILE A 262 -2.52 -0.78 3.55
C ILE A 262 -1.80 -1.27 2.31
N PRO A 263 -1.10 -0.42 1.55
CA PRO A 263 -0.41 -0.92 0.34
C PRO A 263 0.64 -1.98 0.63
N THR A 264 1.20 -2.00 1.85
CA THR A 264 2.10 -3.08 2.22
C THR A 264 1.33 -4.33 2.65
N ALA A 265 0.23 -4.14 3.38
CA ALA A 265 -0.59 -5.28 3.80
C ALA A 265 -1.20 -6.00 2.62
N LEU A 266 -1.54 -5.27 1.56
CA LEU A 266 -2.08 -5.90 0.36
C LEU A 266 -1.07 -6.83 -0.30
N CYS A 267 0.22 -6.66 -0.01
CA CYS A 267 1.21 -7.62 -0.49
C CYS A 267 1.28 -8.85 0.41
N PHE A 268 1.16 -8.64 1.73
CA PHE A 268 1.06 -9.79 2.63
C PHE A 268 -0.23 -10.57 2.40
N ALA A 269 -1.32 -9.87 2.08
CA ALA A 269 -2.58 -10.53 1.79
C ALA A 269 -2.51 -11.34 0.51
N PHE A 270 -2.00 -10.74 -0.57
CA PHE A 270 -1.86 -11.44 -1.84
C PHE A 270 -0.99 -12.68 -1.70
N GLY A 271 0.03 -12.63 -0.86
CA GLY A 271 0.87 -13.80 -0.65
C GLY A 271 0.19 -14.87 0.17
N GLU A 272 -0.78 -14.49 1.02
CA GLU A 272 -1.49 -15.47 1.83
C GLU A 272 -2.65 -16.10 1.06
N VAL A 273 -3.39 -15.30 0.30
CA VAL A 273 -4.49 -15.82 -0.49
C VAL A 273 -3.97 -16.85 -1.51
N MET A 274 -2.81 -16.59 -2.10
CA MET A 274 -2.21 -17.51 -3.05
C MET A 274 -1.54 -18.70 -2.38
N GLY A 275 -1.57 -18.78 -1.06
CA GLY A 275 -0.98 -19.92 -0.35
C GLY A 275 0.52 -19.87 -0.20
N ASP A 276 1.24 -19.58 -1.28
CA ASP A 276 2.70 -19.45 -1.24
C ASP A 276 3.05 -18.02 -0.86
N ARG A 277 3.51 -17.83 0.38
CA ARG A 277 3.87 -16.50 0.85
C ARG A 277 5.02 -15.88 0.05
N ARG A 278 5.83 -16.71 -0.60
CA ARG A 278 6.97 -16.21 -1.36
C ARG A 278 6.53 -15.33 -2.53
N GLN A 279 5.38 -15.63 -3.13
CA GLN A 279 4.88 -14.83 -4.24
C GLN A 279 4.50 -13.42 -3.81
N GLY A 280 4.16 -13.22 -2.54
CA GLY A 280 3.85 -11.91 -2.03
C GLY A 280 5.07 -11.19 -1.51
N ARG A 281 6.06 -11.94 -1.01
CA ARG A 281 7.25 -11.33 -0.45
C ARG A 281 8.18 -10.79 -1.54
N MET A 282 8.31 -11.50 -2.67
CA MET A 282 9.14 -10.98 -3.76
C MET A 282 8.60 -9.65 -4.26
N LEU A 283 7.27 -9.52 -4.33
CA LEU A 283 6.67 -8.26 -4.71
C LEU A 283 6.99 -7.18 -3.68
N LEU A 284 6.94 -7.54 -2.40
CA LEU A 284 7.36 -6.62 -1.35
C LEU A 284 8.87 -6.40 -1.38
N TRP A 285 9.62 -7.39 -1.87
CA TRP A 285 11.07 -7.29 -1.89
C TRP A 285 11.53 -6.31 -2.98
N ALA A 286 10.90 -6.38 -4.16
CA ALA A 286 11.30 -5.51 -5.26
C ALA A 286 10.95 -4.05 -4.99
N MET A 287 9.89 -3.81 -4.21
CA MET A 287 9.50 -2.42 -3.93
C MET A 287 10.41 -1.79 -2.89
N SER A 288 10.79 -2.54 -1.85
CA SER A 288 11.59 -1.96 -0.78
C SER A 288 13.03 -1.70 -1.21
N VAL A 289 13.52 -2.44 -2.19
CA VAL A 289 14.89 -2.22 -2.67
C VAL A 289 14.99 -0.92 -3.45
N ILE A 290 13.98 -0.63 -4.27
CA ILE A 290 13.95 0.66 -4.95
C ILE A 290 13.64 1.78 -3.97
N PHE A 291 12.82 1.51 -2.96
CA PHE A 291 12.48 2.54 -1.98
C PHE A 291 13.70 2.98 -1.16
N VAL A 292 14.52 2.02 -0.71
CA VAL A 292 15.65 2.35 0.14
C VAL A 292 16.70 3.13 -0.63
N ILE A 293 16.91 2.80 -1.90
CA ILE A 293 17.89 3.51 -2.70
C ILE A 293 17.43 4.94 -2.96
N CYS A 294 16.13 5.14 -3.18
CA CYS A 294 15.62 6.47 -3.46
C CYS A 294 15.73 7.39 -2.26
N VAL A 295 15.51 6.85 -1.05
CA VAL A 295 15.60 7.69 0.15
C VAL A 295 17.04 8.07 0.42
N GLY A 296 17.98 7.16 0.15
CA GLY A 296 19.38 7.46 0.35
C GLY A 296 19.90 8.54 -0.59
N VAL A 297 19.34 8.61 -1.79
CA VAL A 297 19.78 9.62 -2.76
C VAL A 297 19.27 11.00 -2.36
N VAL A 298 17.97 11.10 -2.03
CA VAL A 298 17.40 12.39 -1.68
C VAL A 298 17.98 12.90 -0.36
N MET A 299 18.26 11.99 0.59
CA MET A 299 18.91 12.40 1.82
C MET A 299 20.29 12.99 1.55
N TRP A 300 21.11 12.28 0.76
CA TRP A 300 22.42 12.80 0.41
C TRP A 300 22.30 14.10 -0.38
N ALA A 301 21.31 14.19 -1.26
CA ALA A 301 21.15 15.38 -2.08
C ALA A 301 20.73 16.59 -1.25
N GLU A 302 19.86 16.38 -0.27
CA GLU A 302 19.40 17.49 0.56
C GLU A 302 20.41 17.87 1.64
N VAL A 303 21.25 16.93 2.06
CA VAL A 303 22.30 17.26 3.03
C VAL A 303 23.37 18.12 2.37
N GLN A 304 23.74 17.78 1.13
CA GLN A 304 24.60 18.67 0.35
C GLN A 304 23.97 20.05 0.22
N GLY A 305 22.69 20.09 -0.12
CA GLY A 305 21.88 21.29 -0.10
C GLY A 305 22.39 22.37 -1.02
N ASN A 306 22.23 23.62 -0.58
CA ASN A 306 22.58 24.78 -1.39
C ASN A 306 23.93 25.30 -0.93
N PRO A 307 24.98 25.23 -1.78
CA PRO A 307 26.29 25.74 -1.36
C PRO A 307 26.33 27.26 -1.24
N HIS A 308 25.37 27.97 -1.85
CA HIS A 308 25.33 29.42 -1.70
C HIS A 308 25.06 29.83 -0.27
N LEU A 309 24.38 28.98 0.51
CA LEU A 309 24.21 29.23 1.93
C LEU A 309 25.57 29.32 2.63
N LEU A 310 26.45 28.35 2.36
CA LEU A 310 27.78 28.37 2.96
C LEU A 310 28.62 29.53 2.43
N ALA A 311 28.44 29.87 1.15
CA ALA A 311 29.19 30.99 0.60
C ALA A 311 28.76 32.32 1.21
N LEU A 312 27.50 32.42 1.64
CA LEU A 312 26.99 33.63 2.26
C LEU A 312 27.16 33.64 3.77
N GLY A 313 27.86 32.66 4.33
CA GLY A 313 28.25 32.70 5.72
C GLY A 313 27.29 32.07 6.71
N THR A 314 26.58 31.01 6.30
CA THR A 314 25.66 30.34 7.21
C THR A 314 26.38 29.22 7.96
N ASP A 315 25.62 28.50 8.78
CA ASP A 315 26.20 27.44 9.62
C ASP A 315 26.51 26.19 8.82
N SER A 316 25.69 25.87 7.81
CA SER A 316 25.93 24.70 6.97
C SER A 316 25.23 24.92 5.64
N SER A 317 25.53 24.03 4.69
CA SER A 317 24.90 24.04 3.38
C SER A 317 23.60 23.24 3.35
N ILE A 318 23.12 22.80 4.51
CA ILE A 318 21.88 22.03 4.57
C ILE A 318 20.73 22.84 3.99
N ASN A 319 19.94 22.19 3.14
CA ASN A 319 18.83 22.86 2.44
C ASN A 319 17.58 22.79 3.32
N MET A 320 17.48 23.76 4.22
CA MET A 320 16.30 23.91 5.08
C MET A 320 15.30 24.88 4.51
N GLU A 321 15.41 25.23 3.22
CA GLU A 321 14.61 26.31 2.66
C GLU A 321 13.14 25.95 2.60
N GLY A 322 12.82 24.77 2.07
CA GLY A 322 11.43 24.37 1.97
C GLY A 322 11.04 23.36 3.03
N LYS A 323 11.73 23.40 4.17
CA LYS A 323 11.61 22.39 5.21
C LYS A 323 10.96 22.99 6.45
N GLU A 324 10.80 22.13 7.47
CA GLU A 324 10.27 22.51 8.77
C GLU A 324 11.33 22.20 9.83
N SER A 325 11.21 22.88 10.97
CA SER A 325 12.19 22.72 12.03
C SER A 325 11.85 21.55 12.96
N ARG A 326 10.57 21.21 13.09
CA ARG A 326 10.19 20.05 13.91
C ARG A 326 10.82 18.77 13.36
N PHE A 327 10.84 18.64 12.04
CA PHE A 327 11.37 17.46 11.37
C PHE A 327 12.73 17.78 10.78
N GLY A 328 13.68 16.87 10.95
CA GLY A 328 15.01 17.08 10.45
C GLY A 328 15.06 17.10 8.93
N VAL A 329 16.27 17.31 8.42
CA VAL A 329 16.49 17.24 6.98
C VAL A 329 16.28 15.82 6.48
N LEU A 330 16.73 14.84 7.26
CA LEU A 330 16.54 13.44 6.88
C LEU A 330 15.07 13.06 6.90
N VAL A 331 14.31 13.58 7.86
CA VAL A 331 12.90 13.23 7.96
C VAL A 331 12.11 13.84 6.80
N SER A 332 12.36 15.13 6.52
CA SER A 332 11.72 15.76 5.37
C SER A 332 12.12 15.07 4.08
N SER A 333 13.36 14.60 4.00
CA SER A 333 13.81 13.89 2.81
C SER A 333 13.15 12.52 2.69
N LEU A 334 13.04 11.80 3.80
CA LEU A 334 12.38 10.50 3.79
C LEU A 334 10.90 10.64 3.42
N PHE A 335 10.20 11.55 4.09
CA PHE A 335 8.78 11.78 3.81
C PHE A 335 8.56 12.15 2.34
N ALA A 336 9.48 12.91 1.76
CA ALA A 336 9.33 13.31 0.36
C ALA A 336 9.33 12.10 -0.57
N VAL A 337 10.12 11.08 -0.25
CA VAL A 337 10.14 9.87 -1.07
C VAL A 337 8.91 9.01 -0.79
N VAL A 338 8.49 8.93 0.47
CA VAL A 338 7.37 8.08 0.83
C VAL A 338 6.08 8.59 0.19
N THR A 339 5.85 9.91 0.24
CA THR A 339 4.59 10.46 -0.23
C THR A 339 4.48 10.48 -1.75
N THR A 340 5.59 10.31 -2.47
CA THR A 340 5.55 10.31 -3.93
C THR A 340 5.64 8.91 -4.53
N ALA A 341 6.30 7.98 -3.84
CA ALA A 341 6.30 6.60 -4.31
C ALA A 341 4.94 5.93 -4.09
N ALA A 342 4.26 6.30 -3.00
CA ALA A 342 3.00 5.67 -2.62
C ALA A 342 1.78 6.47 -3.07
N SER A 343 1.95 7.41 -3.99
CA SER A 343 0.85 8.17 -4.58
C SER A 343 0.02 8.91 -3.53
N CYS A 344 0.58 9.16 -2.35
CA CYS A 344 -0.19 9.83 -1.30
C CYS A 344 -0.37 11.30 -1.61
N GLY A 345 0.72 12.00 -1.92
CA GLY A 345 0.66 13.41 -2.21
C GLY A 345 0.81 14.33 -1.03
N ALA A 346 0.82 13.79 0.19
CA ALA A 346 0.97 14.62 1.38
C ALA A 346 2.35 15.25 1.40
N VAL A 347 2.40 16.58 1.37
CA VAL A 347 3.65 17.33 1.29
C VAL A 347 4.02 17.77 2.70
N ILE A 348 5.07 17.17 3.27
CA ILE A 348 5.61 17.64 4.53
C ILE A 348 6.51 18.87 4.34
N ALA A 349 7.03 19.07 3.13
CA ALA A 349 8.04 20.09 2.88
C ALA A 349 7.98 20.43 1.40
N MET A 350 7.99 21.73 1.09
CA MET A 350 7.79 22.20 -0.27
C MET A 350 8.83 21.60 -1.22
N HIS A 351 8.39 20.70 -2.09
CA HIS A 351 9.29 20.02 -3.02
C HIS A 351 9.88 20.96 -4.05
N ASP A 352 9.23 22.10 -4.30
CA ASP A 352 9.79 23.08 -5.23
C ASP A 352 11.11 23.64 -4.72
N SER A 353 11.25 23.75 -3.40
CA SER A 353 12.46 24.27 -2.78
C SER A 353 13.47 23.18 -2.46
N PHE A 354 13.38 22.04 -3.12
CA PHE A 354 14.37 20.97 -2.96
C PHE A 354 15.55 21.24 -3.88
N THR A 355 16.55 20.36 -3.83
CA THR A 355 17.72 20.49 -4.69
C THR A 355 17.42 19.87 -6.05
N ALA A 356 18.44 19.81 -6.91
CA ALA A 356 18.24 19.24 -8.24
C ALA A 356 17.94 17.76 -8.18
N LEU A 357 18.77 16.99 -7.47
CA LEU A 357 18.53 15.56 -7.32
C LEU A 357 17.40 15.28 -6.33
N GLY A 358 17.39 16.00 -5.20
CA GLY A 358 16.38 15.78 -4.18
C GLY A 358 14.96 16.00 -4.64
N GLY A 359 14.76 16.75 -5.73
CA GLY A 359 13.44 16.96 -6.27
C GLY A 359 13.14 16.10 -7.48
N MET A 360 14.18 15.51 -8.07
CA MET A 360 13.99 14.70 -9.26
C MET A 360 13.49 13.30 -8.91
N VAL A 361 13.96 12.75 -7.79
CA VAL A 361 13.50 11.42 -7.38
C VAL A 361 12.00 11.41 -7.08
N PRO A 362 11.43 12.35 -6.32
CA PRO A 362 9.96 12.41 -6.23
C PRO A 362 9.30 12.60 -7.59
N MET A 363 9.88 13.44 -8.45
CA MET A 363 9.39 13.57 -9.81
C MET A 363 9.41 12.23 -10.55
N TRP A 364 10.50 11.47 -10.39
CA TRP A 364 10.67 10.22 -11.11
C TRP A 364 9.81 9.10 -10.55
N LEU A 365 9.62 9.06 -9.23
CA LEU A 365 8.80 8.01 -8.64
C LEU A 365 7.33 8.14 -8.98
N MET A 366 6.88 9.33 -9.38
CA MET A 366 5.51 9.47 -9.89
C MET A 366 5.41 8.97 -11.32
N GLN A 367 6.31 9.47 -12.19
CA GLN A 367 6.27 9.10 -13.60
C GLN A 367 6.42 7.59 -13.80
N ILE A 368 7.09 6.90 -12.86
CA ILE A 368 7.32 5.47 -12.98
C ILE A 368 6.03 4.66 -12.86
N GLY A 369 4.93 5.27 -12.44
CA GLY A 369 3.64 4.62 -12.40
C GLY A 369 3.08 4.36 -11.01
N GLU A 370 3.66 4.95 -9.96
CA GLU A 370 3.23 4.71 -8.58
C GLU A 370 3.24 3.23 -8.26
N VAL A 371 4.29 2.54 -8.71
CA VAL A 371 4.42 1.10 -8.51
C VAL A 371 5.09 0.78 -7.18
N VAL A 372 6.07 1.57 -6.77
CA VAL A 372 6.81 1.30 -5.53
C VAL A 372 5.93 1.66 -4.34
N PHE A 373 5.29 0.65 -3.74
CA PHE A 373 4.42 0.82 -2.58
C PHE A 373 3.23 1.73 -2.87
N GLY A 374 2.79 1.77 -4.13
CA GLY A 374 1.68 2.62 -4.53
C GLY A 374 0.47 2.48 -3.62
N GLY A 375 0.01 3.62 -3.09
CA GLY A 375 -0.92 3.56 -1.97
C GLY A 375 -2.30 3.10 -2.38
N VAL A 376 -2.88 2.19 -1.59
CA VAL A 376 -4.28 1.81 -1.66
C VAL A 376 -4.61 1.19 -3.02
N GLY A 377 -4.49 -0.13 -3.11
CA GLY A 377 -4.95 -0.89 -4.26
C GLY A 377 -4.33 -0.51 -5.60
N SER A 378 -4.37 0.78 -5.93
CA SER A 378 -3.88 1.25 -7.23
C SER A 378 -2.43 0.84 -7.46
N GLY A 379 -1.60 0.89 -6.41
CA GLY A 379 -0.21 0.53 -6.56
C GLY A 379 0.01 -0.96 -6.77
N LEU A 380 -0.87 -1.79 -6.19
CA LEU A 380 -0.69 -3.23 -6.33
C LEU A 380 -1.03 -3.70 -7.74
N TYR A 381 -2.22 -3.37 -8.23
CA TYR A 381 -2.56 -3.78 -9.59
C TYR A 381 -1.74 -3.03 -10.63
N GLY A 382 -1.23 -1.83 -10.29
CA GLY A 382 -0.28 -1.18 -11.17
C GLY A 382 1.00 -1.98 -11.31
N MET A 383 1.53 -2.49 -10.19
CA MET A 383 2.69 -3.36 -10.26
C MET A 383 2.35 -4.67 -10.97
N MET A 384 1.15 -5.20 -10.72
CA MET A 384 0.76 -6.45 -11.39
C MET A 384 0.78 -6.29 -12.90
N LEU A 385 0.50 -5.10 -13.41
CA LEU A 385 0.63 -4.85 -14.84
C LEU A 385 2.08 -5.04 -15.30
N PHE A 386 3.03 -4.65 -14.46
CA PHE A 386 4.44 -4.86 -14.79
C PHE A 386 4.89 -6.29 -14.49
N VAL A 387 4.25 -6.95 -13.53
CA VAL A 387 4.54 -8.36 -13.28
C VAL A 387 4.17 -9.19 -14.49
N LEU A 388 2.99 -8.93 -15.06
CA LEU A 388 2.61 -9.62 -16.29
C LEU A 388 3.55 -9.25 -17.44
N LEU A 389 4.01 -8.00 -17.47
CA LEU A 389 4.97 -7.59 -18.50
C LEU A 389 6.33 -8.23 -18.25
N ALA A 390 6.78 -8.29 -17.00
CA ALA A 390 8.05 -8.93 -16.70
C ALA A 390 8.01 -10.42 -17.04
N VAL A 391 6.90 -11.09 -16.69
CA VAL A 391 6.74 -12.50 -17.03
C VAL A 391 6.67 -12.68 -18.55
N PHE A 392 5.99 -11.76 -19.24
CA PHE A 392 5.83 -11.89 -20.67
C PHE A 392 7.17 -11.81 -21.39
N ILE A 393 7.95 -10.76 -21.12
CA ILE A 393 9.25 -10.63 -21.77
C ILE A 393 10.19 -11.75 -21.32
N ALA A 394 10.00 -12.28 -20.12
CA ALA A 394 10.83 -13.37 -19.63
C ALA A 394 10.69 -14.61 -20.50
N GLY A 395 9.45 -15.06 -20.70
CA GLY A 395 9.22 -16.18 -21.60
C GLY A 395 9.43 -15.84 -23.05
N LEU A 396 9.30 -14.57 -23.42
CA LEU A 396 9.49 -14.17 -24.81
C LEU A 396 10.93 -14.38 -25.25
N MET A 397 11.90 -14.10 -24.37
CA MET A 397 13.30 -14.28 -24.70
C MET A 397 13.78 -15.72 -24.50
N ILE A 398 12.99 -16.56 -23.82
CA ILE A 398 13.34 -17.96 -23.69
C ILE A 398 12.74 -18.80 -24.82
N GLY A 399 11.61 -18.37 -25.38
CA GLY A 399 10.95 -19.12 -26.42
C GLY A 399 9.76 -19.94 -25.97
N ARG A 400 9.18 -19.62 -24.82
CA ARG A 400 8.03 -20.33 -24.28
C ARG A 400 6.89 -19.35 -24.03
N THR A 401 5.69 -19.89 -23.88
CA THR A 401 4.53 -19.06 -23.60
C THR A 401 4.59 -18.52 -22.18
N PRO A 402 4.11 -17.31 -21.95
CA PRO A 402 4.13 -16.75 -20.60
C PRO A 402 3.21 -17.51 -19.66
N GLU A 403 3.56 -17.49 -18.38
CA GLU A 403 2.79 -18.21 -17.37
C GLU A 403 3.10 -17.61 -16.02
N TYR A 404 2.09 -17.00 -15.40
CA TYR A 404 2.20 -16.43 -14.06
C TYR A 404 1.22 -17.14 -13.14
N LEU A 405 1.72 -17.66 -12.02
CA LEU A 405 0.92 -18.38 -11.03
C LEU A 405 0.18 -19.56 -11.66
N GLY A 406 0.80 -20.21 -12.64
CA GLY A 406 0.21 -21.33 -13.34
C GLY A 406 -0.69 -20.94 -14.51
N LYS A 407 -1.31 -19.77 -14.45
CA LYS A 407 -2.20 -19.33 -15.53
C LYS A 407 -1.37 -18.74 -16.67
N LYS A 408 -1.67 -19.18 -17.89
CA LYS A 408 -0.95 -18.74 -19.08
C LYS A 408 -1.57 -17.47 -19.64
N ILE A 409 -0.73 -16.47 -19.89
CA ILE A 409 -1.18 -15.19 -20.43
C ILE A 409 -1.30 -15.28 -21.94
N ASP A 410 -2.45 -14.89 -22.47
CA ASP A 410 -2.70 -14.92 -23.90
C ASP A 410 -2.46 -13.55 -24.50
N VAL A 411 -2.63 -13.47 -25.83
CA VAL A 411 -2.35 -12.23 -26.55
C VAL A 411 -3.32 -11.14 -26.15
N ARG A 412 -4.60 -11.49 -25.96
CA ARG A 412 -5.60 -10.47 -25.63
C ARG A 412 -5.29 -9.82 -24.28
N GLU A 413 -4.80 -10.61 -23.32
CA GLU A 413 -4.45 -10.05 -22.03
C GLU A 413 -3.23 -9.13 -22.12
N MET A 414 -2.33 -9.39 -23.07
CA MET A 414 -1.15 -8.55 -23.22
C MET A 414 -1.46 -7.24 -23.92
N LYS A 415 -2.53 -7.19 -24.71
CA LYS A 415 -2.96 -5.92 -25.30
C LYS A 415 -3.53 -4.98 -24.24
N LEU A 416 -4.21 -5.53 -23.24
CA LEU A 416 -4.80 -4.70 -22.20
C LEU A 416 -3.76 -4.19 -21.21
N THR A 417 -2.81 -5.04 -20.83
CA THR A 417 -1.74 -4.59 -19.94
C THR A 417 -0.86 -3.54 -20.61
N ALA A 418 -0.55 -3.72 -21.89
CA ALA A 418 0.25 -2.75 -22.61
C ALA A 418 -0.45 -1.40 -22.68
N LEU A 419 -1.73 -1.39 -23.05
CA LEU A 419 -2.49 -0.15 -23.08
C LEU A 419 -2.58 0.48 -21.70
N ALA A 420 -2.78 -0.34 -20.67
CA ALA A 420 -2.86 0.19 -19.31
C ALA A 420 -1.55 0.84 -18.89
N ILE A 421 -0.42 0.24 -19.29
CA ILE A 421 0.87 0.82 -18.96
C ILE A 421 1.07 2.15 -19.68
N LEU A 422 0.56 2.26 -20.91
CA LEU A 422 0.73 3.48 -21.71
C LEU A 422 -0.21 4.60 -21.31
N VAL A 423 -1.14 4.38 -20.36
CA VAL A 423 -2.13 5.40 -20.03
C VAL A 423 -1.47 6.63 -19.43
N THR A 424 -0.80 6.45 -18.29
CA THR A 424 -0.21 7.57 -17.56
C THR A 424 0.92 8.28 -18.31
N PRO A 425 1.86 7.57 -18.94
CA PRO A 425 2.91 8.29 -19.69
C PRO A 425 2.37 9.05 -20.89
N THR A 426 1.24 8.62 -21.47
CA THR A 426 0.65 9.38 -22.56
C THR A 426 0.06 10.69 -22.06
N LEU A 427 -0.55 10.68 -20.87
CA LEU A 427 -1.20 11.89 -20.37
C LEU A 427 -0.20 12.93 -19.89
N VAL A 428 0.95 12.49 -19.36
CA VAL A 428 1.93 13.45 -18.86
C VAL A 428 2.67 14.13 -20.00
N LEU A 429 3.07 13.37 -21.02
CA LEU A 429 3.81 13.96 -22.13
C LEU A 429 2.91 14.84 -22.98
N MET A 430 1.69 14.39 -23.28
CA MET A 430 0.74 15.23 -23.99
C MET A 430 0.31 16.41 -23.12
N GLY A 431 0.09 16.17 -21.83
CA GLY A 431 -0.34 17.24 -20.94
C GLY A 431 0.71 18.31 -20.74
N ALA A 432 1.97 17.90 -20.57
CA ALA A 432 3.05 18.86 -20.40
C ALA A 432 3.32 19.62 -21.70
N ALA A 433 3.27 18.93 -22.84
CA ALA A 433 3.49 19.59 -24.11
C ALA A 433 2.42 20.63 -24.41
N LEU A 434 1.20 20.40 -23.93
CA LEU A 434 0.13 21.37 -24.12
C LEU A 434 0.36 22.61 -23.26
N ALA A 435 0.88 22.42 -22.04
CA ALA A 435 1.12 23.57 -21.16
C ALA A 435 2.29 24.41 -21.65
N MET A 436 3.32 23.76 -22.21
CA MET A 436 4.49 24.47 -22.70
C MET A 436 4.23 25.16 -24.04
N MET A 437 3.00 25.11 -24.56
CA MET A 437 2.65 25.77 -25.81
C MET A 437 1.55 26.80 -25.63
N THR A 438 1.06 27.01 -24.42
CA THR A 438 0.00 27.97 -24.13
C THR A 438 0.53 29.05 -23.20
N ASP A 439 0.06 30.28 -23.39
CA ASP A 439 0.44 31.37 -22.49
C ASP A 439 -0.12 31.16 -21.09
N ALA A 440 -1.33 30.60 -21.00
CA ALA A 440 -1.92 30.34 -19.69
C ALA A 440 -1.17 29.28 -18.90
N GLY A 441 -0.43 28.40 -19.57
CA GLY A 441 0.33 27.37 -18.90
C GLY A 441 1.71 27.81 -18.47
N ARG A 442 2.44 28.48 -19.36
CA ARG A 442 3.80 28.90 -19.04
C ARG A 442 3.82 30.04 -18.01
N SER A 443 2.84 30.95 -18.10
CA SER A 443 2.81 32.07 -17.17
C SER A 443 2.51 31.63 -15.74
N ALA A 444 2.01 30.43 -15.54
CA ALA A 444 1.71 29.94 -14.20
C ALA A 444 2.95 29.53 -13.42
N MET A 445 4.13 29.52 -14.04
CA MET A 445 5.34 29.14 -13.35
C MET A 445 5.71 30.18 -12.30
N LEU A 446 6.73 29.84 -11.51
CA LEU A 446 7.30 30.76 -10.53
C LEU A 446 8.79 30.95 -10.74
N ASN A 447 9.56 29.88 -10.71
CA ASN A 447 11.01 29.96 -10.85
C ASN A 447 11.41 29.86 -12.32
N PRO A 448 12.47 30.57 -12.72
CA PRO A 448 12.93 30.49 -14.11
C PRO A 448 13.88 29.33 -14.36
N GLY A 449 14.32 29.18 -15.60
CA GLY A 449 15.31 28.18 -15.95
C GLY A 449 14.71 26.80 -16.12
N PRO A 450 15.56 25.78 -16.13
CA PRO A 450 15.05 24.40 -16.24
C PRO A 450 14.10 24.03 -15.11
N HIS A 451 14.28 24.60 -13.92
CA HIS A 451 13.38 24.33 -12.81
C HIS A 451 11.97 24.81 -13.11
N GLY A 452 11.83 25.85 -13.95
CA GLY A 452 10.51 26.30 -14.32
C GLY A 452 9.74 25.27 -15.12
N PHE A 453 10.42 24.60 -16.05
CA PHE A 453 9.79 23.48 -16.76
C PHE A 453 9.54 22.30 -15.82
N SER A 454 10.42 22.11 -14.83
CA SER A 454 10.19 21.06 -13.85
C SER A 454 8.90 21.29 -13.07
N GLU A 455 8.49 22.55 -12.91
CA GLU A 455 7.22 22.84 -12.27
C GLU A 455 6.05 22.33 -13.09
N VAL A 456 6.11 22.51 -14.42
CA VAL A 456 5.06 22.01 -15.28
C VAL A 456 5.13 20.49 -15.39
N LEU A 457 6.34 19.94 -15.53
CA LEU A 457 6.49 18.49 -15.64
C LEU A 457 6.03 17.79 -14.37
N TYR A 458 6.27 18.41 -13.20
CA TYR A 458 5.85 17.80 -11.95
C TYR A 458 4.34 17.85 -11.77
N ALA A 459 3.68 18.88 -12.30
CA ALA A 459 2.25 19.03 -12.10
C ALA A 459 1.47 17.98 -12.87
N VAL A 460 1.74 17.84 -14.17
CA VAL A 460 1.01 16.87 -14.97
C VAL A 460 1.41 15.45 -14.62
N SER A 461 2.67 15.24 -14.20
CA SER A 461 3.07 13.91 -13.76
C SER A 461 2.32 13.49 -12.51
N SER A 462 2.15 14.41 -11.57
CA SER A 462 1.42 14.10 -10.34
C SER A 462 -0.06 13.89 -10.62
N ALA A 463 -0.65 14.73 -11.48
CA ALA A 463 -2.07 14.63 -11.76
C ALA A 463 -2.42 13.32 -12.46
N ALA A 464 -1.65 12.96 -13.49
CA ALA A 464 -1.96 11.76 -14.26
C ALA A 464 -1.75 10.49 -13.43
N ASN A 465 -0.71 10.45 -12.62
CA ASN A 465 -0.45 9.29 -11.77
C ASN A 465 -1.24 9.31 -10.48
N ASN A 466 -2.06 10.34 -10.25
CA ASN A 466 -2.95 10.45 -9.10
C ASN A 466 -2.21 10.68 -7.79
N ASN A 467 -0.94 11.11 -7.86
CA ASN A 467 -0.16 11.34 -6.64
C ASN A 467 -0.71 12.53 -5.86
N GLY A 468 -0.89 13.67 -6.53
CA GLY A 468 -1.36 14.87 -5.88
C GLY A 468 -0.29 15.78 -5.31
N SER A 469 0.96 15.35 -5.29
CA SER A 469 2.03 16.24 -4.85
C SER A 469 2.26 17.33 -5.90
N ALA A 470 2.73 18.48 -5.44
CA ALA A 470 2.98 19.58 -6.36
C ALA A 470 4.15 20.39 -5.89
N PHE A 471 4.81 21.06 -6.84
CA PHE A 471 5.83 22.03 -6.46
C PHE A 471 5.21 23.24 -5.78
N ALA A 472 3.95 23.56 -6.12
CA ALA A 472 3.16 24.62 -5.53
C ALA A 472 3.63 26.00 -5.98
N GLY A 473 4.85 26.09 -6.51
CA GLY A 473 5.26 27.31 -7.19
C GLY A 473 4.39 27.62 -8.38
N LEU A 474 3.84 26.58 -9.02
CA LEU A 474 2.90 26.77 -10.12
C LEU A 474 1.55 27.20 -9.56
N SER A 475 1.02 28.31 -10.07
CA SER A 475 -0.30 28.79 -9.67
C SER A 475 -1.30 28.27 -10.70
N ALA A 476 -2.03 27.22 -10.32
CA ALA A 476 -2.87 26.47 -11.24
C ALA A 476 -4.37 26.69 -11.01
N ASN A 477 -4.74 27.79 -10.35
CA ASN A 477 -6.14 28.09 -10.13
C ASN A 477 -6.83 28.63 -11.38
N SER A 478 -6.10 28.79 -12.49
CA SER A 478 -6.70 29.24 -13.72
C SER A 478 -7.60 28.15 -14.30
N PRO A 479 -8.61 28.53 -15.10
CA PRO A 479 -9.48 27.50 -15.71
C PRO A 479 -8.75 26.58 -16.68
N PHE A 480 -7.62 27.01 -17.24
CA PHE A 480 -6.86 26.13 -18.12
C PHE A 480 -6.26 24.96 -17.33
N TRP A 481 -5.54 25.25 -16.26
CA TRP A 481 -4.91 24.19 -15.48
C TRP A 481 -5.96 23.34 -14.77
N ASN A 482 -7.08 23.94 -14.37
CA ASN A 482 -8.14 23.15 -13.73
C ASN A 482 -8.74 22.14 -14.70
N CYS A 483 -8.95 22.55 -15.95
CA CYS A 483 -9.50 21.64 -16.95
C CYS A 483 -8.46 20.66 -17.47
N LEU A 484 -7.22 21.14 -17.68
CA LEU A 484 -6.17 20.27 -18.20
C LEU A 484 -5.84 19.16 -17.22
N LEU A 485 -5.68 19.51 -15.94
CA LEU A 485 -5.30 18.50 -14.96
C LEU A 485 -6.45 17.54 -14.66
N ALA A 486 -7.68 18.06 -14.57
CA ALA A 486 -8.83 17.19 -14.30
C ALA A 486 -8.96 16.10 -15.37
N PHE A 487 -8.64 16.42 -16.62
CA PHE A 487 -8.65 15.41 -17.67
C PHE A 487 -7.58 14.35 -17.41
N CYS A 488 -6.39 14.79 -16.98
CA CYS A 488 -5.32 13.82 -16.72
C CYS A 488 -5.65 12.96 -15.50
N MET A 489 -6.31 13.53 -14.50
CA MET A 489 -6.67 12.78 -13.31
C MET A 489 -7.78 11.78 -13.60
N PHE A 490 -8.81 12.22 -14.34
CA PHE A 490 -9.93 11.33 -14.67
C PHE A 490 -9.46 10.16 -15.53
N VAL A 491 -8.81 10.46 -16.65
CA VAL A 491 -8.36 9.40 -17.56
C VAL A 491 -7.24 8.58 -16.92
N GLY A 492 -6.39 9.21 -16.11
CA GLY A 492 -5.30 8.48 -15.48
C GLY A 492 -5.74 7.48 -14.43
N ARG A 493 -6.97 7.61 -13.93
CA ARG A 493 -7.49 6.71 -12.91
C ARG A 493 -8.38 5.64 -13.54
N PHE A 494 -9.53 6.06 -14.08
CA PHE A 494 -10.48 5.12 -14.63
C PHE A 494 -9.98 4.49 -15.92
N GLY A 495 -9.12 5.20 -16.65
CA GLY A 495 -8.50 4.60 -17.82
C GLY A 495 -7.56 3.45 -17.52
N VAL A 496 -7.21 3.25 -16.25
CA VAL A 496 -6.43 2.12 -15.83
C VAL A 496 -7.27 1.07 -15.09
N ILE A 497 -8.31 1.49 -14.36
CA ILE A 497 -9.18 0.55 -13.68
C ILE A 497 -9.95 -0.30 -14.69
N ILE A 498 -10.36 0.32 -15.80
CA ILE A 498 -11.15 -0.40 -16.80
C ILE A 498 -10.36 -1.56 -17.42
N PRO A 499 -9.15 -1.38 -17.94
CA PRO A 499 -8.42 -2.55 -18.47
C PRO A 499 -7.98 -3.52 -17.40
N VAL A 500 -7.77 -3.07 -16.17
CA VAL A 500 -7.43 -3.98 -15.07
C VAL A 500 -8.59 -4.94 -14.81
N MET A 501 -9.82 -4.42 -14.83
CA MET A 501 -10.98 -5.29 -14.66
C MET A 501 -11.14 -6.26 -15.81
N ALA A 502 -10.86 -5.81 -17.04
CA ALA A 502 -10.88 -6.72 -18.18
C ALA A 502 -9.80 -7.78 -18.05
N ILE A 503 -8.65 -7.43 -17.47
CA ILE A 503 -7.64 -8.43 -17.17
C ILE A 503 -8.16 -9.41 -16.13
N ALA A 504 -8.87 -8.90 -15.12
CA ALA A 504 -9.42 -9.77 -14.09
C ALA A 504 -10.41 -10.78 -14.68
N GLY A 505 -11.39 -10.29 -15.44
CA GLY A 505 -12.37 -11.18 -16.04
C GLY A 505 -11.80 -12.18 -17.02
N SER A 506 -10.64 -11.88 -17.60
CA SER A 506 -10.00 -12.81 -18.53
C SER A 506 -9.21 -13.89 -17.82
N LEU A 507 -8.78 -13.66 -16.57
CA LEU A 507 -7.96 -14.62 -15.86
C LEU A 507 -8.77 -15.66 -15.07
N VAL A 508 -10.00 -15.34 -14.70
CA VAL A 508 -10.79 -16.30 -13.92
C VAL A 508 -11.21 -17.47 -14.79
N SER A 509 -11.57 -17.21 -16.04
CA SER A 509 -11.99 -18.26 -16.97
C SER A 509 -10.88 -19.24 -17.29
N LYS A 510 -9.66 -19.01 -16.81
CA LYS A 510 -8.54 -19.92 -17.01
C LYS A 510 -8.32 -20.77 -15.77
N LYS A 511 -7.76 -21.95 -15.97
CA LYS A 511 -7.43 -22.87 -14.88
C LYS A 511 -5.91 -22.95 -14.75
N SER A 512 -5.43 -22.76 -13.53
CA SER A 512 -4.00 -22.84 -13.27
C SER A 512 -3.47 -24.23 -13.62
N GLN A 513 -2.31 -24.26 -14.26
CA GLN A 513 -1.69 -25.51 -14.66
C GLN A 513 -0.41 -25.74 -13.88
N ALA A 514 -0.01 -27.01 -13.79
CA ALA A 514 1.18 -27.38 -13.04
C ALA A 514 2.43 -26.90 -13.77
N ALA A 515 3.55 -26.92 -13.04
CA ALA A 515 4.80 -26.44 -13.59
C ALA A 515 5.32 -27.41 -14.66
N SER A 516 5.72 -26.85 -15.80
CA SER A 516 6.30 -27.60 -16.90
C SER A 516 7.74 -27.15 -17.11
N SER A 517 8.33 -27.56 -18.23
CA SER A 517 9.72 -27.19 -18.51
C SER A 517 9.86 -25.71 -18.84
N GLY A 518 8.84 -25.12 -19.45
CA GLY A 518 8.86 -23.73 -19.86
C GLY A 518 8.42 -22.73 -18.80
N THR A 519 8.20 -23.17 -17.56
CA THR A 519 7.77 -22.26 -16.52
C THR A 519 8.97 -21.52 -15.91
N LEU A 520 8.69 -20.36 -15.34
CA LEU A 520 9.73 -19.50 -14.78
C LEU A 520 9.36 -19.13 -13.34
N PRO A 521 10.29 -19.27 -12.39
CA PRO A 521 10.00 -18.91 -11.00
C PRO A 521 9.73 -17.43 -10.82
N THR A 522 8.50 -17.06 -10.46
CA THR A 522 8.16 -15.68 -10.16
C THR A 522 8.48 -15.30 -8.73
N HIS A 523 9.52 -15.87 -8.16
CA HIS A 523 10.01 -15.50 -6.83
C HIS A 523 11.54 -15.55 -6.86
N GLY A 524 12.15 -15.19 -5.74
CA GLY A 524 13.59 -15.20 -5.64
C GLY A 524 14.22 -13.95 -6.24
N PRO A 525 15.55 -13.89 -6.22
CA PRO A 525 16.23 -12.67 -6.65
C PRO A 525 16.20 -12.45 -8.16
N LEU A 526 16.21 -13.52 -8.96
CA LEU A 526 16.29 -13.37 -10.40
C LEU A 526 15.07 -12.65 -10.96
N PHE A 527 13.88 -12.95 -10.43
CA PHE A 527 12.69 -12.28 -10.91
C PHE A 527 12.51 -10.91 -10.27
N VAL A 528 13.03 -10.72 -9.06
CA VAL A 528 13.00 -9.39 -8.45
C VAL A 528 13.76 -8.40 -9.33
N GLY A 529 14.99 -8.74 -9.69
CA GLY A 529 15.76 -7.86 -10.56
C GLY A 529 15.12 -7.70 -11.93
N LEU A 530 14.59 -8.80 -12.49
CA LEU A 530 13.88 -8.70 -13.76
C LEU A 530 12.66 -7.80 -13.66
N LEU A 531 11.99 -7.80 -12.51
CA LEU A 531 10.86 -6.90 -12.30
C LEU A 531 11.35 -5.46 -12.12
N ILE A 532 12.41 -5.26 -11.34
CA ILE A 532 12.96 -3.92 -11.14
C ILE A 532 13.42 -3.33 -12.46
N GLY A 533 14.19 -4.11 -13.23
CA GLY A 533 14.63 -3.64 -14.53
C GLY A 533 13.48 -3.32 -15.47
N THR A 534 12.38 -4.08 -15.37
CA THR A 534 11.24 -3.82 -16.24
C THR A 534 10.57 -2.49 -15.89
N VAL A 535 10.40 -2.21 -14.60
CA VAL A 535 9.74 -0.97 -14.19
C VAL A 535 10.66 0.23 -14.42
N LEU A 536 11.97 0.05 -14.19
CA LEU A 536 12.89 1.17 -14.35
C LEU A 536 13.11 1.51 -15.82
N LEU A 537 13.28 0.50 -16.67
CA LEU A 537 13.59 0.76 -18.07
C LEU A 537 12.41 1.39 -18.80
N VAL A 538 11.18 0.99 -18.46
CA VAL A 538 10.00 1.57 -19.10
C VAL A 538 9.88 3.04 -18.74
N GLY A 539 10.03 3.38 -17.45
CA GLY A 539 10.00 4.77 -17.05
C GLY A 539 11.19 5.55 -17.58
N ALA A 540 12.34 4.89 -17.75
CA ALA A 540 13.52 5.57 -18.26
C ALA A 540 13.34 5.95 -19.73
N LEU A 541 13.05 4.97 -20.58
CA LEU A 541 12.86 5.24 -22.00
C LEU A 541 11.76 6.26 -22.27
N THR A 542 10.86 6.49 -21.31
CA THR A 542 9.76 7.42 -21.49
C THR A 542 10.10 8.83 -21.04
N PHE A 543 10.88 8.98 -19.97
CA PHE A 543 11.11 10.28 -19.34
C PHE A 543 12.56 10.73 -19.32
N ILE A 544 13.49 9.94 -19.87
CA ILE A 544 14.89 10.37 -19.90
C ILE A 544 15.07 11.68 -20.66
N PRO A 545 14.42 11.92 -21.81
CA PRO A 545 14.59 13.22 -22.48
C PRO A 545 13.94 14.37 -21.72
N ALA A 546 12.70 14.18 -21.24
CA ALA A 546 12.03 15.24 -20.52
C ALA A 546 12.73 15.58 -19.21
N LEU A 547 13.40 14.60 -18.61
CA LEU A 547 14.17 14.89 -17.39
C LEU A 547 15.47 15.61 -17.72
N ALA A 548 16.08 15.32 -18.88
CA ALA A 548 17.29 16.02 -19.28
C ALA A 548 17.01 17.51 -19.47
N LEU A 549 15.85 17.84 -20.02
CA LEU A 549 15.43 19.22 -20.19
C LEU A 549 14.83 19.81 -18.91
N GLY A 550 14.77 19.04 -17.83
CA GLY A 550 14.21 19.51 -16.58
C GLY A 550 15.25 19.58 -15.48
N PRO A 551 15.10 18.75 -14.45
CA PRO A 551 16.02 18.82 -13.30
C PRO A 551 17.44 18.43 -13.62
N VAL A 552 17.68 17.64 -14.67
CA VAL A 552 19.05 17.29 -15.03
C VAL A 552 19.80 18.51 -15.55
N ALA A 553 19.12 19.35 -16.34
CA ALA A 553 19.74 20.60 -16.79
C ALA A 553 20.04 21.52 -15.61
N GLU A 554 19.11 21.62 -14.65
CA GLU A 554 19.36 22.42 -13.46
C GLU A 554 20.53 21.88 -12.65
N TYR A 555 20.72 20.56 -12.65
CA TYR A 555 21.84 19.99 -11.90
C TYR A 555 23.18 20.38 -12.52
N LEU A 556 23.29 20.25 -13.83
CA LEU A 556 24.52 20.60 -14.54
C LEU A 556 24.66 22.10 -14.78
N SER A 557 23.64 22.88 -14.42
CA SER A 557 23.69 24.34 -14.59
C SER A 557 24.55 24.97 -13.51
N PHE B 1 22.84 -20.18 -50.24
CA PHE B 1 21.86 -19.35 -49.55
C PHE B 1 22.14 -17.87 -49.80
N GLU B 2 23.42 -17.51 -49.94
CA GLU B 2 23.84 -16.15 -50.21
C GLU B 2 24.78 -16.12 -51.41
N PRO B 3 24.25 -16.39 -52.62
CA PRO B 3 25.06 -16.22 -53.83
C PRO B 3 24.83 -14.86 -54.46
N THR B 4 25.90 -14.32 -55.06
CA THR B 4 25.78 -13.08 -55.81
C THR B 4 24.76 -13.19 -56.93
N LEU B 5 24.45 -14.41 -57.36
CA LEU B 5 23.41 -14.63 -58.37
C LEU B 5 22.06 -14.15 -57.86
N VAL B 6 21.64 -14.63 -56.69
CA VAL B 6 20.31 -14.32 -56.18
C VAL B 6 20.26 -12.91 -55.58
N VAL B 7 21.36 -12.47 -54.94
CA VAL B 7 21.37 -11.17 -54.28
C VAL B 7 21.07 -10.06 -55.29
N GLN B 8 21.68 -10.12 -56.48
CA GLN B 8 21.41 -9.12 -57.51
C GLN B 8 19.97 -9.20 -57.99
N ALA B 9 19.42 -10.41 -58.09
CA ALA B 9 18.03 -10.59 -58.47
C ALA B 9 17.06 -10.11 -57.38
N LEU B 10 17.55 -9.88 -56.17
CA LEU B 10 16.72 -9.40 -55.07
C LEU B 10 16.91 -7.92 -54.78
N LYS B 11 18.15 -7.43 -54.81
CA LYS B 11 18.40 -6.01 -54.55
C LYS B 11 17.65 -5.12 -55.52
N GLU B 12 17.42 -5.58 -56.75
CA GLU B 12 16.57 -4.84 -57.67
C GLU B 12 15.14 -4.80 -57.17
N ALA B 13 14.64 -5.92 -56.64
CA ALA B 13 13.32 -5.95 -56.02
C ALA B 13 13.30 -5.20 -54.69
N VAL B 14 14.45 -5.09 -54.03
CA VAL B 14 14.52 -4.34 -52.78
C VAL B 14 14.26 -2.85 -53.03
N LYS B 15 14.92 -2.29 -54.04
CA LYS B 15 14.68 -0.90 -54.40
C LYS B 15 13.26 -0.69 -54.91
N LYS B 16 12.61 -1.74 -55.39
CA LYS B 16 11.20 -1.65 -55.81
C LYS B 16 10.25 -1.75 -54.62
N LEU B 17 10.74 -2.10 -53.43
CA LEU B 17 9.92 -2.16 -52.22
C LEU B 17 9.97 -0.87 -51.42
N ASN B 18 10.24 0.27 -52.07
CA ASN B 18 10.34 1.57 -51.43
C ASN B 18 9.09 2.47 -51.52
N PRO B 19 8.08 2.22 -52.41
CA PRO B 19 6.94 3.15 -52.45
C PRO B 19 6.07 3.10 -51.20
N GLN B 20 4.93 3.78 -51.25
CA GLN B 20 4.01 3.86 -50.12
C GLN B 20 3.25 2.56 -49.93
N ALA B 21 3.97 1.44 -49.81
CA ALA B 21 3.36 0.13 -49.62
C ALA B 21 3.92 -0.57 -48.39
N GLN B 22 4.28 0.19 -47.36
CA GLN B 22 4.80 -0.38 -46.12
C GLN B 22 3.98 0.05 -44.91
N TRP B 23 2.74 0.50 -45.12
CA TRP B 23 1.91 0.95 -44.01
C TRP B 23 1.44 -0.20 -43.13
N ARG B 24 1.54 -1.45 -43.61
CA ARG B 24 1.21 -2.60 -42.78
C ARG B 24 2.28 -2.93 -41.75
N ASN B 25 3.52 -2.46 -41.96
CA ASN B 25 4.59 -2.57 -40.99
C ASN B 25 4.71 -1.23 -40.27
N PRO B 26 4.20 -1.10 -39.03
CA PRO B 26 4.17 0.23 -38.40
C PRO B 26 5.55 0.78 -38.09
N VAL B 27 6.53 -0.05 -37.76
CA VAL B 27 7.87 0.44 -37.44
C VAL B 27 8.50 1.06 -38.68
N MET B 28 8.54 0.31 -39.79
CA MET B 28 9.18 0.83 -40.99
C MET B 28 8.36 1.90 -41.68
N PHE B 29 7.05 1.94 -41.45
CA PHE B 29 6.24 3.02 -42.02
C PHE B 29 6.60 4.36 -41.40
N ILE B 30 6.93 4.36 -40.11
CA ILE B 30 7.39 5.61 -39.48
C ILE B 30 8.77 5.99 -40.00
N VAL B 31 9.65 5.00 -40.20
CA VAL B 31 10.96 5.27 -40.78
C VAL B 31 10.81 5.78 -42.21
N TRP B 32 9.81 5.27 -42.94
CA TRP B 32 9.57 5.76 -44.29
C TRP B 32 9.05 7.19 -44.26
N ILE B 33 8.13 7.50 -43.35
CA ILE B 33 7.62 8.86 -43.22
C ILE B 33 8.73 9.81 -42.81
N GLY B 34 9.58 9.38 -41.87
CA GLY B 34 10.70 10.21 -41.47
C GLY B 34 11.68 10.45 -42.61
N SER B 35 11.91 9.43 -43.44
CA SER B 35 12.79 9.61 -44.59
C SER B 35 12.13 10.47 -45.66
N LEU B 36 10.80 10.50 -45.71
CA LEU B 36 10.11 11.29 -46.73
C LEU B 36 10.22 12.78 -46.46
N LEU B 37 9.92 13.20 -45.22
CA LEU B 37 9.91 14.63 -44.91
C LEU B 37 11.32 15.18 -44.84
N THR B 38 12.28 14.40 -44.32
CA THR B 38 13.65 14.88 -44.22
C THR B 38 14.26 15.12 -45.59
N THR B 39 13.84 14.35 -46.61
CA THR B 39 14.24 14.67 -47.97
C THR B 39 13.38 15.79 -48.56
N CYS B 40 12.09 15.81 -48.21
CA CYS B 40 11.23 16.89 -48.69
C CYS B 40 11.67 18.22 -48.12
N ILE B 41 12.15 18.23 -46.88
CA ILE B 41 12.67 19.45 -46.28
C ILE B 41 14.03 19.81 -46.88
N SER B 42 14.98 18.86 -46.82
CA SER B 42 16.35 19.14 -47.26
C SER B 42 16.41 19.60 -48.70
N ILE B 43 15.48 19.14 -49.55
CA ILE B 43 15.43 19.64 -50.91
C ILE B 43 14.96 21.10 -50.92
N ALA B 44 13.85 21.38 -50.24
CA ALA B 44 13.39 22.76 -50.12
C ALA B 44 14.32 23.59 -49.24
N MET B 45 14.95 22.96 -48.25
CA MET B 45 15.89 23.68 -47.40
C MET B 45 17.12 24.13 -48.19
N ALA B 46 17.56 23.30 -49.13
CA ALA B 46 18.71 23.67 -49.96
C ALA B 46 18.34 24.69 -51.02
N SER B 47 17.16 24.55 -51.62
CA SER B 47 16.75 25.47 -52.67
C SER B 47 16.50 26.86 -52.12
N GLY B 48 15.59 26.99 -51.15
CA GLY B 48 15.30 28.28 -50.57
C GLY B 48 14.43 28.19 -49.33
N ALA B 49 15.05 28.26 -48.15
CA ALA B 49 14.32 28.19 -46.90
C ALA B 49 15.17 28.83 -45.80
N MET B 50 14.54 29.03 -44.64
CA MET B 50 15.23 29.67 -43.52
C MET B 50 16.41 28.85 -42.98
N PRO B 51 16.34 27.53 -42.84
CA PRO B 51 17.50 26.78 -42.33
C PRO B 51 18.73 26.97 -43.19
N GLY B 52 19.90 26.89 -42.56
CA GLY B 52 21.15 27.23 -43.21
C GLY B 52 22.02 26.08 -43.67
N ASN B 53 21.88 24.91 -43.04
CA ASN B 53 22.72 23.76 -43.35
C ASN B 53 21.84 22.66 -43.95
N ALA B 54 22.10 22.33 -45.21
CA ALA B 54 21.29 21.37 -45.95
C ALA B 54 21.99 20.04 -46.21
N LEU B 55 23.32 20.02 -46.29
CA LEU B 55 24.02 18.77 -46.55
C LEU B 55 23.94 17.82 -45.37
N PHE B 56 23.81 18.35 -44.15
CA PHE B 56 23.66 17.48 -42.98
C PHE B 56 22.34 16.74 -43.03
N SER B 57 21.24 17.46 -43.28
CA SER B 57 19.94 16.81 -43.37
C SER B 57 19.85 15.87 -44.58
N ALA B 58 20.58 16.20 -45.65
CA ALA B 58 20.64 15.29 -46.79
C ALA B 58 21.41 14.03 -46.46
N ALA B 59 22.38 14.12 -45.55
CA ALA B 59 23.09 12.92 -45.10
C ALA B 59 22.25 12.11 -44.13
N ILE B 60 21.50 12.79 -43.24
CA ILE B 60 20.59 12.08 -42.34
C ILE B 60 19.48 11.42 -43.13
N SER B 61 18.80 12.19 -43.99
CA SER B 61 17.72 11.64 -44.79
C SER B 61 18.21 10.57 -45.76
N GLY B 62 19.47 10.66 -46.20
CA GLY B 62 20.01 9.64 -47.07
C GLY B 62 20.08 8.28 -46.40
N TRP B 63 20.65 8.25 -45.19
CA TRP B 63 20.74 7.00 -44.44
C TRP B 63 19.37 6.51 -43.98
N LEU B 64 18.39 7.40 -43.87
CA LEU B 64 17.05 6.96 -43.49
C LEU B 64 16.43 6.10 -44.59
N TRP B 65 16.66 6.45 -45.85
CA TRP B 65 16.26 5.58 -46.95
C TRP B 65 17.10 4.31 -46.97
N ILE B 66 18.37 4.41 -46.62
CA ILE B 66 19.22 3.22 -46.54
C ILE B 66 18.73 2.29 -45.44
N THR B 67 18.16 2.85 -44.37
CA THR B 67 17.56 2.01 -43.33
C THR B 67 16.33 1.28 -43.86
N VAL B 68 15.48 1.98 -44.62
CA VAL B 68 14.32 1.33 -45.24
C VAL B 68 14.77 0.33 -46.29
N LEU B 69 15.82 0.67 -47.05
CA LEU B 69 16.33 -0.24 -48.08
C LEU B 69 16.87 -1.51 -47.46
N PHE B 70 17.63 -1.39 -46.36
CA PHE B 70 18.19 -2.58 -45.72
C PHE B 70 17.10 -3.46 -45.10
N ALA B 71 16.01 -2.86 -44.61
CA ALA B 71 14.90 -3.65 -44.09
C ALA B 71 14.22 -4.44 -45.20
N ASN B 72 14.04 -3.81 -46.37
CA ASN B 72 13.48 -4.53 -47.50
C ASN B 72 14.45 -5.57 -48.04
N PHE B 73 15.76 -5.34 -47.87
CA PHE B 73 16.75 -6.32 -48.31
C PHE B 73 16.66 -7.61 -47.51
N ALA B 74 16.30 -7.53 -46.23
CA ALA B 74 16.17 -8.73 -45.43
C ALA B 74 14.91 -9.50 -45.80
N GLU B 75 13.79 -8.80 -45.99
CA GLU B 75 12.55 -9.47 -46.36
C GLU B 75 12.64 -10.11 -47.73
N ALA B 76 13.27 -9.42 -48.69
CA ALA B 76 13.42 -9.99 -50.02
C ALA B 76 14.40 -11.16 -50.02
N LEU B 77 15.44 -11.08 -49.19
CA LEU B 77 16.42 -12.17 -49.12
C LEU B 77 15.78 -13.44 -48.58
N ALA B 78 14.95 -13.31 -47.55
CA ALA B 78 14.24 -14.48 -47.03
C ALA B 78 13.23 -15.00 -48.05
N GLU B 79 12.51 -14.10 -48.72
CA GLU B 79 11.58 -14.49 -49.76
C GLU B 79 12.27 -14.89 -51.05
N GLY B 80 13.55 -14.59 -51.20
CA GLY B 80 14.29 -14.97 -52.38
C GLY B 80 14.66 -16.44 -52.39
N ARG B 81 15.07 -16.95 -51.23
CA ARG B 81 15.37 -18.38 -51.12
C ARG B 81 14.10 -19.22 -51.15
N SER B 82 12.99 -18.68 -50.65
CA SER B 82 11.74 -19.43 -50.64
C SER B 82 11.08 -19.45 -52.02
N LYS B 83 10.98 -18.28 -52.66
CA LYS B 83 10.35 -18.22 -53.99
C LYS B 83 11.16 -19.00 -55.03
N ALA B 84 12.48 -19.12 -54.83
CA ALA B 84 13.29 -19.91 -55.75
C ALA B 84 12.95 -21.39 -55.63
N GLN B 85 12.79 -21.90 -54.41
CA GLN B 85 12.38 -23.29 -54.24
C GLN B 85 10.95 -23.51 -54.68
N ALA B 86 10.09 -22.49 -54.54
CA ALA B 86 8.72 -22.63 -55.00
C ALA B 86 8.64 -22.66 -56.53
N ASN B 87 9.44 -21.84 -57.20
CA ASN B 87 9.46 -21.85 -58.66
C ASN B 87 10.11 -23.10 -59.22
N SER B 88 10.98 -23.77 -58.45
CA SER B 88 11.57 -25.01 -58.93
C SER B 88 10.53 -26.11 -59.06
N LEU B 89 9.58 -26.16 -58.13
CA LEU B 89 8.46 -27.11 -58.20
C LEU B 89 7.27 -26.55 -58.97
N LYS B 90 7.23 -25.23 -59.19
CA LYS B 90 6.12 -24.63 -59.92
C LYS B 90 6.17 -24.98 -61.40
N GLY B 91 7.37 -25.03 -61.97
CA GLY B 91 7.52 -25.43 -63.36
C GLY B 91 7.34 -26.91 -63.63
N VAL B 92 7.37 -27.74 -62.58
CA VAL B 92 7.26 -29.18 -62.78
C VAL B 92 5.88 -29.57 -63.28
N LYS B 93 4.85 -28.85 -62.85
CA LYS B 93 3.48 -29.24 -63.20
C LYS B 93 2.96 -28.53 -64.44
N LYS B 94 3.56 -27.42 -64.86
CA LYS B 94 3.10 -26.72 -66.04
C LYS B 94 3.70 -27.24 -67.34
N THR B 95 4.61 -28.22 -67.27
CA THR B 95 5.17 -28.82 -68.47
C THR B 95 4.26 -29.88 -69.08
N ALA B 96 3.14 -30.19 -68.42
CA ALA B 96 2.36 -31.38 -68.70
C ALA B 96 1.15 -31.08 -69.55
N PHE B 97 0.86 -31.99 -70.48
CA PHE B 97 -0.44 -32.07 -71.13
C PHE B 97 -1.31 -33.02 -70.31
N ALA B 98 -2.51 -33.32 -70.81
CA ALA B 98 -3.38 -34.26 -70.11
C ALA B 98 -4.34 -34.88 -71.12
N ARG B 99 -4.35 -36.21 -71.15
CA ARG B 99 -5.21 -36.98 -72.05
C ARG B 99 -6.25 -37.71 -71.20
N LYS B 100 -7.51 -37.34 -71.36
CA LYS B 100 -8.60 -37.94 -70.60
C LYS B 100 -9.35 -38.92 -71.49
N LEU B 101 -9.65 -40.09 -70.95
CA LEU B 101 -10.34 -41.14 -71.69
C LEU B 101 -11.84 -40.94 -71.61
N ARG B 102 -12.53 -41.25 -72.71
CA ARG B 102 -13.99 -41.19 -72.71
C ARG B 102 -14.57 -42.35 -71.93
N GLU B 103 -14.00 -43.54 -72.10
CA GLU B 103 -14.32 -44.79 -71.41
C GLU B 103 -13.25 -45.10 -70.38
N PRO B 104 -13.63 -45.43 -69.14
CA PRO B 104 -12.62 -45.65 -68.10
C PRO B 104 -11.65 -46.79 -68.42
N LYS B 105 -12.01 -47.70 -69.30
CA LYS B 105 -11.12 -48.81 -69.64
C LYS B 105 -9.94 -48.32 -70.46
N TYR B 106 -8.82 -49.01 -70.30
CA TYR B 106 -7.61 -48.66 -71.04
C TYR B 106 -7.77 -48.96 -72.52
N GLY B 107 -7.12 -48.16 -73.36
CA GLY B 107 -7.18 -48.33 -74.79
C GLY B 107 -8.22 -47.50 -75.50
N ALA B 108 -8.98 -46.68 -74.78
CA ALA B 108 -10.00 -45.85 -75.39
C ALA B 108 -9.36 -44.64 -76.09
N ALA B 109 -10.19 -43.82 -76.72
CA ALA B 109 -9.69 -42.65 -77.42
C ALA B 109 -9.55 -41.49 -76.43
N ALA B 110 -8.37 -40.87 -76.42
CA ALA B 110 -8.06 -39.77 -75.52
C ALA B 110 -7.66 -38.55 -76.32
N ASP B 111 -8.12 -37.38 -75.87
CA ASP B 111 -7.75 -36.10 -76.46
C ASP B 111 -6.96 -35.27 -75.44
N LYS B 112 -6.04 -34.46 -75.96
CA LYS B 112 -5.21 -33.64 -75.09
C LYS B 112 -6.03 -32.50 -74.50
N VAL B 113 -6.01 -32.38 -73.18
CA VAL B 113 -6.78 -31.37 -72.46
C VAL B 113 -5.82 -30.64 -71.53
N PRO B 114 -5.93 -29.32 -71.37
CA PRO B 114 -5.06 -28.61 -70.43
C PRO B 114 -5.16 -29.21 -69.03
N ALA B 115 -4.00 -29.25 -68.34
CA ALA B 115 -3.93 -29.91 -67.04
C ALA B 115 -4.77 -29.19 -65.99
N ASP B 116 -4.89 -27.87 -66.08
CA ASP B 116 -5.66 -27.13 -65.10
C ASP B 116 -7.16 -27.36 -65.22
N GLN B 117 -7.63 -27.88 -66.37
CA GLN B 117 -9.05 -28.18 -66.54
C GLN B 117 -9.46 -29.52 -65.94
N LEU B 118 -8.51 -30.30 -65.43
CA LEU B 118 -8.84 -31.58 -64.82
C LEU B 118 -9.56 -31.35 -63.50
N ARG B 119 -10.74 -31.94 -63.36
CA ARG B 119 -11.56 -31.83 -62.16
C ARG B 119 -11.69 -33.19 -61.49
N LYS B 120 -12.36 -33.21 -60.34
CA LYS B 120 -12.54 -34.45 -59.60
C LYS B 120 -13.52 -35.35 -60.33
N GLY B 121 -13.12 -36.60 -60.55
CA GLY B 121 -13.93 -37.58 -61.25
C GLY B 121 -13.45 -37.91 -62.65
N ASP B 122 -12.55 -37.11 -63.21
CA ASP B 122 -12.05 -37.37 -64.55
C ASP B 122 -11.15 -38.61 -64.55
N ILE B 123 -11.05 -39.23 -65.72
CA ILE B 123 -10.24 -40.43 -65.93
C ILE B 123 -9.18 -40.09 -66.96
N VAL B 124 -7.91 -40.05 -66.54
CA VAL B 124 -6.81 -39.69 -67.41
C VAL B 124 -5.86 -40.88 -67.51
N LEU B 125 -5.20 -40.99 -68.67
CA LEU B 125 -4.23 -42.04 -68.94
C LEU B 125 -2.83 -41.44 -68.94
N VAL B 126 -1.89 -42.14 -68.30
CA VAL B 126 -0.49 -41.72 -68.24
C VAL B 126 0.38 -42.93 -68.50
N GLU B 127 1.07 -42.95 -69.62
CA GLU B 127 2.02 -44.00 -69.94
C GLU B 127 3.43 -43.54 -69.61
N ALA B 128 4.38 -44.48 -69.72
CA ALA B 128 5.76 -44.21 -69.31
C ALA B 128 6.34 -43.04 -70.09
N GLY B 129 6.96 -42.11 -69.37
CA GLY B 129 7.53 -40.92 -69.99
C GLY B 129 6.86 -39.65 -69.53
N ASP B 130 5.54 -39.68 -69.44
CA ASP B 130 4.77 -38.51 -69.02
C ASP B 130 4.83 -38.34 -67.51
N ILE B 131 4.37 -37.18 -67.05
CA ILE B 131 4.26 -36.89 -65.64
C ILE B 131 2.79 -36.91 -65.24
N ILE B 132 2.55 -37.27 -63.98
CA ILE B 132 1.19 -37.38 -63.46
C ILE B 132 0.57 -35.98 -63.43
N PRO B 133 -0.55 -35.76 -64.09
CA PRO B 133 -1.11 -34.40 -64.15
C PRO B 133 -1.79 -33.96 -62.86
N CYS B 134 -2.50 -34.88 -62.21
CA CYS B 134 -3.23 -34.55 -61.00
C CYS B 134 -3.23 -35.75 -60.07
N ASP B 135 -3.60 -35.51 -58.81
CA ASP B 135 -3.67 -36.57 -57.82
C ASP B 135 -4.86 -37.49 -58.10
N GLY B 136 -5.03 -38.48 -57.25
CA GLY B 136 -6.14 -39.40 -57.36
C GLY B 136 -5.71 -40.81 -57.02
N GLU B 137 -6.57 -41.77 -57.37
CA GLU B 137 -6.32 -43.18 -57.11
C GLU B 137 -6.22 -43.93 -58.43
N VAL B 138 -5.33 -44.92 -58.46
CA VAL B 138 -5.15 -45.75 -59.65
C VAL B 138 -6.28 -46.75 -59.74
N ILE B 139 -6.91 -46.82 -60.91
CA ILE B 139 -8.02 -47.74 -61.13
C ILE B 139 -7.66 -48.87 -62.08
N GLU B 140 -6.70 -48.67 -62.99
CA GLU B 140 -6.30 -49.70 -63.94
C GLU B 140 -4.81 -49.61 -64.18
N GLY B 141 -4.15 -50.76 -64.21
CA GLY B 141 -2.73 -50.83 -64.52
C GLY B 141 -1.85 -50.84 -63.30
N GLY B 142 -0.55 -50.94 -63.55
CA GLY B 142 0.45 -50.95 -62.50
C GLY B 142 1.83 -50.63 -63.02
N ALA B 143 2.49 -49.63 -62.43
CA ALA B 143 3.79 -49.19 -62.91
C ALA B 143 4.58 -48.59 -61.76
N SER B 144 5.87 -48.39 -61.99
CA SER B 144 6.76 -47.75 -61.04
C SER B 144 6.94 -46.29 -61.42
N VAL B 145 6.70 -45.40 -60.48
CA VAL B 145 6.78 -43.96 -60.71
C VAL B 145 7.94 -43.38 -59.92
N ASP B 146 8.33 -42.16 -60.28
CA ASP B 146 9.40 -41.43 -59.62
C ASP B 146 8.80 -40.21 -58.93
N GLU B 147 8.72 -40.26 -57.60
CA GLU B 147 8.15 -39.17 -56.82
C GLU B 147 9.21 -38.17 -56.35
N SER B 148 10.23 -37.93 -57.16
CA SER B 148 11.27 -36.97 -56.79
C SER B 148 10.74 -35.55 -56.68
N ALA B 149 9.61 -35.25 -57.33
CA ALA B 149 9.07 -33.90 -57.28
C ALA B 149 8.60 -33.53 -55.88
N ILE B 150 8.22 -34.51 -55.07
CA ILE B 150 7.68 -34.23 -53.74
C ILE B 150 8.63 -34.64 -52.61
N THR B 151 9.57 -35.55 -52.85
CA THR B 151 10.48 -36.01 -51.81
C THR B 151 11.95 -35.78 -52.12
N GLY B 152 12.31 -35.48 -53.37
CA GLY B 152 13.71 -35.31 -53.72
C GLY B 152 14.48 -36.61 -53.82
N GLU B 153 13.81 -37.73 -53.96
CA GLU B 153 14.46 -39.03 -54.08
C GLU B 153 14.15 -39.68 -55.42
N SEP B 154 15.20 -40.05 -56.15
CA SEP B 154 15.02 -40.66 -57.47
CB SEP B 154 16.27 -40.48 -58.33
OG SEP B 154 16.71 -39.14 -58.34
C SEP B 154 14.66 -42.14 -57.37
O SEP B 154 14.45 -42.80 -58.38
P SEP B 154 18.12 -39.03 -57.56
O1P SEP B 154 17.88 -39.37 -56.01
O2P SEP B 154 18.71 -37.54 -57.71
O3P SEP B 154 19.15 -40.09 -58.19
N ALA B 155 14.61 -42.65 -56.15
CA ALA B 155 14.26 -44.04 -55.91
C ALA B 155 12.84 -44.32 -56.39
N PRO B 156 12.64 -45.46 -57.04
CA PRO B 156 11.32 -45.77 -57.61
C PRO B 156 10.32 -46.19 -56.54
N VAL B 157 9.06 -46.19 -56.96
CA VAL B 157 7.96 -46.63 -56.11
C VAL B 157 6.84 -47.11 -57.02
N ILE B 158 6.23 -48.23 -56.65
CA ILE B 158 5.21 -48.87 -57.49
C ILE B 158 3.85 -48.28 -57.19
N ARG B 159 3.02 -48.15 -58.23
CA ARG B 159 1.65 -47.68 -58.10
C ARG B 159 0.78 -48.59 -58.97
N GLU B 160 0.05 -49.50 -58.34
CA GLU B 160 -0.81 -50.44 -59.03
C GLU B 160 -2.23 -50.33 -58.52
N SER B 161 -3.17 -50.84 -59.31
CA SER B 161 -4.58 -50.75 -58.98
C SER B 161 -4.99 -51.87 -58.03
N GLY B 162 -6.07 -51.62 -57.28
CA GLY B 162 -6.62 -52.60 -56.39
C GLY B 162 -5.72 -52.96 -55.22
N GLY B 163 -5.26 -51.96 -54.48
CA GLY B 163 -4.43 -52.23 -53.33
C GLY B 163 -4.18 -50.96 -52.53
N ASP B 164 -3.24 -51.09 -51.58
CA ASP B 164 -2.84 -49.95 -50.76
C ASP B 164 -1.90 -49.00 -51.48
N PHE B 165 -1.43 -49.34 -52.68
CA PHE B 165 -0.43 -48.56 -53.39
C PHE B 165 -1.03 -47.78 -54.56
N ALA B 166 -2.34 -47.57 -54.55
CA ALA B 166 -3.02 -46.90 -55.66
C ALA B 166 -3.04 -45.39 -55.53
N SER B 167 -2.35 -44.82 -54.55
CA SER B 167 -2.34 -43.39 -54.32
C SER B 167 -1.19 -42.77 -55.12
N VAL B 168 -1.51 -41.97 -56.12
CA VAL B 168 -0.53 -41.30 -56.95
C VAL B 168 -0.63 -39.80 -56.73
N THR B 169 0.51 -39.12 -56.81
CA THR B 169 0.60 -37.69 -56.56
C THR B 169 0.87 -36.97 -57.88
N GLY B 170 0.08 -35.93 -58.14
CA GLY B 170 0.29 -35.14 -59.35
C GLY B 170 1.58 -34.35 -59.28
N GLY B 171 2.27 -34.28 -60.42
CA GLY B 171 3.55 -33.64 -60.52
C GLY B 171 4.71 -34.62 -60.62
N THR B 172 4.54 -35.82 -60.08
CA THR B 172 5.56 -36.85 -60.18
C THR B 172 5.58 -37.42 -61.60
N ARG B 173 6.60 -38.24 -61.87
CA ARG B 173 6.80 -38.82 -63.20
C ARG B 173 6.75 -40.34 -63.12
N ILE B 174 6.04 -40.95 -64.06
CA ILE B 174 5.97 -42.39 -64.20
C ILE B 174 7.13 -42.84 -65.07
N LEU B 175 7.59 -44.08 -64.86
CA LEU B 175 8.83 -44.55 -65.48
C LEU B 175 8.65 -45.81 -66.31
N SER B 176 7.93 -46.82 -65.79
CA SER B 176 7.96 -48.16 -66.40
C SER B 176 6.81 -48.37 -67.38
N ASP B 177 5.58 -48.44 -66.87
CA ASP B 177 4.46 -48.84 -67.71
C ASP B 177 3.42 -47.73 -67.83
N TRP B 178 2.17 -48.11 -68.07
CA TRP B 178 1.06 -47.16 -68.16
C TRP B 178 0.19 -47.24 -66.91
N LEU B 179 -0.55 -46.17 -66.66
CA LEU B 179 -1.41 -46.07 -65.49
C LEU B 179 -2.67 -45.30 -65.83
N VAL B 180 -3.81 -45.81 -65.40
CA VAL B 180 -5.10 -45.14 -65.53
C VAL B 180 -5.55 -44.77 -64.13
N ILE B 181 -5.75 -43.48 -63.89
CA ILE B 181 -6.10 -42.97 -62.57
C ILE B 181 -7.36 -42.13 -62.66
N GLU B 182 -7.99 -41.94 -61.50
CA GLU B 182 -9.18 -41.11 -61.37
C GLU B 182 -8.85 -39.93 -60.46
N CYS B 183 -8.94 -38.72 -61.00
CA CYS B 183 -8.65 -37.52 -60.23
C CYS B 183 -9.63 -37.37 -59.07
N SER B 184 -9.10 -37.02 -57.91
CA SER B 184 -9.91 -36.91 -56.70
C SER B 184 -9.80 -35.56 -56.01
N VAL B 185 -8.90 -34.68 -56.44
CA VAL B 185 -8.71 -33.37 -55.85
C VAL B 185 -9.07 -32.33 -56.89
N ASN B 186 -9.65 -31.23 -56.44
CA ASN B 186 -9.99 -30.12 -57.32
C ASN B 186 -8.76 -29.24 -57.55
N PRO B 187 -8.76 -28.47 -58.64
CA PRO B 187 -7.66 -27.53 -58.87
C PRO B 187 -7.51 -26.55 -57.72
N GLY B 188 -6.27 -26.22 -57.39
CA GLY B 188 -5.97 -25.41 -56.24
C GLY B 188 -5.72 -26.19 -54.96
N GLU B 189 -6.04 -27.48 -54.93
CA GLU B 189 -5.81 -28.33 -53.77
C GLU B 189 -4.82 -29.45 -54.06
N THR B 190 -4.14 -29.40 -55.20
CA THR B 190 -3.14 -30.41 -55.54
C THR B 190 -2.01 -30.38 -54.52
N PHE B 191 -1.38 -31.55 -54.33
CA PHE B 191 -0.28 -31.67 -53.37
C PHE B 191 0.84 -30.67 -53.66
N LEU B 192 1.06 -30.34 -54.93
CA LEU B 192 2.06 -29.33 -55.26
C LEU B 192 1.60 -27.93 -54.87
N ASP B 193 0.29 -27.67 -54.92
CA ASP B 193 -0.20 -26.34 -54.55
C ASP B 193 -0.09 -26.10 -53.05
N ARG B 194 -0.16 -27.16 -52.24
CA ARG B 194 0.01 -27.01 -50.80
C ARG B 194 1.44 -26.63 -50.46
N MET B 195 2.41 -27.14 -51.21
CA MET B 195 3.79 -26.67 -51.04
C MET B 195 3.92 -25.21 -51.47
N ILE B 196 3.17 -24.82 -52.51
CA ILE B 196 3.18 -23.42 -52.92
C ILE B 196 2.50 -22.55 -51.88
N ALA B 197 1.40 -23.05 -51.30
CA ALA B 197 0.68 -22.29 -50.28
C ALA B 197 1.51 -22.11 -49.02
N MET B 198 2.41 -23.05 -48.73
CA MET B 198 3.26 -22.93 -47.54
C MET B 198 4.41 -21.96 -47.77
N VAL B 199 4.85 -21.80 -49.00
CA VAL B 199 5.99 -20.93 -49.30
C VAL B 199 5.53 -19.51 -49.61
N GLU B 200 4.56 -19.36 -50.50
CA GLU B 200 4.09 -18.04 -50.88
C GLU B 200 3.36 -17.37 -49.73
N GLY B 201 3.32 -16.03 -49.78
CA GLY B 201 2.72 -15.23 -48.74
C GLY B 201 1.22 -15.07 -48.90
N ALA B 202 0.68 -14.10 -48.15
CA ALA B 202 -0.73 -13.73 -48.16
C ALA B 202 -1.64 -14.83 -47.62
N GLN B 203 -1.09 -16.02 -47.39
CA GLN B 203 -1.84 -17.13 -46.83
C GLN B 203 -1.28 -17.59 -45.48
N ARG B 204 -0.38 -16.82 -44.87
CA ARG B 204 0.22 -17.17 -43.60
C ARG B 204 0.07 -15.97 -42.66
N ARG B 205 -0.86 -16.07 -41.71
CA ARG B 205 -1.05 -15.03 -40.72
C ARG B 205 0.09 -15.06 -39.71
N LYS B 206 0.09 -14.06 -38.82
CA LYS B 206 1.10 -13.98 -37.79
C LYS B 206 0.81 -14.99 -36.68
N THR B 207 1.87 -15.63 -36.19
CA THR B 207 1.76 -16.63 -35.15
C THR B 207 1.57 -15.98 -33.79
N PRO B 208 1.09 -16.72 -32.78
CA PRO B 208 0.93 -16.13 -31.45
C PRO B 208 2.20 -15.52 -30.89
N ASN B 209 3.34 -16.19 -31.06
CA ASN B 209 4.61 -15.59 -30.63
C ASN B 209 4.98 -14.40 -31.49
N GLU B 210 4.59 -14.41 -32.76
CA GLU B 210 4.86 -13.26 -33.63
C GLU B 210 3.98 -12.07 -33.24
N ILE B 211 2.69 -12.33 -32.99
CA ILE B 211 1.80 -11.29 -32.49
C ILE B 211 2.25 -10.82 -31.11
N ALA B 212 2.93 -11.69 -30.36
CA ALA B 212 3.33 -11.36 -28.99
C ALA B 212 4.20 -10.11 -28.94
N LEU B 213 5.38 -10.17 -29.56
CA LEU B 213 6.32 -9.05 -29.46
C LEU B 213 5.89 -7.85 -30.30
N THR B 214 5.07 -8.05 -31.35
CA THR B 214 4.61 -6.91 -32.14
C THR B 214 3.80 -5.95 -31.29
N ILE B 215 3.09 -6.45 -30.28
CA ILE B 215 2.34 -5.57 -29.38
C ILE B 215 3.30 -4.73 -28.56
N LEU B 216 4.44 -5.30 -28.16
CA LEU B 216 5.44 -4.53 -27.44
C LEU B 216 6.14 -3.54 -28.36
N LEU B 217 6.38 -3.92 -29.62
CA LEU B 217 7.05 -3.03 -30.55
C LEU B 217 6.17 -1.81 -30.86
N ILE B 218 4.86 -2.03 -30.99
CA ILE B 218 3.96 -0.89 -31.22
C ILE B 218 3.86 -0.03 -29.97
N ALA B 219 3.86 -0.66 -28.80
CA ALA B 219 3.83 0.10 -27.56
C ALA B 219 5.12 0.91 -27.37
N LEU B 220 6.25 0.37 -27.82
CA LEU B 220 7.51 1.10 -27.70
C LEU B 220 7.56 2.29 -28.65
N THR B 221 7.11 2.10 -29.89
CA THR B 221 7.09 3.21 -30.84
C THR B 221 6.11 4.29 -30.41
N ILE B 222 5.06 3.92 -29.69
CA ILE B 222 4.16 4.93 -29.12
C ILE B 222 4.90 5.75 -28.06
N VAL B 223 5.71 5.09 -27.24
CA VAL B 223 6.49 5.80 -26.23
C VAL B 223 7.50 6.73 -26.89
N PHE B 224 8.30 6.20 -27.83
CA PHE B 224 9.34 6.99 -28.47
C PHE B 224 8.76 8.05 -29.40
N LEU B 225 7.51 7.91 -29.84
CA LEU B 225 6.87 8.98 -30.58
C LEU B 225 6.51 10.14 -29.65
N LEU B 226 5.93 9.83 -28.49
CA LEU B 226 5.60 10.87 -27.53
C LEU B 226 6.85 11.45 -26.86
N ALA B 227 7.89 10.63 -26.67
CA ALA B 227 9.08 11.10 -25.97
C ALA B 227 9.86 12.12 -26.79
N THR B 228 9.83 12.01 -28.12
CA THR B 228 10.58 12.91 -28.99
C THR B 228 9.74 14.04 -29.56
N ALA B 229 8.47 13.79 -29.89
CA ALA B 229 7.62 14.85 -30.42
C ALA B 229 7.32 15.92 -29.38
N THR B 230 7.38 15.59 -28.10
CA THR B 230 7.22 16.58 -27.05
C THR B 230 8.51 17.31 -26.73
N LEU B 231 9.64 16.87 -27.28
CA LEU B 231 10.90 17.59 -27.06
C LEU B 231 10.88 18.94 -27.75
N TRP B 232 10.19 19.06 -28.87
CA TRP B 232 10.13 20.34 -29.58
C TRP B 232 9.49 21.43 -28.74
N PRO B 233 8.30 21.27 -28.15
CA PRO B 233 7.78 22.32 -27.26
C PRO B 233 8.55 22.44 -25.97
N PHE B 234 9.22 21.37 -25.52
CA PHE B 234 10.00 21.47 -24.29
C PHE B 234 11.29 22.26 -24.51
N SER B 235 11.93 22.09 -25.66
CA SER B 235 13.19 22.76 -25.94
C SER B 235 13.01 24.16 -26.52
N ALA B 236 11.88 24.43 -27.18
CA ALA B 236 11.64 25.75 -27.73
C ALA B 236 11.47 26.80 -26.64
N TRP B 237 11.22 26.38 -25.40
CA TRP B 237 11.05 27.32 -24.30
C TRP B 237 12.39 27.67 -23.63
N GLY B 238 13.26 26.68 -23.44
CA GLY B 238 14.55 26.96 -22.84
C GLY B 238 15.50 27.69 -23.78
N GLY B 239 15.34 27.48 -25.09
CA GLY B 239 16.16 28.14 -26.08
C GLY B 239 15.57 27.98 -27.46
N ASN B 240 16.43 27.75 -28.47
CA ASN B 240 15.94 27.42 -29.80
C ASN B 240 15.49 25.97 -29.85
N ALA B 241 14.41 25.73 -30.58
CA ALA B 241 13.84 24.38 -30.64
C ALA B 241 14.76 23.43 -31.39
N VAL B 242 14.66 22.15 -31.04
CA VAL B 242 15.40 21.12 -31.75
C VAL B 242 14.87 21.00 -33.17
N SER B 243 15.78 20.96 -34.14
CA SER B 243 15.37 20.89 -35.54
C SER B 243 14.63 19.59 -35.81
N VAL B 244 13.76 19.63 -36.81
CA VAL B 244 12.93 18.47 -37.14
C VAL B 244 13.81 17.31 -37.61
N THR B 245 14.84 17.62 -38.40
CA THR B 245 15.72 16.56 -38.91
C THR B 245 16.43 15.82 -37.78
N VAL B 246 16.67 16.49 -36.65
CA VAL B 246 17.26 15.81 -35.50
C VAL B 246 16.22 15.00 -34.76
N LEU B 247 15.01 15.56 -34.59
CA LEU B 247 13.93 14.81 -33.94
C LEU B 247 13.59 13.55 -34.72
N VAL B 248 13.59 13.63 -36.04
CA VAL B 248 13.34 12.45 -36.87
C VAL B 248 14.45 11.43 -36.70
N ALA B 249 15.70 11.89 -36.76
CA ALA B 249 16.83 10.98 -36.62
C ALA B 249 16.84 10.33 -35.22
N LEU B 250 16.50 11.10 -34.19
CA LEU B 250 16.42 10.54 -32.85
C LEU B 250 15.31 9.51 -32.74
N LEU B 251 14.15 9.79 -33.33
CA LEU B 251 13.03 8.86 -33.25
C LEU B 251 13.30 7.59 -34.03
N VAL B 252 13.88 7.71 -35.23
CA VAL B 252 14.18 6.53 -36.05
C VAL B 252 15.19 5.63 -35.33
N CYS B 253 16.10 6.22 -34.56
CA CYS B 253 17.06 5.42 -33.80
C CYS B 253 16.37 4.63 -32.69
N LEU B 254 15.69 5.33 -31.79
CA LEU B 254 15.08 4.67 -30.64
C LEU B 254 14.04 3.64 -31.06
N ILE B 255 13.33 3.88 -32.17
CA ILE B 255 12.32 2.93 -32.64
C ILE B 255 12.99 1.59 -32.96
N PRO B 256 12.42 0.46 -32.53
CA PRO B 256 13.07 -0.84 -32.78
C PRO B 256 13.13 -1.20 -34.25
N THR B 257 13.93 -0.47 -35.02
CA THR B 257 14.08 -0.78 -36.44
C THR B 257 14.91 -2.04 -36.66
N THR B 258 15.64 -2.50 -35.65
CA THR B 258 16.46 -3.69 -35.81
C THR B 258 15.60 -4.92 -36.07
N ILE B 259 14.62 -5.18 -35.21
CA ILE B 259 13.77 -6.34 -35.36
C ILE B 259 12.52 -6.06 -36.21
N GLY B 260 12.08 -4.81 -36.29
CA GLY B 260 10.95 -4.46 -37.12
C GLY B 260 11.18 -4.71 -38.60
N GLY B 261 12.44 -4.77 -39.02
CA GLY B 261 12.76 -5.06 -40.41
C GLY B 261 13.27 -6.48 -40.60
N LEU B 262 13.49 -7.18 -39.50
CA LEU B 262 13.97 -8.56 -39.53
C LEU B 262 12.93 -9.58 -39.09
N LEU B 263 11.82 -9.14 -38.51
CA LEU B 263 10.84 -10.08 -37.95
C LEU B 263 10.16 -10.89 -39.05
N SER B 264 9.71 -10.22 -40.11
CA SER B 264 9.04 -10.91 -41.20
C SER B 264 9.98 -11.84 -41.96
N ALA B 265 11.29 -11.58 -41.93
CA ALA B 265 12.23 -12.43 -42.63
C ALA B 265 12.55 -13.71 -41.86
N ILE B 266 12.43 -13.68 -40.54
CA ILE B 266 12.70 -14.88 -39.75
C ILE B 266 11.65 -15.95 -40.03
N GLY B 267 10.38 -15.55 -40.11
CA GLY B 267 9.32 -16.51 -40.38
C GLY B 267 9.41 -17.11 -41.76
N VAL B 268 9.73 -16.29 -42.77
CA VAL B 268 9.84 -16.79 -44.13
C VAL B 268 11.02 -17.74 -44.26
N ALA B 269 12.15 -17.40 -43.64
CA ALA B 269 13.32 -18.28 -43.70
C ALA B 269 13.09 -19.58 -42.94
N GLY B 270 12.27 -19.55 -41.89
CA GLY B 270 12.02 -20.76 -41.12
C GLY B 270 11.12 -21.75 -41.83
N MET B 271 10.08 -21.25 -42.50
CA MET B 271 9.19 -22.13 -43.25
C MET B 271 9.92 -22.81 -44.41
N SER B 272 10.96 -22.18 -44.94
CA SER B 272 11.73 -22.80 -46.01
C SER B 272 12.52 -24.00 -45.49
N ARG B 273 13.15 -23.85 -44.32
CA ARG B 273 13.83 -24.99 -43.70
C ARG B 273 12.85 -26.08 -43.30
N MET B 274 11.59 -25.71 -43.06
CA MET B 274 10.56 -26.72 -42.79
C MET B 274 10.32 -27.58 -44.03
N LEU B 275 10.20 -26.95 -45.20
CA LEU B 275 10.09 -27.71 -46.44
C LEU B 275 11.37 -28.48 -46.73
N GLY B 276 12.53 -27.96 -46.30
CA GLY B 276 13.78 -28.67 -46.49
C GLY B 276 13.83 -29.99 -45.74
N ALA B 277 13.06 -30.11 -44.66
CA ALA B 277 12.96 -31.36 -43.92
C ALA B 277 11.80 -32.23 -44.38
N ASN B 278 11.20 -31.92 -45.53
CA ASN B 278 10.09 -32.68 -46.10
C ASN B 278 8.91 -32.77 -45.13
N VAL B 279 8.58 -31.63 -44.53
CA VAL B 279 7.42 -31.51 -43.64
C VAL B 279 6.55 -30.37 -44.14
N ILE B 280 5.27 -30.64 -44.35
CA ILE B 280 4.33 -29.67 -44.88
C ILE B 280 3.41 -29.22 -43.75
N ALA B 281 3.35 -27.91 -43.54
CA ALA B 281 2.47 -27.30 -42.55
C ALA B 281 1.50 -26.35 -43.24
N THR B 282 0.26 -26.34 -42.77
CA THR B 282 -0.73 -25.45 -43.36
C THR B 282 -0.39 -23.98 -43.10
N SER B 283 0.04 -23.67 -41.89
CA SER B 283 0.44 -22.30 -41.54
C SER B 283 1.62 -22.36 -40.58
N GLY B 284 2.29 -21.22 -40.44
CA GLY B 284 3.42 -21.12 -39.52
C GLY B 284 3.06 -21.25 -38.07
N ARG B 285 1.77 -21.15 -37.73
CA ARG B 285 1.36 -21.27 -36.33
C ARG B 285 1.68 -22.65 -35.77
N ALA B 286 1.57 -23.69 -36.60
CA ALA B 286 1.85 -25.04 -36.13
C ALA B 286 3.33 -25.22 -35.82
N VAL B 287 4.21 -24.67 -36.66
CA VAL B 287 5.64 -24.84 -36.45
C VAL B 287 6.08 -24.15 -35.17
N GLU B 288 5.48 -23.01 -34.84
CA GLU B 288 5.82 -22.34 -33.59
C GLU B 288 5.37 -23.15 -32.38
N ALA B 289 4.23 -23.84 -32.49
CA ALA B 289 3.73 -24.61 -31.36
C ALA B 289 4.60 -25.83 -31.08
N ALA B 290 5.30 -26.34 -32.09
CA ALA B 290 6.19 -27.48 -31.87
C ALA B 290 7.37 -27.10 -31.00
N GLY B 291 7.75 -25.82 -30.98
CA GLY B 291 8.84 -25.37 -30.12
C GLY B 291 8.45 -25.19 -28.67
N ASP B 292 7.15 -25.05 -28.38
CA ASP B 292 6.66 -24.91 -27.02
C ASP B 292 6.26 -26.24 -26.40
N VAL B 293 6.76 -27.35 -26.92
CA VAL B 293 6.35 -28.68 -26.50
C VAL B 293 7.19 -29.12 -25.31
N ASP B 294 6.53 -29.71 -24.31
CA ASP B 294 7.22 -30.24 -23.14
C ASP B 294 7.54 -31.72 -23.25
N VAL B 295 6.77 -32.46 -24.06
CA VAL B 295 6.94 -33.90 -24.22
C VAL B 295 6.49 -34.28 -25.62
N LEU B 296 7.34 -35.01 -26.34
CA LEU B 296 7.01 -35.50 -27.68
C LEU B 296 6.89 -37.02 -27.66
N LEU B 297 5.95 -37.54 -28.44
CA LEU B 297 5.66 -38.96 -28.51
C LEU B 297 5.94 -39.48 -29.91
N LEU B 298 6.68 -40.58 -30.00
CA LEU B 298 7.04 -41.18 -31.28
C LEU B 298 6.37 -42.55 -31.39
N ASP B 299 5.54 -42.72 -32.42
CA ASP B 299 4.83 -43.96 -32.65
C ASP B 299 5.66 -44.85 -33.57
N LYS B 300 6.10 -45.99 -33.05
CA LYS B 300 6.94 -46.93 -33.80
C LYS B 300 6.16 -48.14 -34.31
N THR B 301 4.83 -48.13 -34.17
CA THR B 301 4.03 -49.30 -34.50
C THR B 301 4.16 -49.66 -35.98
N GLY B 302 3.99 -48.68 -36.85
CA GLY B 302 3.95 -48.93 -38.28
C GLY B 302 5.27 -49.21 -38.95
N THR B 303 6.37 -49.30 -38.19
CA THR B 303 7.69 -49.51 -38.76
C THR B 303 8.50 -50.41 -37.85
N ILE B 304 9.66 -50.83 -38.34
CA ILE B 304 10.53 -51.75 -37.62
C ILE B 304 11.21 -51.01 -36.47
N THR B 305 12.13 -50.11 -36.79
CA THR B 305 12.85 -49.32 -35.81
C THR B 305 12.23 -47.93 -35.73
N LEU B 306 12.92 -47.02 -35.02
CA LEU B 306 12.45 -45.64 -34.90
C LEU B 306 12.57 -44.86 -36.21
N GLY B 307 13.17 -45.43 -37.24
CA GLY B 307 13.36 -44.77 -38.51
C GLY B 307 14.73 -44.15 -38.70
N ASN B 308 15.55 -44.11 -37.66
CA ASN B 308 16.91 -43.60 -37.79
C ASN B 308 17.81 -44.61 -38.46
N ARG B 309 17.62 -45.89 -38.15
CA ARG B 309 18.44 -46.96 -38.70
C ARG B 309 17.97 -47.30 -40.10
N GLN B 310 18.86 -47.12 -41.08
CA GLN B 310 18.55 -47.36 -42.48
C GLN B 310 19.61 -48.25 -43.09
N ALA B 311 19.31 -48.77 -44.28
CA ALA B 311 20.16 -49.75 -44.93
C ALA B 311 21.56 -49.20 -45.15
N SER B 312 22.57 -50.03 -44.85
CA SER B 312 23.97 -49.63 -44.96
C SER B 312 24.76 -50.51 -45.91
N GLU B 313 24.70 -51.83 -45.77
CA GLU B 313 25.49 -52.73 -46.60
C GLU B 313 24.66 -53.92 -47.04
N PHE B 314 25.03 -54.49 -48.19
CA PHE B 314 24.51 -55.76 -48.66
C PHE B 314 25.56 -56.84 -48.41
N ILE B 315 25.19 -57.86 -47.66
CA ILE B 315 26.15 -58.91 -47.30
C ILE B 315 25.65 -60.27 -47.75
N PRO B 316 26.25 -60.88 -48.78
CA PRO B 316 25.87 -62.22 -49.18
C PRO B 316 26.65 -63.30 -48.45
N ALA B 317 25.96 -64.32 -47.95
CA ALA B 317 26.61 -65.35 -47.13
C ALA B 317 27.43 -66.33 -47.96
N GLN B 318 26.77 -67.28 -48.61
CA GLN B 318 27.44 -68.38 -49.31
C GLN B 318 26.85 -68.55 -50.70
N GLY B 319 27.69 -68.48 -51.72
CA GLY B 319 27.27 -68.76 -53.08
C GLY B 319 26.20 -67.82 -53.60
N VAL B 320 26.20 -66.57 -53.17
CA VAL B 320 25.25 -65.57 -53.64
C VAL B 320 26.02 -64.33 -54.06
N ASP B 321 25.68 -63.78 -55.22
CA ASP B 321 26.29 -62.54 -55.68
C ASP B 321 25.59 -61.34 -55.05
N GLU B 322 26.37 -60.31 -54.74
CA GLU B 322 25.79 -59.11 -54.13
C GLU B 322 24.82 -58.43 -55.09
N LYS B 323 25.06 -58.54 -56.40
CA LYS B 323 24.15 -57.97 -57.38
C LYS B 323 22.78 -58.65 -57.32
N THR B 324 22.77 -59.98 -57.28
CA THR B 324 21.51 -60.71 -57.19
C THR B 324 20.86 -60.52 -55.82
N LEU B 325 21.61 -60.12 -54.81
CA LEU B 325 21.02 -59.84 -53.50
C LEU B 325 20.19 -58.56 -53.54
N ALA B 326 20.82 -57.45 -53.94
CA ALA B 326 20.12 -56.17 -54.03
C ALA B 326 19.06 -56.18 -55.12
N ASP B 327 19.20 -57.05 -56.12
CA ASP B 327 18.16 -57.16 -57.15
C ASP B 327 16.86 -57.69 -56.56
N ALA B 328 16.95 -58.69 -55.68
CA ALA B 328 15.77 -59.23 -55.00
C ALA B 328 15.41 -58.45 -53.75
N ALA B 329 16.41 -57.87 -53.07
CA ALA B 329 16.12 -57.07 -51.88
C ALA B 329 15.29 -55.85 -52.22
N GLN B 330 15.54 -55.25 -53.39
CA GLN B 330 14.73 -54.12 -53.83
C GLN B 330 13.31 -54.56 -54.13
N LEU B 331 13.15 -55.70 -54.82
CA LEU B 331 11.82 -56.21 -55.14
C LEU B 331 11.00 -56.44 -53.87
N ALA B 332 11.64 -56.97 -52.82
CA ALA B 332 10.94 -57.18 -51.56
C ALA B 332 10.69 -55.87 -50.83
N SER B 333 11.58 -54.88 -51.00
CA SER B 333 11.45 -53.60 -50.33
C SER B 333 10.58 -52.60 -51.09
N LEU B 334 10.20 -52.90 -52.33
CA LEU B 334 9.32 -52.01 -53.07
C LEU B 334 7.98 -51.84 -52.37
N ALA B 335 7.50 -52.90 -51.71
CA ALA B 335 6.26 -52.81 -50.97
C ALA B 335 6.45 -52.27 -49.55
N ASP B 336 7.69 -52.05 -49.14
CA ASP B 336 7.99 -51.53 -47.80
C ASP B 336 8.31 -50.05 -47.94
N GLU B 337 7.30 -49.21 -47.75
CA GLU B 337 7.47 -47.76 -47.86
C GLU B 337 7.93 -47.12 -46.56
N THR B 338 8.19 -47.92 -45.52
CA THR B 338 8.79 -47.39 -44.31
C THR B 338 10.22 -46.90 -44.59
N PRO B 339 10.76 -46.03 -43.73
CA PRO B 339 12.16 -45.60 -43.93
C PRO B 339 13.14 -46.75 -44.03
N GLU B 340 12.93 -47.82 -43.27
CA GLU B 340 13.81 -48.98 -43.38
C GLU B 340 13.73 -49.61 -44.77
N GLY B 341 12.53 -49.64 -45.35
CA GLY B 341 12.33 -50.20 -46.67
C GLY B 341 12.79 -49.29 -47.79
N ARG B 342 12.58 -47.98 -47.62
CA ARG B 342 12.99 -47.04 -48.66
C ARG B 342 14.50 -47.02 -48.83
N SER B 343 15.24 -47.12 -47.73
CA SER B 343 16.70 -47.07 -47.81
C SER B 343 17.26 -48.26 -48.59
N ILE B 344 16.58 -49.41 -48.53
CA ILE B 344 17.03 -50.56 -49.31
C ILE B 344 16.81 -50.31 -50.79
N VAL B 345 15.70 -49.65 -51.14
CA VAL B 345 15.49 -49.24 -52.53
C VAL B 345 16.51 -48.19 -52.93
N ILE B 346 16.92 -47.33 -51.99
CA ILE B 346 17.91 -46.32 -52.29
C ILE B 346 19.29 -46.95 -52.49
N LEU B 347 19.66 -47.88 -51.62
CA LEU B 347 20.94 -48.57 -51.79
C LEU B 347 20.95 -49.46 -53.03
N ALA B 348 19.78 -49.85 -53.53
CA ALA B 348 19.73 -50.66 -54.74
C ALA B 348 20.18 -49.85 -55.96
N LYS B 349 19.85 -48.55 -55.99
CA LYS B 349 20.24 -47.70 -57.10
C LYS B 349 21.62 -47.08 -56.93
N GLN B 350 22.08 -46.92 -55.68
CA GLN B 350 23.37 -46.29 -55.44
C GLN B 350 24.54 -47.21 -55.78
N ARG B 351 24.36 -48.52 -55.62
CA ARG B 351 25.43 -49.48 -55.88
C ARG B 351 25.27 -50.22 -57.20
N PHE B 352 24.04 -50.49 -57.63
CA PHE B 352 23.81 -51.27 -58.84
C PHE B 352 22.92 -50.56 -59.85
N ASN B 353 22.54 -49.30 -59.61
CA ASN B 353 21.77 -48.50 -60.57
C ASN B 353 20.46 -49.17 -60.93
N LEU B 354 19.72 -49.62 -59.92
CA LEU B 354 18.41 -50.23 -60.10
C LEU B 354 17.37 -49.12 -59.99
N ARG B 355 17.05 -48.51 -61.13
CA ARG B 355 16.19 -47.34 -61.18
C ARG B 355 14.75 -47.67 -61.56
N GLU B 356 14.54 -48.51 -62.56
CA GLU B 356 13.22 -48.79 -63.09
C GLU B 356 13.02 -50.30 -63.18
N ARG B 357 11.76 -50.72 -63.10
CA ARG B 357 11.40 -52.13 -63.22
C ARG B 357 10.05 -52.23 -63.93
N ASP B 358 10.02 -52.99 -65.02
CA ASP B 358 8.77 -53.20 -65.77
C ASP B 358 7.85 -54.09 -64.94
N VAL B 359 6.80 -53.50 -64.36
CA VAL B 359 5.97 -54.23 -63.41
C VAL B 359 5.10 -55.25 -64.15
N GLN B 360 4.60 -54.89 -65.33
CA GLN B 360 3.67 -55.77 -66.04
C GLN B 360 4.36 -57.05 -66.51
N SER B 361 5.63 -56.96 -66.93
CA SER B 361 6.35 -58.15 -67.37
C SER B 361 6.61 -59.12 -66.24
N LEU B 362 6.56 -58.66 -64.99
CA LEU B 362 6.80 -59.54 -63.84
C LEU B 362 5.59 -60.43 -63.56
N HIS B 363 4.38 -59.92 -63.78
CA HIS B 363 3.14 -60.59 -63.41
C HIS B 363 3.19 -61.00 -61.94
N ALA B 364 3.43 -59.99 -61.10
CA ALA B 364 3.75 -60.18 -59.69
C ALA B 364 2.62 -59.66 -58.80
N THR B 365 2.66 -60.08 -57.54
CA THR B 365 1.78 -59.56 -56.51
C THR B 365 2.65 -59.15 -55.33
N PHE B 366 2.59 -57.87 -54.97
CA PHE B 366 3.43 -57.33 -53.92
C PHE B 366 2.81 -57.55 -52.54
N VAL B 367 3.63 -57.96 -51.59
CA VAL B 367 3.19 -58.17 -50.21
C VAL B 367 3.61 -56.95 -49.39
N PRO B 368 2.69 -56.05 -49.03
CA PRO B 368 3.08 -54.86 -48.29
C PRO B 368 3.55 -55.19 -46.88
N PHE B 369 4.32 -54.28 -46.31
CA PHE B 369 4.84 -54.47 -44.96
C PHE B 369 3.73 -54.28 -43.93
N THR B 370 3.65 -55.22 -42.99
CA THR B 370 2.70 -55.15 -41.89
C THR B 370 3.44 -55.36 -40.58
N ALA B 371 2.96 -54.68 -39.53
CA ALA B 371 3.61 -54.79 -38.22
C ALA B 371 3.42 -56.18 -37.62
N GLN B 372 2.32 -56.85 -37.96
CA GLN B 372 2.07 -58.18 -37.39
C GLN B 372 3.02 -59.21 -38.00
N SER B 373 3.25 -59.14 -39.31
CA SER B 373 4.14 -60.09 -39.97
C SER B 373 5.61 -59.71 -39.80
N ARG B 374 5.90 -58.44 -39.55
CA ARG B 374 7.26 -57.94 -39.39
C ARG B 374 8.12 -58.25 -40.62
N MET B 375 7.51 -58.26 -41.79
CA MET B 375 8.21 -58.56 -43.02
C MET B 375 7.38 -58.10 -44.21
N SER B 376 8.08 -57.75 -45.30
CA SER B 376 7.45 -57.44 -46.57
C SER B 376 8.10 -58.29 -47.65
N GLY B 377 7.46 -58.36 -48.81
CA GLY B 377 8.00 -59.18 -49.87
C GLY B 377 7.24 -59.03 -51.16
N ILE B 378 7.54 -59.93 -52.09
CA ILE B 378 6.94 -59.93 -53.42
C ILE B 378 6.85 -61.38 -53.90
N ASN B 379 5.78 -61.69 -54.62
CA ASN B 379 5.60 -63.01 -55.21
C ASN B 379 5.79 -62.94 -56.71
N ILE B 380 6.94 -62.42 -57.14
CA ILE B 380 7.18 -62.20 -58.58
C ILE B 380 7.29 -63.53 -59.32
N ASP B 381 8.30 -64.32 -59.01
CA ASP B 381 8.47 -65.62 -59.64
C ASP B 381 7.49 -66.62 -59.04
N ASN B 382 7.61 -67.88 -59.46
CA ASN B 382 6.84 -68.94 -58.82
C ASN B 382 7.24 -69.11 -57.36
N ARG B 383 8.44 -68.68 -57.00
CA ARG B 383 8.89 -68.62 -55.62
C ARG B 383 8.55 -67.25 -55.03
N MET B 384 8.43 -67.21 -53.70
CA MET B 384 8.07 -65.99 -52.99
C MET B 384 9.30 -65.42 -52.30
N ILE B 385 9.55 -64.13 -52.54
CA ILE B 385 10.66 -63.41 -51.93
C ILE B 385 10.11 -62.60 -50.77
N ARG B 386 10.82 -62.62 -49.64
CA ARG B 386 10.38 -61.91 -48.46
C ARG B 386 11.58 -61.23 -47.80
N LYS B 387 11.28 -60.22 -46.98
CA LYS B 387 12.31 -59.47 -46.27
C LYS B 387 11.74 -59.00 -44.96
N GLY B 388 12.43 -59.31 -43.87
CA GLY B 388 11.98 -58.91 -42.55
C GLY B 388 13.09 -59.01 -41.54
N SER B 389 12.70 -59.05 -40.27
CA SER B 389 13.66 -59.14 -39.19
C SER B 389 14.15 -60.59 -39.05
N VAL B 390 15.03 -60.82 -38.07
CA VAL B 390 15.62 -62.14 -37.92
C VAL B 390 14.59 -63.12 -37.36
N ASP B 391 13.75 -62.66 -36.43
CA ASP B 391 12.81 -63.57 -35.77
C ASP B 391 11.69 -63.99 -36.70
N ALA B 392 11.15 -63.06 -37.49
CA ALA B 392 10.00 -63.35 -38.33
C ALA B 392 10.34 -64.20 -39.54
N ILE B 393 11.59 -64.18 -39.98
CA ILE B 393 11.97 -64.90 -41.20
C ILE B 393 12.26 -66.36 -40.90
N ARG B 394 12.91 -66.64 -39.77
CA ARG B 394 13.18 -68.03 -39.40
C ARG B 394 11.90 -68.83 -39.25
N ARG B 395 10.82 -68.21 -38.80
CA ARG B 395 9.53 -68.88 -38.76
C ARG B 395 8.93 -69.05 -40.15
N HIS B 396 9.38 -68.27 -41.13
CA HIS B 396 8.90 -68.36 -42.50
C HIS B 396 9.78 -69.27 -43.36
N VAL B 397 11.09 -69.23 -43.16
CA VAL B 397 11.99 -70.09 -43.93
C VAL B 397 11.78 -71.55 -43.55
N GLU B 398 11.71 -71.84 -42.25
CA GLU B 398 11.45 -73.20 -41.81
C GLU B 398 10.05 -73.66 -42.20
N ALA B 399 9.14 -72.72 -42.47
CA ALA B 399 7.81 -73.07 -42.95
C ALA B 399 7.85 -73.57 -44.39
N ASN B 400 8.86 -73.20 -45.16
CA ASN B 400 9.02 -73.63 -46.54
C ASN B 400 9.99 -74.82 -46.66
N GLY B 401 10.21 -75.54 -45.57
CA GLY B 401 11.15 -76.65 -45.59
C GLY B 401 12.59 -76.24 -45.75
N GLY B 402 12.96 -75.04 -45.32
CA GLY B 402 14.31 -74.54 -45.43
C GLY B 402 14.99 -74.48 -44.07
N HIS B 403 16.32 -74.57 -44.09
CA HIS B 403 17.13 -74.54 -42.88
C HIS B 403 17.93 -73.24 -42.81
N PHE B 404 18.43 -72.94 -41.62
CA PHE B 404 19.26 -71.76 -41.42
C PHE B 404 20.72 -72.12 -41.64
N PRO B 405 21.38 -71.54 -42.64
CA PRO B 405 22.80 -71.86 -42.85
C PRO B 405 23.65 -71.32 -41.71
N THR B 406 24.72 -72.07 -41.41
CA THR B 406 25.60 -71.68 -40.32
C THR B 406 26.31 -70.36 -40.61
N ASP B 407 26.67 -70.13 -41.88
CA ASP B 407 27.34 -68.88 -42.22
C ASP B 407 26.39 -67.69 -42.08
N VAL B 408 25.11 -67.88 -42.41
CA VAL B 408 24.13 -66.80 -42.27
C VAL B 408 23.98 -66.40 -40.81
N ASP B 409 23.90 -67.39 -39.91
CA ASP B 409 23.78 -67.08 -38.48
C ASP B 409 25.02 -66.38 -37.96
N GLN B 410 26.19 -66.75 -38.47
CA GLN B 410 27.42 -66.06 -38.06
C GLN B 410 27.44 -64.61 -38.53
N LYS B 411 26.96 -64.36 -39.76
CA LYS B 411 26.91 -63.00 -40.26
C LYS B 411 25.91 -62.14 -39.48
N VAL B 412 24.75 -62.71 -39.13
CA VAL B 412 23.75 -61.97 -38.37
C VAL B 412 24.29 -61.61 -36.98
N ASP B 413 25.02 -62.54 -36.35
CA ASP B 413 25.58 -62.27 -35.04
C ASP B 413 26.64 -61.17 -35.10
N GLN B 414 27.43 -61.14 -36.19
CA GLN B 414 28.46 -60.11 -36.33
C GLN B 414 27.85 -58.72 -36.50
N VAL B 415 26.81 -58.60 -37.33
CA VAL B 415 26.17 -57.31 -37.53
C VAL B 415 25.50 -56.84 -36.24
N ALA B 416 24.99 -57.78 -35.44
CA ALA B 416 24.39 -57.41 -34.15
C ALA B 416 25.42 -56.82 -33.21
N ARG B 417 26.66 -57.31 -33.25
CA ARG B 417 27.71 -56.76 -32.41
C ARG B 417 27.99 -55.30 -32.75
N GLN B 418 27.92 -54.96 -34.04
CA GLN B 418 28.16 -53.58 -34.47
C GLN B 418 27.08 -52.63 -33.97
N GLY B 419 25.92 -53.13 -33.57
CA GLY B 419 24.82 -52.30 -33.14
C GLY B 419 23.76 -52.05 -34.19
N ALA B 420 23.85 -52.67 -35.36
CA ALA B 420 22.87 -52.50 -36.43
C ALA B 420 21.92 -53.69 -36.44
N THR B 421 20.62 -53.42 -36.52
CA THR B 421 19.63 -54.48 -36.63
C THR B 421 19.71 -55.13 -37.99
N PRO B 422 19.95 -56.45 -38.08
CA PRO B 422 20.12 -57.07 -39.39
C PRO B 422 18.81 -57.54 -40.00
N LEU B 423 18.61 -57.24 -41.27
CA LEU B 423 17.48 -57.74 -42.05
C LEU B 423 17.96 -58.75 -43.07
N VAL B 424 17.12 -59.74 -43.37
CA VAL B 424 17.48 -60.84 -44.25
C VAL B 424 16.50 -60.88 -45.42
N VAL B 425 17.01 -61.29 -46.58
CA VAL B 425 16.21 -61.49 -47.78
C VAL B 425 16.30 -62.96 -48.16
N VAL B 426 15.15 -63.55 -48.50
CA VAL B 426 15.05 -64.97 -48.79
C VAL B 426 14.20 -65.16 -50.04
N GLU B 427 14.68 -65.99 -50.96
CA GLU B 427 13.91 -66.39 -52.14
C GLU B 427 13.36 -67.80 -51.90
N GLY B 428 12.04 -67.90 -51.74
CA GLY B 428 11.42 -69.18 -51.49
C GLY B 428 11.78 -69.78 -50.16
N SER B 429 12.84 -70.59 -50.14
CA SER B 429 13.30 -71.25 -48.92
C SER B 429 14.82 -71.16 -48.75
N ARG B 430 15.51 -70.43 -49.61
CA ARG B 430 16.97 -70.29 -49.55
C ARG B 430 17.33 -68.85 -49.23
N VAL B 431 18.20 -68.69 -48.23
CA VAL B 431 18.62 -67.36 -47.80
C VAL B 431 19.57 -66.76 -48.83
N LEU B 432 19.36 -65.49 -49.15
CA LEU B 432 20.22 -64.77 -50.09
C LEU B 432 21.31 -63.96 -49.40
N GLY B 433 21.01 -63.38 -48.24
CA GLY B 433 22.00 -62.58 -47.54
C GLY B 433 21.35 -61.73 -46.47
N VAL B 434 22.17 -60.90 -45.84
CA VAL B 434 21.76 -60.07 -44.72
C VAL B 434 21.98 -58.60 -45.09
N ILE B 435 21.08 -57.74 -44.62
CA ILE B 435 21.16 -56.30 -44.83
C ILE B 435 21.39 -55.63 -43.49
N ALA B 436 22.42 -54.79 -43.41
CA ALA B 436 22.75 -54.08 -42.18
C ALA B 436 22.05 -52.72 -42.15
N LEU B 437 21.50 -52.37 -40.99
CA LEU B 437 20.77 -51.12 -40.79
C LEU B 437 21.43 -50.36 -39.65
N LYS B 438 22.41 -49.53 -40.00
CA LYS B 438 23.13 -48.72 -39.02
C LYS B 438 22.48 -47.34 -38.89
N ASP B 439 22.89 -46.63 -37.84
CA ASP B 439 22.31 -45.32 -37.56
C ASP B 439 22.81 -44.27 -38.54
N ILE B 440 21.90 -43.41 -38.98
CA ILE B 440 22.23 -42.35 -39.92
C ILE B 440 22.75 -41.09 -39.23
N VAL B 441 22.21 -40.78 -38.04
CA VAL B 441 22.54 -39.54 -37.35
C VAL B 441 24.05 -39.38 -37.21
N LYS B 442 24.56 -38.20 -37.57
CA LYS B 442 25.99 -37.96 -37.55
C LYS B 442 26.55 -38.16 -36.14
N GLY B 443 26.04 -37.41 -35.17
CA GLY B 443 26.36 -37.66 -33.79
C GLY B 443 25.58 -38.86 -33.27
N GLY B 444 25.82 -39.18 -32.00
CA GLY B 444 25.06 -40.25 -31.37
C GLY B 444 23.60 -39.85 -31.23
N ILE B 445 22.71 -40.76 -31.66
CA ILE B 445 21.28 -40.47 -31.54
C ILE B 445 20.89 -40.34 -30.08
N LYS B 446 21.62 -41.03 -29.18
CA LYS B 446 21.39 -40.84 -27.76
C LYS B 446 21.67 -39.41 -27.34
N GLU B 447 22.58 -38.72 -28.03
CA GLU B 447 22.88 -37.33 -27.69
C GLU B 447 21.74 -36.40 -28.09
N ARG B 448 21.09 -36.66 -29.23
CA ARG B 448 19.95 -35.83 -29.62
C ARG B 448 18.82 -35.95 -28.60
N PHE B 449 18.61 -37.16 -28.06
CA PHE B 449 17.67 -37.30 -26.96
C PHE B 449 18.25 -36.73 -25.67
N ALA B 450 19.59 -36.75 -25.54
CA ALA B 450 20.22 -36.15 -24.37
C ALA B 450 20.16 -34.63 -24.41
N GLN B 451 20.39 -34.04 -25.60
CA GLN B 451 20.21 -32.60 -25.76
C GLN B 451 18.76 -32.21 -25.46
N LEU B 452 17.81 -32.98 -25.98
CA LEU B 452 16.41 -32.75 -25.65
C LEU B 452 16.15 -32.98 -24.17
N ARG B 453 16.95 -33.85 -23.54
CA ARG B 453 16.81 -34.10 -22.11
C ARG B 453 17.34 -32.92 -21.30
N LYS B 454 18.43 -32.29 -21.76
CA LYS B 454 18.99 -31.16 -21.05
C LYS B 454 18.03 -29.99 -20.98
N MET B 455 17.22 -29.79 -22.03
CA MET B 455 16.26 -28.71 -22.05
C MET B 455 15.02 -29.00 -21.22
N GLY B 456 14.82 -30.23 -20.77
CA GLY B 456 13.66 -30.62 -20.00
C GLY B 456 12.57 -31.29 -20.80
N ILE B 457 12.77 -31.53 -22.09
CA ILE B 457 11.78 -32.16 -22.93
C ILE B 457 11.93 -33.67 -22.83
N LYS B 458 10.85 -34.35 -22.49
CA LYS B 458 10.86 -35.80 -22.29
C LYS B 458 10.41 -36.51 -23.56
N THR B 459 10.96 -37.71 -23.78
CA THR B 459 10.68 -38.52 -24.96
C THR B 459 10.15 -39.88 -24.52
N VAL B 460 9.01 -40.27 -25.08
CA VAL B 460 8.39 -41.56 -24.81
C VAL B 460 8.05 -42.24 -26.13
N MET B 461 8.52 -43.47 -26.30
CA MET B 461 8.28 -44.24 -27.51
C MET B 461 6.99 -45.03 -27.40
N ILE B 462 6.20 -45.02 -28.47
CA ILE B 462 4.93 -45.75 -28.54
C ILE B 462 5.10 -46.88 -29.53
N THR B 463 4.78 -48.10 -29.11
CA THR B 463 4.93 -49.27 -29.97
C THR B 463 3.98 -50.36 -29.51
N GLY B 464 3.90 -51.41 -30.32
CA GLY B 464 3.11 -52.59 -30.01
C GLY B 464 3.90 -53.84 -29.74
N ASP B 465 5.23 -53.76 -29.66
CA ASP B 465 6.08 -54.92 -29.42
C ASP B 465 5.99 -55.35 -27.96
N ASN B 466 6.69 -56.43 -27.63
CA ASN B 466 6.67 -56.95 -26.28
C ASN B 466 7.40 -56.02 -25.32
N ARG B 467 7.15 -56.21 -24.02
CA ARG B 467 7.76 -55.36 -23.01
C ARG B 467 9.27 -55.59 -22.91
N LEU B 468 9.77 -56.71 -23.43
CA LEU B 468 11.20 -57.01 -23.36
C LEU B 468 11.94 -56.54 -24.61
N THR B 469 11.31 -56.63 -25.78
CA THR B 469 11.95 -56.19 -27.01
C THR B 469 11.82 -54.69 -27.23
N ALA B 470 10.76 -54.08 -26.70
CA ALA B 470 10.62 -52.62 -26.82
C ALA B 470 11.65 -51.90 -25.97
N ALA B 471 12.00 -52.45 -24.81
CA ALA B 471 13.02 -51.85 -23.98
C ALA B 471 14.39 -51.92 -24.63
N ALA B 472 14.62 -52.92 -25.48
CA ALA B 472 15.90 -53.03 -26.18
C ALA B 472 16.07 -51.89 -27.18
N ILE B 473 15.03 -51.63 -27.98
CA ILE B 473 15.08 -50.51 -28.91
C ILE B 473 15.11 -49.18 -28.18
N ALA B 474 14.39 -49.10 -27.05
CA ALA B 474 14.41 -47.89 -26.24
C ALA B 474 15.79 -47.62 -25.64
N ALA B 475 16.51 -48.69 -25.25
CA ALA B 475 17.84 -48.51 -24.69
C ALA B 475 18.87 -48.19 -25.75
N GLU B 476 18.72 -48.74 -26.96
CA GLU B 476 19.66 -48.44 -28.04
C GLU B 476 19.48 -47.03 -28.55
N ALA B 477 18.28 -46.47 -28.44
CA ALA B 477 18.02 -45.10 -28.87
C ALA B 477 18.24 -44.09 -27.75
N GLY B 478 18.22 -44.52 -26.49
CA GLY B 478 18.42 -43.62 -25.38
C GLY B 478 17.24 -42.74 -25.05
N VAL B 479 16.03 -43.26 -25.17
CA VAL B 479 14.83 -42.50 -24.84
C VAL B 479 14.52 -42.68 -23.37
N ASP B 480 13.64 -41.84 -22.82
CA ASP B 480 13.31 -41.88 -21.40
C ASP B 480 12.52 -43.15 -21.07
N ASP B 481 11.28 -43.22 -21.54
CA ASP B 481 10.41 -44.36 -21.29
C ASP B 481 9.77 -44.79 -22.61
N PHE B 482 8.96 -45.85 -22.54
CA PHE B 482 8.33 -46.41 -23.71
C PHE B 482 6.97 -46.99 -23.32
N LEU B 483 6.10 -47.11 -24.32
CA LEU B 483 4.77 -47.69 -24.13
C LEU B 483 4.64 -48.85 -25.11
N ALA B 484 4.78 -50.08 -24.60
CA ALA B 484 4.70 -51.27 -25.42
C ALA B 484 3.29 -51.84 -25.40
N GLU B 485 2.93 -52.49 -26.51
CA GLU B 485 1.58 -53.05 -26.70
C GLU B 485 0.52 -51.99 -26.48
N ALA B 486 0.65 -50.90 -27.24
CA ALA B 486 -0.19 -49.72 -27.08
C ALA B 486 -1.45 -49.86 -27.91
N THR B 487 -2.59 -49.98 -27.25
CA THR B 487 -3.88 -49.93 -27.91
C THR B 487 -4.25 -48.48 -28.19
N PRO B 488 -5.11 -48.23 -29.18
CA PRO B 488 -5.54 -46.85 -29.45
C PRO B 488 -6.18 -46.15 -28.26
N GLU B 489 -6.65 -46.91 -27.26
CA GLU B 489 -7.14 -46.29 -26.04
C GLU B 489 -6.01 -45.99 -25.07
N ALA B 490 -4.95 -46.81 -25.08
CA ALA B 490 -3.81 -46.55 -24.20
C ALA B 490 -3.03 -45.31 -24.65
N LYS B 491 -3.04 -45.00 -25.94
CA LYS B 491 -2.37 -43.80 -26.41
C LYS B 491 -3.12 -42.54 -25.96
N LEU B 492 -4.44 -42.55 -26.07
CA LEU B 492 -5.23 -41.42 -25.59
C LEU B 492 -5.09 -41.24 -24.08
N ALA B 493 -4.90 -42.33 -23.33
CA ALA B 493 -4.72 -42.22 -21.90
C ALA B 493 -3.39 -41.56 -21.55
N LEU B 494 -2.35 -41.83 -22.34
CA LEU B 494 -1.05 -41.23 -22.07
C LEU B 494 -1.05 -39.75 -22.41
N ILE B 495 -1.71 -39.37 -23.51
CA ILE B 495 -1.75 -37.97 -23.90
C ILE B 495 -2.56 -37.16 -22.89
N ARG B 496 -3.76 -37.65 -22.54
CA ARG B 496 -4.63 -36.91 -21.63
C ARG B 496 -4.01 -36.79 -20.24
N GLN B 497 -3.28 -37.82 -19.80
CA GLN B 497 -2.63 -37.76 -18.49
C GLN B 497 -1.49 -36.75 -18.49
N TYR B 498 -0.78 -36.61 -19.61
CA TYR B 498 0.25 -35.58 -19.72
C TYR B 498 -0.37 -34.19 -19.72
N GLN B 499 -1.46 -34.01 -20.46
CA GLN B 499 -2.14 -32.71 -20.47
C GLN B 499 -2.77 -32.40 -19.12
N ALA B 500 -3.19 -33.42 -18.38
CA ALA B 500 -3.74 -33.21 -17.04
C ALA B 500 -2.69 -32.71 -16.06
N GLU B 501 -1.41 -32.88 -16.38
CA GLU B 501 -0.32 -32.37 -15.57
C GLU B 501 0.29 -31.09 -16.14
N GLY B 502 -0.41 -30.44 -17.06
CA GLY B 502 0.03 -29.17 -17.60
C GLY B 502 1.29 -29.26 -18.46
N ARG B 503 1.28 -30.15 -19.45
CA ARG B 503 2.43 -30.32 -20.33
C ARG B 503 1.93 -30.43 -21.77
N LEU B 504 2.43 -29.55 -22.64
CA LEU B 504 2.08 -29.61 -24.04
C LEU B 504 2.72 -30.83 -24.69
N VAL B 505 1.92 -31.56 -25.49
CA VAL B 505 2.33 -32.85 -26.04
C VAL B 505 2.40 -32.74 -27.55
N ALA B 506 3.50 -33.24 -28.12
CA ALA B 506 3.64 -33.44 -29.55
C ALA B 506 3.67 -34.93 -29.84
N MET B 507 3.16 -35.31 -31.01
CA MET B 507 3.08 -36.72 -31.37
C MET B 507 3.20 -36.87 -32.88
N THR B 508 3.92 -37.91 -33.30
CA THR B 508 4.01 -38.30 -34.69
C THR B 508 3.45 -39.71 -34.84
N GLY B 509 2.69 -39.92 -35.90
CA GLY B 509 2.08 -41.23 -36.10
C GLY B 509 1.35 -41.29 -37.43
N ASP B 510 0.60 -42.38 -37.61
CA ASP B 510 -0.17 -42.58 -38.82
C ASP B 510 -1.51 -41.86 -38.73
N GLY B 511 -1.91 -41.22 -39.84
CA GLY B 511 -3.16 -40.49 -39.84
C GLY B 511 -4.38 -41.37 -39.67
N THR B 512 -4.33 -42.60 -40.17
CA THR B 512 -5.45 -43.52 -40.07
C THR B 512 -5.42 -44.30 -38.75
N ASN B 513 -4.28 -44.91 -38.43
CA ASN B 513 -4.20 -45.75 -37.24
C ASN B 513 -4.28 -44.92 -35.97
N ASP B 514 -3.64 -43.75 -35.94
CA ASP B 514 -3.61 -42.87 -34.78
C ASP B 514 -4.51 -41.66 -34.95
N ALA B 515 -5.65 -41.84 -35.63
CA ALA B 515 -6.57 -40.73 -35.85
C ALA B 515 -7.05 -40.09 -34.55
N PRO B 516 -7.51 -40.82 -33.53
CA PRO B 516 -7.96 -40.13 -32.31
C PRO B 516 -6.83 -39.54 -31.49
N ALA B 517 -5.63 -40.11 -31.57
CA ALA B 517 -4.53 -39.62 -30.74
C ALA B 517 -4.00 -38.29 -31.24
N LEU B 518 -3.86 -38.14 -32.56
CA LEU B 518 -3.34 -36.90 -33.12
C LEU B 518 -4.29 -35.73 -32.89
N ALA B 519 -5.60 -36.00 -32.80
CA ALA B 519 -6.55 -34.93 -32.55
C ALA B 519 -6.45 -34.39 -31.13
N GLN B 520 -6.26 -35.28 -30.15
CA GLN B 520 -6.15 -34.84 -28.77
C GLN B 520 -4.81 -34.17 -28.49
N ALA B 521 -3.77 -34.55 -29.23
CA ALA B 521 -2.43 -33.98 -29.01
C ALA B 521 -2.42 -32.49 -29.37
N ASP B 522 -1.56 -31.74 -28.68
CA ASP B 522 -1.44 -30.31 -28.94
C ASP B 522 -0.71 -30.04 -30.25
N VAL B 523 0.35 -30.79 -30.53
CA VAL B 523 1.08 -30.73 -31.79
C VAL B 523 1.10 -32.12 -32.40
N ALA B 524 0.82 -32.22 -33.69
CA ALA B 524 0.72 -33.53 -34.35
C ALA B 524 1.38 -33.49 -35.70
N VAL B 525 2.11 -34.55 -36.02
CA VAL B 525 2.72 -34.77 -37.33
C VAL B 525 2.24 -36.12 -37.86
N ALA B 526 1.67 -36.11 -39.06
CA ALA B 526 1.06 -37.30 -39.64
C ALA B 526 2.04 -38.02 -40.56
N MET B 527 2.10 -39.35 -40.43
CA MET B 527 2.92 -40.19 -41.28
C MET B 527 2.05 -41.07 -42.16
N ASN B 528 2.60 -41.47 -43.31
CA ASN B 528 1.96 -42.39 -44.24
C ASN B 528 0.56 -41.93 -44.65
N SER B 529 0.35 -40.63 -44.73
CA SER B 529 -0.94 -40.07 -45.09
C SER B 529 -0.74 -38.90 -46.03
N GLY B 530 -1.80 -38.58 -46.78
CA GLY B 530 -1.79 -37.42 -47.64
C GLY B 530 -2.11 -36.15 -46.91
N THR B 531 -2.06 -35.03 -47.65
CA THR B 531 -2.35 -33.73 -47.05
C THR B 531 -3.81 -33.59 -46.66
N GLN B 532 -4.72 -34.34 -47.29
CA GLN B 532 -6.13 -34.20 -47.00
C GLN B 532 -6.46 -34.64 -45.57
N ALA B 533 -5.77 -35.68 -45.08
CA ALA B 533 -6.06 -36.17 -43.74
C ALA B 533 -5.64 -35.16 -42.68
N ALA B 534 -4.55 -34.43 -42.92
CA ALA B 534 -4.03 -33.48 -41.94
C ALA B 534 -4.60 -32.07 -42.12
N LYS B 535 -4.95 -31.69 -43.35
CA LYS B 535 -5.50 -30.35 -43.57
C LYS B 535 -6.82 -30.16 -42.83
N GLU B 536 -7.58 -31.25 -42.64
CA GLU B 536 -8.83 -31.16 -41.89
C GLU B 536 -8.58 -31.04 -40.39
N ALA B 537 -7.55 -31.72 -39.89
CA ALA B 537 -7.19 -31.68 -38.48
C ALA B 537 -6.17 -30.60 -38.16
N GLY B 538 -5.69 -29.87 -39.17
CA GLY B 538 -4.70 -28.83 -38.94
C GLY B 538 -3.36 -29.34 -38.46
N ASN B 539 -2.93 -30.51 -38.93
CA ASN B 539 -1.68 -31.13 -38.52
C ASN B 539 -0.67 -31.06 -39.66
N MET B 540 0.58 -31.35 -39.31
CA MET B 540 1.65 -31.39 -40.30
C MET B 540 1.69 -32.76 -40.97
N VAL B 541 2.35 -32.81 -42.13
CA VAL B 541 2.52 -34.05 -42.89
C VAL B 541 4.01 -34.32 -43.02
N ASP B 542 4.41 -35.53 -42.67
CA ASP B 542 5.79 -35.99 -42.84
C ASP B 542 5.88 -36.78 -44.14
N LEU B 543 6.64 -36.25 -45.10
CA LEU B 543 6.74 -36.90 -46.41
C LEU B 543 7.62 -38.14 -46.35
N ASP B 544 8.66 -38.14 -45.53
CA ASP B 544 9.51 -39.32 -45.38
C ASP B 544 8.91 -40.38 -44.48
N SER B 545 7.85 -40.04 -43.73
CA SER B 545 7.18 -40.98 -42.83
C SER B 545 8.16 -41.57 -41.81
N ASN B 546 9.01 -40.70 -41.27
CA ASN B 546 10.01 -41.08 -40.29
C ASN B 546 9.59 -40.59 -38.91
N PRO B 547 9.43 -41.47 -37.92
CA PRO B 547 9.02 -41.00 -36.59
C PRO B 547 10.03 -40.05 -35.95
N THR B 548 11.32 -40.18 -36.27
CA THR B 548 12.32 -39.28 -35.71
C THR B 548 12.24 -37.88 -36.28
N LYS B 549 11.50 -37.66 -37.37
CA LYS B 549 11.39 -36.33 -37.96
C LYS B 549 10.71 -35.34 -37.03
N LEU B 550 9.98 -35.81 -36.02
CA LEU B 550 9.38 -34.91 -35.05
C LEU B 550 10.45 -34.15 -34.26
N ILE B 551 11.62 -34.76 -34.07
CA ILE B 551 12.70 -34.07 -33.38
C ILE B 551 13.16 -32.85 -34.18
N GLU B 552 13.34 -33.03 -35.49
CA GLU B 552 13.73 -31.90 -36.34
C GLU B 552 12.62 -30.86 -36.44
N VAL B 553 11.36 -31.29 -36.37
CA VAL B 553 10.25 -30.34 -36.38
C VAL B 553 10.30 -29.44 -35.16
N VAL B 554 10.59 -30.01 -34.00
CA VAL B 554 10.68 -29.22 -32.77
C VAL B 554 11.89 -28.29 -32.83
N HIS B 555 13.00 -28.75 -33.39
CA HIS B 555 14.20 -27.92 -33.46
C HIS B 555 14.00 -26.74 -34.38
N ILE B 556 13.32 -26.94 -35.52
CA ILE B 556 13.08 -25.84 -36.44
C ILE B 556 12.17 -24.80 -35.80
N GLY B 557 11.14 -25.25 -35.09
CA GLY B 557 10.28 -24.31 -34.38
C GLY B 557 10.98 -23.64 -33.21
N LYS B 558 11.96 -24.32 -32.61
CA LYS B 558 12.71 -23.71 -31.51
C LYS B 558 13.57 -22.56 -31.99
N GLN B 559 14.29 -22.75 -33.11
CA GLN B 559 15.12 -21.68 -33.66
C GLN B 559 14.28 -20.46 -34.00
N MET B 560 13.09 -20.67 -34.55
CA MET B 560 12.21 -19.55 -34.87
C MET B 560 11.78 -18.79 -33.63
N LEU B 561 11.79 -19.43 -32.46
CA LEU B 561 11.47 -18.77 -31.21
C LEU B 561 12.69 -18.18 -30.52
N MET B 562 13.87 -18.75 -30.75
CA MET B 562 15.09 -18.24 -30.10
C MET B 562 15.60 -16.98 -30.78
N THR B 563 15.54 -16.94 -32.12
CA THR B 563 16.01 -15.76 -32.84
C THR B 563 15.19 -14.53 -32.47
N ARG B 564 13.86 -14.67 -32.37
CA ARG B 564 13.03 -13.55 -31.98
C ARG B 564 13.34 -13.12 -30.55
N GLY B 565 13.56 -14.08 -29.66
CA GLY B 565 13.84 -13.74 -28.27
C GLY B 565 15.21 -13.13 -28.07
N SER B 566 16.19 -13.58 -28.85
CA SER B 566 17.55 -13.06 -28.69
C SER B 566 17.72 -11.68 -29.31
N LEU B 567 16.98 -11.38 -30.39
CA LEU B 567 17.12 -10.09 -31.04
C LEU B 567 16.39 -8.98 -30.30
N THR B 568 15.25 -9.29 -29.67
CA THR B 568 14.56 -8.28 -28.88
C THR B 568 15.41 -7.82 -27.70
N THR B 569 16.07 -8.76 -27.03
CA THR B 569 16.95 -8.39 -25.93
C THR B 569 18.17 -7.61 -26.42
N PHE B 570 18.70 -7.99 -27.58
CA PHE B 570 19.84 -7.28 -28.14
C PHE B 570 19.44 -5.90 -28.64
N SER B 571 18.28 -5.78 -29.28
CA SER B 571 17.87 -4.51 -29.86
C SER B 571 17.48 -3.50 -28.78
N ILE B 572 16.75 -3.94 -27.76
CA ILE B 572 16.31 -3.03 -26.72
C ILE B 572 17.50 -2.57 -25.87
N ALA B 573 18.46 -3.45 -25.64
CA ALA B 573 19.63 -3.08 -24.85
C ALA B 573 20.49 -2.02 -25.53
N ASN B 574 20.30 -1.82 -26.85
CA ASN B 574 21.05 -0.77 -27.55
C ASN B 574 20.62 0.62 -27.11
N ASP B 575 19.38 0.77 -26.62
CA ASP B 575 18.83 2.10 -26.34
C ASP B 575 19.60 2.86 -25.26
N VAL B 576 20.41 2.17 -24.46
CA VAL B 576 21.18 2.86 -23.43
C VAL B 576 22.27 3.73 -24.07
N ALA B 577 23.03 3.15 -25.00
CA ALA B 577 24.06 3.91 -25.69
C ALA B 577 23.46 4.94 -26.65
N LYS B 578 22.30 4.62 -27.24
CA LYS B 578 21.68 5.54 -28.18
C LYS B 578 21.19 6.81 -27.50
N TYR B 579 20.85 6.72 -26.21
CA TYR B 579 20.47 7.92 -25.47
C TYR B 579 21.68 8.77 -25.13
N PHE B 580 22.80 8.14 -24.80
CA PHE B 580 24.03 8.88 -24.52
C PHE B 580 24.67 9.49 -25.76
N ALA B 581 24.12 9.23 -26.95
CA ALA B 581 24.65 9.80 -28.18
C ALA B 581 23.81 10.96 -28.71
N ILE B 582 22.50 10.97 -28.44
CA ILE B 582 21.62 11.99 -28.98
C ILE B 582 21.19 13.01 -27.93
N ILE B 583 21.00 12.61 -26.68
CA ILE B 583 20.58 13.56 -25.64
C ILE B 583 21.58 14.70 -25.47
N PRO B 584 22.89 14.45 -25.30
CA PRO B 584 23.83 15.58 -25.19
C PRO B 584 24.03 16.33 -26.51
N ALA B 585 23.75 15.70 -27.65
CA ALA B 585 23.96 16.32 -28.95
C ALA B 585 22.77 17.17 -29.38
N ALA B 586 21.56 16.62 -29.29
CA ALA B 586 20.37 17.35 -29.72
C ALA B 586 20.08 18.56 -28.84
N PHE B 587 20.52 18.55 -27.59
CA PHE B 587 20.27 19.64 -26.66
C PHE B 587 21.50 20.52 -26.44
N ALA B 588 22.56 20.34 -27.23
CA ALA B 588 23.75 21.16 -27.09
C ALA B 588 23.49 22.62 -27.42
N ALA B 589 22.54 22.89 -28.31
CA ALA B 589 22.21 24.25 -28.70
C ALA B 589 21.18 24.90 -27.79
N THR B 590 20.57 24.14 -26.88
CA THR B 590 19.58 24.65 -25.95
C THR B 590 20.06 24.66 -24.51
N TYR B 591 20.72 23.61 -24.07
CA TYR B 591 21.33 23.55 -22.74
C TYR B 591 22.71 22.95 -22.88
N PRO B 592 23.73 23.77 -23.12
CA PRO B 592 25.07 23.23 -23.36
C PRO B 592 25.70 22.51 -22.17
N GLN B 593 25.17 22.71 -20.96
CA GLN B 593 25.72 22.01 -19.80
C GLN B 593 25.47 20.50 -19.88
N LEU B 594 24.56 20.06 -20.73
CA LEU B 594 24.32 18.63 -20.93
C LEU B 594 25.44 17.93 -21.71
N ASN B 595 26.48 18.66 -22.10
CA ASN B 595 27.61 18.03 -22.77
C ASN B 595 28.39 17.09 -21.85
N ALA B 596 28.21 17.22 -20.53
CA ALA B 596 28.88 16.31 -19.61
C ALA B 596 28.36 14.88 -19.75
N LEU B 597 27.11 14.73 -20.19
CA LEU B 597 26.53 13.39 -20.38
C LEU B 597 27.08 12.69 -21.61
N ASN B 598 27.84 13.38 -22.46
CA ASN B 598 28.43 12.77 -23.65
C ASN B 598 29.63 11.94 -23.22
N ILE B 599 29.34 10.72 -22.76
CA ILE B 599 30.37 9.85 -22.20
C ILE B 599 31.31 9.37 -23.30
N MET B 600 30.78 9.09 -24.50
CA MET B 600 31.59 8.56 -25.58
C MET B 600 32.56 9.58 -26.17
N CYS B 601 32.49 10.85 -25.74
CA CYS B 601 33.37 11.91 -26.24
C CYS B 601 33.30 12.01 -27.75
N LEU B 602 32.08 12.16 -28.26
CA LEU B 602 31.87 12.28 -29.69
C LEU B 602 32.32 13.66 -30.18
N HIS B 603 32.75 13.71 -31.43
CA HIS B 603 33.46 14.88 -31.94
C HIS B 603 32.58 16.13 -31.92
N SER B 604 31.49 16.11 -32.67
CA SER B 604 30.60 17.25 -32.79
C SER B 604 29.16 16.76 -32.65
N PRO B 605 28.24 17.63 -32.25
CA PRO B 605 26.83 17.21 -32.16
C PRO B 605 26.26 16.69 -33.47
N ASP B 606 26.63 17.31 -34.60
CA ASP B 606 26.15 16.80 -35.88
C ASP B 606 26.80 15.48 -36.24
N SER B 607 28.03 15.24 -35.78
CA SER B 607 28.66 13.94 -36.01
C SER B 607 28.11 12.87 -35.09
N ALA B 608 27.63 13.25 -33.91
CA ALA B 608 27.02 12.30 -33.00
C ALA B 608 25.74 11.72 -33.58
N ILE B 609 24.87 12.58 -34.11
CA ILE B 609 23.61 12.12 -34.66
C ILE B 609 23.82 11.32 -35.95
N LEU B 610 24.82 11.72 -36.74
CA LEU B 610 25.15 10.96 -37.95
C LEU B 610 25.61 9.55 -37.61
N SER B 611 26.47 9.42 -36.60
CA SER B 611 26.96 8.10 -36.22
C SER B 611 25.86 7.22 -35.67
N ALA B 612 24.86 7.80 -34.99
CA ALA B 612 23.76 7.01 -34.48
C ALA B 612 22.84 6.53 -35.60
N VAL B 613 22.65 7.35 -36.64
CA VAL B 613 21.82 6.95 -37.76
C VAL B 613 22.54 5.90 -38.60
N ILE B 614 23.85 6.05 -38.77
CA ILE B 614 24.62 5.07 -39.55
C ILE B 614 24.64 3.72 -38.84
N PHE B 615 24.82 3.73 -37.51
CA PHE B 615 24.76 2.49 -36.76
C PHE B 615 23.35 1.90 -36.75
N ASN B 616 22.33 2.75 -36.76
CA ASN B 616 20.95 2.28 -36.83
C ASN B 616 20.62 1.64 -38.16
N ALA B 617 21.47 1.83 -39.18
CA ALA B 617 21.30 1.23 -40.49
C ALA B 617 22.27 0.09 -40.75
N LEU B 618 23.52 0.19 -40.27
CA LEU B 618 24.50 -0.85 -40.50
C LEU B 618 24.29 -2.07 -39.62
N ILE B 619 23.62 -1.91 -38.48
CA ILE B 619 23.38 -3.05 -37.59
C ILE B 619 22.37 -4.01 -38.20
N ILE B 620 21.53 -3.54 -39.12
CA ILE B 620 20.56 -4.43 -39.77
C ILE B 620 21.26 -5.40 -40.70
N VAL B 621 22.23 -4.91 -41.49
CA VAL B 621 22.95 -5.77 -42.41
C VAL B 621 23.79 -6.79 -41.65
N PHE B 622 24.42 -6.36 -40.56
CA PHE B 622 25.27 -7.26 -39.79
C PHE B 622 24.48 -8.37 -39.10
N LEU B 623 23.18 -8.18 -38.89
CA LEU B 623 22.33 -9.17 -38.23
C LEU B 623 21.44 -9.94 -39.20
N ILE B 624 21.51 -9.64 -40.50
CA ILE B 624 20.73 -10.41 -41.47
C ILE B 624 21.12 -11.89 -41.51
N PRO B 625 22.40 -12.26 -41.58
CA PRO B 625 22.74 -13.68 -41.56
C PRO B 625 22.34 -14.37 -40.26
N LEU B 626 22.39 -13.67 -39.12
CA LEU B 626 21.96 -14.27 -37.86
C LEU B 626 20.46 -14.50 -37.85
N ALA B 627 19.69 -13.57 -38.42
CA ALA B 627 18.24 -13.69 -38.39
C ALA B 627 17.74 -14.80 -39.31
N LEU B 628 18.43 -15.03 -40.43
CA LEU B 628 17.98 -16.01 -41.41
C LEU B 628 18.55 -17.41 -41.16
N LYS B 629 19.82 -17.50 -40.75
CA LYS B 629 20.40 -18.81 -40.46
C LYS B 629 19.83 -19.39 -39.17
N GLY B 630 19.68 -18.56 -38.16
CA GLY B 630 19.15 -18.99 -36.88
C GLY B 630 20.20 -18.92 -35.77
N VAL B 631 19.71 -18.85 -34.54
CA VAL B 631 20.56 -18.77 -33.37
C VAL B 631 20.95 -20.17 -32.93
N SER B 632 22.26 -20.40 -32.76
CA SER B 632 22.76 -21.70 -32.31
C SER B 632 22.81 -21.69 -30.78
N TYR B 633 21.64 -21.89 -30.18
CA TYR B 633 21.51 -21.89 -28.74
C TYR B 633 22.05 -23.19 -28.15
N LYS B 634 22.22 -23.21 -26.83
CA LYS B 634 22.69 -24.38 -26.12
C LYS B 634 21.57 -24.99 -25.28
N PRO B 635 21.55 -26.31 -25.12
CA PRO B 635 20.48 -26.95 -24.33
C PRO B 635 20.56 -26.62 -22.85
N LEU B 636 19.56 -25.89 -22.35
CA LEU B 636 19.53 -25.48 -20.95
C LEU B 636 18.08 -25.48 -20.48
N THR B 637 17.90 -25.40 -19.17
CA THR B 637 16.57 -25.31 -18.58
C THR B 637 16.02 -23.90 -18.80
N ALA B 638 14.85 -23.63 -18.21
CA ALA B 638 14.21 -22.33 -18.42
C ALA B 638 14.97 -21.22 -17.72
N SER B 639 15.12 -21.33 -16.39
CA SER B 639 15.78 -20.26 -15.63
C SER B 639 17.25 -20.13 -16.01
N ALA B 640 17.91 -21.25 -16.34
CA ALA B 640 19.31 -21.18 -16.73
C ALA B 640 19.47 -20.47 -18.07
N MET B 641 18.54 -20.69 -19.00
CA MET B 641 18.62 -20.02 -20.30
C MET B 641 18.27 -18.54 -20.19
N LEU B 642 17.40 -18.18 -19.23
CA LEU B 642 17.08 -16.76 -19.02
C LEU B 642 18.34 -15.99 -18.63
N ARG B 643 19.21 -16.61 -17.85
CA ARG B 643 20.45 -15.94 -17.45
C ARG B 643 21.41 -15.83 -18.61
N ARG B 644 21.62 -16.93 -19.35
CA ARG B 644 22.55 -16.91 -20.47
C ARG B 644 22.07 -15.98 -21.58
N ASN B 645 20.76 -15.89 -21.78
CA ASN B 645 20.23 -14.97 -22.79
C ASN B 645 20.43 -13.52 -22.37
N LEU B 646 20.49 -13.27 -21.06
CA LEU B 646 20.75 -11.91 -20.57
C LEU B 646 22.24 -11.59 -20.55
N TRP B 647 23.10 -12.61 -20.45
CA TRP B 647 24.54 -12.36 -20.44
C TRP B 647 25.06 -12.07 -21.84
N ILE B 648 24.70 -12.90 -22.81
CA ILE B 648 25.26 -12.74 -24.16
C ILE B 648 24.56 -11.60 -24.89
N TYR B 649 23.23 -11.60 -24.91
CA TYR B 649 22.48 -10.62 -25.68
C TYR B 649 22.11 -9.38 -24.89
N GLY B 650 22.31 -9.38 -23.57
CA GLY B 650 22.10 -8.20 -22.77
C GLY B 650 23.33 -7.34 -22.69
N LEU B 651 24.45 -7.94 -22.27
CA LEU B 651 25.73 -7.22 -22.30
C LEU B 651 26.17 -6.94 -23.73
N GLY B 652 26.02 -7.93 -24.62
CA GLY B 652 26.31 -7.68 -26.03
C GLY B 652 25.47 -6.56 -26.61
N GLY B 653 24.19 -6.51 -26.24
CA GLY B 653 23.35 -5.39 -26.62
C GLY B 653 23.70 -4.09 -25.94
N LEU B 654 24.52 -4.12 -24.89
CA LEU B 654 24.94 -2.92 -24.19
C LEU B 654 26.27 -2.39 -24.69
N LEU B 655 27.23 -3.27 -24.98
CA LEU B 655 28.58 -2.86 -25.33
C LEU B 655 28.78 -2.66 -26.82
N VAL B 656 28.07 -3.40 -27.66
CA VAL B 656 28.21 -3.24 -29.12
C VAL B 656 27.83 -1.83 -29.58
N PRO B 657 26.70 -1.25 -29.14
CA PRO B 657 26.41 0.13 -29.58
C PRO B 657 27.42 1.14 -29.08
N PHE B 658 27.99 0.94 -27.89
CA PHE B 658 29.04 1.85 -27.42
C PHE B 658 30.25 1.82 -28.34
N ILE B 659 30.75 0.62 -28.65
CA ILE B 659 31.90 0.51 -29.54
C ILE B 659 31.52 0.89 -30.97
N GLY B 660 30.27 0.61 -31.38
CA GLY B 660 29.87 0.88 -32.74
C GLY B 660 29.75 2.36 -33.05
N ILE B 661 29.23 3.14 -32.12
CA ILE B 661 29.08 4.58 -32.35
C ILE B 661 30.45 5.26 -32.40
N LYS B 662 31.38 4.81 -31.55
CA LYS B 662 32.71 5.42 -31.52
C LYS B 662 33.43 5.23 -32.85
N VAL B 663 33.48 3.99 -33.35
CA VAL B 663 34.21 3.72 -34.58
C VAL B 663 33.61 4.48 -35.75
N ILE B 664 32.28 4.55 -35.82
CA ILE B 664 31.64 5.32 -36.89
C ILE B 664 31.94 6.80 -36.75
N ASP B 665 31.99 7.30 -35.51
CA ASP B 665 32.30 8.72 -35.31
C ASP B 665 33.78 8.99 -35.59
N LEU B 666 34.67 8.08 -35.18
CA LEU B 666 36.09 8.27 -35.44
C LEU B 666 36.38 8.21 -36.94
N LEU B 667 35.67 7.37 -37.67
CA LEU B 667 35.85 7.31 -39.12
C LEU B 667 35.39 8.61 -39.79
N LEU B 668 34.33 9.21 -39.28
CA LEU B 668 33.90 10.51 -39.78
C LEU B 668 34.93 11.60 -39.47
N THR B 669 35.62 11.48 -38.34
CA THR B 669 36.64 12.46 -37.97
C THR B 669 37.91 12.26 -38.78
N VAL B 670 38.37 11.00 -38.92
CA VAL B 670 39.58 10.73 -39.68
C VAL B 670 39.39 11.10 -41.14
N CYS B 671 38.26 10.68 -41.73
CA CYS B 671 37.98 11.04 -43.12
C CYS B 671 37.65 12.52 -43.27
N GLY B 672 37.28 13.20 -42.19
CA GLY B 672 36.97 14.61 -42.28
C GLY B 672 35.75 14.95 -43.10
N LEU B 673 34.75 14.06 -43.12
CA LEU B 673 33.55 14.31 -43.91
C LEU B 673 32.73 15.45 -43.33
N VAL B 674 32.39 15.38 -42.05
CA VAL B 674 31.64 16.43 -41.39
C VAL B 674 32.33 16.82 -40.08
N LEU C 1 -30.26 -0.75 -9.01
CA LEU C 1 -29.76 0.56 -8.62
C LEU C 1 -30.06 0.86 -7.17
N ARG C 2 -30.94 0.06 -6.57
CA ARG C 2 -31.27 0.24 -5.16
C ARG C 2 -30.08 0.00 -4.24
N PRO C 3 -29.28 -1.07 -4.39
CA PRO C 3 -28.08 -1.20 -3.55
C PRO C 3 -27.01 -0.16 -3.86
N ALA C 4 -26.98 0.39 -5.07
CA ALA C 4 -25.99 1.41 -5.41
C ALA C 4 -26.21 2.68 -4.60
N LEU C 5 -27.41 3.26 -4.69
CA LEU C 5 -27.70 4.49 -3.97
C LEU C 5 -27.73 4.29 -2.46
N SER C 6 -28.14 3.10 -2.01
CA SER C 6 -28.23 2.86 -0.57
C SER C 6 -26.85 2.75 0.05
N THR C 7 -25.92 2.05 -0.61
CA THR C 7 -24.56 1.97 -0.10
C THR C 7 -23.90 3.35 -0.07
N PHE C 8 -24.16 4.15 -1.11
CA PHE C 8 -23.59 5.50 -1.16
C PHE C 8 -24.13 6.36 -0.03
N ILE C 9 -25.45 6.36 0.16
CA ILE C 9 -26.05 7.23 1.17
C ILE C 9 -25.69 6.77 2.57
N PHE C 10 -25.59 5.46 2.79
CA PHE C 10 -25.22 4.96 4.11
C PHE C 10 -23.80 5.37 4.48
N LEU C 11 -22.85 5.14 3.58
CA LEU C 11 -21.46 5.53 3.85
C LEU C 11 -21.32 7.05 3.94
N LEU C 12 -22.13 7.78 3.17
CA LEU C 12 -22.09 9.24 3.24
C LEU C 12 -22.53 9.74 4.61
N LEU C 13 -23.46 9.03 5.26
CA LEU C 13 -23.90 9.43 6.59
C LEU C 13 -22.94 8.95 7.68
N ILE C 14 -22.27 7.82 7.47
CA ILE C 14 -21.33 7.32 8.46
C ILE C 14 -20.03 8.12 8.43
N THR C 15 -19.42 8.25 7.25
CA THR C 15 -18.14 8.94 7.13
C THR C 15 -18.30 10.45 7.23
N GLY C 16 -19.42 10.99 6.77
CA GLY C 16 -19.65 12.43 6.83
C GLY C 16 -20.41 12.91 8.04
N GLY C 17 -21.01 12.01 8.80
CA GLY C 17 -21.75 12.40 9.98
C GLY C 17 -21.28 11.69 11.24
N VAL C 18 -21.36 10.36 11.25
CA VAL C 18 -21.03 9.60 12.44
C VAL C 18 -19.53 9.69 12.75
N TYR C 19 -18.69 9.58 11.72
CA TYR C 19 -17.25 9.60 11.95
C TYR C 19 -16.76 10.96 12.47
N PRO C 20 -17.15 12.10 11.89
CA PRO C 20 -16.69 13.37 12.48
C PRO C 20 -17.28 13.65 13.84
N LEU C 21 -18.57 13.33 14.07
CA LEU C 21 -19.16 13.60 15.37
C LEU C 21 -18.51 12.74 16.46
N LEU C 22 -18.15 11.50 16.13
CA LEU C 22 -17.55 10.62 17.12
C LEU C 22 -16.15 11.10 17.50
N THR C 23 -15.36 11.51 16.50
CA THR C 23 -14.02 12.03 16.79
C THR C 23 -14.09 13.35 17.55
N THR C 24 -15.05 14.20 17.21
CA THR C 24 -15.17 15.50 17.88
C THR C 24 -15.59 15.34 19.33
N VAL C 25 -16.58 14.48 19.59
CA VAL C 25 -17.03 14.26 20.96
C VAL C 25 -15.92 13.64 21.79
N LEU C 26 -15.28 12.59 21.28
CA LEU C 26 -14.17 11.97 21.99
C LEU C 26 -12.98 12.90 22.10
N GLY C 27 -12.79 13.78 21.11
CA GLY C 27 -11.66 14.70 21.16
C GLY C 27 -11.83 15.74 22.25
N GLN C 28 -12.97 16.43 22.27
CA GLN C 28 -13.24 17.41 23.31
C GLN C 28 -13.33 16.78 24.70
N TRP C 29 -13.57 15.46 24.77
CA TRP C 29 -13.68 14.80 26.06
C TRP C 29 -12.31 14.49 26.67
N TRP C 30 -11.46 13.76 25.92
CA TRP C 30 -10.18 13.36 26.46
C TRP C 30 -9.16 14.49 26.41
N PHE C 31 -9.04 15.15 25.26
CA PHE C 31 -8.03 16.18 25.02
C PHE C 31 -8.74 17.46 24.59
N PRO C 32 -9.37 18.18 25.52
CA PRO C 32 -10.12 19.37 25.12
C PRO C 32 -9.25 20.53 24.71
N TRP C 33 -8.13 20.74 25.41
CA TRP C 33 -7.27 21.88 25.10
C TRP C 33 -6.65 21.75 23.71
N GLN C 34 -6.10 20.58 23.40
CA GLN C 34 -5.47 20.38 22.10
C GLN C 34 -6.49 20.45 20.96
N ALA C 35 -7.70 19.95 21.21
CA ALA C 35 -8.71 19.93 20.16
C ALA C 35 -9.20 21.33 19.80
N ASN C 36 -9.08 22.30 20.71
CA ASN C 36 -9.50 23.67 20.46
C ASN C 36 -8.34 24.57 20.05
N GLY C 37 -7.22 23.99 19.61
CA GLY C 37 -6.08 24.75 19.17
C GLY C 37 -4.99 24.94 20.21
N SER C 38 -5.19 24.46 21.44
CA SER C 38 -4.23 24.61 22.52
C SER C 38 -3.85 26.07 22.71
N LEU C 39 -4.87 26.93 22.80
CA LEU C 39 -4.65 28.37 22.89
C LEU C 39 -4.00 28.75 24.21
N ILE C 40 -3.24 29.84 24.19
CA ILE C 40 -2.64 30.43 25.38
C ILE C 40 -3.33 31.76 25.63
N ARG C 41 -3.99 31.87 26.78
CA ARG C 41 -4.75 33.06 27.12
C ARG C 41 -4.27 33.61 28.46
N GLU C 42 -4.23 34.94 28.54
CA GLU C 42 -3.95 35.66 29.78
C GLU C 42 -5.12 36.60 30.03
N GLY C 43 -5.97 36.24 31.00
CA GLY C 43 -7.23 36.94 31.19
C GLY C 43 -8.28 36.45 30.23
N ASP C 44 -8.80 37.35 29.38
CA ASP C 44 -9.75 36.97 28.36
C ASP C 44 -9.20 37.15 26.95
N THR C 45 -8.01 37.71 26.79
CA THR C 45 -7.41 37.92 25.48
C THR C 45 -6.59 36.71 25.08
N VAL C 46 -6.62 36.38 23.79
CA VAL C 46 -5.89 35.23 23.26
C VAL C 46 -4.53 35.71 22.77
N ARG C 47 -3.47 35.33 23.49
CA ARG C 47 -2.12 35.69 23.08
C ARG C 47 -1.60 34.78 21.97
N GLY C 48 -2.14 33.59 21.83
CA GLY C 48 -1.72 32.66 20.80
C GLY C 48 -1.88 31.24 21.27
N SER C 49 -1.11 30.35 20.64
CA SER C 49 -1.08 28.95 21.01
C SER C 49 0.34 28.44 20.86
N ALA C 50 0.59 27.24 21.36
CA ALA C 50 1.92 26.64 21.27
C ALA C 50 2.28 26.21 19.85
N LEU C 51 1.37 26.34 18.89
CA LEU C 51 1.63 25.89 17.53
C LEU C 51 1.44 26.98 16.47
N ILE C 52 1.07 28.18 16.86
CA ILE C 52 0.78 29.23 15.88
C ILE C 52 2.06 29.70 15.19
N GLY C 53 2.98 30.26 15.96
CA GLY C 53 4.13 30.94 15.38
C GLY C 53 3.81 32.39 15.08
N GLN C 54 4.56 33.30 15.69
CA GLN C 54 4.30 34.73 15.59
C GLN C 54 5.49 35.44 14.96
N ASN C 55 5.21 36.60 14.35
CA ASN C 55 6.24 37.41 13.70
C ASN C 55 6.84 38.33 14.74
N PHE C 56 7.92 37.88 15.37
CA PHE C 56 8.60 38.66 16.39
C PHE C 56 9.67 39.52 15.74
N THR C 57 9.57 40.84 15.92
CA THR C 57 10.53 41.79 15.39
C THR C 57 11.21 42.63 16.46
N GLY C 58 10.74 42.59 17.70
CA GLY C 58 11.33 43.40 18.75
C GLY C 58 12.74 42.95 19.10
N ASN C 59 13.48 43.89 19.68
CA ASN C 59 14.88 43.61 20.03
C ASN C 59 14.99 42.73 21.27
N GLY C 60 14.01 42.80 22.16
CA GLY C 60 14.01 42.01 23.38
C GLY C 60 13.46 40.60 23.26
N TYR C 61 12.81 40.29 22.16
CA TYR C 61 12.21 38.98 21.95
C TYR C 61 13.11 38.09 21.11
N PHE C 62 12.91 36.78 21.25
CA PHE C 62 13.57 35.81 20.38
C PHE C 62 12.87 35.77 19.03
N HIS C 63 13.66 35.58 17.98
CA HIS C 63 13.15 35.63 16.62
C HIS C 63 13.08 34.23 16.02
N GLY C 64 12.11 34.03 15.14
CA GLY C 64 11.93 32.78 14.44
C GLY C 64 12.37 32.87 12.99
N ARG C 65 12.21 31.75 12.28
CA ARG C 65 12.57 31.68 10.88
C ARG C 65 11.70 32.62 10.05
N PRO C 66 12.17 33.02 8.87
CA PRO C 66 11.33 33.82 7.97
C PRO C 66 10.07 33.05 7.57
N SER C 67 8.98 33.79 7.41
CA SER C 67 7.65 33.22 7.23
C SER C 67 7.32 32.96 5.76
N ALA C 68 7.42 33.99 4.92
CA ALA C 68 7.18 33.91 3.48
C ALA C 68 5.74 33.57 3.14
N THR C 69 4.78 34.04 3.94
CA THR C 69 3.37 33.84 3.66
C THR C 69 2.91 34.79 2.56
N ALA C 70 1.59 34.90 2.38
CA ALA C 70 1.05 35.70 1.28
C ALA C 70 1.15 37.20 1.54
N GLU C 71 0.34 37.70 2.49
CA GLU C 71 0.27 39.14 2.74
C GLU C 71 1.27 39.57 3.80
N MET C 72 1.06 39.11 5.04
CA MET C 72 1.92 39.45 6.16
C MET C 72 2.65 38.22 6.66
N PRO C 73 3.85 38.38 7.22
CA PRO C 73 4.57 37.21 7.76
C PRO C 73 3.82 36.59 8.93
N TYR C 74 3.80 35.26 8.95
CA TYR C 74 3.11 34.48 9.99
C TYR C 74 1.62 34.78 9.99
N ASN C 75 1.01 34.68 8.80
CA ASN C 75 -0.43 34.88 8.65
C ASN C 75 -1.10 33.52 8.62
N PRO C 76 -1.83 33.13 9.67
CA PRO C 76 -2.52 31.82 9.64
C PRO C 76 -3.59 31.72 8.56
N GLN C 77 -3.97 32.83 7.94
CA GLN C 77 -4.96 32.82 6.86
C GLN C 77 -4.36 32.47 5.50
N ALA C 78 -3.04 32.24 5.43
CA ALA C 78 -2.38 31.90 4.19
C ALA C 78 -1.75 30.51 4.25
N SER C 79 -0.88 30.25 5.22
CA SER C 79 -0.21 28.96 5.40
C SER C 79 0.46 28.50 4.10
N GLY C 80 1.50 29.23 3.73
CA GLY C 80 2.27 28.94 2.53
C GLY C 80 3.75 28.93 2.81
N GLY C 81 4.51 28.64 1.75
CA GLY C 81 5.95 28.63 1.84
C GLY C 81 6.56 29.32 0.64
N SER C 82 7.87 29.58 0.74
CA SER C 82 8.62 30.15 -0.36
C SER C 82 9.00 29.04 -1.32
N ASN C 83 8.33 28.97 -2.46
CA ASN C 83 8.60 27.94 -3.46
C ASN C 83 9.74 28.31 -4.39
N LEU C 84 10.78 28.94 -3.86
CA LEU C 84 11.94 29.34 -4.65
C LEU C 84 12.95 28.22 -4.69
N ALA C 85 13.52 27.99 -5.87
CA ALA C 85 14.47 26.92 -6.07
C ALA C 85 15.88 27.38 -5.72
N VAL C 86 16.81 26.41 -5.70
CA VAL C 86 18.22 26.75 -5.51
C VAL C 86 18.75 27.49 -6.73
N SER C 87 18.31 27.10 -7.93
CA SER C 87 18.71 27.77 -9.15
C SER C 87 18.06 29.14 -9.31
N ASN C 88 17.11 29.49 -8.46
CA ASN C 88 16.47 30.79 -8.54
C ASN C 88 17.40 31.88 -8.03
N PRO C 89 17.63 32.95 -8.79
CA PRO C 89 18.55 34.00 -8.32
C PRO C 89 17.97 34.85 -7.22
N GLU C 90 16.65 34.96 -7.10
CA GLU C 90 16.06 35.78 -6.05
C GLU C 90 16.26 35.18 -4.66
N LEU C 91 16.49 33.87 -4.58
CA LEU C 91 16.74 33.26 -3.27
C LEU C 91 18.08 33.69 -2.71
N ASP C 92 19.12 33.78 -3.56
CA ASP C 92 20.43 34.21 -3.10
C ASP C 92 20.38 35.61 -2.51
N LYS C 93 19.63 36.52 -3.16
CA LYS C 93 19.48 37.87 -2.61
C LYS C 93 18.74 37.85 -1.28
N LEU C 94 17.73 36.98 -1.16
CA LEU C 94 17.00 36.89 0.10
C LEU C 94 17.88 36.32 1.21
N ILE C 95 18.75 35.38 0.87
CA ILE C 95 19.65 34.81 1.87
C ILE C 95 20.66 35.85 2.32
N ALA C 96 21.29 36.53 1.37
CA ALA C 96 22.28 37.55 1.70
C ALA C 96 21.64 38.70 2.49
N ALA C 97 20.38 39.04 2.16
CA ALA C 97 19.69 40.10 2.88
C ALA C 97 19.46 39.71 4.34
N ARG C 98 19.08 38.45 4.58
CA ARG C 98 18.82 38.01 5.95
C ARG C 98 20.12 37.82 6.73
N VAL C 99 21.17 37.31 6.07
CA VAL C 99 22.45 37.14 6.76
C VAL C 99 23.00 38.50 7.20
N ALA C 100 22.95 39.48 6.31
CA ALA C 100 23.46 40.81 6.65
C ALA C 100 22.60 41.46 7.73
N ALA C 101 21.27 41.32 7.64
CA ALA C 101 20.40 41.95 8.62
C ALA C 101 20.51 41.30 10.00
N LEU C 102 20.73 39.98 10.04
CA LEU C 102 20.84 39.31 11.34
C LEU C 102 22.19 39.60 11.98
N ARG C 103 23.25 39.71 11.19
CA ARG C 103 24.55 40.09 11.74
C ARG C 103 24.53 41.51 12.28
N ALA C 104 23.79 42.41 11.62
CA ALA C 104 23.68 43.78 12.11
C ALA C 104 22.93 43.84 13.43
N ALA C 105 21.86 43.05 13.56
CA ALA C 105 21.05 43.03 14.78
C ALA C 105 21.71 42.26 15.91
N ASN C 106 22.59 41.30 15.58
CA ASN C 106 23.32 40.50 16.57
C ASN C 106 24.80 40.71 16.36
N PRO C 107 25.35 41.86 16.81
CA PRO C 107 26.77 42.13 16.59
C PRO C 107 27.68 41.35 17.53
N ASP C 108 27.22 41.15 18.78
CA ASP C 108 28.00 40.43 19.78
C ASP C 108 27.75 38.92 19.74
N ALA C 109 27.49 38.36 18.57
CA ALA C 109 27.31 36.93 18.38
C ALA C 109 28.21 36.47 17.25
N SER C 110 28.23 35.16 17.02
CA SER C 110 29.07 34.60 15.97
C SER C 110 28.60 35.09 14.60
N ALA C 111 29.56 35.28 13.69
CA ALA C 111 29.23 35.73 12.35
C ALA C 111 28.51 34.66 11.55
N SER C 112 28.74 33.38 11.87
CA SER C 112 28.04 32.30 11.19
C SER C 112 26.58 32.26 11.65
N VAL C 113 25.67 32.50 10.72
CA VAL C 113 24.24 32.53 11.02
C VAL C 113 23.70 31.11 10.92
N PRO C 114 22.92 30.64 11.90
CA PRO C 114 22.30 29.31 11.76
C PRO C 114 21.34 29.28 10.58
N VAL C 115 21.40 28.19 9.82
CA VAL C 115 20.66 28.11 8.57
C VAL C 115 19.16 28.21 8.77
N GLU C 116 18.67 27.86 9.96
CA GLU C 116 17.24 27.99 10.23
C GLU C 116 16.79 29.44 10.17
N LEU C 117 17.58 30.35 10.76
CA LEU C 117 17.19 31.75 10.84
C LEU C 117 17.30 32.48 9.50
N VAL C 118 17.91 31.87 8.49
CA VAL C 118 18.01 32.48 7.18
C VAL C 118 17.10 31.82 6.14
N THR C 119 16.76 30.55 6.31
CA THR C 119 15.87 29.86 5.39
C THR C 119 14.44 29.93 5.89
N ALA C 120 13.51 30.13 4.97
CA ALA C 120 12.10 30.17 5.34
C ALA C 120 11.62 28.76 5.70
N SER C 121 10.41 28.69 6.26
CA SER C 121 9.81 27.43 6.62
C SER C 121 8.84 26.98 5.52
N ALA C 122 8.45 25.70 5.60
CA ALA C 122 7.52 25.15 4.61
C ALA C 122 6.09 25.62 4.88
N SER C 123 5.66 25.59 6.14
CA SER C 123 4.28 25.95 6.47
C SER C 123 4.09 27.46 6.52
N GLY C 124 5.14 28.22 6.84
CA GLY C 124 5.01 29.64 7.07
C GLY C 124 4.50 30.01 8.45
N LEU C 125 4.10 29.03 9.25
CA LEU C 125 3.64 29.25 10.62
C LEU C 125 4.54 28.51 11.62
N ASP C 126 5.81 28.32 11.26
CA ASP C 126 6.73 27.57 12.11
C ASP C 126 7.01 28.33 13.40
N ASN C 127 6.83 27.64 14.53
CA ASN C 127 7.06 28.22 15.86
C ASN C 127 8.24 27.54 16.56
N ASN C 128 9.20 27.03 15.80
CA ASN C 128 10.24 26.18 16.34
C ASN C 128 11.60 26.58 15.79
N ILE C 129 12.62 26.49 16.65
CA ILE C 129 14.02 26.65 16.27
C ILE C 129 14.85 25.74 17.15
N THR C 130 15.96 25.24 16.59
CA THR C 130 16.85 24.38 17.36
C THR C 130 17.40 25.13 18.57
N PRO C 131 17.65 24.43 19.68
CA PRO C 131 18.13 25.12 20.89
C PRO C 131 19.43 25.89 20.69
N GLN C 132 20.27 25.49 19.73
CA GLN C 132 21.50 26.24 19.47
C GLN C 132 21.19 27.58 18.80
N ALA C 133 20.20 27.60 17.92
CA ALA C 133 19.85 28.86 17.25
C ALA C 133 19.16 29.83 18.21
N ALA C 134 18.52 29.31 19.26
CA ALA C 134 17.96 30.19 20.27
C ALA C 134 19.05 30.76 21.17
N ALA C 135 20.14 30.01 21.36
CA ALA C 135 21.27 30.52 22.14
C ALA C 135 22.15 31.47 21.34
N TRP C 136 22.07 31.42 20.00
CA TRP C 136 22.86 32.32 19.17
C TRP C 136 22.43 33.76 19.34
N GLN C 137 21.17 34.00 19.69
CA GLN C 137 20.63 35.34 19.90
C GLN C 137 20.52 35.69 21.38
N ILE C 138 21.20 34.96 22.26
CA ILE C 138 21.17 35.28 23.69
C ILE C 138 21.76 36.66 23.98
N PRO C 139 22.95 37.03 23.47
CA PRO C 139 23.51 38.34 23.85
C PRO C 139 22.61 39.51 23.49
N ARG C 140 21.92 39.42 22.34
CA ARG C 140 21.01 40.50 21.97
C ARG C 140 19.85 40.62 22.94
N VAL C 141 19.26 39.48 23.34
CA VAL C 141 18.16 39.50 24.29
C VAL C 141 18.65 39.90 25.68
N ALA C 142 19.86 39.47 26.05
CA ALA C 142 20.39 39.80 27.37
C ALA C 142 20.64 41.30 27.52
N LYS C 143 21.20 41.93 26.48
CA LYS C 143 21.47 43.37 26.55
C LYS C 143 20.18 44.19 26.57
N ALA C 144 19.14 43.73 25.88
CA ALA C 144 17.91 44.49 25.79
C ALA C 144 17.03 44.38 27.03
N ARG C 145 17.18 43.31 27.82
CA ARG C 145 16.36 43.11 29.00
C ARG C 145 17.15 43.03 30.29
N ASN C 146 18.47 43.24 30.23
CA ASN C 146 19.35 43.26 31.41
C ASN C 146 19.34 41.93 32.16
N LEU C 147 18.94 40.84 31.52
CA LEU C 147 18.97 39.52 32.13
C LEU C 147 20.32 38.86 31.87
N SER C 148 20.73 38.00 32.80
CA SER C 148 22.04 37.37 32.70
C SER C 148 22.04 36.28 31.64
N VAL C 149 23.24 35.92 31.20
CA VAL C 149 23.39 34.87 30.20
C VAL C 149 23.09 33.51 30.80
N GLU C 150 23.34 33.35 32.10
CA GLU C 150 23.08 32.07 32.76
C GLU C 150 21.59 31.75 32.78
N GLN C 151 20.80 32.64 33.36
CA GLN C 151 19.36 32.39 33.48
C GLN C 151 18.65 32.45 32.14
N LEU C 152 19.26 33.04 31.12
CA LEU C 152 18.64 33.07 29.80
C LEU C 152 18.79 31.71 29.10
N THR C 153 19.95 31.06 29.26
CA THR C 153 20.11 29.70 28.75
C THR C 153 19.23 28.72 29.50
N GLN C 154 19.13 28.90 30.83
CA GLN C 154 18.28 28.02 31.63
C GLN C 154 16.81 28.17 31.26
N LEU C 155 16.43 29.35 30.77
CA LEU C 155 15.05 29.57 30.35
C LEU C 155 14.76 28.92 28.99
N ILE C 156 15.74 28.90 28.09
CA ILE C 156 15.56 28.26 26.80
C ILE C 156 15.48 26.74 26.96
N ALA C 157 16.40 26.17 27.74
CA ALA C 157 16.41 24.73 27.93
C ALA C 157 15.16 24.24 28.65
N LYS C 158 14.54 25.09 29.48
CA LYS C 158 13.30 24.72 30.14
C LYS C 158 12.17 24.56 29.14
N TYR C 159 12.07 25.45 28.18
CA TYR C 159 11.02 25.43 27.15
C TYR C 159 11.49 24.76 25.87
N SER C 160 12.29 23.70 26.00
CA SER C 160 12.78 22.94 24.85
C SER C 160 12.39 21.47 25.02
N GLN C 161 11.80 20.90 23.98
CA GLN C 161 11.37 19.50 23.98
C GLN C 161 12.19 18.71 22.98
N GLN C 162 12.68 17.56 23.41
CA GLN C 162 13.43 16.64 22.54
C GLN C 162 12.53 15.50 22.08
N PRO C 163 12.64 15.08 20.82
CA PRO C 163 11.84 13.95 20.35
C PRO C 163 12.18 12.68 21.11
N LEU C 164 11.23 11.73 21.06
CA LEU C 164 11.42 10.46 21.75
C LEU C 164 12.67 9.74 21.25
N VAL C 165 12.92 9.80 19.95
CA VAL C 165 14.12 9.23 19.35
C VAL C 165 14.82 10.33 18.56
N LYS C 166 16.14 10.23 18.47
CA LYS C 166 16.93 11.32 17.92
C LYS C 166 16.74 11.46 16.41
N TYR C 167 16.43 10.37 15.71
CA TYR C 167 16.29 10.42 14.25
C TYR C 167 14.85 10.55 13.78
N ILE C 168 13.90 10.72 14.69
CA ILE C 168 12.53 11.03 14.28
C ILE C 168 12.35 12.51 13.99
N GLY C 169 13.20 13.36 14.57
CA GLY C 169 13.15 14.79 14.33
C GLY C 169 14.34 15.51 14.91
N GLN C 170 14.18 16.78 15.23
CA GLN C 170 15.23 17.59 15.85
C GLN C 170 14.70 18.22 17.12
N PRO C 171 15.57 18.44 18.11
CA PRO C 171 15.14 19.16 19.31
C PRO C 171 14.62 20.56 18.95
N VAL C 172 13.56 20.97 19.64
CA VAL C 172 12.78 22.14 19.23
C VAL C 172 12.49 23.00 20.46
N VAL C 173 12.57 24.31 20.26
CA VAL C 173 12.23 25.29 21.30
C VAL C 173 10.91 25.95 20.91
N ASN C 174 10.02 26.10 21.89
CA ASN C 174 8.75 26.79 21.68
C ASN C 174 9.00 28.29 21.78
N ILE C 175 8.86 28.99 20.65
CA ILE C 175 9.21 30.41 20.61
C ILE C 175 8.18 31.24 21.36
N VAL C 176 6.89 30.98 21.12
CA VAL C 176 5.84 31.77 21.76
C VAL C 176 5.86 31.57 23.27
N GLU C 177 6.04 30.33 23.71
CA GLU C 177 6.11 30.07 25.15
C GLU C 177 7.39 30.62 25.76
N LEU C 178 8.48 30.68 25.00
CA LEU C 178 9.72 31.23 25.51
C LEU C 178 9.62 32.75 25.64
N ASN C 179 9.02 33.42 24.66
CA ASN C 179 8.89 34.87 24.72
C ASN C 179 7.91 35.30 25.81
N LEU C 180 6.79 34.58 25.95
CA LEU C 180 5.84 34.91 27.00
C LEU C 180 6.43 34.68 28.38
N ALA C 181 7.21 33.60 28.54
CA ALA C 181 7.90 33.38 29.81
C ALA C 181 8.95 34.44 30.07
N LEU C 182 9.51 35.03 29.01
CA LEU C 182 10.49 36.09 29.18
C LEU C 182 9.86 37.36 29.73
N ASP C 183 8.59 37.61 29.42
CA ASP C 183 7.93 38.81 29.92
C ASP C 183 7.58 38.70 31.39
N LYS C 184 7.11 37.54 31.83
CA LYS C 184 6.84 37.34 33.25
C LYS C 184 8.12 37.32 34.06
N LEU C 185 9.22 36.85 33.47
CA LEU C 185 10.51 36.88 34.16
C LEU C 185 11.06 38.30 34.28
N ASP C 186 10.79 39.15 33.29
CA ASP C 186 11.31 40.52 33.32
C ASP C 186 10.66 41.34 34.43
N GLU C 187 9.41 41.03 34.77
CA GLU C 187 8.73 41.75 35.85
C GLU C 187 9.08 41.15 37.21
N MET D 1 -0.83 30.04 -33.92
CA MET D 1 0.07 28.91 -34.12
C MET D 1 0.67 28.93 -35.53
N SER D 2 1.96 28.61 -35.62
CA SER D 2 2.63 28.61 -36.91
C SER D 2 2.06 27.52 -37.82
N ALA D 3 2.09 27.79 -39.13
CA ALA D 3 1.57 26.83 -40.09
C ALA D 3 2.42 25.56 -40.12
N GLY D 4 3.75 25.71 -40.08
CA GLY D 4 4.62 24.54 -40.06
C GLY D 4 4.51 23.74 -38.79
N VAL D 5 4.22 24.39 -37.67
CA VAL D 5 4.13 23.69 -36.40
C VAL D 5 2.79 22.98 -36.26
N ILE D 6 1.71 23.62 -36.69
CA ILE D 6 0.38 23.02 -36.53
C ILE D 6 0.24 21.79 -37.41
N THR D 7 0.92 21.74 -38.56
CA THR D 7 0.91 20.54 -39.38
C THR D 7 1.69 19.42 -38.71
N GLY D 8 2.80 19.75 -38.04
CA GLY D 8 3.54 18.74 -37.31
C GLY D 8 2.76 18.16 -36.16
N VAL D 9 1.89 18.97 -35.54
CA VAL D 9 1.03 18.46 -34.47
C VAL D 9 -0.02 17.52 -35.04
N LEU D 10 -0.59 17.88 -36.20
CA LEU D 10 -1.56 17.00 -36.84
C LEU D 10 -0.92 15.68 -37.27
N LEU D 11 0.35 15.72 -37.67
CA LEU D 11 1.04 14.50 -38.07
C LEU D 11 1.24 13.56 -36.88
N VAL D 12 1.53 14.12 -35.70
CA VAL D 12 1.72 13.29 -34.51
C VAL D 12 0.42 12.62 -34.11
N PHE D 13 -0.69 13.36 -34.16
CA PHE D 13 -1.98 12.78 -33.78
C PHE D 13 -2.41 11.68 -34.73
N LEU D 14 -2.17 11.85 -36.03
CA LEU D 14 -2.53 10.81 -36.99
C LEU D 14 -1.67 9.57 -36.82
N LEU D 15 -0.39 9.75 -36.46
CA LEU D 15 0.48 8.61 -36.22
C LEU D 15 0.14 7.93 -34.89
N LEU D 16 -0.35 8.68 -33.91
CA LEU D 16 -0.74 8.09 -32.65
C LEU D 16 -1.95 7.17 -32.83
N GLY D 17 -3.01 7.68 -33.46
CA GLY D 17 -4.17 6.85 -33.71
C GLY D 17 -3.88 5.67 -34.62
N TYR D 18 -2.94 5.86 -35.55
CA TYR D 18 -2.53 4.74 -36.42
C TYR D 18 -1.83 3.66 -35.63
N LEU D 19 -1.02 4.04 -34.64
CA LEU D 19 -0.30 3.04 -33.84
C LEU D 19 -1.23 2.38 -32.82
N VAL D 20 -2.11 3.15 -32.18
CA VAL D 20 -3.06 2.56 -31.25
C VAL D 20 -3.99 1.59 -31.97
N TYR D 21 -4.40 1.93 -33.20
CA TYR D 21 -5.20 1.02 -33.99
C TYR D 21 -4.40 -0.22 -34.38
N ALA D 22 -3.11 -0.05 -34.67
CA ALA D 22 -2.28 -1.19 -35.03
C ALA D 22 -2.01 -2.10 -33.84
N LEU D 23 -1.87 -1.53 -32.64
CA LEU D 23 -1.63 -2.36 -31.46
C LEU D 23 -2.85 -3.22 -31.14
N ILE D 24 -4.06 -2.69 -31.36
CA ILE D 24 -5.26 -3.46 -31.09
C ILE D 24 -5.39 -4.63 -32.04
N ASN D 25 -4.91 -4.49 -33.27
CA ASN D 25 -5.05 -5.54 -34.27
C ASN D 25 -3.71 -6.27 -34.47
N ALA D 26 -3.72 -7.24 -35.37
CA ALA D 26 -2.54 -8.04 -35.71
C ALA D 26 -2.34 -7.94 -37.22
N GLU D 27 -1.63 -6.91 -37.65
CA GLU D 27 -1.40 -6.70 -39.08
C GLU D 27 0.06 -6.96 -39.45
N MET E 1 42.42 81.48 1.70
CA MET E 1 43.38 80.39 1.57
C MET E 1 43.05 79.25 2.52
N ALA E 2 43.11 79.53 3.83
CA ALA E 2 42.79 78.51 4.81
C ALA E 2 41.32 78.10 4.72
N ALA E 3 40.44 79.07 4.48
CA ALA E 3 39.02 78.75 4.33
C ALA E 3 38.78 78.00 3.02
N GLN E 4 39.43 78.42 1.93
CA GLN E 4 39.26 77.72 0.66
C GLN E 4 39.91 76.35 0.70
N GLY E 5 41.04 76.21 1.42
CA GLY E 5 41.63 74.90 1.59
C GLY E 5 40.73 73.94 2.33
N PHE E 6 39.92 74.46 3.26
CA PHE E 6 38.95 73.61 3.95
C PHE E 6 37.82 73.20 3.03
N LEU E 7 37.29 74.14 2.23
CA LEU E 7 36.20 73.81 1.33
C LEU E 7 36.63 72.82 0.25
N LEU E 8 37.90 72.88 -0.18
CA LEU E 8 38.38 71.91 -1.15
C LEU E 8 38.42 70.50 -0.57
N ILE E 9 38.76 70.38 0.72
CA ILE E 9 38.77 69.07 1.36
C ILE E 9 37.36 68.58 1.59
N ALA E 10 36.47 69.45 2.07
CA ALA E 10 35.10 69.05 2.36
C ALA E 10 34.36 68.66 1.08
N THR E 11 34.49 69.48 0.03
CA THR E 11 33.82 69.15 -1.23
C THR E 11 34.33 67.85 -1.81
N PHE E 12 35.64 67.59 -1.68
CA PHE E 12 36.20 66.36 -2.22
C PHE E 12 35.70 65.13 -1.45
N LEU E 13 35.69 65.21 -0.12
CA LEU E 13 35.28 64.06 0.68
C LEU E 13 33.77 63.85 0.60
N LEU E 14 33.00 64.93 0.53
CA LEU E 14 31.54 64.80 0.46
C LEU E 14 31.13 64.10 -0.84
N VAL E 15 31.64 64.58 -1.98
CA VAL E 15 31.30 63.96 -3.25
C VAL E 15 31.86 62.54 -3.33
N LEU E 16 33.00 62.29 -2.68
CA LEU E 16 33.59 60.95 -2.69
C LEU E 16 32.69 59.95 -1.97
N MET E 17 32.21 60.30 -0.78
CA MET E 17 31.35 59.39 -0.03
C MET E 17 30.02 59.16 -0.75
N VAL E 18 29.53 60.16 -1.48
CA VAL E 18 28.27 60.02 -2.20
C VAL E 18 28.42 59.03 -3.34
N LEU E 19 29.57 59.04 -4.03
CA LEU E 19 29.74 58.14 -5.17
C LEU E 19 30.22 56.76 -4.73
N ALA E 20 31.08 56.68 -3.73
CA ALA E 20 31.67 55.40 -3.34
C ALA E 20 30.74 54.54 -2.51
N ARG E 21 29.69 55.12 -1.92
CA ARG E 21 28.78 54.32 -1.09
C ARG E 21 27.94 53.35 -1.92
N PRO E 22 27.24 53.77 -2.99
CA PRO E 22 26.50 52.79 -3.79
C PRO E 22 27.39 51.82 -4.54
N LEU E 23 28.57 52.26 -4.99
CA LEU E 23 29.49 51.35 -5.66
C LEU E 23 29.92 50.22 -4.72
N GLY E 24 29.98 50.48 -3.42
CA GLY E 24 30.28 49.43 -2.47
C GLY E 24 29.21 48.36 -2.43
N SER E 25 27.95 48.74 -2.67
CA SER E 25 26.89 47.74 -2.73
C SER E 25 27.05 46.82 -3.93
N GLY E 26 27.39 47.39 -5.09
CA GLY E 26 27.65 46.56 -6.26
C GLY E 26 28.84 45.66 -6.07
N LEU E 27 29.86 46.15 -5.36
CA LEU E 27 31.02 45.31 -5.06
C LEU E 27 30.67 44.23 -4.04
N ALA E 28 29.75 44.52 -3.13
CA ALA E 28 29.32 43.51 -2.17
C ALA E 28 28.67 42.32 -2.87
N ARG E 29 27.91 42.59 -3.94
CA ARG E 29 27.33 41.51 -4.72
C ARG E 29 28.41 40.65 -5.36
N LEU E 30 29.45 41.28 -5.91
CA LEU E 30 30.52 40.53 -6.55
C LEU E 30 31.29 39.69 -5.54
N ILE E 31 31.39 40.15 -4.29
CA ILE E 31 32.02 39.33 -3.26
C ILE E 31 31.14 38.14 -2.92
N ASN E 32 29.82 38.34 -2.89
CA ASN E 32 28.87 37.30 -2.55
C ASN E 32 28.45 36.45 -3.76
N ASP E 33 29.21 36.54 -4.86
CA ASP E 33 28.94 35.77 -6.08
C ASP E 33 27.60 36.09 -6.71
N ILE E 34 26.85 37.03 -6.12
CA ILE E 34 25.55 37.43 -6.65
C ILE E 34 25.79 38.37 -7.82
N PRO E 35 25.35 38.01 -9.03
CA PRO E 35 25.64 38.85 -10.19
C PRO E 35 24.92 40.19 -10.15
N LEU E 36 25.41 41.10 -10.98
CA LEU E 36 24.81 42.42 -11.11
C LEU E 36 23.51 42.32 -11.91
N PRO E 37 22.60 43.29 -11.76
CA PRO E 37 21.27 43.21 -12.41
C PRO E 37 21.28 42.80 -13.88
N GLY E 38 21.92 43.61 -14.73
CA GLY E 38 21.92 43.29 -16.16
C GLY E 38 22.81 42.14 -16.55
N THR E 39 23.75 41.76 -15.68
CA THR E 39 24.76 40.76 -16.01
C THR E 39 24.38 39.39 -15.47
N THR E 40 23.22 38.90 -15.91
CA THR E 40 22.72 37.60 -15.49
C THR E 40 22.83 36.54 -16.59
N GLY E 41 22.37 36.85 -17.79
CA GLY E 41 22.40 35.89 -18.88
C GLY E 41 23.67 35.93 -19.70
N VAL E 42 24.26 37.12 -19.84
CA VAL E 42 25.49 37.26 -20.61
C VAL E 42 26.63 36.46 -19.96
N GLU E 43 26.64 36.39 -18.63
CA GLU E 43 27.70 35.65 -17.94
C GLU E 43 27.69 34.17 -18.33
N ARG E 44 26.50 33.54 -18.33
CA ARG E 44 26.44 32.12 -18.65
C ARG E 44 26.91 31.83 -20.07
N VAL E 45 26.53 32.68 -21.03
CA VAL E 45 26.96 32.46 -22.41
C VAL E 45 28.45 32.71 -22.54
N LEU E 46 28.96 33.75 -21.87
CA LEU E 46 30.37 34.10 -22.00
C LEU E 46 31.27 33.13 -21.24
N PHE E 47 30.88 32.76 -20.01
CA PHE E 47 31.72 31.88 -19.21
C PHE E 47 31.87 30.52 -19.87
N ARG E 48 30.81 30.01 -20.50
CA ARG E 48 30.91 28.75 -21.22
C ARG E 48 31.74 28.90 -22.47
N ALA E 49 31.70 30.06 -23.13
CA ALA E 49 32.53 30.30 -24.31
C ALA E 49 34.00 30.38 -23.93
N LEU E 50 34.31 30.96 -22.78
CA LEU E 50 35.69 31.07 -22.32
C LEU E 50 36.18 29.86 -21.56
N GLY E 51 35.27 29.01 -21.07
CA GLY E 51 35.66 27.85 -20.30
C GLY E 51 35.69 28.04 -18.80
N VAL E 52 35.15 29.15 -18.30
CA VAL E 52 35.12 29.39 -16.87
C VAL E 52 33.96 28.62 -16.26
N SER E 53 34.25 27.77 -15.27
CA SER E 53 33.30 26.79 -14.78
C SER E 53 32.71 27.15 -13.41
N ASP E 54 32.95 28.36 -12.92
CA ASP E 54 32.42 28.82 -11.63
C ASP E 54 32.89 27.95 -10.46
N ARG E 55 33.94 27.16 -10.68
CA ARG E 55 34.41 26.25 -9.64
C ARG E 55 35.02 27.02 -8.47
N GLU E 56 34.82 26.50 -7.27
CA GLU E 56 35.43 27.08 -6.08
C GLU E 56 36.90 26.68 -5.99
N MET E 57 37.73 27.64 -5.59
CA MET E 57 39.17 27.46 -5.56
C MET E 57 39.69 27.69 -4.15
N ASN E 58 40.68 26.90 -3.75
CA ASN E 58 41.37 27.09 -2.49
C ASN E 58 42.41 28.21 -2.62
N TRP E 59 43.04 28.55 -1.50
CA TRP E 59 43.98 29.68 -1.52
C TRP E 59 45.21 29.38 -2.37
N LYS E 60 45.67 28.13 -2.38
CA LYS E 60 46.79 27.76 -3.24
C LYS E 60 46.39 27.83 -4.71
N GLN E 61 45.17 27.43 -5.03
CA GLN E 61 44.69 27.47 -6.41
C GLN E 61 44.35 28.90 -6.82
N TYR E 62 43.73 29.66 -5.93
CA TYR E 62 43.38 31.05 -6.25
C TYR E 62 44.64 31.89 -6.48
N LEU E 63 45.71 31.62 -5.73
CA LEU E 63 46.95 32.37 -5.89
C LEU E 63 47.60 32.07 -7.24
N CYS E 64 47.67 30.80 -7.61
CA CYS E 64 48.30 30.43 -8.88
C CYS E 64 47.50 30.92 -10.08
N ALA E 65 46.24 31.28 -9.89
CA ALA E 65 45.46 31.88 -10.97
C ALA E 65 45.83 33.36 -11.14
N ILE E 66 45.99 34.07 -10.03
CA ILE E 66 46.39 35.47 -10.10
C ILE E 66 47.82 35.59 -10.58
N LEU E 67 48.73 34.79 -10.01
CA LEU E 67 50.12 34.80 -10.45
C LEU E 67 50.25 34.32 -11.88
N GLY E 68 49.39 33.40 -12.32
CA GLY E 68 49.44 32.94 -13.69
C GLY E 68 49.06 34.02 -14.69
N LEU E 69 48.05 34.81 -14.37
CA LEU E 69 47.64 35.88 -15.28
C LEU E 69 48.67 36.99 -15.33
N ASN E 70 49.31 37.29 -14.20
CA ASN E 70 50.28 38.38 -14.16
C ASN E 70 51.58 37.98 -14.86
N MET E 71 52.08 36.77 -14.62
CA MET E 71 53.28 36.32 -15.31
C MET E 71 53.05 36.20 -16.81
N LEU E 72 51.82 35.85 -17.21
CA LEU E 72 51.48 35.87 -18.63
C LEU E 72 51.38 37.31 -19.14
N GLY E 73 51.04 38.26 -18.26
CA GLY E 73 50.91 39.63 -18.69
C GLY E 73 52.24 40.26 -19.09
N LEU E 74 53.24 40.16 -18.20
CA LEU E 74 54.53 40.77 -18.50
C LEU E 74 55.24 40.04 -19.63
N ALA E 75 54.97 38.75 -19.80
CA ALA E 75 55.55 38.02 -20.93
C ALA E 75 55.08 38.60 -22.26
N VAL E 76 53.80 38.95 -22.35
CA VAL E 76 53.29 39.55 -23.57
C VAL E 76 53.77 40.98 -23.71
N LEU E 77 53.79 41.73 -22.61
CA LEU E 77 54.16 43.14 -22.69
C LEU E 77 55.64 43.31 -22.98
N PHE E 78 56.50 42.48 -22.36
CA PHE E 78 57.94 42.60 -22.58
C PHE E 78 58.30 42.38 -24.04
N PHE E 79 57.62 41.44 -24.70
CA PHE E 79 57.89 41.21 -26.12
C PHE E 79 57.19 42.23 -27.01
N MET E 80 56.09 42.82 -26.55
CA MET E 80 55.47 43.90 -27.30
C MET E 80 56.40 45.10 -27.41
N LEU E 81 57.15 45.38 -26.34
CA LEU E 81 58.04 46.53 -26.34
C LEU E 81 59.31 46.26 -27.14
N LEU E 82 59.79 45.01 -27.16
CA LEU E 82 60.95 44.68 -27.99
C LEU E 82 60.60 44.71 -29.47
N GLY E 83 59.43 44.18 -29.83
CA GLY E 83 58.99 44.18 -31.22
C GLY E 83 58.01 45.30 -31.52
N GLN E 84 58.19 46.45 -30.87
CA GLN E 84 57.30 47.57 -31.09
C GLN E 84 57.39 48.10 -32.52
N HIS E 85 58.56 47.98 -33.15
CA HIS E 85 58.73 48.50 -34.51
C HIS E 85 57.91 47.72 -35.52
N TYR E 86 57.60 46.47 -35.23
CA TYR E 86 56.85 45.63 -36.17
C TYR E 86 55.35 45.75 -35.99
N LEU E 87 54.88 46.03 -34.77
CA LEU E 87 53.45 46.18 -34.54
C LEU E 87 52.95 47.48 -35.18
N PRO E 88 51.70 47.50 -35.65
CA PRO E 88 51.20 48.67 -36.37
C PRO E 88 50.90 49.86 -35.47
N LEU E 89 50.13 50.82 -35.98
CA LEU E 89 49.76 52.02 -35.24
C LEU E 89 50.98 52.77 -34.72
N ASN E 90 51.97 52.93 -35.59
CA ASN E 90 53.21 53.62 -35.26
C ASN E 90 53.48 54.68 -36.32
N PRO E 91 52.93 55.89 -36.15
CA PRO E 91 53.20 56.94 -37.16
C PRO E 91 54.67 57.31 -37.24
N GLN E 92 55.29 57.65 -36.12
CA GLN E 92 56.73 57.77 -36.07
C GLN E 92 57.37 56.40 -36.26
N GLN E 93 58.65 56.40 -36.58
CA GLN E 93 59.40 55.15 -36.75
C GLN E 93 60.16 54.79 -35.48
N LEU E 94 59.46 54.77 -34.36
CA LEU E 94 60.08 54.52 -33.08
C LEU E 94 60.60 53.08 -33.02
N PRO E 95 61.84 52.86 -32.63
CA PRO E 95 62.39 51.51 -32.59
C PRO E 95 61.94 50.75 -31.34
N GLY E 96 62.28 49.48 -31.30
CA GLY E 96 61.99 48.67 -30.13
C GLY E 96 62.82 49.12 -28.94
N LEU E 97 62.23 49.04 -27.75
CA LEU E 97 62.91 49.49 -26.55
C LEU E 97 64.06 48.56 -26.21
N SER E 98 65.01 49.09 -25.42
CA SER E 98 66.13 48.28 -24.96
C SER E 98 65.64 47.25 -23.95
N TRP E 99 66.51 46.26 -23.69
CA TRP E 99 66.12 45.17 -22.79
C TRP E 99 65.84 45.66 -21.39
N ASP E 100 66.64 46.63 -20.91
CA ASP E 100 66.44 47.14 -19.55
C ASP E 100 65.21 48.04 -19.46
N LEU E 101 64.96 48.83 -20.51
CA LEU E 101 63.78 49.69 -20.51
C LEU E 101 62.50 48.88 -20.70
N ALA E 102 62.53 47.89 -21.59
CA ALA E 102 61.36 47.05 -21.81
C ALA E 102 61.05 46.21 -20.58
N LEU E 103 62.07 45.63 -19.95
CA LEU E 103 61.84 44.83 -18.75
C LEU E 103 61.28 45.67 -17.61
N ASN E 104 61.84 46.86 -17.39
CA ASN E 104 61.37 47.71 -16.31
C ASN E 104 59.93 48.14 -16.53
N THR E 105 59.61 48.65 -17.72
CA THR E 105 58.28 49.14 -17.98
C THR E 105 57.25 48.02 -18.04
N ALA E 106 57.66 46.82 -18.49
CA ALA E 106 56.75 45.68 -18.48
C ALA E 106 56.42 45.27 -17.05
N VAL E 107 57.45 45.13 -16.21
CA VAL E 107 57.22 44.81 -14.80
C VAL E 107 56.41 45.91 -14.12
N SER E 108 56.59 47.17 -14.55
CA SER E 108 55.92 48.28 -13.89
C SER E 108 54.41 48.20 -14.04
N PHE E 109 53.93 48.01 -15.28
CA PHE E 109 52.49 48.06 -15.52
C PHE E 109 51.78 46.81 -15.01
N VAL E 110 52.43 45.65 -15.06
CA VAL E 110 51.85 44.45 -14.47
C VAL E 110 51.76 44.60 -12.96
N THR E 111 52.71 45.31 -12.35
CA THR E 111 52.74 45.52 -10.91
C THR E 111 51.69 46.52 -10.45
N ASN E 112 51.05 47.24 -11.37
CA ASN E 112 50.09 48.33 -11.13
C ASN E 112 50.85 49.60 -10.75
N THR E 113 52.19 49.59 -10.85
CA THR E 113 52.99 50.73 -10.41
C THR E 113 53.07 51.83 -11.47
N ASN E 114 53.37 51.44 -12.71
CA ASN E 114 53.54 52.39 -13.82
C ASN E 114 54.67 53.38 -13.54
N TRP E 115 55.87 52.84 -13.34
CA TRP E 115 57.05 53.68 -13.29
C TRP E 115 57.35 54.21 -14.69
N ARG E 116 57.91 55.43 -14.74
CA ARG E 116 58.15 56.13 -16.00
C ARG E 116 59.63 56.54 -16.05
N SER E 117 60.48 55.62 -16.49
CA SER E 117 61.87 55.93 -16.83
C SER E 117 62.03 56.28 -18.29
N TYR E 118 61.00 56.84 -18.93
CA TYR E 118 61.01 57.13 -20.35
C TYR E 118 60.15 58.35 -20.61
N SER E 119 60.28 58.90 -21.81
CA SER E 119 59.46 60.02 -22.26
C SER E 119 58.42 59.49 -23.24
N GLY E 120 57.14 59.66 -22.89
CA GLY E 120 56.05 59.08 -23.67
C GLY E 120 56.11 59.38 -25.15
N GLU E 121 56.18 60.67 -25.51
CA GLU E 121 56.12 61.04 -26.92
C GLU E 121 57.30 60.50 -27.72
N THR E 122 58.44 60.31 -27.06
CA THR E 122 59.64 59.84 -27.75
C THR E 122 59.78 58.32 -27.75
N THR E 123 59.15 57.63 -26.80
CA THR E 123 59.48 56.23 -26.55
C THR E 123 58.44 55.24 -27.09
N LEU E 124 57.16 55.55 -26.99
CA LEU E 124 56.12 54.56 -27.21
C LEU E 124 55.25 54.91 -28.42
N SER E 125 54.73 53.87 -29.06
CA SER E 125 53.80 54.00 -30.18
C SER E 125 52.37 53.88 -29.70
N TYR E 126 51.43 54.16 -30.61
CA TYR E 126 50.02 54.10 -30.24
C TYR E 126 49.59 52.67 -29.89
N PHE E 127 50.15 51.68 -30.59
CA PHE E 127 49.78 50.29 -30.33
C PHE E 127 50.26 49.83 -28.95
N SER E 128 51.52 50.12 -28.62
CA SER E 128 52.06 49.72 -27.32
C SER E 128 51.35 50.45 -26.18
N GLN E 129 50.90 51.68 -26.42
CA GLN E 129 50.17 52.40 -25.38
C GLN E 129 48.75 51.87 -25.24
N MET E 130 48.13 51.48 -26.35
CA MET E 130 46.74 51.06 -26.36
C MET E 130 46.58 49.56 -26.15
N ALA E 131 47.30 48.75 -26.92
CA ALA E 131 47.21 47.30 -26.80
C ALA E 131 48.18 46.72 -25.78
N GLY E 132 48.91 47.55 -25.06
CA GLY E 132 49.87 47.07 -24.08
C GLY E 132 49.75 47.71 -22.72
N LEU E 133 49.66 49.04 -22.68
CA LEU E 133 49.59 49.75 -21.41
C LEU E 133 48.18 49.84 -20.86
N THR E 134 47.19 50.10 -21.73
CA THR E 134 45.80 50.16 -21.26
C THR E 134 45.31 48.77 -20.84
N VAL E 135 45.71 47.73 -21.59
CA VAL E 135 45.30 46.38 -21.26
C VAL E 135 45.85 45.96 -19.91
N GLN E 136 47.05 46.42 -19.56
CA GLN E 136 47.64 46.07 -18.28
C GLN E 136 47.17 46.98 -17.17
N ASN E 137 46.66 48.17 -17.50
CA ASN E 137 46.03 49.00 -16.48
C ASN E 137 44.72 48.40 -16.00
N PHE E 138 44.09 47.56 -16.82
CA PHE E 138 42.88 46.86 -16.39
C PHE E 138 43.24 45.59 -15.62
N LEU E 139 44.16 44.79 -16.16
CA LEU E 139 44.46 43.49 -15.57
C LEU E 139 45.16 43.64 -14.22
N SER E 140 46.09 44.58 -14.10
CA SER E 140 46.75 44.81 -12.82
C SER E 140 45.74 45.31 -11.78
N ALA E 141 44.78 46.12 -12.20
CA ALA E 141 43.74 46.58 -11.29
C ALA E 141 42.80 45.44 -10.91
N ALA E 142 42.47 44.57 -11.88
CA ALA E 142 41.61 43.44 -11.58
C ALA E 142 42.27 42.49 -10.60
N SER E 143 43.57 42.22 -10.78
CA SER E 143 44.28 41.32 -9.87
C SER E 143 44.27 41.86 -8.45
N GLY E 144 44.37 43.17 -8.29
CA GLY E 144 44.33 43.75 -6.95
C GLY E 144 42.96 43.57 -6.30
N ILE E 145 41.89 43.85 -7.05
CA ILE E 145 40.55 43.68 -6.52
C ILE E 145 40.21 42.21 -6.36
N ALA E 146 40.85 41.33 -7.14
CA ALA E 146 40.60 39.91 -7.00
C ALA E 146 41.16 39.37 -5.69
N VAL E 147 42.37 39.81 -5.32
CA VAL E 147 42.98 39.34 -4.07
C VAL E 147 42.17 39.80 -2.86
N ILE E 148 41.69 41.04 -2.88
CA ILE E 148 40.92 41.53 -1.75
C ILE E 148 39.56 40.84 -1.70
N PHE E 149 39.03 40.41 -2.84
CA PHE E 149 37.80 39.64 -2.84
C PHE E 149 37.99 38.32 -2.08
N ALA E 150 39.12 37.65 -2.29
CA ALA E 150 39.39 36.41 -1.58
C ALA E 150 39.53 36.66 -0.07
N LEU E 151 40.24 37.73 0.30
CA LEU E 151 40.45 38.01 1.72
C LEU E 151 39.14 38.38 2.40
N ILE E 152 38.32 39.22 1.76
CA ILE E 152 37.03 39.59 2.35
C ILE E 152 36.15 38.37 2.54
N ARG E 153 36.15 37.46 1.55
CA ARG E 153 35.40 36.22 1.68
C ARG E 153 35.92 35.37 2.83
N ALA E 154 37.24 35.40 3.07
CA ALA E 154 37.82 34.63 4.16
C ALA E 154 37.36 35.11 5.53
N PHE E 155 36.80 36.31 5.62
CA PHE E 155 36.29 36.82 6.89
C PHE E 155 34.80 36.55 7.07
N THR E 156 34.02 36.57 5.99
CA THR E 156 32.60 36.32 6.09
C THR E 156 32.28 34.82 6.03
N ARG E 157 32.97 34.07 5.18
CA ARG E 157 32.74 32.63 5.10
C ARG E 157 33.26 31.96 6.37
N GLN E 158 32.62 30.84 6.73
CA GLN E 158 32.90 30.15 7.98
C GLN E 158 33.13 28.68 7.71
N SER E 159 34.23 28.15 8.25
CA SER E 159 34.55 26.72 8.21
C SER E 159 34.48 26.17 6.78
N MET E 160 35.22 26.83 5.88
CA MET E 160 35.32 26.38 4.50
C MET E 160 36.79 26.30 4.11
N SER E 161 37.03 25.98 2.84
CA SER E 161 38.39 25.93 2.31
C SER E 161 38.50 26.57 0.94
N THR E 162 37.43 27.18 0.43
CA THR E 162 37.43 27.79 -0.88
C THR E 162 37.17 29.29 -0.76
N LEU E 163 37.72 30.05 -1.72
CA LEU E 163 37.65 31.50 -1.70
C LEU E 163 36.96 32.07 -2.94
N GLY E 164 36.24 31.24 -3.69
CA GLY E 164 35.62 31.66 -4.91
C GLY E 164 36.39 31.24 -6.14
N ASN E 165 36.05 31.87 -7.25
CA ASN E 165 36.72 31.62 -8.53
C ASN E 165 37.38 32.91 -9.00
N ALA E 166 38.68 32.83 -9.27
CA ALA E 166 39.42 34.03 -9.69
C ALA E 166 39.01 34.46 -11.09
N TRP E 167 38.82 33.50 -12.00
CA TRP E 167 38.47 33.85 -13.37
C TRP E 167 37.10 34.50 -13.46
N VAL E 168 36.17 34.13 -12.58
CA VAL E 168 34.87 34.80 -12.56
C VAL E 168 35.01 36.22 -12.03
N ASP E 169 35.88 36.42 -11.04
CA ASP E 169 36.07 37.76 -10.49
C ASP E 169 36.79 38.66 -11.49
N LEU E 170 37.91 38.18 -12.06
CA LEU E 170 38.65 38.99 -13.02
C LEU E 170 37.79 39.39 -14.20
N LEU E 171 36.81 38.57 -14.58
CA LEU E 171 35.91 38.93 -15.66
C LEU E 171 34.85 39.94 -15.21
N ARG E 172 34.23 39.69 -14.05
CA ARG E 172 33.18 40.59 -13.58
C ARG E 172 33.75 41.95 -13.16
N ILE E 173 34.99 41.98 -12.67
CA ILE E 173 35.58 43.25 -12.24
C ILE E 173 35.86 44.14 -13.45
N THR E 174 36.50 43.59 -14.49
CA THR E 174 36.86 44.40 -15.65
C THR E 174 35.63 44.75 -16.48
N LEU E 175 34.77 43.76 -16.75
CA LEU E 175 33.73 43.95 -17.76
C LEU E 175 32.58 44.83 -17.29
N TRP E 176 32.28 44.84 -15.99
CA TRP E 176 31.11 45.57 -15.50
C TRP E 176 31.43 46.52 -14.35
N VAL E 177 32.70 46.80 -14.07
CA VAL E 177 33.05 47.82 -13.09
C VAL E 177 34.08 48.75 -13.71
N LEU E 178 35.19 48.18 -14.18
CA LEU E 178 36.27 49.01 -14.74
C LEU E 178 35.88 49.58 -16.10
N VAL E 179 35.56 48.69 -17.06
CA VAL E 179 35.30 49.15 -18.43
C VAL E 179 34.13 50.12 -18.52
N PRO E 180 32.96 49.83 -17.95
CA PRO E 180 31.84 50.78 -18.14
C PRO E 180 32.06 52.12 -17.47
N VAL E 181 32.58 52.14 -16.24
CA VAL E 181 32.80 53.41 -15.55
C VAL E 181 33.89 54.21 -16.24
N ALA E 182 35.00 53.55 -16.62
CA ALA E 182 36.07 54.24 -17.32
C ALA E 182 35.60 54.78 -18.67
N LEU E 183 34.67 54.09 -19.32
CA LEU E 183 34.12 54.58 -20.58
C LEU E 183 33.43 55.92 -20.38
N LEU E 184 32.66 56.07 -19.29
CA LEU E 184 32.02 57.34 -18.99
C LEU E 184 33.04 58.40 -18.63
N ILE E 185 34.06 58.03 -17.85
CA ILE E 185 35.08 58.99 -17.44
C ILE E 185 35.87 59.47 -18.65
N ALA E 186 36.23 58.55 -19.57
CA ALA E 186 36.99 58.94 -20.75
C ALA E 186 36.18 59.85 -21.66
N LEU E 187 34.88 59.62 -21.75
CA LEU E 187 34.04 60.49 -22.59
C LEU E 187 33.94 61.89 -22.03
N PHE E 188 33.89 62.01 -20.70
CA PHE E 188 33.87 63.33 -20.08
C PHE E 188 35.21 64.05 -20.27
N PHE E 189 36.31 63.31 -20.31
CA PHE E 189 37.60 63.90 -20.59
C PHE E 189 37.64 64.48 -22.00
N ILE E 190 37.17 63.72 -22.99
CA ILE E 190 37.20 64.16 -24.38
C ILE E 190 36.48 65.48 -24.55
N GLN E 191 35.30 65.61 -23.93
CA GLN E 191 34.52 66.84 -24.08
C GLN E 191 35.27 68.04 -23.53
N GLN E 192 35.96 67.87 -22.41
CA GLN E 192 36.69 68.97 -21.80
C GLN E 192 38.03 69.26 -22.48
N GLY E 193 38.42 68.47 -23.48
CA GLY E 193 39.61 68.79 -24.24
C GLY E 193 40.69 67.72 -24.27
N ALA E 194 40.39 66.53 -23.75
CA ALA E 194 41.38 65.46 -23.75
C ALA E 194 41.60 64.94 -25.17
N LEU E 195 42.69 64.20 -25.33
CA LEU E 195 43.13 63.70 -26.63
C LEU E 195 42.68 62.26 -26.81
N GLN E 196 42.11 61.96 -27.99
CA GLN E 196 41.65 60.60 -28.28
C GLN E 196 41.54 60.46 -29.80
N ASN E 197 42.63 60.02 -30.42
CA ASN E 197 42.66 59.81 -31.86
C ASN E 197 43.88 58.96 -32.20
N PHE E 198 44.05 58.69 -33.49
CA PHE E 198 45.19 57.93 -34.01
C PHE E 198 45.84 58.69 -35.17
N LEU E 199 45.87 60.02 -35.06
CA LEU E 199 46.43 60.87 -36.10
C LEU E 199 47.95 60.91 -36.02
N PRO E 200 48.62 61.21 -37.13
CA PRO E 200 50.07 61.43 -37.07
C PRO E 200 50.40 62.71 -36.34
N TYR E 201 51.68 62.85 -35.99
CA TYR E 201 52.13 64.02 -35.25
C TYR E 201 51.90 65.28 -36.06
N GLN E 202 51.25 66.27 -35.45
CA GLN E 202 50.87 67.49 -36.13
C GLN E 202 51.96 68.55 -35.99
N ALA E 203 52.32 69.17 -37.10
CA ALA E 203 53.28 70.27 -37.09
C ALA E 203 52.55 71.59 -36.97
N VAL E 204 53.08 72.49 -36.14
CA VAL E 204 52.45 73.77 -35.85
C VAL E 204 53.43 74.88 -36.23
N ASN E 205 52.98 75.78 -37.10
CA ASN E 205 53.72 76.99 -37.45
C ASN E 205 53.15 78.13 -36.62
N THR E 206 53.84 78.47 -35.53
CA THR E 206 53.35 79.49 -34.62
C THR E 206 53.33 80.86 -35.30
N VAL E 207 52.77 81.85 -34.59
CA VAL E 207 52.74 83.21 -35.11
C VAL E 207 54.15 83.77 -35.24
N GLU E 208 55.08 83.29 -34.42
CA GLU E 208 56.48 83.63 -34.57
C GLU E 208 57.17 82.57 -35.43
N GLY E 209 58.48 82.76 -35.66
CA GLY E 209 59.21 81.88 -36.55
C GLY E 209 59.35 80.45 -36.05
N ALA E 210 59.17 80.23 -34.74
CA ALA E 210 59.39 78.90 -34.18
C ALA E 210 58.32 77.93 -34.65
N GLN E 211 58.73 76.67 -34.85
CA GLN E 211 57.84 75.59 -35.23
C GLN E 211 57.92 74.48 -34.18
N GLN E 212 56.78 73.87 -33.88
CA GLN E 212 56.70 72.82 -32.89
C GLN E 212 55.89 71.65 -33.43
N LEU E 213 56.20 70.45 -32.92
CA LEU E 213 55.56 69.21 -33.36
C LEU E 213 54.64 68.71 -32.26
N LEU E 214 53.35 68.50 -32.60
CA LEU E 214 52.35 68.08 -31.64
C LEU E 214 52.32 66.56 -31.50
N PRO E 215 52.22 66.05 -30.27
CA PRO E 215 52.06 64.60 -30.09
C PRO E 215 50.60 64.19 -29.95
N MET E 216 50.15 63.30 -30.83
CA MET E 216 48.78 62.82 -30.81
C MET E 216 48.73 61.43 -30.17
N GLY E 217 47.56 60.81 -30.18
CA GLY E 217 47.39 59.48 -29.67
C GLY E 217 46.13 59.30 -28.85
N PRO E 218 45.71 57.91 -28.58
CA PRO E 218 44.52 57.60 -27.76
C PRO E 218 44.77 57.79 -26.27
N VAL E 219 44.74 59.05 -25.85
CA VAL E 219 45.11 59.41 -24.48
C VAL E 219 43.92 59.31 -23.54
N ALA E 220 42.73 59.76 -23.99
CA ALA E 220 41.59 59.89 -23.09
C ALA E 220 41.16 58.53 -22.54
N SER E 221 41.16 57.50 -23.38
CA SER E 221 40.79 56.16 -22.92
C SER E 221 41.76 55.67 -21.86
N GLN E 222 43.06 55.83 -22.10
CA GLN E 222 44.06 55.42 -21.13
C GLN E 222 44.02 56.29 -19.87
N GLU E 223 43.61 57.56 -20.02
CA GLU E 223 43.59 58.45 -18.86
C GLU E 223 42.57 58.02 -17.83
N ALA E 224 41.43 57.48 -18.28
CA ALA E 224 40.39 57.08 -17.35
C ALA E 224 40.77 55.85 -16.54
N ILE E 225 41.54 54.93 -17.12
CA ILE E 225 41.88 53.71 -16.43
C ILE E 225 42.96 53.96 -15.39
N LYS E 226 43.97 54.77 -15.73
CA LYS E 226 45.09 54.98 -14.83
C LYS E 226 44.65 55.66 -13.53
N MET E 227 43.57 56.43 -13.57
CA MET E 227 43.06 57.07 -12.37
C MET E 227 42.08 56.18 -11.62
N LEU E 228 41.18 55.51 -12.34
CA LEU E 228 40.21 54.63 -11.68
C LEU E 228 40.89 53.36 -11.18
N GLY E 229 41.78 52.79 -11.98
CA GLY E 229 42.57 51.65 -11.57
C GLY E 229 43.80 51.98 -10.76
N THR E 230 43.98 53.26 -10.43
CA THR E 230 45.13 53.74 -9.66
C THR E 230 46.45 53.26 -10.27
N ASN E 231 46.53 53.31 -11.59
CA ASN E 231 47.75 52.96 -12.29
C ASN E 231 48.72 54.14 -12.36
N GLY E 232 48.22 55.32 -12.73
CA GLY E 232 49.00 56.53 -12.71
C GLY E 232 50.01 56.70 -13.80
N GLY E 233 50.00 55.84 -14.82
CA GLY E 233 50.94 55.95 -15.92
C GLY E 233 50.41 56.84 -17.03
N GLY E 234 51.06 57.98 -17.24
CA GLY E 234 50.57 58.95 -18.21
C GLY E 234 51.07 58.68 -19.62
N PHE E 235 50.25 59.11 -20.59
CA PHE E 235 50.62 58.94 -21.99
C PHE E 235 51.87 59.73 -22.34
N PHE E 236 52.08 60.86 -21.68
CA PHE E 236 53.20 61.75 -21.95
C PHE E 236 54.13 61.81 -20.75
N ASN E 237 55.27 62.49 -20.92
CA ASN E 237 56.27 62.54 -19.86
C ASN E 237 55.75 63.28 -18.63
N ALA E 238 54.96 64.33 -18.84
CA ALA E 238 54.25 65.00 -17.75
C ALA E 238 52.82 64.48 -17.78
N ASN E 239 52.48 63.60 -16.85
CA ASN E 239 51.25 62.82 -16.99
C ASN E 239 50.01 63.67 -16.70
N SER E 240 49.87 64.18 -15.48
CA SER E 240 48.65 64.86 -15.08
C SER E 240 48.73 66.38 -15.26
N SER E 241 49.93 66.92 -15.45
CA SER E 241 50.06 68.35 -15.72
C SER E 241 49.87 68.67 -17.21
N HIS E 242 49.96 67.67 -18.08
CA HIS E 242 49.81 67.90 -19.51
C HIS E 242 48.40 68.36 -19.82
N PRO E 243 48.22 69.42 -20.61
CA PRO E 243 46.86 69.86 -20.95
C PRO E 243 46.06 68.85 -21.76
N PHE E 244 46.74 67.95 -22.48
CA PHE E 244 46.02 66.93 -23.25
C PHE E 244 45.44 65.83 -22.37
N GLU E 245 46.12 65.49 -21.27
CA GLU E 245 45.64 64.43 -20.40
C GLU E 245 44.71 64.95 -19.31
N ASN E 246 44.91 66.17 -18.84
CA ASN E 246 44.05 66.78 -17.82
C ASN E 246 43.81 68.23 -18.21
N PRO E 247 42.80 68.48 -19.05
CA PRO E 247 42.65 69.81 -19.66
C PRO E 247 42.15 70.89 -18.71
N THR E 248 41.12 70.58 -17.92
CA THR E 248 40.47 71.57 -17.08
C THR E 248 40.58 71.18 -15.61
N ALA E 249 40.26 72.13 -14.74
CA ALA E 249 40.15 71.83 -13.32
C ALA E 249 39.00 70.89 -13.02
N LEU E 250 38.00 70.84 -13.91
CA LEU E 250 36.87 69.94 -13.71
C LEU E 250 37.31 68.49 -13.91
N THR E 251 38.07 68.22 -14.97
CA THR E 251 38.63 66.88 -15.15
C THR E 251 39.60 66.53 -14.05
N ASN E 252 40.31 67.52 -13.49
CA ASN E 252 41.22 67.27 -12.40
C ASN E 252 40.47 66.84 -11.15
N PHE E 253 39.35 67.50 -10.85
CA PHE E 253 38.52 67.11 -9.73
C PHE E 253 37.96 65.71 -9.93
N VAL E 254 37.66 65.36 -11.18
CA VAL E 254 37.22 64.00 -11.49
C VAL E 254 38.37 63.01 -11.33
N GLN E 255 39.57 63.39 -11.77
CA GLN E 255 40.72 62.50 -11.66
C GLN E 255 41.04 62.19 -10.20
N MET E 256 40.86 63.17 -9.31
CA MET E 256 41.09 62.92 -7.89
C MET E 256 40.01 62.00 -7.32
N LEU E 257 38.78 62.13 -7.81
CA LEU E 257 37.71 61.23 -7.37
C LEU E 257 37.96 59.80 -7.84
N ALA E 258 38.46 59.64 -9.06
CA ALA E 258 38.72 58.30 -9.58
C ALA E 258 39.80 57.58 -8.80
N ILE E 259 40.77 58.32 -8.24
CA ILE E 259 41.81 57.70 -7.45
C ILE E 259 41.24 57.09 -6.18
N PHE E 260 40.28 57.78 -5.56
CA PHE E 260 39.69 57.36 -4.29
C PHE E 260 38.36 56.62 -4.45
N LEU E 261 37.93 56.35 -5.67
CA LEU E 261 36.59 55.77 -5.87
C LEU E 261 36.51 54.33 -5.37
N ILE E 262 37.20 53.43 -6.04
CA ILE E 262 37.15 52.00 -5.69
C ILE E 262 37.76 51.73 -4.32
N PRO E 263 38.95 52.25 -3.98
CA PRO E 263 39.50 51.96 -2.65
C PRO E 263 38.63 52.43 -1.51
N THR E 264 37.77 53.43 -1.72
CA THR E 264 36.79 53.79 -0.71
C THR E 264 35.58 52.87 -0.74
N ALA E 265 35.12 52.51 -1.95
CA ALA E 265 33.99 51.60 -2.08
C ALA E 265 34.30 50.23 -1.49
N LEU E 266 35.56 49.78 -1.61
CA LEU E 266 35.95 48.50 -1.02
C LEU E 266 35.84 48.52 0.50
N CYS E 267 35.83 49.70 1.11
CA CYS E 267 35.57 49.78 2.54
C CYS E 267 34.08 49.75 2.84
N PHE E 268 33.27 50.40 2.00
CA PHE E 268 31.83 50.28 2.13
C PHE E 268 31.35 48.87 1.83
N ALA E 269 32.00 48.20 0.88
CA ALA E 269 31.64 46.82 0.56
C ALA E 269 32.01 45.88 1.70
N PHE E 270 33.23 46.01 2.22
CA PHE E 270 33.66 45.17 3.33
C PHE E 270 32.74 45.32 4.54
N GLY E 271 32.22 46.53 4.77
CA GLY E 271 31.30 46.74 5.86
C GLY E 271 29.93 46.17 5.62
N GLU E 272 29.54 46.04 4.35
CA GLU E 272 28.23 45.50 4.02
C GLU E 272 28.25 43.98 3.97
N VAL E 273 29.32 43.40 3.40
CA VAL E 273 29.43 41.95 3.34
C VAL E 273 29.47 41.35 4.74
N MET E 274 30.13 42.03 5.68
CA MET E 274 30.19 41.55 7.05
C MET E 274 28.93 41.85 7.84
N GLY E 275 27.93 42.49 7.23
CA GLY E 275 26.68 42.77 7.92
C GLY E 275 26.71 43.96 8.86
N ASP E 276 27.73 44.05 9.70
CA ASP E 276 27.89 45.17 10.62
C ASP E 276 28.65 46.27 9.91
N ARG E 277 27.93 47.33 9.52
CA ARG E 277 28.54 48.44 8.79
C ARG E 277 29.62 49.16 9.60
N ARG E 278 29.59 49.03 10.92
CA ARG E 278 30.57 49.72 11.76
C ARG E 278 31.99 49.23 11.49
N GLN E 279 32.14 47.96 11.14
CA GLN E 279 33.48 47.43 10.87
C GLN E 279 34.09 48.04 9.61
N GLY E 280 33.25 48.51 8.69
CA GLY E 280 33.74 49.15 7.49
C GLY E 280 33.94 50.63 7.63
N ARG E 281 33.08 51.29 8.42
CA ARG E 281 33.17 52.73 8.57
C ARG E 281 34.34 53.14 9.44
N MET E 282 34.68 52.36 10.47
CA MET E 282 35.84 52.67 11.29
C MET E 282 37.12 52.60 10.45
N LEU E 283 37.20 51.62 9.55
CA LEU E 283 38.36 51.53 8.67
C LEU E 283 38.44 52.74 7.75
N LEU E 284 37.31 53.18 7.23
CA LEU E 284 37.28 54.40 6.44
C LEU E 284 37.52 55.64 7.29
N TRP E 285 37.18 55.56 8.59
CA TRP E 285 37.36 56.72 9.47
C TRP E 285 38.83 56.92 9.81
N ALA E 286 39.55 55.83 10.08
CA ALA E 286 40.97 55.95 10.45
C ALA E 286 41.81 56.40 9.27
N MET E 287 41.41 56.08 8.05
CA MET E 287 42.19 56.50 6.88
C MET E 287 41.95 57.97 6.55
N SER E 288 40.72 58.44 6.68
CA SER E 288 40.40 59.81 6.27
C SER E 288 40.94 60.83 7.25
N VAL E 289 41.10 60.47 8.53
CA VAL E 289 41.64 61.41 9.50
C VAL E 289 43.14 61.63 9.28
N ILE E 290 43.85 60.56 8.93
CA ILE E 290 45.25 60.74 8.55
C ILE E 290 45.35 61.48 7.22
N PHE E 291 44.40 61.24 6.32
CA PHE E 291 44.41 61.91 5.02
C PHE E 291 44.20 63.42 5.18
N VAL E 292 43.26 63.83 6.04
CA VAL E 292 42.95 65.25 6.18
C VAL E 292 44.12 65.99 6.83
N ILE E 293 44.80 65.35 7.79
CA ILE E 293 45.95 66.01 8.42
C ILE E 293 47.10 66.14 7.43
N CYS E 294 47.32 65.13 6.60
CA CYS E 294 48.44 65.16 5.67
C CYS E 294 48.27 66.25 4.61
N VAL E 295 47.05 66.44 4.10
CA VAL E 295 46.84 67.45 3.08
C VAL E 295 46.93 68.85 3.69
N GLY E 296 46.47 69.01 4.93
CA GLY E 296 46.60 70.31 5.59
C GLY E 296 48.03 70.72 5.84
N VAL E 297 48.92 69.75 6.06
CA VAL E 297 50.33 70.07 6.29
C VAL E 297 50.99 70.49 4.99
N VAL E 298 50.77 69.73 3.91
CA VAL E 298 51.39 70.05 2.63
C VAL E 298 50.84 71.37 2.10
N MET E 299 49.55 71.64 2.32
CA MET E 299 48.98 72.92 1.94
C MET E 299 49.69 74.07 2.67
N TRP E 300 49.82 73.94 4.00
CA TRP E 300 50.52 74.96 4.76
C TRP E 300 51.97 75.08 4.33
N ALA E 301 52.61 73.95 4.01
CA ALA E 301 54.02 73.99 3.61
C ALA E 301 54.20 74.64 2.24
N GLU E 302 53.28 74.38 1.32
CA GLU E 302 53.41 74.94 -0.03
C GLU E 302 52.95 76.40 -0.10
N VAL E 303 52.05 76.81 0.80
CA VAL E 303 51.66 78.22 0.84
C VAL E 303 52.82 79.06 1.37
N GLN E 304 53.51 78.57 2.40
CA GLN E 304 54.75 79.21 2.82
C GLN E 304 55.76 79.25 1.68
N GLY E 305 55.91 78.11 0.98
CA GLY E 305 56.66 78.07 -0.25
C GLY E 305 58.12 78.44 -0.08
N ASN E 306 58.66 79.10 -1.09
CA ASN E 306 60.08 79.44 -1.13
C ASN E 306 60.26 80.88 -0.69
N PRO E 307 60.91 81.15 0.44
CA PRO E 307 61.11 82.54 0.87
C PRO E 307 62.09 83.31 -0.01
N HIS E 308 62.94 82.63 -0.79
CA HIS E 308 63.84 83.33 -1.68
C HIS E 308 63.09 84.08 -2.77
N LEU E 309 61.88 83.62 -3.12
CA LEU E 309 61.05 84.37 -4.04
C LEU E 309 60.72 85.75 -3.49
N LEU E 310 60.32 85.81 -2.22
CA LEU E 310 60.00 87.10 -1.62
C LEU E 310 61.24 87.95 -1.44
N ALA E 311 62.39 87.32 -1.15
CA ALA E 311 63.63 88.08 -1.01
C ALA E 311 64.08 88.68 -2.33
N LEU E 312 63.75 88.03 -3.45
CA LEU E 312 64.12 88.52 -4.77
C LEU E 312 63.06 89.43 -5.39
N GLY E 313 62.03 89.78 -4.63
CA GLY E 313 61.10 90.80 -5.07
C GLY E 313 59.90 90.32 -5.86
N THR E 314 59.39 89.12 -5.57
CA THR E 314 58.21 88.62 -6.27
C THR E 314 56.94 89.04 -5.53
N ASP E 315 55.80 88.57 -6.03
CA ASP E 315 54.52 88.96 -5.46
C ASP E 315 54.23 88.20 -4.16
N SER E 316 54.66 86.96 -4.05
CA SER E 316 54.46 86.17 -2.83
C SER E 316 55.52 85.07 -2.78
N SER E 317 55.58 84.40 -1.64
CA SER E 317 56.48 83.26 -1.44
C SER E 317 55.85 81.95 -1.86
N ILE E 318 54.69 81.99 -2.51
CA ILE E 318 54.01 80.77 -2.94
C ILE E 318 54.91 79.99 -3.89
N ASN E 319 55.00 78.67 -3.65
CA ASN E 319 55.88 77.80 -4.42
C ASN E 319 55.14 77.31 -5.66
N MET E 320 55.19 78.11 -6.71
CA MET E 320 54.61 77.75 -8.00
C MET E 320 55.63 77.09 -8.93
N GLU E 321 56.78 76.65 -8.40
CA GLU E 321 57.87 76.22 -9.27
C GLU E 321 57.53 74.93 -10.00
N GLY E 322 57.03 73.94 -9.28
CA GLY E 322 56.70 72.68 -9.93
C GLY E 322 55.21 72.51 -10.15
N LYS E 323 54.47 73.61 -10.29
CA LYS E 323 53.02 73.60 -10.33
C LYS E 323 52.52 74.00 -11.71
N GLU E 324 51.19 73.99 -11.86
CA GLU E 324 50.50 74.41 -13.07
C GLU E 324 49.57 75.57 -12.75
N SER E 325 49.21 76.33 -13.78
CA SER E 325 48.38 77.51 -13.56
C SER E 325 46.88 77.19 -13.53
N ARG E 326 46.48 76.12 -14.19
CA ARG E 326 45.06 75.72 -14.14
C ARG E 326 44.65 75.37 -12.72
N PHE E 327 45.52 74.71 -11.97
CA PHE E 327 45.24 74.27 -10.62
C PHE E 327 45.99 75.14 -9.62
N GLY E 328 45.29 75.53 -8.55
CA GLY E 328 45.90 76.35 -7.53
C GLY E 328 46.98 75.61 -6.76
N VAL E 329 47.58 76.32 -5.81
CA VAL E 329 48.55 75.70 -4.91
C VAL E 329 47.86 74.69 -4.00
N LEU E 330 46.64 75.03 -3.54
CA LEU E 330 45.90 74.11 -2.70
C LEU E 330 45.50 72.85 -3.47
N VAL E 331 45.16 73.00 -4.75
CA VAL E 331 44.77 71.85 -5.56
C VAL E 331 45.98 70.96 -5.84
N SER E 332 47.10 71.58 -6.24
CA SER E 332 48.32 70.80 -6.44
C SER E 332 48.76 70.13 -5.16
N SER E 333 48.56 70.79 -4.02
CA SER E 333 48.93 70.21 -2.74
C SER E 333 48.02 69.04 -2.39
N LEU E 334 46.71 69.20 -2.61
CA LEU E 334 45.78 68.10 -2.35
C LEU E 334 46.06 66.91 -3.24
N PHE E 335 46.19 67.14 -4.56
CA PHE E 335 46.48 66.07 -5.50
C PHE E 335 47.78 65.34 -5.13
N ALA E 336 48.78 66.09 -4.66
CA ALA E 336 50.05 65.47 -4.29
C ALA E 336 49.86 64.48 -3.14
N VAL E 337 48.96 64.78 -2.21
CA VAL E 337 48.71 63.88 -1.10
C VAL E 337 47.85 62.69 -1.55
N VAL E 338 46.88 62.94 -2.42
CA VAL E 338 45.96 61.88 -2.86
C VAL E 338 46.72 60.82 -3.65
N THR E 339 47.58 61.25 -4.57
CA THR E 339 48.25 60.31 -5.47
C THR E 339 49.35 59.51 -4.79
N THR E 340 49.79 59.92 -3.60
CA THR E 340 50.84 59.18 -2.90
C THR E 340 50.30 58.32 -1.77
N ALA E 341 49.19 58.72 -1.15
CA ALA E 341 48.55 57.87 -0.15
C ALA E 341 47.85 56.69 -0.81
N ALA E 342 47.28 56.89 -2.00
CA ALA E 342 46.48 55.88 -2.68
C ALA E 342 47.26 55.11 -3.73
N SER E 343 48.59 55.20 -3.71
CA SER E 343 49.46 54.42 -4.59
C SER E 343 49.15 54.64 -6.07
N CYS E 344 48.51 55.76 -6.42
CA CYS E 344 48.17 56.00 -7.82
C CYS E 344 49.40 56.36 -8.63
N GLY E 345 50.17 57.33 -8.16
CA GLY E 345 51.37 57.77 -8.86
C GLY E 345 51.17 58.88 -9.87
N ALA E 346 49.93 59.26 -10.15
CA ALA E 346 49.68 60.34 -11.09
C ALA E 346 50.20 61.65 -10.52
N VAL E 347 51.14 62.27 -11.22
CA VAL E 347 51.80 63.48 -10.76
C VAL E 347 51.15 64.68 -11.44
N ILE E 348 50.40 65.46 -10.68
CA ILE E 348 49.88 66.73 -11.18
C ILE E 348 50.93 67.83 -11.16
N ALA E 349 51.96 67.69 -10.33
CA ALA E 349 52.91 68.76 -10.08
C ALA E 349 54.20 68.12 -9.59
N MET E 350 55.33 68.55 -10.15
CA MET E 350 56.61 67.92 -9.87
C MET E 350 56.92 67.93 -8.38
N HIS E 351 56.89 66.76 -7.74
CA HIS E 351 57.13 66.66 -6.31
C HIS E 351 58.57 66.98 -5.96
N ASP E 352 59.50 66.87 -6.91
CA ASP E 352 60.88 67.26 -6.65
C ASP E 352 60.99 68.76 -6.38
N SER E 353 60.13 69.55 -7.00
CA SER E 353 60.11 70.99 -6.84
C SER E 353 59.21 71.44 -5.69
N PHE E 354 58.87 70.54 -4.77
CA PHE E 354 58.11 70.88 -3.58
C PHE E 354 59.06 71.39 -2.50
N THR E 355 58.51 71.76 -1.35
CA THR E 355 59.31 72.23 -0.23
C THR E 355 59.84 71.03 0.55
N ALA E 356 60.51 71.29 1.67
CA ALA E 356 61.06 70.20 2.48
C ALA E 356 59.95 69.36 3.10
N LEU E 357 59.00 70.02 3.77
CA LEU E 357 57.87 69.31 4.36
C LEU E 357 56.86 68.89 3.30
N GLY E 358 56.56 69.79 2.36
CA GLY E 358 55.57 69.50 1.32
C GLY E 358 55.93 68.32 0.46
N GLY E 359 57.19 67.94 0.39
CA GLY E 359 57.60 66.78 -0.37
C GLY E 359 57.84 65.57 0.50
N MET E 360 57.94 65.78 1.80
CA MET E 360 58.21 64.67 2.72
C MET E 360 56.94 63.89 3.02
N VAL E 361 55.79 64.56 3.13
CA VAL E 361 54.54 63.86 3.36
C VAL E 361 54.20 62.90 2.22
N PRO E 362 54.28 63.30 0.95
CA PRO E 362 54.15 62.29 -0.11
C PRO E 362 55.19 61.18 -0.02
N MET E 363 56.44 61.54 0.33
CA MET E 363 57.46 60.53 0.59
C MET E 363 57.03 59.59 1.71
N TRP E 364 56.46 60.14 2.79
CA TRP E 364 56.11 59.35 3.96
C TRP E 364 54.86 58.50 3.74
N LEU E 365 53.89 59.00 2.97
CA LEU E 365 52.67 58.24 2.72
C LEU E 365 52.91 57.02 1.86
N MET E 366 54.00 56.99 1.09
CA MET E 366 54.35 55.78 0.36
C MET E 366 55.03 54.77 1.29
N GLN E 367 56.06 55.21 2.01
CA GLN E 367 56.80 54.32 2.90
C GLN E 367 55.91 53.70 3.96
N ILE E 368 54.82 54.39 4.32
CA ILE E 368 53.92 53.88 5.35
C ILE E 368 53.19 52.61 4.92
N GLY E 369 53.25 52.26 3.64
CA GLY E 369 52.66 51.03 3.14
C GLY E 369 51.46 51.19 2.23
N GLU E 370 51.18 52.39 1.75
CA GLU E 370 50.00 52.66 0.92
C GLU E 370 48.73 52.21 1.62
N VAL E 371 48.66 52.50 2.92
CA VAL E 371 47.54 52.09 3.75
C VAL E 371 46.40 53.12 3.71
N VAL E 372 46.74 54.40 3.66
CA VAL E 372 45.74 55.47 3.67
C VAL E 372 45.10 55.51 2.29
N PHE E 373 43.93 54.89 2.16
CA PHE E 373 43.15 54.87 0.91
C PHE E 373 43.91 54.21 -0.24
N GLY E 374 44.81 53.28 0.07
CA GLY E 374 45.61 52.62 -0.96
C GLY E 374 44.78 52.12 -2.12
N GLY E 375 45.14 52.52 -3.34
CA GLY E 375 44.24 52.36 -4.46
C GLY E 375 44.11 50.91 -4.91
N VAL E 376 42.87 50.49 -5.15
CA VAL E 376 42.54 49.23 -5.82
C VAL E 376 43.06 48.03 -5.03
N GLY E 377 42.22 47.48 -4.16
CA GLY E 377 42.48 46.23 -3.47
C GLY E 377 43.73 46.22 -2.60
N SER E 378 44.87 46.61 -3.18
CA SER E 378 46.15 46.56 -2.48
C SER E 378 46.10 47.34 -1.17
N GLY E 379 45.43 48.50 -1.19
CA GLY E 379 45.36 49.31 0.02
C GLY E 379 44.50 48.70 1.10
N LEU E 380 43.47 47.95 0.71
CA LEU E 380 42.57 47.36 1.70
C LEU E 380 43.24 46.21 2.44
N TYR E 381 43.76 45.22 1.69
CA TYR E 381 44.44 44.12 2.37
C TYR E 381 45.76 44.57 2.98
N GLY E 382 46.38 45.63 2.46
CA GLY E 382 47.50 46.23 3.15
C GLY E 382 47.09 46.80 4.49
N MET E 383 45.95 47.48 4.54
CA MET E 383 45.42 47.97 5.80
C MET E 383 45.04 46.80 6.70
N MET E 384 44.45 45.74 6.13
CA MET E 384 44.06 44.56 6.92
C MET E 384 45.26 43.93 7.62
N LEU E 385 46.44 43.99 6.99
CA LEU E 385 47.64 43.48 7.65
C LEU E 385 47.94 44.25 8.93
N PHE E 386 47.69 45.56 8.94
CA PHE E 386 47.89 46.34 10.15
C PHE E 386 46.71 46.22 11.10
N VAL E 387 45.51 45.93 10.59
CA VAL E 387 44.36 45.68 11.46
C VAL E 387 44.59 44.42 12.29
N LEU E 388 45.09 43.36 11.66
CA LEU E 388 45.42 42.16 12.41
C LEU E 388 46.55 42.42 13.41
N LEU E 389 47.49 43.27 13.04
CA LEU E 389 48.57 43.63 13.96
C LEU E 389 48.06 44.50 15.10
N ALA E 390 47.18 45.45 14.78
CA ALA E 390 46.60 46.29 15.83
C ALA E 390 45.75 45.46 16.78
N VAL E 391 44.97 44.51 16.25
CA VAL E 391 44.18 43.63 17.10
C VAL E 391 45.10 42.75 17.95
N PHE E 392 46.19 42.27 17.36
CA PHE E 392 47.08 41.37 18.08
C PHE E 392 47.74 42.08 19.27
N ILE E 393 48.37 43.23 19.02
CA ILE E 393 49.04 43.95 20.09
C ILE E 393 48.03 44.43 21.13
N ALA E 394 46.79 44.67 20.72
CA ALA E 394 45.77 45.12 21.66
C ALA E 394 45.51 44.06 22.73
N GLY E 395 45.23 42.83 22.30
CA GLY E 395 45.08 41.74 23.26
C GLY E 395 46.37 41.32 23.91
N LEU E 396 47.51 41.56 23.24
CA LEU E 396 48.80 41.18 23.82
C LEU E 396 49.08 41.97 25.08
N MET E 397 48.73 43.27 25.10
CA MET E 397 48.95 44.09 26.27
C MET E 397 47.84 43.95 27.30
N ILE E 398 46.71 43.34 26.94
CA ILE E 398 45.66 43.08 27.91
C ILE E 398 45.83 41.70 28.56
N GLY E 399 46.41 40.74 27.85
CA GLY E 399 46.58 39.41 28.36
C GLY E 399 45.58 38.39 27.86
N ARG E 400 44.93 38.65 26.73
CA ARG E 400 43.95 37.74 26.16
C ARG E 400 44.35 37.39 24.73
N THR E 401 43.75 36.32 24.22
CA THR E 401 44.02 35.90 22.86
C THR E 401 43.39 36.86 21.86
N PRO E 402 44.04 37.09 20.74
CA PRO E 402 43.48 37.99 19.73
C PRO E 402 42.22 37.42 19.10
N GLU E 403 41.36 38.32 18.64
CA GLU E 403 40.09 37.92 18.03
C GLU E 403 39.59 39.08 17.19
N TYR E 404 39.54 38.89 15.87
CA TYR E 404 39.00 39.88 14.95
C TYR E 404 37.80 39.29 14.23
N LEU E 405 36.66 39.99 14.29
CA LEU E 405 35.42 39.54 13.66
C LEU E 405 35.00 38.17 14.16
N GLY E 406 35.28 37.87 15.42
CA GLY E 406 34.96 36.59 16.02
C GLY E 406 35.98 35.50 15.80
N LYS E 407 36.74 35.57 14.71
CA LYS E 407 37.75 34.57 14.41
C LYS E 407 39.03 34.86 15.20
N LYS E 408 39.58 33.82 15.83
CA LYS E 408 40.77 33.97 16.65
C LYS E 408 42.02 33.87 15.78
N ILE E 409 42.92 34.85 15.93
CA ILE E 409 44.15 34.88 15.18
C ILE E 409 45.18 34.01 15.88
N ASP E 410 45.78 33.07 15.14
CA ASP E 410 46.77 32.17 15.70
C ASP E 410 48.18 32.68 15.39
N VAL E 411 49.17 31.94 15.90
CA VAL E 411 50.56 32.33 15.73
C VAL E 411 51.00 32.24 14.28
N ARG E 412 50.54 31.21 13.57
CA ARG E 412 50.95 31.02 12.18
C ARG E 412 50.49 32.18 11.30
N GLU E 413 49.30 32.72 11.57
CA GLU E 413 48.81 33.84 10.77
C GLU E 413 49.63 35.10 11.01
N MET E 414 50.00 35.38 12.26
CA MET E 414 50.80 36.57 12.53
C MET E 414 52.17 36.49 11.86
N LYS E 415 52.75 35.29 11.81
CA LYS E 415 54.04 35.13 11.13
C LYS E 415 53.96 35.59 9.68
N LEU E 416 52.82 35.36 9.04
CA LEU E 416 52.66 35.78 7.65
C LEU E 416 52.39 37.27 7.54
N THR E 417 51.57 37.82 8.44
CA THR E 417 51.33 39.26 8.43
C THR E 417 52.60 40.03 8.78
N ALA E 418 53.36 39.55 9.76
CA ALA E 418 54.61 40.21 10.12
C ALA E 418 55.58 40.22 8.95
N LEU E 419 55.76 39.07 8.31
CA LEU E 419 56.63 39.01 7.13
C LEU E 419 56.10 39.91 6.02
N ALA E 420 54.78 39.92 5.81
CA ALA E 420 54.20 40.76 4.77
C ALA E 420 54.41 42.24 5.08
N ILE E 421 54.32 42.62 6.35
CA ILE E 421 54.53 44.01 6.73
C ILE E 421 55.99 44.41 6.50
N LEU E 422 56.93 43.49 6.73
CA LEU E 422 58.35 43.78 6.57
C LEU E 422 58.81 43.74 5.12
N VAL E 423 57.95 43.38 4.17
CA VAL E 423 58.38 43.23 2.78
C VAL E 423 58.83 44.56 2.20
N THR E 424 57.92 45.54 2.17
CA THR E 424 58.20 46.82 1.53
C THR E 424 59.30 47.61 2.24
N PRO E 425 59.31 47.71 3.57
CA PRO E 425 60.42 48.44 4.21
C PRO E 425 61.78 47.77 4.02
N THR E 426 61.81 46.45 3.81
CA THR E 426 63.08 45.80 3.52
C THR E 426 63.59 46.18 2.14
N LEU E 427 62.68 46.32 1.16
CA LEU E 427 63.10 46.62 -0.20
C LEU E 427 63.54 48.06 -0.36
N VAL E 428 62.94 48.99 0.38
CA VAL E 428 63.30 50.39 0.24
C VAL E 428 64.64 50.68 0.91
N LEU E 429 64.86 50.13 2.10
CA LEU E 429 66.11 50.39 2.82
C LEU E 429 67.29 49.70 2.14
N MET E 430 67.12 48.44 1.74
CA MET E 430 68.17 47.77 0.97
C MET E 430 68.32 48.38 -0.41
N GLY E 431 67.21 48.75 -1.05
CA GLY E 431 67.29 49.32 -2.38
C GLY E 431 67.95 50.69 -2.40
N ALA E 432 67.63 51.53 -1.41
CA ALA E 432 68.26 52.84 -1.34
C ALA E 432 69.73 52.73 -0.96
N ALA E 433 70.05 51.82 -0.04
CA ALA E 433 71.44 51.64 0.37
C ALA E 433 72.30 51.14 -0.79
N LEU E 434 71.71 50.38 -1.72
CA LEU E 434 72.47 49.92 -2.88
C LEU E 434 72.76 51.07 -3.83
N ALA E 435 71.81 51.99 -4.00
CA ALA E 435 72.01 53.11 -4.92
C ALA E 435 73.01 54.11 -4.35
N MET E 436 73.02 54.30 -3.03
CA MET E 436 73.95 55.23 -2.40
C MET E 436 75.37 54.68 -2.31
N MET E 437 75.62 53.49 -2.84
CA MET E 437 76.95 52.89 -2.84
C MET E 437 77.50 52.65 -4.24
N THR E 438 76.75 52.98 -5.29
CA THR E 438 77.18 52.79 -6.66
C THR E 438 77.28 54.14 -7.36
N ASP E 439 78.27 54.27 -8.25
CA ASP E 439 78.37 55.50 -9.03
C ASP E 439 77.23 55.63 -10.02
N ALA E 440 76.74 54.52 -10.57
CA ALA E 440 75.61 54.56 -11.49
C ALA E 440 74.32 54.99 -10.81
N GLY E 441 74.22 54.78 -9.50
CA GLY E 441 73.03 55.18 -8.77
C GLY E 441 73.08 56.62 -8.29
N ARG E 442 74.23 57.02 -7.73
CA ARG E 442 74.36 58.38 -7.22
C ARG E 442 74.43 59.41 -8.34
N SER E 443 75.06 59.06 -9.47
CA SER E 443 75.17 60.00 -10.57
C SER E 443 73.82 60.32 -11.21
N ALA E 444 72.79 59.52 -10.94
CA ALA E 444 71.48 59.77 -11.49
C ALA E 444 70.74 60.91 -10.81
N MET E 445 71.28 61.46 -9.73
CA MET E 445 70.62 62.55 -9.04
C MET E 445 70.61 63.82 -9.89
N LEU E 446 69.88 64.82 -9.40
CA LEU E 446 69.85 66.14 -10.03
C LEU E 446 70.25 67.24 -9.07
N ASN E 447 69.56 67.37 -7.94
CA ASN E 447 69.82 68.41 -6.96
C ASN E 447 70.83 67.93 -5.92
N PRO E 448 71.68 68.83 -5.43
CA PRO E 448 72.67 68.43 -4.41
C PRO E 448 72.11 68.51 -3.00
N GLY E 449 72.93 68.15 -2.01
CA GLY E 449 72.54 68.27 -0.62
C GLY E 449 71.67 67.13 -0.16
N PRO E 450 71.03 67.30 1.00
CA PRO E 450 70.11 66.26 1.49
C PRO E 450 68.99 65.94 0.53
N HIS E 451 68.55 66.90 -0.28
CA HIS E 451 67.51 66.65 -1.27
C HIS E 451 67.94 65.64 -2.31
N GLY E 452 69.25 65.55 -2.57
CA GLY E 452 69.74 64.55 -3.51
C GLY E 452 69.49 63.14 -3.03
N PHE E 453 69.71 62.88 -1.74
CA PHE E 453 69.36 61.59 -1.17
C PHE E 453 67.86 61.38 -1.14
N SER E 454 67.07 62.45 -0.95
CA SER E 454 65.63 62.34 -1.02
C SER E 454 65.17 61.90 -2.40
N GLU E 455 65.92 62.25 -3.45
CA GLU E 455 65.58 61.76 -4.79
C GLU E 455 65.74 60.26 -4.89
N VAL E 456 66.81 59.72 -4.30
CA VAL E 456 67.02 58.27 -4.31
C VAL E 456 66.03 57.59 -3.36
N LEU E 457 65.83 58.17 -2.17
CA LEU E 457 64.91 57.58 -1.21
C LEU E 457 63.48 57.57 -1.74
N TYR E 458 63.10 58.60 -2.50
CA TYR E 458 61.74 58.65 -3.04
C TYR E 458 61.54 57.64 -4.15
N ALA E 459 62.59 57.34 -4.92
CA ALA E 459 62.46 56.43 -6.05
C ALA E 459 62.21 55.00 -5.59
N VAL E 460 63.06 54.49 -4.69
CA VAL E 460 62.90 53.12 -4.23
C VAL E 460 61.68 52.98 -3.32
N SER E 461 61.32 54.05 -2.60
CA SER E 461 60.10 53.99 -1.79
C SER E 461 58.87 53.87 -2.67
N SER E 462 58.84 54.61 -3.78
CA SER E 462 57.70 54.54 -4.69
C SER E 462 57.64 53.19 -5.40
N ALA E 463 58.79 52.68 -5.84
CA ALA E 463 58.80 51.43 -6.59
C ALA E 463 58.38 50.25 -5.72
N ALA E 464 58.92 50.15 -4.51
CA ALA E 464 58.62 49.01 -3.66
C ALA E 464 57.15 49.03 -3.22
N ASN E 465 56.62 50.21 -2.91
CA ASN E 465 55.23 50.33 -2.50
C ASN E 465 54.28 50.41 -3.69
N ASN E 466 54.79 50.35 -4.92
CA ASN E 466 54.01 50.31 -6.16
C ASN E 466 53.29 51.62 -6.45
N ASN E 467 53.71 52.72 -5.80
CA ASN E 467 53.06 54.00 -6.03
C ASN E 467 53.30 54.50 -7.44
N GLY E 468 54.56 54.53 -7.87
CA GLY E 468 54.92 55.02 -9.18
C GLY E 468 55.21 56.50 -9.28
N SER E 469 54.97 57.27 -8.21
CA SER E 469 55.33 58.68 -8.21
C SER E 469 56.84 58.80 -8.16
N ALA E 470 57.35 59.89 -8.72
CA ALA E 470 58.79 60.10 -8.73
C ALA E 470 59.08 61.58 -8.64
N PHE E 471 60.28 61.88 -8.12
CA PHE E 471 60.77 63.26 -8.16
C PHE E 471 61.08 63.68 -9.59
N ALA E 472 61.46 62.72 -10.44
CA ALA E 472 61.71 62.90 -11.87
C ALA E 472 63.01 63.64 -12.12
N GLY E 473 63.55 64.33 -11.10
CA GLY E 473 64.90 64.83 -11.20
C GLY E 473 65.91 63.73 -11.38
N LEU E 474 65.61 62.54 -10.84
CA LEU E 474 66.46 61.38 -11.01
C LEU E 474 66.30 60.82 -12.42
N SER E 475 67.42 60.66 -13.13
CA SER E 475 67.42 60.07 -14.46
C SER E 475 67.72 58.58 -14.30
N ALA E 476 66.68 57.75 -14.39
CA ALA E 476 66.78 56.34 -14.04
C ALA E 476 66.70 55.42 -15.25
N ASN E 477 66.98 55.93 -16.45
CA ASN E 477 66.98 55.09 -17.64
C ASN E 477 68.22 54.20 -17.73
N SER E 478 69.13 54.28 -16.77
CA SER E 478 70.30 53.43 -16.78
C SER E 478 69.91 51.98 -16.50
N PRO E 479 70.70 51.01 -16.96
CA PRO E 479 70.37 49.60 -16.68
C PRO E 479 70.41 49.24 -15.21
N PHE E 480 71.15 50.00 -14.38
CA PHE E 480 71.16 49.72 -12.95
C PHE E 480 69.80 50.03 -12.33
N TRP E 481 69.29 51.25 -12.57
CA TRP E 481 68.00 51.63 -11.98
C TRP E 481 66.85 50.83 -12.56
N ASN E 482 66.94 50.42 -13.82
CA ASN E 482 65.88 49.58 -14.40
C ASN E 482 65.83 48.21 -13.72
N CYS E 483 66.99 47.64 -13.42
CA CYS E 483 67.02 46.33 -12.77
C CYS E 483 66.70 46.43 -11.28
N LEU E 484 67.21 47.47 -10.61
CA LEU E 484 66.95 47.61 -9.19
C LEU E 484 65.48 47.87 -8.91
N LEU E 485 64.86 48.77 -9.69
CA LEU E 485 63.48 49.12 -9.44
C LEU E 485 62.53 47.98 -9.84
N ALA E 486 62.81 47.31 -10.95
CA ALA E 486 61.98 46.18 -11.37
C ALA E 486 61.94 45.10 -10.30
N PHE E 487 63.06 44.87 -9.63
CA PHE E 487 63.09 43.91 -8.53
C PHE E 487 62.24 44.39 -7.36
N CYS E 488 62.30 45.69 -7.05
CA CYS E 488 61.52 46.22 -5.92
C CYS E 488 60.02 46.17 -6.19
N MET E 489 59.60 46.46 -7.43
CA MET E 489 58.17 46.41 -7.71
C MET E 489 57.66 44.98 -7.75
N PHE E 490 58.41 44.08 -8.38
CA PHE E 490 57.98 42.69 -8.47
C PHE E 490 57.87 42.05 -7.09
N VAL E 491 58.95 42.11 -6.31
CA VAL E 491 58.94 41.51 -4.99
C VAL E 491 58.01 42.27 -4.05
N GLY E 492 57.92 43.61 -4.22
CA GLY E 492 57.04 44.40 -3.36
C GLY E 492 55.57 44.17 -3.60
N ARG E 493 55.20 43.58 -4.74
CA ARG E 493 53.81 43.31 -5.07
C ARG E 493 53.46 41.87 -4.75
N PHE E 494 54.05 40.93 -5.48
CA PHE E 494 53.72 39.53 -5.33
C PHE E 494 54.25 38.97 -4.01
N GLY E 495 55.32 39.55 -3.48
CA GLY E 495 55.80 39.17 -2.16
C GLY E 495 54.85 39.53 -1.04
N VAL E 496 53.84 40.35 -1.32
CA VAL E 496 52.79 40.66 -0.36
C VAL E 496 51.49 39.94 -0.68
N ILE E 497 51.18 39.72 -1.96
CA ILE E 497 49.97 39.00 -2.33
C ILE E 497 50.05 37.55 -1.89
N ILE E 498 51.25 36.95 -1.97
CA ILE E 498 51.41 35.54 -1.60
C ILE E 498 51.08 35.30 -0.14
N PRO E 499 51.67 36.02 0.83
CA PRO E 499 51.28 35.76 2.23
C PRO E 499 49.87 36.24 2.55
N VAL E 500 49.36 37.24 1.83
CA VAL E 500 47.99 37.68 2.07
C VAL E 500 47.00 36.58 1.72
N MET E 501 47.24 35.87 0.61
CA MET E 501 46.37 34.77 0.25
C MET E 501 46.49 33.62 1.25
N ALA E 502 47.71 33.36 1.75
CA ALA E 502 47.86 32.37 2.80
C ALA E 502 47.14 32.77 4.07
N ILE E 503 47.08 34.08 4.35
CA ILE E 503 46.25 34.56 5.45
C ILE E 503 44.79 34.26 5.17
N ALA E 504 44.36 34.46 3.93
CA ALA E 504 42.97 34.19 3.57
C ALA E 504 42.64 32.71 3.76
N GLY E 505 43.45 31.83 3.19
CA GLY E 505 43.22 30.40 3.31
C GLY E 505 43.29 29.88 4.73
N SER E 506 44.01 30.58 5.61
CA SER E 506 44.09 30.17 7.01
C SER E 506 42.89 30.62 7.82
N LEU E 507 42.19 31.67 7.39
CA LEU E 507 41.07 32.21 8.13
C LEU E 507 39.73 31.55 7.82
N VAL E 508 39.60 30.93 6.64
CA VAL E 508 38.33 30.30 6.29
C VAL E 508 38.10 29.05 7.13
N SER E 509 39.15 28.28 7.37
CA SER E 509 39.05 27.05 8.16
C SER E 509 38.67 27.31 9.62
N LYS E 510 38.57 28.56 10.04
CA LYS E 510 38.16 28.90 11.39
C LYS E 510 36.69 29.33 11.40
N LYS E 511 36.03 29.13 12.53
CA LYS E 511 34.64 29.51 12.71
C LYS E 511 34.56 30.68 13.68
N SER E 512 33.85 31.72 13.29
CA SER E 512 33.68 32.89 14.16
C SER E 512 32.99 32.49 15.46
N GLN E 513 33.51 33.01 16.57
CA GLN E 513 32.97 32.73 17.89
C GLN E 513 32.34 33.99 18.47
N ALA E 514 31.41 33.78 19.40
CA ALA E 514 30.70 34.89 20.02
C ALA E 514 31.64 35.69 20.92
N ALA E 515 31.19 36.89 21.29
CA ALA E 515 31.99 37.78 22.11
C ALA E 515 32.13 37.25 23.52
N SER E 516 33.35 37.25 24.03
CA SER E 516 33.66 36.82 25.39
C SER E 516 34.17 38.02 26.19
N SER E 517 34.70 37.73 27.39
CA SER E 517 35.21 38.79 28.24
C SER E 517 36.49 39.40 27.69
N GLY E 518 37.31 38.61 27.01
CA GLY E 518 38.57 39.06 26.45
C GLY E 518 38.50 39.65 25.06
N THR E 519 37.31 39.87 24.52
CA THR E 519 37.18 40.43 23.20
C THR E 519 37.30 41.95 23.23
N LEU E 520 37.72 42.52 22.11
CA LEU E 520 37.93 43.95 22.02
C LEU E 520 37.16 44.51 20.83
N PRO E 521 36.41 45.59 21.02
CA PRO E 521 35.65 46.18 19.91
C PRO E 521 36.58 46.72 18.83
N THR E 522 36.56 46.13 17.64
CA THR E 522 37.32 46.62 16.50
C THR E 522 36.59 47.72 15.75
N HIS E 523 35.81 48.54 16.45
CA HIS E 523 35.14 49.71 15.92
C HIS E 523 35.18 50.81 16.97
N GLY E 524 34.66 51.98 16.62
CA GLY E 524 34.64 53.09 17.54
C GLY E 524 35.97 53.81 17.59
N PRO E 525 36.07 54.85 18.43
CA PRO E 525 37.28 55.68 18.42
C PRO E 525 38.50 55.00 19.02
N LEU E 526 38.32 54.11 20.00
CA LEU E 526 39.47 53.51 20.66
C LEU E 526 40.28 52.66 19.71
N PHE E 527 39.61 51.92 18.81
CA PHE E 527 40.34 51.09 17.86
C PHE E 527 40.82 51.90 16.66
N VAL E 528 40.10 52.98 16.31
CA VAL E 528 40.58 53.87 15.25
C VAL E 528 41.94 54.45 15.62
N GLY E 529 42.04 55.05 16.81
CA GLY E 529 43.31 55.61 17.23
C GLY E 529 44.38 54.55 17.41
N LEU E 530 44.01 53.40 17.98
CA LEU E 530 44.96 52.31 18.11
C LEU E 530 45.46 51.83 16.75
N LEU E 531 44.59 51.88 15.74
CA LEU E 531 45.02 51.52 14.38
C LEU E 531 45.94 52.59 13.81
N ILE E 532 45.60 53.86 14.01
CA ILE E 532 46.43 54.95 13.50
C ILE E 532 47.82 54.90 14.13
N GLY E 533 47.88 54.77 15.46
CA GLY E 533 49.16 54.68 16.13
C GLY E 533 49.97 53.48 15.68
N THR E 534 49.31 52.37 15.35
CA THR E 534 50.03 51.19 14.90
C THR E 534 50.67 51.41 13.54
N VAL E 535 49.95 52.04 12.61
CA VAL E 535 50.50 52.28 11.28
C VAL E 535 51.56 53.37 11.32
N LEU E 536 51.35 54.41 12.14
CA LEU E 536 52.31 55.51 12.20
C LEU E 536 53.60 55.08 12.90
N LEU E 537 53.49 54.35 14.01
CA LEU E 537 54.68 53.99 14.78
C LEU E 537 55.57 53.03 14.00
N VAL E 538 54.97 52.12 13.24
CA VAL E 538 55.77 51.18 12.45
C VAL E 538 56.54 51.91 11.36
N GLY E 539 55.85 52.81 10.64
CA GLY E 539 56.54 53.62 9.65
C GLY E 539 57.54 54.59 10.25
N ALA E 540 57.27 55.06 11.47
CA ALA E 540 58.20 55.98 12.12
C ALA E 540 59.49 55.26 12.51
N LEU E 541 59.38 54.18 13.28
CA LEU E 541 60.55 53.42 13.72
C LEU E 541 61.36 52.90 12.55
N THR E 542 60.77 52.82 11.35
CA THR E 542 61.47 52.32 10.18
C THR E 542 62.16 53.43 9.40
N PHE E 543 61.55 54.61 9.32
CA PHE E 543 62.04 55.67 8.43
C PHE E 543 62.46 56.96 9.13
N ILE E 544 62.35 57.07 10.46
CA ILE E 544 62.84 58.27 11.15
C ILE E 544 64.32 58.54 10.91
N PRO E 545 65.22 57.55 10.91
CA PRO E 545 66.62 57.87 10.63
C PRO E 545 66.83 58.28 9.18
N ALA E 546 66.26 57.52 8.24
CA ALA E 546 66.47 57.82 6.82
C ALA E 546 65.85 59.16 6.45
N LEU E 547 64.78 59.58 7.12
CA LEU E 547 64.19 60.88 6.85
C LEU E 547 65.03 62.01 7.42
N ALA E 548 65.69 61.78 8.56
CA ALA E 548 66.56 62.79 9.13
C ALA E 548 67.72 63.13 8.20
N LEU E 549 68.26 62.12 7.52
CA LEU E 549 69.31 62.33 6.53
C LEU E 549 68.76 62.76 5.17
N GLY E 550 67.44 62.91 5.05
CA GLY E 550 66.83 63.32 3.80
C GLY E 550 66.16 64.67 3.89
N PRO E 551 64.84 64.70 3.75
CA PRO E 551 64.13 65.99 3.73
C PRO E 551 64.16 66.73 5.06
N VAL E 552 64.38 66.04 6.18
CA VAL E 552 64.47 66.73 7.46
C VAL E 552 65.74 67.56 7.53
N ALA E 553 66.85 67.02 7.01
CA ALA E 553 68.08 67.79 6.95
C ALA E 553 67.93 69.01 6.04
N GLU E 554 67.25 68.85 4.90
CA GLU E 554 66.99 69.98 4.02
C GLU E 554 66.13 71.03 4.71
N TYR E 555 65.22 70.61 5.59
CA TYR E 555 64.38 71.58 6.30
C TYR E 555 65.20 72.40 7.28
N LEU E 556 66.05 71.75 8.06
CA LEU E 556 66.88 72.44 9.04
C LEU E 556 68.12 73.06 8.41
N SER E 557 68.36 72.83 7.11
CA SER E 557 69.52 73.41 6.44
C SER E 557 69.26 74.88 6.11
N PHE F 1 63.74 36.68 48.42
CA PHE F 1 63.70 37.01 47.00
C PHE F 1 65.05 37.48 46.48
N GLU F 2 65.76 38.26 47.29
CA GLU F 2 67.10 38.73 46.96
C GLU F 2 68.02 38.57 48.17
N PRO F 3 68.41 37.33 48.49
CA PRO F 3 69.40 37.15 49.55
C PRO F 3 70.81 37.11 48.97
N THR F 4 71.75 37.70 49.72
CA THR F 4 73.15 37.69 49.30
C THR F 4 73.69 36.29 49.11
N LEU F 5 73.10 35.29 49.76
CA LEU F 5 73.52 33.91 49.54
C LEU F 5 73.23 33.46 48.11
N VAL F 6 71.99 33.63 47.65
CA VAL F 6 71.61 33.12 46.35
C VAL F 6 72.09 34.04 45.24
N VAL F 7 72.06 35.36 45.47
CA VAL F 7 72.47 36.31 44.43
C VAL F 7 73.93 36.07 44.05
N GLN F 8 74.80 35.92 45.05
CA GLN F 8 76.20 35.63 44.76
C GLN F 8 76.37 34.24 44.14
N ALA F 9 75.57 33.28 44.59
CA ALA F 9 75.60 31.95 43.99
C ALA F 9 75.08 31.94 42.55
N LEU F 10 74.41 33.00 42.13
CA LEU F 10 73.90 33.13 40.77
C LEU F 10 74.73 34.08 39.91
N LYS F 11 75.19 35.19 40.49
CA LYS F 11 76.01 36.14 39.74
C LYS F 11 77.27 35.47 39.18
N GLU F 12 77.80 34.47 39.88
CA GLU F 12 78.90 33.69 39.33
C GLU F 12 78.45 32.92 38.09
N ALA F 13 77.25 32.35 38.14
CA ALA F 13 76.69 31.70 36.96
C ALA F 13 76.26 32.71 35.90
N VAL F 14 75.99 33.96 36.29
CA VAL F 14 75.65 34.99 35.31
C VAL F 14 76.85 35.31 34.44
N LYS F 15 78.01 35.53 35.06
CA LYS F 15 79.23 35.79 34.30
C LYS F 15 79.67 34.58 33.49
N LYS F 16 79.26 33.37 33.89
CA LYS F 16 79.53 32.17 33.10
C LYS F 16 78.55 32.00 31.95
N LEU F 17 77.49 32.80 31.88
CA LEU F 17 76.54 32.76 30.77
C LEU F 17 76.87 33.78 29.69
N ASN F 18 78.16 34.13 29.54
CA ASN F 18 78.60 35.10 28.54
C ASN F 18 79.15 34.51 27.23
N PRO F 19 79.52 33.20 27.13
CA PRO F 19 80.04 32.72 25.85
C PRO F 19 78.99 32.68 24.74
N GLN F 20 79.35 32.08 23.60
CA GLN F 20 78.47 32.00 22.46
C GLN F 20 77.36 30.97 22.67
N ALA F 21 76.61 31.12 23.77
CA ALA F 21 75.52 30.21 24.10
C ALA F 21 74.21 30.96 24.30
N GLN F 22 74.02 32.06 23.57
CA GLN F 22 72.81 32.86 23.63
C GLN F 22 72.15 32.99 22.26
N TRP F 23 72.47 32.08 21.34
CA TRP F 23 71.90 32.15 20.00
C TRP F 23 70.41 31.84 19.97
N ARG F 24 69.87 31.24 21.04
CA ARG F 24 68.42 31.02 21.10
C ARG F 24 67.65 32.29 21.41
N ASN F 25 68.30 33.29 22.01
CA ASN F 25 67.70 34.60 22.22
C ASN F 25 68.21 35.55 21.14
N PRO F 26 67.44 35.83 20.09
CA PRO F 26 67.96 36.66 19.00
C PRO F 26 68.24 38.09 19.41
N VAL F 27 67.46 38.64 20.35
CA VAL F 27 67.69 40.01 20.79
C VAL F 27 69.04 40.14 21.50
N MET F 28 69.29 39.29 22.49
CA MET F 28 70.55 39.36 23.22
C MET F 28 71.71 38.84 22.41
N PHE F 29 71.46 37.99 21.41
CA PHE F 29 72.54 37.52 20.54
C PHE F 29 73.11 38.66 19.71
N ILE F 30 72.25 39.60 19.29
CA ILE F 30 72.73 40.77 18.57
C ILE F 30 73.51 41.69 19.50
N VAL F 31 73.04 41.84 20.74
CA VAL F 31 73.77 42.63 21.72
C VAL F 31 75.12 42.01 22.03
N TRP F 32 75.19 40.67 22.03
CA TRP F 32 76.48 40.00 22.24
C TRP F 32 77.41 40.23 21.06
N ILE F 33 76.89 40.13 19.83
CA ILE F 33 77.70 40.38 18.65
C ILE F 33 78.16 41.84 18.63
N GLY F 34 77.26 42.76 18.96
CA GLY F 34 77.64 44.17 19.03
C GLY F 34 78.67 44.45 20.10
N SER F 35 78.54 43.79 21.26
CA SER F 35 79.53 43.96 22.31
C SER F 35 80.86 43.29 21.95
N LEU F 36 80.82 42.27 21.09
CA LEU F 36 82.05 41.58 20.70
C LEU F 36 82.91 42.46 19.80
N LEU F 37 82.31 43.06 18.77
CA LEU F 37 83.10 43.85 17.83
C LEU F 37 83.53 45.18 18.44
N THR F 38 82.68 45.78 19.27
CA THR F 38 83.04 47.05 19.90
C THR F 38 84.22 46.88 20.84
N THR F 39 84.35 45.70 21.45
CA THR F 39 85.56 45.40 22.22
C THR F 39 86.70 44.98 21.31
N CYS F 40 86.38 44.24 20.23
CA CYS F 40 87.40 43.85 19.27
C CYS F 40 87.94 45.06 18.52
N ILE F 41 87.09 46.04 18.24
CA ILE F 41 87.55 47.27 17.58
C ILE F 41 88.37 48.12 18.54
N SER F 42 87.80 48.45 19.70
CA SER F 42 88.45 49.37 20.63
C SER F 42 89.84 48.87 21.05
N ILE F 43 90.05 47.56 21.08
CA ILE F 43 91.38 47.03 21.35
C ILE F 43 92.31 47.34 20.18
N ALA F 44 91.90 46.99 18.97
CA ALA F 44 92.68 47.32 17.79
C ALA F 44 92.69 48.82 17.53
N MET F 45 91.59 49.51 17.87
CA MET F 45 91.54 50.96 17.70
C MET F 45 92.56 51.66 18.60
N ALA F 46 92.76 51.15 19.81
CA ALA F 46 93.74 51.74 20.71
C ALA F 46 95.17 51.36 20.34
N SER F 47 95.38 50.11 19.93
CA SER F 47 96.72 49.66 19.57
C SER F 47 97.21 50.35 18.30
N GLY F 48 96.47 50.19 17.20
CA GLY F 48 96.86 50.78 15.94
C GLY F 48 95.78 50.70 14.88
N ALA F 49 95.04 51.80 14.70
CA ALA F 49 93.98 51.85 13.71
C ALA F 49 93.71 53.31 13.35
N MET F 50 92.91 53.48 12.30
CA MET F 50 92.60 54.84 11.83
C MET F 50 91.80 55.67 12.84
N PRO F 51 90.81 55.15 13.56
CA PRO F 51 90.08 55.99 14.52
C PRO F 51 91.01 56.57 15.58
N GLY F 52 90.62 57.75 16.08
CA GLY F 52 91.48 58.53 16.95
C GLY F 52 91.15 58.48 18.43
N ASN F 53 89.90 58.19 18.77
CA ASN F 53 89.44 58.17 20.15
C ASN F 53 89.06 56.74 20.52
N ALA F 54 89.77 56.16 21.48
CA ALA F 54 89.61 54.76 21.85
C ALA F 54 88.93 54.55 23.19
N LEU F 55 89.05 55.50 24.13
CA LEU F 55 88.40 55.33 25.42
C LEU F 55 86.88 55.39 25.31
N PHE F 56 86.37 56.12 24.33
CA PHE F 56 84.93 56.17 24.12
C PHE F 56 84.38 54.81 23.70
N SER F 57 85.04 54.17 22.72
CA SER F 57 84.60 52.85 22.29
C SER F 57 84.78 51.81 23.38
N ALA F 58 85.79 51.98 24.25
CA ALA F 58 85.96 51.06 25.37
C ALA F 58 84.86 51.23 26.42
N ALA F 59 84.32 52.44 26.53
CA ALA F 59 83.21 52.68 27.45
C ALA F 59 81.89 52.14 26.89
N ILE F 60 81.69 52.27 25.58
CA ILE F 60 80.49 51.73 24.95
C ILE F 60 80.47 50.21 25.05
N SER F 61 81.55 49.56 24.64
CA SER F 61 81.63 48.11 24.71
C SER F 61 81.56 47.61 26.16
N GLY F 62 82.02 48.41 27.11
CA GLY F 62 81.94 48.01 28.50
C GLY F 62 80.50 47.87 28.98
N TRP F 63 79.68 48.89 28.75
CA TRP F 63 78.28 48.82 29.15
C TRP F 63 77.50 47.80 28.32
N LEU F 64 77.95 47.49 27.11
CA LEU F 64 77.26 46.47 26.32
C LEU F 64 77.43 45.09 26.94
N TRP F 65 78.61 44.79 27.49
CA TRP F 65 78.78 43.54 28.24
C TRP F 65 77.99 43.57 29.54
N ILE F 66 77.91 44.74 30.18
CA ILE F 66 77.10 44.88 31.38
C ILE F 66 75.62 44.71 31.04
N THR F 67 75.23 45.10 29.83
CA THR F 67 73.85 44.86 29.40
C THR F 67 73.55 43.38 29.27
N VAL F 68 74.49 42.61 28.71
CA VAL F 68 74.31 41.16 28.62
C VAL F 68 74.33 40.54 30.01
N LEU F 69 75.19 41.05 30.90
CA LEU F 69 75.24 40.52 32.27
C LEU F 69 73.93 40.76 33.00
N PHE F 70 73.35 41.97 32.85
CA PHE F 70 72.08 42.25 33.51
C PHE F 70 70.95 41.40 32.96
N ALA F 71 70.97 41.10 31.66
CA ALA F 71 69.96 40.21 31.10
C ALA F 71 70.12 38.79 31.64
N ASN F 72 71.36 38.31 31.72
CA ASN F 72 71.60 36.99 32.31
C ASN F 72 71.35 37.00 33.81
N PHE F 73 71.54 38.14 34.47
CA PHE F 73 71.28 38.22 35.89
C PHE F 73 69.80 38.06 36.21
N ALA F 74 68.92 38.52 35.32
CA ALA F 74 67.49 38.35 35.55
C ALA F 74 67.06 36.90 35.32
N GLU F 75 67.55 36.27 34.25
CA GLU F 75 67.18 34.89 33.97
C GLU F 75 67.74 33.95 35.04
N ALA F 76 68.98 34.19 35.48
CA ALA F 76 69.57 33.34 36.51
C ALA F 76 68.88 33.55 37.86
N LEU F 77 68.48 34.80 38.15
CA LEU F 77 67.81 35.07 39.42
C LEU F 77 66.46 34.36 39.49
N ALA F 78 65.72 34.35 38.38
CA ALA F 78 64.46 33.62 38.35
C ALA F 78 64.69 32.11 38.44
N GLU F 79 65.71 31.60 37.75
CA GLU F 79 66.03 30.18 37.82
C GLU F 79 66.70 29.80 39.13
N GLY F 80 67.19 30.77 39.90
CA GLY F 80 67.77 30.49 41.19
C GLY F 80 66.72 30.25 42.26
N ARG F 81 65.68 31.09 42.25
CA ARG F 81 64.59 30.94 43.22
C ARG F 81 63.82 29.65 42.99
N SER F 82 63.66 29.23 41.73
CA SER F 82 62.94 27.99 41.46
C SER F 82 63.74 26.77 41.90
N LYS F 83 65.04 26.76 41.60
CA LYS F 83 65.87 25.61 41.97
C LYS F 83 66.09 25.55 43.48
N ALA F 84 66.00 26.70 44.17
CA ALA F 84 66.11 26.69 45.63
C ALA F 84 64.97 25.88 46.25
N GLN F 85 63.75 26.07 45.75
CA GLN F 85 62.62 25.26 46.21
C GLN F 85 62.73 23.82 45.73
N ALA F 86 63.34 23.60 44.56
CA ALA F 86 63.50 22.24 44.05
C ALA F 86 64.52 21.47 44.87
N ASN F 87 65.61 22.12 45.27
CA ASN F 87 66.62 21.44 46.09
C ASN F 87 66.13 21.15 47.49
N SER F 88 65.14 21.91 47.98
CA SER F 88 64.58 21.62 49.30
C SER F 88 63.85 20.30 49.32
N LEU F 89 63.13 19.97 48.23
CA LEU F 89 62.47 18.69 48.11
C LEU F 89 63.36 17.62 47.48
N LYS F 90 64.40 18.02 46.77
CA LYS F 90 65.32 17.06 46.16
C LYS F 90 66.27 16.46 47.18
N GLY F 91 66.72 17.26 48.15
CA GLY F 91 67.62 16.79 49.18
C GLY F 91 66.99 15.91 50.24
N VAL F 92 65.65 15.88 50.33
CA VAL F 92 65.00 15.03 51.32
C VAL F 92 65.00 13.58 50.87
N LYS F 93 64.79 13.33 49.57
CA LYS F 93 64.73 11.98 49.04
C LYS F 93 66.06 11.61 48.40
N LYS F 94 67.08 11.50 49.26
CA LYS F 94 68.39 11.01 48.84
C LYS F 94 68.96 9.96 49.77
N THR F 95 68.26 9.57 50.83
CA THR F 95 68.77 8.56 51.74
C THR F 95 68.58 7.17 51.16
N ALA F 96 69.41 6.23 51.64
CA ALA F 96 69.33 4.84 51.21
C ALA F 96 68.83 3.96 52.33
N PHE F 97 67.78 4.40 53.02
CA PHE F 97 67.21 3.67 54.16
C PHE F 97 65.99 2.86 53.74
N ALA F 98 66.07 2.15 52.62
CA ALA F 98 64.94 1.40 52.08
C ALA F 98 65.18 -0.08 52.32
N ARG F 99 64.80 -0.55 53.50
CA ARG F 99 64.88 -1.97 53.83
C ARG F 99 63.72 -2.68 53.15
N LYS F 100 64.02 -3.56 52.20
CA LYS F 100 63.00 -4.27 51.44
C LYS F 100 62.90 -5.71 51.94
N LEU F 101 61.67 -6.17 52.18
CA LEU F 101 61.43 -7.52 52.66
C LEU F 101 61.30 -8.50 51.50
N ARG F 102 61.86 -9.69 51.69
CA ARG F 102 61.66 -10.76 50.73
C ARG F 102 60.27 -11.37 50.86
N GLU F 103 59.77 -11.51 52.09
CA GLU F 103 58.41 -11.98 52.30
C GLU F 103 57.51 -10.80 52.62
N PRO F 104 56.36 -10.67 51.95
CA PRO F 104 55.52 -9.48 52.16
C PRO F 104 55.00 -9.32 53.58
N LYS F 105 54.97 -10.39 54.36
CA LYS F 105 54.47 -10.30 55.72
C LYS F 105 55.44 -9.53 56.62
N TYR F 106 54.88 -8.84 57.61
CA TYR F 106 55.69 -8.06 58.53
C TYR F 106 56.52 -8.97 59.41
N GLY F 107 57.71 -8.50 59.78
CA GLY F 107 58.62 -9.23 60.63
C GLY F 107 59.67 -10.06 59.92
N ALA F 108 59.70 -10.03 58.59
CA ALA F 108 60.68 -10.79 57.84
C ALA F 108 62.04 -10.09 57.88
N ALA F 109 63.04 -10.72 57.25
CA ALA F 109 64.39 -10.17 57.19
C ALA F 109 64.50 -9.19 56.03
N ALA F 110 64.99 -7.99 56.32
CA ALA F 110 65.14 -6.94 55.32
C ALA F 110 66.59 -6.46 55.27
N ASP F 111 67.06 -6.20 54.06
CA ASP F 111 68.39 -5.64 53.84
C ASP F 111 68.28 -4.25 53.23
N LYS F 112 69.22 -3.39 53.59
CA LYS F 112 69.20 -2.01 53.12
C LYS F 112 69.61 -1.92 51.66
N VAL F 113 68.76 -1.27 50.86
CA VAL F 113 68.99 -1.10 49.42
C VAL F 113 68.85 0.37 49.08
N PRO F 114 69.70 0.92 48.22
CA PRO F 114 69.54 2.33 47.82
C PRO F 114 68.15 2.62 47.28
N ALA F 115 67.64 3.81 47.59
CA ALA F 115 66.27 4.16 47.24
C ALA F 115 66.07 4.26 45.73
N ASP F 116 67.10 4.69 44.99
CA ASP F 116 66.95 4.84 43.54
C ASP F 116 66.89 3.49 42.84
N GLN F 117 67.34 2.41 43.48
CA GLN F 117 67.25 1.08 42.91
C GLN F 117 65.90 0.42 43.12
N LEU F 118 64.99 1.08 43.86
CA LEU F 118 63.67 0.53 44.09
C LEU F 118 62.85 0.57 42.80
N ARG F 119 62.29 -0.58 42.43
CA ARG F 119 61.49 -0.71 41.22
C ARG F 119 60.05 -1.01 41.58
N LYS F 120 59.19 -1.08 40.57
CA LYS F 120 57.79 -1.37 40.79
C LYS F 120 57.59 -2.82 41.22
N GLY F 121 56.87 -3.02 42.33
CA GLY F 121 56.60 -4.35 42.85
C GLY F 121 57.35 -4.69 44.12
N ASP F 122 58.38 -3.92 44.48
CA ASP F 122 59.13 -4.22 45.69
C ASP F 122 58.28 -3.97 46.93
N ILE F 123 58.64 -4.65 48.01
CA ILE F 123 57.97 -4.54 49.30
C ILE F 123 58.99 -4.05 50.31
N VAL F 124 58.82 -2.82 50.80
CA VAL F 124 59.75 -2.22 51.73
C VAL F 124 59.04 -1.96 53.05
N LEU F 125 59.80 -2.02 54.14
CA LEU F 125 59.30 -1.77 55.48
C LEU F 125 59.79 -0.42 55.98
N VAL F 126 58.90 0.34 56.62
CA VAL F 126 59.24 1.63 57.19
C VAL F 126 58.59 1.72 58.57
N GLU F 127 59.41 1.72 59.61
CA GLU F 127 58.93 1.91 60.97
C GLU F 127 59.16 3.37 61.39
N ALA F 128 58.63 3.71 62.56
CA ALA F 128 58.66 5.09 63.03
C ALA F 128 60.09 5.60 63.13
N GLY F 129 60.34 6.78 62.57
CA GLY F 129 61.66 7.37 62.57
C GLY F 129 62.22 7.51 61.17
N ASP F 130 62.05 6.49 60.35
CA ASP F 130 62.55 6.51 58.99
C ASP F 130 61.63 7.35 58.08
N ILE F 131 62.12 7.62 56.88
CA ILE F 131 61.34 8.34 55.87
C ILE F 131 60.94 7.36 54.78
N ILE F 132 59.79 7.63 54.17
CA ILE F 132 59.22 6.78 53.12
C ILE F 132 60.14 6.84 51.90
N PRO F 133 60.66 5.69 51.43
CA PRO F 133 61.60 5.73 50.31
C PRO F 133 60.95 6.00 48.97
N CYS F 134 59.78 5.41 48.75
CA CYS F 134 59.09 5.54 47.47
C CYS F 134 57.59 5.53 47.70
N ASP F 135 56.85 5.91 46.67
CA ASP F 135 55.40 5.95 46.74
C ASP F 135 54.83 4.53 46.77
N GLY F 136 53.50 4.45 46.81
CA GLY F 136 52.81 3.18 46.79
C GLY F 136 51.63 3.19 47.72
N GLU F 137 51.11 2.00 47.98
CA GLU F 137 49.94 1.81 48.84
C GLU F 137 50.33 1.01 50.08
N VAL F 138 49.71 1.34 51.20
CA VAL F 138 49.94 0.63 52.46
C VAL F 138 49.19 -0.69 52.44
N ILE F 139 49.90 -1.78 52.76
CA ILE F 139 49.29 -3.10 52.76
C ILE F 139 49.14 -3.66 54.18
N GLU F 140 49.97 -3.25 55.12
CA GLU F 140 49.88 -3.74 56.49
C GLU F 140 50.20 -2.60 57.46
N GLY F 141 49.42 -2.50 58.53
CA GLY F 141 49.68 -1.54 59.58
C GLY F 141 48.91 -0.24 59.41
N GLY F 142 49.12 0.65 60.37
CA GLY F 142 48.49 1.95 60.38
C GLY F 142 49.23 2.91 61.28
N ALA F 143 49.61 4.06 60.76
CA ALA F 143 50.41 5.02 61.52
C ALA F 143 50.14 6.43 61.00
N SER F 144 50.58 7.41 61.78
CA SER F 144 50.49 8.81 61.41
C SER F 144 51.81 9.28 60.82
N VAL F 145 51.76 9.85 59.62
CA VAL F 145 52.95 10.28 58.91
C VAL F 145 52.94 11.80 58.81
N ASP F 146 54.09 12.36 58.45
CA ASP F 146 54.27 13.79 58.28
C ASP F 146 54.55 14.07 56.79
N GLU F 147 53.54 14.60 56.09
CA GLU F 147 53.66 14.90 54.67
C GLU F 147 54.10 16.33 54.42
N SER F 148 54.96 16.88 55.28
CA SER F 148 55.44 18.24 55.10
C SER F 148 56.28 18.41 53.83
N ALA F 149 56.85 17.31 53.31
CA ALA F 149 57.68 17.41 52.12
C ALA F 149 56.88 17.82 50.89
N ILE F 150 55.58 17.52 50.85
CA ILE F 150 54.77 17.79 49.67
C ILE F 150 53.76 18.91 49.90
N THR F 151 53.38 19.20 51.15
CA THR F 151 52.39 20.23 51.43
C THR F 151 52.90 21.37 52.29
N GLY F 152 54.04 21.20 52.95
CA GLY F 152 54.55 22.23 53.83
C GLY F 152 53.84 22.37 55.14
N GLU F 153 53.10 21.35 55.56
CA GLU F 153 52.40 21.40 56.85
C GLU F 153 52.91 20.30 57.78
N SEP F 154 53.18 20.70 59.03
CA SEP F 154 53.72 19.78 60.02
CB SEP F 154 54.41 20.57 61.13
OG SEP F 154 55.28 21.55 60.59
C SEP F 154 52.62 18.91 60.62
O SEP F 154 52.91 17.91 61.28
P SEP F 154 56.47 21.83 61.63
O1P SEP F 154 57.22 20.45 61.99
O2P SEP F 154 57.53 22.85 60.96
O3P SEP F 154 55.87 22.50 62.96
N ALA F 155 51.38 19.30 60.39
CA ALA F 155 50.21 18.58 60.91
C ALA F 155 50.24 17.12 60.48
N PRO F 156 49.88 16.22 61.40
CA PRO F 156 49.94 14.79 61.10
C PRO F 156 48.80 14.35 60.20
N VAL F 157 48.95 13.15 59.65
CA VAL F 157 47.94 12.53 58.81
C VAL F 157 48.14 11.01 58.90
N ILE F 158 47.03 10.29 59.02
CA ILE F 158 47.06 8.85 59.23
C ILE F 158 47.15 8.16 57.88
N ARG F 159 47.89 7.05 57.82
CA ARG F 159 47.99 6.21 56.63
C ARG F 159 47.90 4.76 57.09
N GLU F 160 46.74 4.14 56.87
CA GLU F 160 46.50 2.76 57.26
C GLU F 160 46.08 1.94 56.05
N SER F 161 46.20 0.62 56.19
CA SER F 161 45.89 -0.30 55.10
C SER F 161 44.40 -0.58 55.03
N GLY F 162 43.95 -0.97 53.84
CA GLY F 162 42.57 -1.34 53.62
C GLY F 162 41.59 -0.19 53.78
N GLY F 163 41.82 0.90 53.06
CA GLY F 163 40.91 2.02 53.11
C GLY F 163 41.27 3.07 52.10
N ASP F 164 40.62 4.23 52.24
CA ASP F 164 40.89 5.37 51.36
C ASP F 164 42.16 6.12 51.76
N PHE F 165 42.78 5.78 52.89
CA PHE F 165 43.93 6.49 53.41
C PHE F 165 45.22 5.71 53.22
N ALA F 166 45.25 4.77 52.28
CA ALA F 166 46.41 3.91 52.06
C ALA F 166 47.41 4.52 51.09
N SER F 167 47.23 5.76 50.67
CA SER F 167 48.11 6.41 49.72
C SER F 167 49.23 7.13 50.47
N VAL F 168 50.45 6.65 50.32
CA VAL F 168 51.61 7.24 50.97
C VAL F 168 52.52 7.80 49.88
N THR F 169 53.20 8.90 50.21
CA THR F 169 54.08 9.59 49.27
C THR F 169 55.53 9.40 49.70
N GLY F 170 56.38 9.00 48.75
CA GLY F 170 57.79 8.83 49.05
C GLY F 170 58.47 10.16 49.33
N GLY F 171 59.36 10.16 50.30
CA GLY F 171 60.04 11.34 50.77
C GLY F 171 59.52 11.87 52.09
N THR F 172 58.26 11.58 52.42
CA THR F 172 57.70 11.99 53.70
C THR F 172 58.26 11.12 54.82
N ARG F 173 57.94 11.51 56.06
CA ARG F 173 58.44 10.83 57.25
C ARG F 173 57.27 10.29 58.06
N ILE F 174 57.40 9.04 58.51
CA ILE F 174 56.42 8.40 59.38
C ILE F 174 56.79 8.74 60.83
N LEU F 175 55.78 8.76 61.69
CA LEU F 175 55.97 9.29 63.05
C LEU F 175 55.61 8.30 64.14
N SER F 176 54.47 7.61 64.04
CA SER F 176 53.94 6.85 65.18
C SER F 176 54.38 5.39 65.16
N ASP F 177 53.88 4.62 64.19
CA ASP F 177 54.09 3.18 64.20
C ASP F 177 54.91 2.71 63.01
N TRP F 178 54.70 1.47 62.59
CA TRP F 178 55.37 0.89 61.44
C TRP F 178 54.41 0.80 60.25
N LEU F 179 54.99 0.73 59.06
CA LEU F 179 54.19 0.70 57.84
C LEU F 179 54.88 -0.18 56.80
N VAL F 180 54.09 -1.04 56.16
CA VAL F 180 54.56 -1.88 55.07
C VAL F 180 53.86 -1.42 53.79
N ILE F 181 54.64 -1.00 52.80
CA ILE F 181 54.10 -0.46 51.56
C ILE F 181 54.69 -1.21 50.38
N GLU F 182 54.02 -1.09 49.23
CA GLU F 182 54.46 -1.68 47.99
C GLU F 182 54.75 -0.56 46.99
N CYS F 183 56.00 -0.47 46.55
CA CYS F 183 56.38 0.56 45.58
C CYS F 183 55.62 0.36 44.28
N SER F 184 55.10 1.45 43.73
CA SER F 184 54.28 1.37 42.53
C SER F 184 54.73 2.27 41.39
N VAL F 185 55.69 3.17 41.59
CA VAL F 185 56.15 4.08 40.54
C VAL F 185 57.60 3.77 40.24
N ASN F 186 57.96 3.85 38.96
CA ASN F 186 59.33 3.70 38.52
C ASN F 186 60.07 5.03 38.61
N PRO F 187 61.40 5.00 38.66
CA PRO F 187 62.16 6.26 38.64
C PRO F 187 61.85 7.07 37.39
N GLY F 188 61.79 8.38 37.56
CA GLY F 188 61.39 9.30 36.51
C GLY F 188 59.90 9.59 36.45
N GLU F 189 59.09 8.79 37.12
CA GLU F 189 57.65 9.02 37.20
C GLU F 189 57.18 9.21 38.64
N THR F 190 58.12 9.32 39.58
CA THR F 190 57.77 9.52 40.99
C THR F 190 57.06 10.85 41.18
N PHE F 191 56.20 10.90 42.21
CA PHE F 191 55.47 12.13 42.51
C PHE F 191 56.41 13.30 42.75
N LEU F 192 57.59 13.04 43.34
CA LEU F 192 58.57 14.10 43.54
C LEU F 192 59.27 14.47 42.23
N ASP F 193 59.44 13.51 41.32
CA ASP F 193 60.14 13.80 40.07
C ASP F 193 59.33 14.71 39.16
N ARG F 194 58.00 14.65 39.23
CA ARG F 194 57.19 15.57 38.44
C ARG F 194 57.34 17.00 38.93
N MET F 195 57.54 17.19 40.23
CA MET F 195 57.87 18.52 40.74
C MET F 195 59.21 19.01 40.22
N ILE F 196 60.16 18.09 40.04
CA ILE F 196 61.46 18.46 39.49
C ILE F 196 61.31 18.84 38.02
N ALA F 197 60.46 18.12 37.28
CA ALA F 197 60.27 18.42 35.86
C ALA F 197 59.65 19.80 35.65
N MET F 198 58.88 20.29 36.62
CA MET F 198 58.27 21.60 36.50
C MET F 198 59.26 22.73 36.76
N VAL F 199 60.30 22.47 37.54
CA VAL F 199 61.27 23.50 37.90
C VAL F 199 62.43 23.53 36.91
N GLU F 200 63.00 22.37 36.60
CA GLU F 200 64.15 22.31 35.70
C GLU F 200 63.74 22.67 34.28
N GLY F 201 64.73 23.13 33.51
CA GLY F 201 64.51 23.56 32.14
C GLY F 201 64.55 22.43 31.15
N ALA F 202 64.65 22.81 29.87
CA ALA F 202 64.76 21.88 28.74
C ALA F 202 63.50 21.05 28.54
N GLN F 203 62.56 21.12 29.48
CA GLN F 203 61.29 20.39 29.38
C GLN F 203 60.09 21.33 29.34
N ARG F 204 60.31 22.62 29.15
CA ARG F 204 59.23 23.61 29.10
C ARG F 204 59.40 24.43 27.82
N ARG F 205 58.56 24.16 26.82
CA ARG F 205 58.58 24.93 25.60
C ARG F 205 57.96 26.30 25.83
N LYS F 206 58.03 27.15 24.81
CA LYS F 206 57.45 28.48 24.91
C LYS F 206 55.93 28.41 24.77
N THR F 207 55.23 29.19 25.58
CA THR F 207 53.78 29.22 25.58
C THR F 207 53.28 30.04 24.39
N PRO F 208 52.00 29.87 24.03
CA PRO F 208 51.45 30.68 22.91
C PRO F 208 51.63 32.18 23.12
N ASN F 209 51.40 32.67 24.34
CA ASN F 209 51.65 34.08 24.62
C ASN F 209 53.14 34.41 24.59
N GLU F 210 53.99 33.45 24.94
CA GLU F 210 55.43 33.67 24.88
C GLU F 210 55.90 33.70 23.42
N ILE F 211 55.41 32.77 22.60
CA ILE F 211 55.70 32.80 21.17
C ILE F 211 55.08 34.03 20.52
N ALA F 212 54.00 34.55 21.11
CA ALA F 212 53.27 35.68 20.54
C ALA F 212 54.16 36.90 20.37
N LEU F 213 54.64 37.47 21.49
CA LEU F 213 55.43 38.68 21.40
C LEU F 213 56.84 38.41 20.88
N THR F 214 57.33 37.17 21.00
CA THR F 214 58.66 36.85 20.50
C THR F 214 58.76 37.09 19.00
N ILE F 215 57.66 36.86 18.27
CA ILE F 215 57.66 37.13 16.83
C ILE F 215 57.70 38.63 16.58
N LEU F 216 57.04 39.41 17.45
CA LEU F 216 57.09 40.87 17.31
C LEU F 216 58.47 41.41 17.66
N LEU F 217 59.14 40.82 18.66
CA LEU F 217 60.47 41.28 19.02
C LEU F 217 61.47 40.97 17.92
N ILE F 218 61.33 39.81 17.26
CA ILE F 218 62.22 39.49 16.15
C ILE F 218 61.92 40.37 14.95
N ALA F 219 60.63 40.67 14.71
CA ALA F 219 60.27 41.57 13.63
C ALA F 219 60.78 42.98 13.87
N LEU F 220 60.81 43.42 15.13
CA LEU F 220 61.31 44.75 15.43
C LEU F 220 62.82 44.84 15.22
N THR F 221 63.57 43.83 15.66
CA THR F 221 65.01 43.84 15.46
C THR F 221 65.37 43.77 13.98
N ILE F 222 64.50 43.18 13.16
CA ILE F 222 64.73 43.21 11.71
C ILE F 222 64.61 44.64 11.18
N VAL F 223 63.65 45.41 11.70
CA VAL F 223 63.52 46.81 11.29
C VAL F 223 64.74 47.60 11.74
N PHE F 224 65.09 47.51 13.02
CA PHE F 224 66.21 48.29 13.54
C PHE F 224 67.55 47.82 13.02
N LEU F 225 67.65 46.58 12.52
CA LEU F 225 68.86 46.17 11.82
C LEU F 225 68.97 46.87 10.47
N LEU F 226 67.87 46.90 9.72
CA LEU F 226 67.89 47.58 8.43
C LEU F 226 67.92 49.10 8.60
N ALA F 227 67.32 49.62 9.67
CA ALA F 227 67.25 51.06 9.85
C ALA F 227 68.62 51.67 10.16
N THR F 228 69.49 50.92 10.83
CA THR F 228 70.80 51.42 11.23
C THR F 228 71.91 50.99 10.28
N ALA F 229 71.85 49.77 9.73
CA ALA F 229 72.87 49.33 8.80
C ALA F 229 72.85 50.11 7.49
N THR F 230 71.69 50.69 7.13
CA THR F 230 71.63 51.55 5.95
C THR F 230 72.03 52.98 6.25
N LEU F 231 72.20 53.34 7.53
CA LEU F 231 72.65 54.68 7.86
C LEU F 231 74.09 54.93 7.42
N TRP F 232 74.92 53.90 7.41
CA TRP F 232 76.31 54.08 6.99
C TRP F 232 76.42 54.52 5.54
N PRO F 233 75.81 53.86 4.56
CA PRO F 233 75.86 54.39 3.18
C PRO F 233 75.07 55.67 3.00
N PHE F 234 74.06 55.92 3.84
CA PHE F 234 73.29 57.15 3.70
C PHE F 234 74.08 58.35 4.21
N SER F 235 74.84 58.16 5.29
CA SER F 235 75.61 59.26 5.89
C SER F 235 76.98 59.44 5.26
N ALA F 236 77.56 58.38 4.70
CA ALA F 236 78.87 58.49 4.07
C ALA F 236 78.84 59.38 2.82
N TRP F 237 77.67 59.65 2.28
CA TRP F 237 77.55 60.49 1.08
C TRP F 237 77.45 61.97 1.43
N GLY F 238 76.68 62.31 2.46
CA GLY F 238 76.56 63.70 2.86
C GLY F 238 77.81 64.23 3.54
N GLY F 239 78.56 63.36 4.20
CA GLY F 239 79.80 63.74 4.86
C GLY F 239 80.62 62.53 5.24
N ASN F 240 81.23 62.56 6.43
CA ASN F 240 81.90 61.38 6.95
C ASN F 240 80.88 60.41 7.53
N ALA F 241 81.12 59.12 7.32
CA ALA F 241 80.17 58.11 7.76
C ALA F 241 80.10 58.03 9.28
N VAL F 242 78.96 57.60 9.79
CA VAL F 242 78.80 57.37 11.22
C VAL F 242 79.67 56.19 11.62
N SER F 243 80.41 56.35 12.72
CA SER F 243 81.32 55.29 13.18
C SER F 243 80.54 54.04 13.55
N VAL F 244 81.22 52.90 13.44
CA VAL F 244 80.59 51.61 13.71
C VAL F 244 80.17 51.50 15.17
N THR F 245 81.02 52.01 16.08
CA THR F 245 80.70 51.95 17.50
C THR F 245 79.43 52.72 17.82
N VAL F 246 79.10 53.76 17.04
CA VAL F 246 77.86 54.49 17.25
C VAL F 246 76.68 53.72 16.66
N LEU F 247 76.87 53.12 15.48
CA LEU F 247 75.80 52.32 14.89
C LEU F 247 75.40 51.15 15.78
N VAL F 248 76.40 50.51 16.40
CA VAL F 248 76.11 49.40 17.31
C VAL F 248 75.35 49.90 18.54
N ALA F 249 75.80 51.01 19.12
CA ALA F 249 75.13 51.56 20.30
C ALA F 249 73.71 51.99 19.96
N LEU F 250 73.51 52.59 18.78
CA LEU F 250 72.17 52.96 18.36
C LEU F 250 71.28 51.74 18.17
N LEU F 251 71.83 50.69 17.55
CA LEU F 251 71.04 49.48 17.31
C LEU F 251 70.72 48.75 18.62
N VAL F 252 71.71 48.65 19.51
CA VAL F 252 71.48 47.97 20.80
C VAL F 252 70.42 48.72 21.62
N CYS F 253 70.37 50.05 21.49
CA CYS F 253 69.34 50.82 22.20
C CYS F 253 67.96 50.51 21.66
N LEU F 254 67.74 50.75 20.36
CA LEU F 254 66.42 50.59 19.77
C LEU F 254 65.90 49.16 19.90
N ILE F 255 66.80 48.17 19.84
CA ILE F 255 66.38 46.77 19.97
C ILE F 255 65.77 46.55 21.35
N PRO F 256 64.61 45.88 21.46
CA PRO F 256 63.97 45.70 22.77
C PRO F 256 64.78 44.81 23.70
N THR F 257 65.94 45.30 24.14
CA THR F 257 66.77 44.55 25.08
C THR F 257 66.18 44.52 26.47
N THR F 258 65.25 45.43 26.78
CA THR F 258 64.66 45.47 28.11
C THR F 258 63.86 44.20 28.40
N ILE F 259 62.94 43.85 27.50
CA ILE F 259 62.13 42.66 27.72
C ILE F 259 62.76 41.40 27.15
N GLY F 260 63.64 41.52 26.16
CA GLY F 260 64.34 40.36 25.63
C GLY F 260 65.24 39.68 26.64
N GLY F 261 65.62 40.39 27.70
CA GLY F 261 66.43 39.82 28.75
C GLY F 261 65.61 39.53 29.99
N LEU F 262 64.35 39.96 29.98
CA LEU F 262 63.43 39.73 31.09
C LEU F 262 62.34 38.74 30.76
N LEU F 263 62.18 38.36 29.48
CA LEU F 263 61.06 37.49 29.09
C LEU F 263 61.21 36.10 29.67
N SER F 264 62.40 35.50 29.56
CA SER F 264 62.62 34.17 30.10
C SER F 264 62.55 34.13 31.61
N ALA F 265 62.79 35.26 32.28
CA ALA F 265 62.71 35.30 33.73
C ALA F 265 61.29 35.42 34.24
N ILE F 266 60.40 36.01 33.44
CA ILE F 266 59.00 36.15 33.85
C ILE F 266 58.33 34.79 33.93
N GLY F 267 58.59 33.92 32.95
CA GLY F 267 57.98 32.60 32.96
C GLY F 267 58.49 31.74 34.10
N VAL F 268 59.79 31.79 34.37
CA VAL F 268 60.36 30.99 35.45
C VAL F 268 59.86 31.49 36.81
N ALA F 269 59.78 32.81 36.98
CA ALA F 269 59.29 33.36 38.24
C ALA F 269 57.82 33.05 38.46
N GLY F 270 57.04 32.93 37.38
CA GLY F 270 55.63 32.62 37.54
C GLY F 270 55.39 31.17 37.94
N MET F 271 56.15 30.25 37.37
CA MET F 271 56.02 28.84 37.75
C MET F 271 56.42 28.61 39.19
N SER F 272 57.31 29.44 39.74
CA SER F 272 57.68 29.31 41.14
C SER F 272 56.53 29.70 42.06
N ARG F 273 55.84 30.81 41.74
CA ARG F 273 54.66 31.17 42.51
C ARG F 273 53.54 30.14 42.34
N MET F 274 53.53 29.43 41.20
CA MET F 274 52.57 28.35 41.02
C MET F 274 52.87 27.20 41.97
N LEU F 275 54.13 26.79 42.06
CA LEU F 275 54.52 25.79 43.04
C LEU F 275 54.39 26.30 44.46
N GLY F 276 54.57 27.61 44.67
CA GLY F 276 54.39 28.18 45.99
C GLY F 276 52.96 28.06 46.51
N ALA F 277 51.99 27.97 45.60
CA ALA F 277 50.59 27.76 45.95
C ALA F 277 50.21 26.28 45.98
N ASN F 278 51.19 25.38 46.00
CA ASN F 278 50.96 23.94 46.06
C ASN F 278 50.10 23.48 44.87
N VAL F 279 50.47 23.95 43.68
CA VAL F 279 49.80 23.56 42.44
C VAL F 279 50.86 23.05 41.47
N ILE F 280 50.65 21.85 40.94
CA ILE F 280 51.61 21.20 40.04
C ILE F 280 51.03 21.26 38.63
N ALA F 281 51.82 21.79 37.70
CA ALA F 281 51.43 21.85 36.29
C ALA F 281 52.44 21.07 35.46
N THR F 282 51.93 20.37 34.44
CA THR F 282 52.81 19.59 33.57
C THR F 282 53.73 20.49 32.76
N SER F 283 53.20 21.60 32.24
CA SER F 283 53.99 22.56 31.50
C SER F 283 53.47 23.95 31.79
N GLY F 284 54.29 24.96 31.48
CA GLY F 284 53.88 26.34 31.68
C GLY F 284 52.76 26.79 30.78
N ARG F 285 52.49 26.05 29.70
CA ARG F 285 51.42 26.43 28.78
C ARG F 285 50.06 26.38 29.46
N ALA F 286 49.86 25.43 30.37
CA ALA F 286 48.59 25.31 31.06
C ALA F 286 48.34 26.51 31.98
N VAL F 287 49.39 26.98 32.66
CA VAL F 287 49.24 28.11 33.57
C VAL F 287 48.86 29.37 32.81
N GLU F 288 49.38 29.54 31.60
CA GLU F 288 49.01 30.71 30.80
C GLU F 288 47.56 30.65 30.37
N ALA F 289 47.03 29.46 30.11
CA ALA F 289 45.64 29.32 29.66
C ALA F 289 44.66 29.65 30.78
N ALA F 290 45.07 29.49 32.04
CA ALA F 290 44.19 29.82 33.15
C ALA F 290 43.88 31.31 33.21
N GLY F 291 44.78 32.15 32.68
CA GLY F 291 44.54 33.58 32.64
C GLY F 291 43.60 34.02 31.54
N ASP F 292 43.40 33.19 30.52
CA ASP F 292 42.51 33.49 29.41
C ASP F 292 41.11 32.91 29.63
N VAL F 293 40.74 32.63 30.87
CA VAL F 293 39.49 31.96 31.18
C VAL F 293 38.37 32.98 31.33
N ASP F 294 37.21 32.65 30.77
CA ASP F 294 36.03 33.51 30.88
C ASP F 294 35.11 33.11 32.03
N VAL F 295 35.15 31.86 32.48
CA VAL F 295 34.29 31.39 33.55
C VAL F 295 35.00 30.25 34.27
N LEU F 296 35.07 30.33 35.59
CA LEU F 296 35.67 29.27 36.41
C LEU F 296 34.60 28.60 37.25
N LEU F 297 34.74 27.28 37.42
CA LEU F 297 33.77 26.46 38.14
C LEU F 297 34.43 25.84 39.36
N LEU F 298 33.76 25.94 40.50
CA LEU F 298 34.26 25.43 41.77
C LEU F 298 33.36 24.29 42.25
N ASP F 299 33.95 23.11 42.43
CA ASP F 299 33.20 21.94 42.89
C ASP F 299 33.27 21.88 44.41
N LYS F 300 32.12 22.03 45.07
CA LYS F 300 32.01 22.05 46.51
C LYS F 300 31.44 20.75 47.09
N THR F 301 31.29 19.72 46.25
CA THR F 301 30.60 18.51 46.69
C THR F 301 31.31 17.83 47.86
N GLY F 302 32.61 17.61 47.73
CA GLY F 302 33.35 16.84 48.72
C GLY F 302 33.65 17.52 50.03
N THR F 303 33.20 18.75 50.25
CA THR F 303 33.53 19.49 51.46
C THR F 303 32.33 20.31 51.93
N ILE F 304 32.47 20.89 53.12
CA ILE F 304 31.41 21.66 53.75
C ILE F 304 31.24 23.00 53.04
N THR F 305 32.21 23.89 53.19
CA THR F 305 32.18 25.20 52.56
C THR F 305 33.07 25.18 51.31
N LEU F 306 33.32 26.35 50.74
CA LEU F 306 34.18 26.44 49.58
C LEU F 306 35.65 26.19 49.91
N GLY F 307 35.99 26.03 51.19
CA GLY F 307 37.36 25.83 51.62
C GLY F 307 38.05 27.06 52.14
N ASN F 308 37.43 28.24 52.01
CA ASN F 308 38.04 29.46 52.52
C ASN F 308 37.93 29.56 54.04
N ARG F 309 36.81 29.16 54.60
CA ARG F 309 36.60 29.26 56.05
C ARG F 309 37.29 28.09 56.74
N GLN F 310 38.24 28.40 57.62
CA GLN F 310 39.04 27.39 58.30
C GLN F 310 39.02 27.62 59.80
N ALA F 311 39.46 26.61 60.53
CA ALA F 311 39.38 26.62 61.99
C ALA F 311 40.12 27.81 62.56
N SER F 312 39.50 28.48 63.53
CA SER F 312 40.05 29.67 64.15
C SER F 312 40.25 29.52 65.64
N GLU F 313 39.23 29.09 66.38
CA GLU F 313 39.30 29.01 67.83
C GLU F 313 38.67 27.72 68.32
N PHE F 314 39.14 27.25 69.47
CA PHE F 314 38.50 26.17 70.20
C PHE F 314 37.75 26.78 71.39
N ILE F 315 36.45 26.54 71.45
CA ILE F 315 35.61 27.14 72.48
C ILE F 315 34.92 26.03 73.28
N PRO F 316 35.31 25.81 74.53
CA PRO F 316 34.59 24.83 75.36
C PRO F 316 33.42 25.46 76.10
N ALA F 317 32.28 24.80 76.07
CA ALA F 317 31.05 25.36 76.63
C ALA F 317 31.07 25.33 78.16
N GLN F 318 30.79 24.15 78.74
CA GLN F 318 30.60 24.03 80.17
C GLN F 318 31.38 22.83 80.68
N GLY F 319 32.26 23.06 81.66
CA GLY F 319 32.97 21.98 82.32
C GLY F 319 33.86 21.16 81.42
N VAL F 320 34.45 21.76 80.40
CA VAL F 320 35.35 21.07 79.49
C VAL F 320 36.63 21.87 79.35
N ASP F 321 37.77 21.19 79.40
CA ASP F 321 39.05 21.85 79.21
C ASP F 321 39.34 22.02 77.72
N GLU F 322 39.95 23.14 77.36
CA GLU F 322 40.25 23.40 75.96
C GLU F 322 41.25 22.40 75.40
N LYS F 323 42.16 21.88 76.22
CA LYS F 323 43.11 20.89 75.75
C LYS F 323 42.39 19.59 75.38
N THR F 324 41.48 19.12 76.23
CA THR F 324 40.73 17.91 75.93
C THR F 324 39.77 18.09 74.77
N LEU F 325 39.42 19.34 74.43
CA LEU F 325 38.60 19.59 73.24
C LEU F 325 39.40 19.33 71.98
N ALA F 326 40.54 20.02 71.83
CA ALA F 326 41.39 19.80 70.67
C ALA F 326 42.01 18.41 70.65
N ASP F 327 42.10 17.76 71.81
CA ASP F 327 42.59 16.38 71.85
C ASP F 327 41.63 15.45 71.12
N ALA F 328 40.33 15.63 71.34
CA ALA F 328 39.31 14.84 70.65
C ALA F 328 38.95 15.42 69.29
N ALA F 329 39.04 16.75 69.14
CA ALA F 329 38.74 17.36 67.85
C ALA F 329 39.73 16.90 66.78
N GLN F 330 40.99 16.72 67.16
CA GLN F 330 41.97 16.21 66.20
C GLN F 330 41.68 14.76 65.82
N LEU F 331 41.34 13.93 66.82
CA LEU F 331 41.03 12.52 66.53
C LEU F 331 39.88 12.39 65.55
N ALA F 332 38.86 13.24 65.69
CA ALA F 332 37.74 13.19 64.75
C ALA F 332 38.12 13.80 63.40
N SER F 333 39.01 14.79 63.39
CA SER F 333 39.40 15.45 62.16
C SER F 333 40.54 14.76 61.42
N LEU F 334 41.18 13.76 62.02
CA LEU F 334 42.24 13.04 61.33
C LEU F 334 41.73 12.37 60.06
N ALA F 335 40.48 11.91 60.07
CA ALA F 335 39.87 11.31 58.89
C ALA F 335 39.29 12.33 57.93
N ASP F 336 39.33 13.62 58.28
CA ASP F 336 38.78 14.68 57.44
C ASP F 336 39.94 15.34 56.69
N GLU F 337 40.18 14.88 55.47
CA GLU F 337 41.25 15.44 54.63
C GLU F 337 40.78 16.64 53.83
N THR F 338 39.54 17.09 54.00
CA THR F 338 39.10 18.33 53.40
C THR F 338 39.87 19.49 54.04
N PRO F 339 39.92 20.65 53.38
CA PRO F 339 40.61 21.79 54.00
C PRO F 339 40.06 22.14 55.37
N GLU F 340 38.73 22.01 55.57
CA GLU F 340 38.14 22.28 56.88
C GLU F 340 38.65 21.30 57.93
N GLY F 341 38.87 20.04 57.54
CA GLY F 341 39.35 19.06 58.49
C GLY F 341 40.83 19.23 58.80
N ARG F 342 41.63 19.63 57.80
CA ARG F 342 43.06 19.82 58.03
C ARG F 342 43.32 20.97 58.99
N SER F 343 42.54 22.04 58.89
CA SER F 343 42.76 23.20 59.75
C SER F 343 42.56 22.86 61.23
N ILE F 344 41.64 21.95 61.53
CA ILE F 344 41.43 21.54 62.91
C ILE F 344 42.62 20.72 63.40
N VAL F 345 43.19 19.89 62.53
CA VAL F 345 44.41 19.17 62.89
C VAL F 345 45.58 20.13 63.04
N ILE F 346 45.58 21.21 62.25
CA ILE F 346 46.66 22.19 62.34
C ILE F 346 46.57 22.98 63.64
N LEU F 347 45.36 23.42 63.99
CA LEU F 347 45.18 24.15 65.25
C LEU F 347 45.40 23.27 66.47
N ALA F 348 45.29 21.95 66.33
CA ALA F 348 45.53 21.07 67.46
C ALA F 348 47.00 21.07 67.85
N LYS F 349 47.90 21.15 66.87
CA LYS F 349 49.33 21.18 67.15
C LYS F 349 49.86 22.58 67.38
N GLN F 350 49.20 23.61 66.84
CA GLN F 350 49.68 24.97 67.01
C GLN F 350 49.41 25.52 68.40
N ARG F 351 48.32 25.06 69.04
CA ARG F 351 47.95 25.57 70.36
C ARG F 351 48.32 24.63 71.49
N PHE F 352 48.30 23.31 71.26
CA PHE F 352 48.57 22.34 72.32
C PHE F 352 49.68 21.36 71.95
N ASN F 353 50.35 21.55 70.82
CA ASN F 353 51.51 20.74 70.43
C ASN F 353 51.16 19.25 70.35
N LEU F 354 50.03 18.96 69.70
CA LEU F 354 49.58 17.57 69.47
C LEU F 354 50.09 17.14 68.11
N ARG F 355 51.27 16.51 68.09
CA ARG F 355 51.95 16.18 66.84
C ARG F 355 51.76 14.74 66.40
N GLU F 356 51.87 13.78 67.31
CA GLU F 356 51.84 12.36 66.96
C GLU F 356 50.87 11.60 67.84
N ARG F 357 50.36 10.50 67.30
CA ARG F 357 49.43 9.63 68.02
C ARG F 357 49.73 8.19 67.64
N ASP F 358 49.98 7.35 68.63
CA ASP F 358 50.25 5.93 68.40
C ASP F 358 48.96 5.24 67.98
N VAL F 359 48.84 4.90 66.70
CA VAL F 359 47.58 4.41 66.16
C VAL F 359 47.28 3.00 66.64
N GLN F 360 48.31 2.15 66.74
CA GLN F 360 48.06 0.75 67.09
C GLN F 360 47.56 0.62 68.52
N SER F 361 48.05 1.45 69.44
CA SER F 361 47.59 1.40 70.82
C SER F 361 46.13 1.83 70.96
N LEU F 362 45.60 2.55 69.96
CA LEU F 362 44.22 3.00 70.04
C LEU F 362 43.23 1.87 69.75
N HIS F 363 43.59 0.94 68.85
CA HIS F 363 42.68 -0.10 68.35
C HIS F 363 41.39 0.54 67.83
N ALA F 364 41.57 1.45 66.88
CA ALA F 364 40.51 2.33 66.43
C ALA F 364 40.08 2.01 65.00
N THR F 365 38.90 2.52 64.63
CA THR F 365 38.40 2.49 63.28
C THR F 365 37.98 3.91 62.91
N PHE F 366 38.57 4.45 61.85
CA PHE F 366 38.35 5.84 61.48
C PHE F 366 37.10 5.97 60.63
N VAL F 367 36.30 6.99 60.92
CA VAL F 367 35.09 7.29 60.16
C VAL F 367 35.40 8.44 59.20
N PRO F 368 35.56 8.18 57.91
CA PRO F 368 35.90 9.25 56.97
C PRO F 368 34.75 10.23 56.79
N PHE F 369 35.11 11.43 56.34
CA PHE F 369 34.14 12.48 56.10
C PHE F 369 33.34 12.18 54.84
N THR F 370 32.02 12.33 54.92
CA THR F 370 31.14 12.14 53.78
C THR F 370 30.24 13.36 53.63
N ALA F 371 29.94 13.71 52.37
CA ALA F 371 29.12 14.89 52.10
C ALA F 371 27.68 14.70 52.54
N GLN F 372 27.19 13.45 52.52
CA GLN F 372 25.79 13.21 52.89
C GLN F 372 25.57 13.37 54.38
N SER F 373 26.50 12.87 55.19
CA SER F 373 26.38 13.00 56.64
C SER F 373 26.86 14.35 57.15
N ARG F 374 27.73 15.03 56.40
CA ARG F 374 28.30 16.32 56.79
C ARG F 374 29.04 16.23 58.12
N MET F 375 29.68 15.09 58.39
CA MET F 375 30.40 14.91 59.64
C MET F 375 31.40 13.77 59.49
N SER F 376 32.50 13.88 60.24
CA SER F 376 33.51 12.84 60.33
C SER F 376 33.76 12.54 61.79
N GLY F 377 34.46 11.44 62.05
CA GLY F 377 34.72 11.06 63.42
C GLY F 377 35.67 9.88 63.51
N ILE F 378 35.78 9.35 64.72
CA ILE F 378 36.68 8.24 65.01
C ILE F 378 36.07 7.41 66.13
N ASN F 379 36.27 6.09 66.05
CA ASN F 379 35.81 5.19 67.11
C ASN F 379 37.00 4.68 67.90
N ILE F 380 37.81 5.60 68.43
CA ILE F 380 39.03 5.25 69.13
C ILE F 380 38.73 4.53 70.43
N ASP F 381 38.09 5.23 71.38
CA ASP F 381 37.72 4.62 72.65
C ASP F 381 36.49 3.75 72.47
N ASN F 382 35.99 3.20 73.58
CA ASN F 382 34.72 2.49 73.54
C ASN F 382 33.56 3.42 73.18
N ARG F 383 33.73 4.72 73.38
CA ARG F 383 32.79 5.73 72.92
C ARG F 383 33.17 6.20 71.52
N MET F 384 32.17 6.71 70.80
CA MET F 384 32.37 7.16 69.43
C MET F 384 32.41 8.68 69.39
N ILE F 385 33.48 9.22 68.81
CA ILE F 385 33.67 10.66 68.67
C ILE F 385 33.36 11.05 67.24
N ARG F 386 32.62 12.14 67.07
CA ARG F 386 32.26 12.66 65.76
C ARG F 386 32.34 14.18 65.76
N LYS F 387 32.42 14.74 64.55
CA LYS F 387 32.53 16.18 64.37
C LYS F 387 31.85 16.58 63.07
N GLY F 388 30.95 17.54 63.14
CA GLY F 388 30.24 17.98 61.97
C GLY F 388 29.58 19.34 62.17
N SER F 389 28.61 19.63 61.32
CA SER F 389 27.88 20.88 61.36
C SER F 389 26.84 20.86 62.49
N VAL F 390 26.10 21.97 62.59
CA VAL F 390 25.13 22.10 63.68
C VAL F 390 23.93 21.19 63.46
N ASP F 391 23.48 21.06 62.21
CA ASP F 391 22.27 20.30 61.94
C ASP F 391 22.51 18.80 62.07
N ALA F 392 23.66 18.32 61.59
CA ALA F 392 23.90 16.88 61.56
C ALA F 392 24.22 16.30 62.93
N ILE F 393 24.69 17.11 63.87
CA ILE F 393 25.11 16.56 65.16
C ILE F 393 23.93 16.39 66.10
N ARG F 394 22.98 17.33 66.09
CA ARG F 394 21.79 17.17 66.91
C ARG F 394 21.01 15.93 66.53
N ARG F 395 21.02 15.56 65.25
CA ARG F 395 20.40 14.31 64.82
C ARG F 395 21.19 13.08 65.26
N HIS F 396 22.47 13.25 65.58
CA HIS F 396 23.31 12.15 66.02
C HIS F 396 23.36 12.02 67.54
N VAL F 397 23.39 13.15 68.25
CA VAL F 397 23.44 13.11 69.71
C VAL F 397 22.12 12.58 70.26
N GLU F 398 21.00 13.07 69.74
CA GLU F 398 19.69 12.60 70.18
C GLU F 398 19.42 11.16 69.80
N ALA F 399 20.15 10.62 68.82
CA ALA F 399 19.98 9.21 68.44
C ALA F 399 20.56 8.25 69.47
N ASN F 400 21.51 8.70 70.28
CA ASN F 400 22.11 7.88 71.33
C ASN F 400 21.49 8.13 72.70
N GLY F 401 20.28 8.67 72.73
CA GLY F 401 19.65 8.99 74.00
C GLY F 401 20.29 10.14 74.73
N GLY F 402 20.95 11.04 74.01
CA GLY F 402 21.60 12.19 74.62
C GLY F 402 20.88 13.48 74.31
N HIS F 403 21.05 14.49 75.17
CA HIS F 403 20.41 15.78 75.00
C HIS F 403 21.43 16.84 74.63
N PHE F 404 20.93 17.95 74.10
CA PHE F 404 21.77 19.08 73.72
C PHE F 404 21.90 20.04 74.89
N PRO F 405 23.11 20.28 75.40
CA PRO F 405 23.25 21.22 76.52
C PRO F 405 22.92 22.64 76.12
N THR F 406 22.32 23.38 77.06
CA THR F 406 21.90 24.74 76.79
C THR F 406 23.09 25.67 76.55
N ASP F 407 24.20 25.44 77.27
CA ASP F 407 25.37 26.29 77.11
C ASP F 407 25.98 26.13 75.72
N VAL F 408 25.96 24.92 75.17
CA VAL F 408 26.49 24.69 73.83
C VAL F 408 25.66 25.45 72.81
N ASP F 409 24.33 25.45 72.95
CA ASP F 409 23.47 26.16 72.02
C ASP F 409 23.72 27.67 72.09
N GLN F 410 24.02 28.19 73.28
CA GLN F 410 24.35 29.61 73.40
C GLN F 410 25.66 29.93 72.69
N LYS F 411 26.64 29.03 72.78
CA LYS F 411 27.90 29.25 72.08
C LYS F 411 27.71 29.22 70.56
N VAL F 412 26.88 28.30 70.07
CA VAL F 412 26.61 28.22 68.63
C VAL F 412 25.94 29.51 68.15
N ASP F 413 25.04 30.06 68.95
CA ASP F 413 24.39 31.32 68.59
C ASP F 413 25.41 32.47 68.55
N GLN F 414 26.39 32.45 69.46
CA GLN F 414 27.40 33.49 69.47
C GLN F 414 28.29 33.40 68.23
N VAL F 415 28.71 32.18 67.85
CA VAL F 415 29.53 32.02 66.65
C VAL F 415 28.74 32.37 65.41
N ALA F 416 27.42 32.14 65.42
CA ALA F 416 26.60 32.53 64.27
C ALA F 416 26.56 34.04 64.11
N ARG F 417 26.55 34.77 65.23
CA ARG F 417 26.63 36.22 65.17
C ARG F 417 27.96 36.69 64.60
N GLN F 418 29.04 35.96 64.91
CA GLN F 418 30.37 36.32 64.42
C GLN F 418 30.48 36.18 62.91
N GLY F 419 29.63 35.38 62.28
CA GLY F 419 29.70 35.13 60.86
C GLY F 419 30.46 33.89 60.47
N ALA F 420 30.92 33.10 61.43
CA ALA F 420 31.67 31.88 61.17
C ALA F 420 30.78 30.66 61.36
N THR F 421 30.87 29.73 60.42
CA THR F 421 30.11 28.48 60.53
C THR F 421 30.68 27.65 61.67
N PRO F 422 29.87 27.32 62.69
CA PRO F 422 30.42 26.61 63.85
C PRO F 422 30.38 25.09 63.70
N LEU F 423 31.49 24.43 64.04
CA LEU F 423 31.54 22.98 64.10
C LEU F 423 31.66 22.53 65.55
N VAL F 424 31.07 21.37 65.85
CA VAL F 424 31.01 20.86 67.22
C VAL F 424 31.65 19.48 67.26
N VAL F 425 32.29 19.18 68.38
CA VAL F 425 32.89 17.88 68.65
C VAL F 425 32.21 17.28 69.88
N VAL F 426 31.88 15.99 69.80
CA VAL F 426 31.15 15.30 70.85
C VAL F 426 31.84 13.96 71.13
N GLU F 427 32.06 13.66 72.41
CA GLU F 427 32.59 12.37 72.84
C GLU F 427 31.43 11.54 73.41
N GLY F 428 31.06 10.47 72.72
CA GLY F 428 29.99 9.61 73.16
C GLY F 428 28.62 10.28 73.09
N SER F 429 28.19 10.87 74.22
CA SER F 429 26.90 11.53 74.26
C SER F 429 26.93 12.90 74.92
N ARG F 430 28.08 13.40 75.33
CA ARG F 430 28.20 14.70 75.98
C ARG F 430 29.03 15.61 75.10
N VAL F 431 28.52 16.82 74.84
CA VAL F 431 29.21 17.77 73.98
C VAL F 431 30.42 18.35 74.71
N LEU F 432 31.54 18.44 74.00
CA LEU F 432 32.77 19.00 74.57
C LEU F 432 32.93 20.49 74.28
N GLY F 433 32.51 20.95 73.10
CA GLY F 433 32.66 22.35 72.75
C GLY F 433 32.45 22.57 71.27
N VAL F 434 32.68 23.82 70.86
CA VAL F 434 32.44 24.28 69.50
C VAL F 434 33.74 24.79 68.90
N ILE F 435 33.89 24.55 67.60
CA ILE F 435 35.05 25.00 66.83
C ILE F 435 34.60 26.08 65.86
N ALA F 436 35.28 27.22 65.88
CA ALA F 436 34.94 28.34 65.02
C ALA F 436 35.73 28.26 63.71
N LEU F 437 35.04 28.50 62.60
CA LEU F 437 35.63 28.44 61.26
C LEU F 437 35.44 29.78 60.58
N LYS F 438 36.41 30.68 60.74
CA LYS F 438 36.34 32.00 60.13
C LYS F 438 37.01 31.99 58.76
N ASP F 439 36.74 33.03 57.99
CA ASP F 439 37.27 33.13 56.63
C ASP F 439 38.76 33.46 56.67
N ILE F 440 39.51 32.85 55.76
CA ILE F 440 40.95 33.09 55.71
C ILE F 440 41.26 34.37 54.94
N VAL F 441 40.48 34.65 53.88
CA VAL F 441 40.75 35.81 53.03
C VAL F 441 40.77 37.07 53.89
N LYS F 442 41.82 37.87 53.71
CA LYS F 442 41.98 39.09 54.51
C LYS F 442 40.80 40.04 54.28
N GLY F 443 40.58 40.44 53.04
CA GLY F 443 39.39 41.18 52.68
C GLY F 443 38.18 40.26 52.60
N GLY F 444 37.04 40.87 52.29
CA GLY F 444 35.82 40.10 52.10
C GLY F 444 35.94 39.20 50.89
N ILE F 445 35.59 37.91 51.07
CA ILE F 445 35.65 36.98 49.95
C ILE F 445 34.66 37.37 48.87
N LYS F 446 33.56 38.03 49.25
CA LYS F 446 32.63 38.57 48.25
C LYS F 446 33.32 39.60 47.36
N GLU F 447 34.31 40.32 47.91
CA GLU F 447 35.03 41.30 47.11
C GLU F 447 35.96 40.63 46.10
N ARG F 448 36.58 39.51 46.50
CA ARG F 448 37.42 38.77 45.56
C ARG F 448 36.62 38.29 44.35
N PHE F 449 35.39 37.83 44.58
CA PHE F 449 34.52 37.51 43.46
C PHE F 449 33.99 38.77 42.77
N ALA F 450 33.90 39.89 43.51
CA ALA F 450 33.47 41.13 42.90
C ALA F 450 34.54 41.70 41.98
N GLN F 451 35.81 41.63 42.40
CA GLN F 451 36.90 42.02 41.51
C GLN F 451 36.92 41.13 40.27
N LEU F 452 36.76 39.82 40.47
CA LEU F 452 36.64 38.91 39.33
C LEU F 452 35.40 39.21 38.49
N ARG F 453 34.36 39.76 39.12
CA ARG F 453 33.14 40.10 38.39
C ARG F 453 33.37 41.32 37.52
N LYS F 454 34.10 42.31 38.03
CA LYS F 454 34.40 43.52 37.24
C LYS F 454 35.29 43.21 36.04
N MET F 455 36.01 42.09 36.07
CA MET F 455 36.84 41.70 34.94
C MET F 455 36.06 40.97 33.86
N GLY F 456 34.83 40.55 34.14
CA GLY F 456 34.04 39.81 33.18
C GLY F 456 34.06 38.31 33.37
N ILE F 457 34.75 37.81 34.40
CA ILE F 457 34.86 36.38 34.65
C ILE F 457 33.66 35.93 35.49
N LYS F 458 32.99 34.90 35.03
CA LYS F 458 31.80 34.40 35.71
C LYS F 458 32.17 33.29 36.69
N THR F 459 31.46 33.26 37.81
CA THR F 459 31.69 32.28 38.86
C THR F 459 30.41 31.51 39.12
N VAL F 460 30.49 30.18 39.06
CA VAL F 460 29.36 29.30 39.33
C VAL F 460 29.83 28.20 40.28
N MET F 461 29.11 28.03 41.38
CA MET F 461 29.44 27.01 42.36
C MET F 461 28.71 25.72 42.00
N ILE F 462 29.44 24.61 42.05
CA ILE F 462 28.90 23.28 41.74
C ILE F 462 28.87 22.46 43.03
N THR F 463 27.71 21.91 43.34
CA THR F 463 27.54 21.11 44.55
C THR F 463 26.37 20.16 44.36
N GLY F 464 26.25 19.22 45.30
CA GLY F 464 25.15 18.28 45.31
C GLY F 464 24.17 18.42 46.46
N ASP F 465 24.30 19.45 47.28
CA ASP F 465 23.41 19.64 48.42
C ASP F 465 22.05 20.16 47.96
N ASN F 466 21.15 20.33 48.92
CA ASN F 466 19.79 20.78 48.64
C ASN F 466 19.78 22.23 48.18
N ARG F 467 18.64 22.63 47.61
CA ARG F 467 18.49 23.97 47.06
C ARG F 467 18.53 25.07 48.13
N LEU F 468 18.37 24.71 49.41
CA LEU F 468 18.36 25.71 50.46
C LEU F 468 19.73 25.98 51.05
N THR F 469 20.57 24.95 51.20
CA THR F 469 21.91 25.17 51.74
C THR F 469 22.89 25.63 50.68
N ALA F 470 22.67 25.24 49.42
CA ALA F 470 23.55 25.71 48.35
C ALA F 470 23.37 27.20 48.10
N ALA F 471 22.13 27.69 48.17
CA ALA F 471 21.91 29.13 48.03
C ALA F 471 22.44 29.90 49.23
N ALA F 472 22.45 29.26 50.41
CA ALA F 472 22.99 29.91 51.60
C ALA F 472 24.51 30.07 51.50
N ILE F 473 25.20 29.00 51.10
CA ILE F 473 26.65 29.07 50.93
C ILE F 473 27.00 29.99 49.77
N ALA F 474 26.16 30.04 48.72
CA ALA F 474 26.40 30.97 47.62
C ALA F 474 26.29 32.41 48.09
N ALA F 475 25.39 32.69 49.03
CA ALA F 475 25.26 34.05 49.55
C ALA F 475 26.42 34.39 50.50
N GLU F 476 26.92 33.42 51.25
CA GLU F 476 28.04 33.68 52.15
C GLU F 476 29.33 33.89 51.37
N ALA F 477 29.46 33.28 50.20
CA ALA F 477 30.66 33.46 49.37
C ALA F 477 30.52 34.61 48.38
N GLY F 478 29.31 35.03 48.05
CA GLY F 478 29.12 36.11 47.11
C GLY F 478 29.37 35.72 45.67
N VAL F 479 29.00 34.50 45.28
CA VAL F 479 29.20 34.03 43.91
C VAL F 479 28.01 34.44 43.06
N ASP F 480 28.16 34.35 41.74
CA ASP F 480 27.11 34.76 40.81
C ASP F 480 25.93 33.80 40.87
N ASP F 481 26.13 32.57 40.39
CA ASP F 481 25.07 31.56 40.38
C ASP F 481 25.64 30.25 40.95
N PHE F 482 24.77 29.25 41.03
CA PHE F 482 25.17 27.96 41.60
C PHE F 482 24.37 26.86 40.92
N LEU F 483 24.93 25.64 40.97
CA LEU F 483 24.31 24.45 40.41
C LEU F 483 24.21 23.41 41.51
N ALA F 484 23.02 23.25 42.08
CA ALA F 484 22.79 22.31 43.16
C ALA F 484 22.30 20.97 42.62
N GLU F 485 22.63 19.91 43.34
CA GLU F 485 22.30 18.53 42.95
C GLU F 485 22.79 18.24 41.53
N ALA F 486 24.10 18.43 41.35
CA ALA F 486 24.73 18.35 40.05
C ALA F 486 25.15 16.91 39.76
N THR F 487 24.49 16.29 38.79
CA THR F 487 24.92 14.99 38.30
C THR F 487 26.09 15.18 37.33
N PRO F 488 26.96 14.16 37.18
CA PRO F 488 28.08 14.31 36.23
C PRO F 488 27.66 14.62 34.81
N GLU F 489 26.40 14.39 34.44
CA GLU F 489 25.94 14.79 33.12
C GLU F 489 25.53 16.26 33.09
N ALA F 490 25.02 16.79 34.20
CA ALA F 490 24.67 18.21 34.24
C ALA F 490 25.91 19.09 34.21
N LYS F 491 27.04 18.60 34.72
CA LYS F 491 28.27 19.36 34.65
C LYS F 491 28.79 19.44 33.22
N LEU F 492 28.76 18.31 32.49
CA LEU F 492 29.17 18.32 31.09
C LEU F 492 28.24 19.20 30.25
N ALA F 493 26.95 19.25 30.61
CA ALA F 493 26.02 20.10 29.87
C ALA F 493 26.30 21.57 30.12
N LEU F 494 26.73 21.91 31.35
CA LEU F 494 27.04 23.31 31.66
C LEU F 494 28.34 23.75 30.99
N ILE F 495 29.34 22.86 30.94
CA ILE F 495 30.61 23.20 30.32
C ILE F 495 30.44 23.37 28.81
N ARG F 496 29.81 22.40 28.15
CA ARG F 496 29.66 22.46 26.70
C ARG F 496 28.79 23.63 26.27
N GLN F 497 27.77 23.99 27.06
CA GLN F 497 26.94 25.13 26.70
C GLN F 497 27.69 26.44 26.83
N TYR F 498 28.62 26.54 27.79
CA TYR F 498 29.48 27.71 27.88
C TYR F 498 30.42 27.79 26.69
N GLN F 499 31.02 26.66 26.31
CA GLN F 499 31.92 26.63 25.16
C GLN F 499 31.15 26.90 23.86
N ALA F 500 29.87 26.51 23.80
CA ALA F 500 29.08 26.77 22.61
C ALA F 500 28.81 28.25 22.41
N GLU F 501 28.97 29.07 23.45
CA GLU F 501 28.81 30.51 23.35
C GLU F 501 30.16 31.23 23.32
N GLY F 502 31.24 30.50 23.02
CA GLY F 502 32.55 31.09 22.89
C GLY F 502 33.14 31.62 24.19
N ARG F 503 33.20 30.77 25.21
CA ARG F 503 33.74 31.15 26.51
C ARG F 503 34.64 30.04 27.01
N LEU F 504 35.90 30.38 27.29
CA LEU F 504 36.83 29.41 27.85
C LEU F 504 36.46 29.14 29.30
N VAL F 505 36.46 27.86 29.68
CA VAL F 505 35.98 27.42 30.98
C VAL F 505 37.13 26.80 31.76
N ALA F 506 37.26 27.20 33.02
CA ALA F 506 38.15 26.55 33.97
C ALA F 506 37.30 25.85 35.04
N MET F 507 37.82 24.75 35.57
CA MET F 507 37.06 23.97 36.53
C MET F 507 38.02 23.27 37.49
N THR F 508 37.64 23.22 38.76
CA THR F 508 38.34 22.45 39.78
C THR F 508 37.40 21.38 40.33
N GLY F 509 37.93 20.19 40.56
CA GLY F 509 37.12 19.11 41.05
C GLY F 509 37.95 17.89 41.37
N ASP F 510 37.25 16.80 41.65
CA ASP F 510 37.90 15.53 41.97
C ASP F 510 38.29 14.80 40.70
N GLY F 511 39.49 14.22 40.70
CA GLY F 511 39.96 13.51 39.52
C GLY F 511 39.13 12.29 39.18
N THR F 512 38.61 11.60 40.19
CA THR F 512 37.80 10.40 39.98
C THR F 512 36.33 10.75 39.74
N ASN F 513 35.75 11.57 40.61
CA ASN F 513 34.32 11.89 40.50
C ASN F 513 34.04 12.74 39.27
N ASP F 514 34.90 13.72 38.99
CA ASP F 514 34.71 14.65 37.88
C ASP F 514 35.67 14.35 36.73
N ALA F 515 35.96 13.06 36.50
CA ALA F 515 36.86 12.69 35.42
C ALA F 515 36.40 13.18 34.06
N PRO F 516 35.14 13.00 33.64
CA PRO F 516 34.75 13.50 32.31
C PRO F 516 34.65 15.01 32.23
N ALA F 517 34.37 15.68 33.36
CA ALA F 517 34.20 17.13 33.32
C ALA F 517 35.54 17.85 33.16
N LEU F 518 36.58 17.38 33.85
CA LEU F 518 37.88 18.02 33.73
C LEU F 518 38.48 17.84 32.35
N ALA F 519 38.14 16.75 31.67
CA ALA F 519 38.66 16.54 30.32
C ALA F 519 38.02 17.50 29.33
N GLN F 520 36.71 17.72 29.45
CA GLN F 520 36.02 18.63 28.53
C GLN F 520 36.37 20.08 28.81
N ALA F 521 36.69 20.42 30.06
CA ALA F 521 37.02 21.78 30.42
C ALA F 521 38.33 22.21 29.76
N ASP F 522 38.44 23.51 29.47
CA ASP F 522 39.64 24.04 28.84
C ASP F 522 40.81 24.10 29.82
N VAL F 523 40.54 24.49 31.06
CA VAL F 523 41.52 24.49 32.13
C VAL F 523 40.95 23.68 33.28
N ALA F 524 41.76 22.78 33.85
CA ALA F 524 41.28 21.88 34.88
C ALA F 524 42.32 21.74 35.98
N VAL F 525 41.86 21.76 37.22
CA VAL F 525 42.68 21.52 38.40
C VAL F 525 42.05 20.37 39.18
N ALA F 526 42.84 19.33 39.43
CA ALA F 526 42.34 18.12 40.07
C ALA F 526 42.59 18.15 41.57
N MET F 527 41.58 17.75 42.34
CA MET F 527 41.67 17.67 43.79
C MET F 527 41.62 16.22 44.24
N ASN F 528 42.23 15.94 45.40
CA ASN F 528 42.20 14.63 46.03
C ASN F 528 42.70 13.53 45.11
N SER F 529 43.64 13.86 44.22
CA SER F 529 44.17 12.88 43.27
C SER F 529 45.67 13.05 43.15
N GLY F 530 46.31 11.98 42.68
CA GLY F 530 47.74 12.02 42.43
C GLY F 530 48.07 12.61 41.07
N THR F 531 49.37 12.71 40.81
CA THR F 531 49.83 13.27 39.54
C THR F 531 49.53 12.34 38.36
N GLN F 532 49.37 11.05 38.60
CA GLN F 532 49.14 10.12 37.50
C GLN F 532 47.78 10.35 36.84
N ALA F 533 46.77 10.73 37.62
CA ALA F 533 45.45 10.96 37.05
C ALA F 533 45.44 12.18 36.15
N ALA F 534 46.22 13.21 36.50
CA ALA F 534 46.23 14.45 35.73
C ALA F 534 47.29 14.47 34.63
N LYS F 535 48.40 13.74 34.81
CA LYS F 535 49.44 13.71 33.78
C LYS F 535 48.92 13.12 32.48
N GLU F 536 47.95 12.22 32.55
CA GLU F 536 47.37 11.64 31.35
C GLU F 536 46.42 12.62 30.67
N ALA F 537 45.68 13.40 31.45
CA ALA F 537 44.74 14.39 30.92
C ALA F 537 45.37 15.76 30.75
N GLY F 538 46.63 15.94 31.13
CA GLY F 538 47.28 17.23 31.00
C GLY F 538 46.69 18.32 31.87
N ASN F 539 46.23 17.97 33.06
CA ASN F 539 45.61 18.92 33.98
C ASN F 539 46.53 19.20 35.15
N MET F 540 46.19 20.24 35.91
CA MET F 540 46.95 20.59 37.11
C MET F 540 46.47 19.76 38.29
N VAL F 541 47.31 19.71 39.33
CA VAL F 541 47.02 18.98 40.56
C VAL F 541 47.04 19.96 41.72
N ASP F 542 45.97 19.95 42.52
CA ASP F 542 45.89 20.75 43.73
C ASP F 542 46.31 19.88 44.90
N LEU F 543 47.42 20.23 45.55
CA LEU F 543 47.91 19.42 46.66
C LEU F 543 47.10 19.66 47.93
N ASP F 544 46.60 20.88 48.14
CA ASP F 544 45.77 21.16 49.30
C ASP F 544 44.32 20.74 49.11
N SER F 545 43.91 20.41 47.88
CA SER F 545 42.54 19.96 47.58
C SER F 545 41.52 21.00 48.03
N ASN F 546 41.81 22.28 47.77
CA ASN F 546 40.94 23.38 48.14
C ASN F 546 40.26 23.92 46.89
N PRO F 547 38.92 23.95 46.84
CA PRO F 547 38.25 24.47 45.63
C PRO F 547 38.57 25.92 45.34
N THR F 548 38.85 26.73 46.37
CA THR F 548 39.19 28.12 46.16
C THR F 548 40.57 28.31 45.55
N LYS F 549 41.40 27.26 45.51
CA LYS F 549 42.74 27.37 44.93
C LYS F 549 42.69 27.69 43.44
N LEU F 550 41.57 27.43 42.77
CA LEU F 550 41.44 27.79 41.37
C LEU F 550 41.47 29.29 41.17
N ILE F 551 41.01 30.05 42.16
CA ILE F 551 41.05 31.51 42.06
C ILE F 551 42.49 32.00 41.98
N GLU F 552 43.35 31.48 42.86
CA GLU F 552 44.75 31.86 42.82
C GLU F 552 45.45 31.35 41.57
N VAL F 553 45.00 30.21 41.04
CA VAL F 553 45.57 29.68 39.80
C VAL F 553 45.33 30.65 38.65
N VAL F 554 44.11 31.19 38.55
CA VAL F 554 43.81 32.15 37.51
C VAL F 554 44.58 33.44 37.72
N HIS F 555 44.72 33.87 38.99
CA HIS F 555 45.42 35.12 39.27
C HIS F 555 46.91 35.01 38.95
N ILE F 556 47.53 33.87 39.25
CA ILE F 556 48.94 33.68 38.94
C ILE F 556 49.16 33.70 37.43
N GLY F 557 48.28 33.05 36.68
CA GLY F 557 48.37 33.08 35.23
C GLY F 557 48.06 34.46 34.66
N LYS F 558 47.23 35.24 35.35
CA LYS F 558 46.92 36.59 34.89
C LYS F 558 48.14 37.49 35.00
N GLN F 559 48.82 37.45 36.15
CA GLN F 559 50.03 38.27 36.33
C GLN F 559 51.09 37.93 35.29
N MET F 560 51.23 36.64 34.97
CA MET F 560 52.19 36.25 33.94
C MET F 560 51.84 36.83 32.58
N LEU F 561 50.58 37.15 32.35
CA LEU F 561 50.16 37.79 31.10
C LEU F 561 50.19 39.31 31.18
N MET F 562 50.02 39.88 32.38
CA MET F 562 50.03 41.33 32.54
C MET F 562 51.44 41.88 32.53
N THR F 563 52.40 41.19 33.17
CA THR F 563 53.77 41.66 33.17
C THR F 563 54.34 41.71 31.76
N ARG F 564 54.08 40.69 30.95
CA ARG F 564 54.54 40.71 29.57
C ARG F 564 53.83 41.81 28.77
N GLY F 565 52.54 42.00 29.00
CA GLY F 565 51.81 43.01 28.26
C GLY F 565 52.17 44.43 28.67
N SER F 566 52.45 44.63 29.96
CA SER F 566 52.80 45.97 30.43
C SER F 566 54.24 46.35 30.08
N LEU F 567 55.14 45.37 30.02
CA LEU F 567 56.53 45.68 29.72
C LEU F 567 56.76 45.93 28.24
N THR F 568 56.02 45.23 27.35
CA THR F 568 56.16 45.50 25.93
C THR F 568 55.71 46.92 25.58
N THR F 569 54.62 47.37 26.19
CA THR F 569 54.15 48.73 25.93
C THR F 569 55.12 49.75 26.51
N PHE F 570 55.71 49.46 27.68
CA PHE F 570 56.68 50.37 28.28
C PHE F 570 57.97 50.39 27.47
N SER F 571 58.40 49.23 26.97
CA SER F 571 59.66 49.15 26.24
C SER F 571 59.55 49.82 24.86
N ILE F 572 58.44 49.60 24.17
CA ILE F 572 58.30 50.19 22.83
C ILE F 572 58.15 51.70 22.92
N ALA F 573 57.44 52.18 23.94
CA ALA F 573 57.26 53.62 24.11
C ALA F 573 58.57 54.33 24.43
N ASN F 574 59.60 53.61 24.87
CA ASN F 574 60.89 54.25 25.13
C ASN F 574 61.54 54.73 23.84
N ASP F 575 61.23 54.09 22.70
CA ASP F 575 61.93 54.37 21.45
C ASP F 575 61.72 55.81 20.98
N VAL F 576 60.71 56.51 21.48
CA VAL F 576 60.49 57.89 21.07
C VAL F 576 61.59 58.79 21.63
N ALA F 577 61.87 58.67 22.93
CA ALA F 577 62.91 59.47 23.54
C ALA F 577 64.30 59.03 23.08
N LYS F 578 64.48 57.73 22.81
CA LYS F 578 65.77 57.23 22.39
C LYS F 578 66.17 57.76 21.01
N TYR F 579 65.18 58.08 20.18
CA TYR F 579 65.48 58.67 18.88
C TYR F 579 65.91 60.12 19.02
N PHE F 580 65.31 60.85 19.97
CA PHE F 580 65.71 62.24 20.22
C PHE F 580 67.08 62.35 20.88
N ALA F 581 67.69 61.23 21.25
CA ALA F 581 69.01 61.23 21.87
C ALA F 581 70.13 60.83 20.93
N ILE F 582 69.84 60.01 19.92
CA ILE F 582 70.87 59.49 19.04
C ILE F 582 70.83 60.14 17.65
N ILE F 583 69.65 60.48 17.14
CA ILE F 583 69.58 61.10 15.81
C ILE F 583 70.33 62.42 15.75
N PRO F 584 70.14 63.37 16.68
CA PRO F 584 70.93 64.61 16.60
C PRO F 584 72.40 64.41 16.97
N ALA F 585 72.74 63.35 17.70
CA ALA F 585 74.11 63.11 18.11
C ALA F 585 74.90 62.35 17.04
N ALA F 586 74.35 61.25 16.54
CA ALA F 586 75.06 60.45 15.55
C ALA F 586 75.24 61.18 14.21
N PHE F 587 74.38 62.14 13.91
CA PHE F 587 74.45 62.89 12.66
C PHE F 587 75.01 64.30 12.86
N ALA F 588 75.52 64.61 14.04
CA ALA F 588 76.08 65.94 14.28
C ALA F 588 77.35 66.17 13.45
N ALA F 589 78.09 65.10 13.15
CA ALA F 589 79.30 65.22 12.35
C ALA F 589 79.03 65.12 10.85
N THR F 590 77.81 64.78 10.45
CA THR F 590 77.43 64.67 9.06
C THR F 590 76.44 65.75 8.62
N TYR F 591 75.45 66.05 9.45
CA TYR F 591 74.52 67.15 9.21
C TYR F 591 74.31 67.88 10.53
N PRO F 592 75.15 68.87 10.82
CA PRO F 592 75.07 69.56 12.12
C PRO F 592 73.78 70.34 12.32
N GLN F 593 73.02 70.62 11.27
CA GLN F 593 71.76 71.34 11.44
C GLN F 593 70.72 70.51 12.19
N LEU F 594 70.92 69.19 12.29
CA LEU F 594 70.02 68.34 13.04
C LEU F 594 70.17 68.49 14.55
N ASN F 595 71.05 69.38 15.02
CA ASN F 595 71.18 69.62 16.45
C ASN F 595 69.93 70.26 17.04
N ALA F 596 69.07 70.84 16.20
CA ALA F 596 67.80 71.40 16.70
C ALA F 596 66.88 70.32 17.23
N LEU F 597 67.01 69.09 16.72
CA LEU F 597 66.18 67.98 17.19
C LEU F 597 66.59 67.47 18.56
N ASN F 598 67.73 67.94 19.10
CA ASN F 598 68.20 67.55 20.43
C ASN F 598 67.38 68.33 21.47
N ILE F 599 66.19 67.81 21.75
CA ILE F 599 65.27 68.50 22.66
C ILE F 599 65.81 68.46 24.09
N MET F 600 66.41 67.34 24.49
CA MET F 600 66.88 67.20 25.86
C MET F 600 68.11 68.06 26.17
N CYS F 601 68.67 68.74 25.17
CA CYS F 601 69.84 69.61 25.36
C CYS F 601 70.98 68.84 26.01
N LEU F 602 71.34 67.72 25.41
CA LEU F 602 72.44 66.91 25.93
C LEU F 602 73.77 67.60 25.63
N HIS F 603 74.76 67.35 26.52
CA HIS F 603 75.97 68.16 26.53
C HIS F 603 76.75 68.02 25.23
N SER F 604 77.19 66.82 24.90
CA SER F 604 78.01 66.56 23.73
C SER F 604 77.49 65.32 23.01
N PRO F 605 77.75 65.20 21.71
CA PRO F 605 77.28 64.01 20.98
C PRO F 605 77.78 62.70 21.55
N ASP F 606 79.04 62.65 22.01
CA ASP F 606 79.54 61.42 22.61
C ASP F 606 78.93 61.16 23.97
N SER F 607 78.54 62.23 24.69
CA SER F 607 77.87 62.05 25.96
C SER F 607 76.41 61.63 25.80
N ALA F 608 75.79 62.04 24.68
CA ALA F 608 74.41 61.64 24.42
C ALA F 608 74.31 60.13 24.22
N ILE F 609 75.19 59.57 23.40
CA ILE F 609 75.14 58.13 23.13
C ILE F 609 75.53 57.33 24.36
N LEU F 610 76.47 57.85 25.16
CA LEU F 610 76.84 57.16 26.40
C LEU F 610 75.67 57.09 27.37
N SER F 611 74.93 58.18 27.50
CA SER F 611 73.78 58.18 28.42
C SER F 611 72.67 57.27 27.93
N ALA F 612 72.52 57.13 26.62
CA ALA F 612 71.48 56.24 26.09
C ALA F 612 71.83 54.78 26.31
N VAL F 613 73.12 54.43 26.23
CA VAL F 613 73.53 53.05 26.46
C VAL F 613 73.44 52.72 27.94
N ILE F 614 73.80 53.67 28.81
CA ILE F 614 73.72 53.45 30.24
C ILE F 614 72.26 53.28 30.66
N PHE F 615 71.36 54.11 30.11
CA PHE F 615 69.95 53.94 30.40
C PHE F 615 69.41 52.65 29.82
N ASN F 616 69.92 52.23 28.66
CA ASN F 616 69.53 50.95 28.08
C ASN F 616 70.04 49.76 28.88
N ALA F 617 70.97 49.98 29.80
CA ALA F 617 71.48 48.93 30.67
C ALA F 617 70.98 49.02 32.10
N LEU F 618 70.83 50.23 32.64
CA LEU F 618 70.37 50.38 34.02
C LEU F 618 68.87 50.17 34.17
N ILE F 619 68.10 50.34 33.10
CA ILE F 619 66.65 50.16 33.20
C ILE F 619 66.28 48.69 33.41
N ILE F 620 67.17 47.77 33.02
CA ILE F 620 66.90 46.35 33.23
C ILE F 620 66.92 46.01 34.71
N VAL F 621 67.89 46.56 35.45
CA VAL F 621 67.99 46.27 36.87
C VAL F 621 66.78 46.85 37.62
N PHE F 622 66.36 48.05 37.25
CA PHE F 622 65.21 48.67 37.92
C PHE F 622 63.91 47.96 37.63
N LEU F 623 63.84 47.16 36.55
CA LEU F 623 62.63 46.43 36.20
C LEU F 623 62.70 44.95 36.54
N ILE F 624 63.81 44.48 37.10
CA ILE F 624 63.89 43.09 37.55
C ILE F 624 62.88 42.78 38.64
N PRO F 625 62.74 43.60 39.70
CA PRO F 625 61.69 43.29 40.69
C PRO F 625 60.29 43.33 40.13
N LEU F 626 60.02 44.19 39.15
CA LEU F 626 58.70 44.21 38.53
C LEU F 626 58.46 42.94 37.72
N ALA F 627 59.49 42.44 37.04
CA ALA F 627 59.32 41.27 36.19
C ALA F 627 59.15 40.00 37.03
N LEU F 628 59.79 39.92 38.19
CA LEU F 628 59.74 38.70 38.99
C LEU F 628 58.60 38.71 40.00
N LYS F 629 58.35 39.86 40.64
CA LYS F 629 57.26 39.92 41.62
C LYS F 629 55.90 39.89 40.93
N GLY F 630 55.76 40.62 39.82
CA GLY F 630 54.52 40.66 39.08
C GLY F 630 53.86 42.04 39.15
N VAL F 631 53.01 42.30 38.16
CA VAL F 631 52.30 43.56 38.04
C VAL F 631 51.02 43.47 38.86
N SER F 632 50.80 44.47 39.73
CA SER F 632 49.58 44.54 40.54
C SER F 632 48.54 45.32 39.74
N TYR F 633 47.92 44.62 38.79
CA TYR F 633 46.94 45.23 37.91
C TYR F 633 45.62 45.46 38.66
N LYS F 634 44.72 46.20 38.01
CA LYS F 634 43.42 46.50 38.58
C LYS F 634 42.32 45.72 37.85
N PRO F 635 41.28 45.29 38.57
CA PRO F 635 40.19 44.55 37.90
C PRO F 635 39.38 45.45 36.98
N LEU F 636 39.46 45.20 35.68
CA LEU F 636 38.76 46.03 34.70
C LEU F 636 38.28 45.16 33.55
N THR F 637 37.38 45.73 32.75
CA THR F 637 36.90 45.06 31.55
C THR F 637 37.99 45.08 30.48
N ALA F 638 37.65 44.60 29.28
CA ALA F 638 38.64 44.52 28.21
C ALA F 638 39.02 45.91 27.71
N SER F 639 38.04 46.67 27.21
CA SER F 639 38.32 47.98 26.63
C SER F 639 38.80 48.97 27.69
N ALA F 640 38.29 48.87 28.92
CA ALA F 640 38.72 49.79 29.96
C ALA F 640 40.16 49.54 30.37
N MET F 641 40.59 48.28 30.41
CA MET F 641 41.96 47.97 30.78
C MET F 641 42.93 48.35 29.67
N LEU F 642 42.49 48.31 28.41
CA LEU F 642 43.34 48.75 27.31
C LEU F 642 43.74 50.20 27.48
N ARG F 643 42.83 51.03 28.00
CA ARG F 643 43.14 52.44 28.21
C ARG F 643 44.15 52.62 29.35
N ARG F 644 43.91 51.97 30.48
CA ARG F 644 44.81 52.12 31.62
C ARG F 644 46.20 51.58 31.32
N ASN F 645 46.29 50.52 30.52
CA ASN F 645 47.60 50.02 30.12
C ASN F 645 48.29 50.98 29.17
N LEU F 646 47.52 51.76 28.41
CA LEU F 646 48.11 52.76 27.53
C LEU F 646 48.43 54.06 28.26
N TRP F 647 47.69 54.36 29.34
CA TRP F 647 47.94 55.58 30.09
C TRP F 647 49.16 55.44 30.99
N ILE F 648 49.22 54.36 31.76
CA ILE F 648 50.30 54.18 32.72
C ILE F 648 51.59 53.77 32.03
N TYR F 649 51.53 52.73 31.19
CA TYR F 649 52.73 52.20 30.57
C TYR F 649 53.05 52.83 29.22
N GLY F 650 52.15 53.64 28.67
CA GLY F 650 52.43 54.37 27.46
C GLY F 650 53.09 55.70 27.74
N LEU F 651 52.45 56.51 28.59
CA LEU F 651 53.08 57.76 29.02
C LEU F 651 54.30 57.48 29.88
N GLY F 652 54.19 56.52 30.80
CA GLY F 652 55.36 56.13 31.58
C GLY F 652 56.51 55.66 30.71
N GLY F 653 56.19 54.88 29.68
CA GLY F 653 57.22 54.52 28.71
C GLY F 653 57.68 55.67 27.84
N LEU F 654 56.94 56.77 27.82
CA LEU F 654 57.31 57.93 27.04
C LEU F 654 58.10 58.95 27.85
N LEU F 655 57.71 59.20 29.10
CA LEU F 655 58.29 60.26 29.90
C LEU F 655 59.48 59.80 30.74
N VAL F 656 59.49 58.54 31.18
CA VAL F 656 60.61 58.05 31.98
C VAL F 656 61.94 58.09 31.22
N PRO F 657 62.02 57.66 29.95
CA PRO F 657 63.32 57.77 29.25
C PRO F 657 63.80 59.19 29.07
N PHE F 658 62.89 60.16 28.91
CA PHE F 658 63.29 61.55 28.82
C PHE F 658 63.99 62.00 30.11
N ILE F 659 63.36 61.75 31.26
CA ILE F 659 63.96 62.12 32.53
C ILE F 659 65.18 61.26 32.83
N GLY F 660 65.17 59.99 32.41
CA GLY F 660 66.28 59.11 32.73
C GLY F 660 67.56 59.47 32.00
N ILE F 661 67.45 59.84 30.73
CA ILE F 661 68.64 60.21 29.96
C ILE F 661 69.23 61.52 30.47
N LYS F 662 68.37 62.47 30.87
CA LYS F 662 68.87 63.75 31.37
C LYS F 662 69.71 63.56 32.62
N VAL F 663 69.18 62.82 33.60
CA VAL F 663 69.89 62.63 34.86
C VAL F 663 71.23 61.93 34.63
N ILE F 664 71.24 60.93 33.75
CA ILE F 664 72.49 60.24 33.43
C ILE F 664 73.45 61.18 32.72
N ASP F 665 72.93 62.04 31.84
CA ASP F 665 73.79 62.97 31.13
C ASP F 665 74.27 64.09 32.05
N LEU F 666 73.41 64.59 32.92
CA LEU F 666 73.81 65.64 33.84
C LEU F 666 74.85 65.13 34.84
N LEU F 667 74.73 63.87 35.26
CA LEU F 667 75.73 63.30 36.16
C LEU F 667 77.08 63.16 35.46
N LEU F 668 77.07 62.83 34.16
CA LEU F 668 78.33 62.78 33.41
C LEU F 668 78.95 64.16 33.26
N THR F 669 78.12 65.21 33.17
CA THR F 669 78.64 66.57 33.05
C THR F 669 79.14 67.09 34.40
N VAL F 670 78.36 66.89 35.46
CA VAL F 670 78.75 67.37 36.79
C VAL F 670 80.02 66.67 37.25
N CYS F 671 80.05 65.34 37.12
CA CYS F 671 81.25 64.59 37.48
C CYS F 671 82.41 64.86 36.52
N GLY F 672 82.13 65.36 35.32
CA GLY F 672 83.17 65.67 34.36
C GLY F 672 83.91 64.47 33.83
N LEU F 673 83.24 63.33 33.69
CA LEU F 673 83.89 62.13 33.17
C LEU F 673 84.25 62.30 31.70
N VAL F 674 83.26 62.64 30.87
CA VAL F 674 83.49 62.86 29.45
C VAL F 674 82.88 64.20 29.03
N LEU G 1 44.06 25.05 -17.53
CA LEU G 1 44.78 26.15 -18.16
C LEU G 1 43.95 26.77 -19.29
N ARG G 2 42.90 26.07 -19.70
CA ARG G 2 42.03 26.60 -20.75
C ARG G 2 41.33 27.89 -20.33
N PRO G 3 40.74 28.01 -19.13
CA PRO G 3 40.18 29.31 -18.74
C PRO G 3 41.24 30.37 -18.48
N ALA G 4 42.46 29.97 -18.15
CA ALA G 4 43.53 30.95 -17.92
C ALA G 4 43.87 31.70 -19.20
N LEU G 5 44.24 30.97 -20.25
CA LEU G 5 44.63 31.61 -21.50
C LEU G 5 43.43 32.29 -22.17
N SER G 6 42.23 31.74 -21.99
CA SER G 6 41.06 32.32 -22.63
C SER G 6 40.65 33.64 -21.98
N THR G 7 40.69 33.71 -20.66
CA THR G 7 40.35 34.95 -19.97
C THR G 7 41.32 36.06 -20.34
N PHE G 8 42.61 35.73 -20.45
CA PHE G 8 43.61 36.74 -20.81
C PHE G 8 43.37 37.26 -22.23
N ILE G 9 43.13 36.36 -23.17
CA ILE G 9 42.98 36.77 -24.56
C ILE G 9 41.68 37.54 -24.75
N PHE G 10 40.62 37.15 -24.04
CA PHE G 10 39.35 37.85 -24.18
C PHE G 10 39.46 39.29 -23.67
N LEU G 11 39.99 39.48 -22.47
CA LEU G 11 40.14 40.83 -21.93
C LEU G 11 41.14 41.65 -22.73
N LEU G 12 42.16 41.00 -23.29
CA LEU G 12 43.12 41.72 -24.14
C LEU G 12 42.44 42.26 -25.39
N LEU G 13 41.43 41.56 -25.91
CA LEU G 13 40.71 42.06 -27.08
C LEU G 13 39.65 43.09 -26.70
N ILE G 14 39.08 42.97 -25.50
CA ILE G 14 38.07 43.94 -25.07
C ILE G 14 38.71 45.26 -24.66
N THR G 15 39.69 45.20 -23.77
CA THR G 15 40.32 46.42 -23.26
C THR G 15 41.27 47.04 -24.28
N GLY G 16 41.91 46.23 -25.12
CA GLY G 16 42.83 46.74 -26.11
C GLY G 16 42.24 47.00 -27.47
N GLY G 17 41.03 46.51 -27.74
CA GLY G 17 40.39 46.72 -29.01
C GLY G 17 39.04 47.39 -28.91
N VAL G 18 38.12 46.74 -28.19
CA VAL G 18 36.75 47.25 -28.12
C VAL G 18 36.70 48.55 -27.34
N TYR G 19 37.43 48.63 -26.23
CA TYR G 19 37.39 49.85 -25.40
C TYR G 19 37.98 51.05 -26.11
N PRO G 20 39.17 50.97 -26.74
CA PRO G 20 39.66 52.16 -27.46
C PRO G 20 38.83 52.50 -28.68
N LEU G 21 38.35 51.51 -29.42
CA LEU G 21 37.54 51.79 -30.61
C LEU G 21 36.24 52.46 -30.24
N LEU G 22 35.63 52.06 -29.13
CA LEU G 22 34.35 52.67 -28.72
C LEU G 22 34.55 54.11 -28.28
N THR G 23 35.61 54.39 -27.52
CA THR G 23 35.88 55.77 -27.10
C THR G 23 36.26 56.63 -28.30
N THR G 24 37.02 56.08 -29.24
CA THR G 24 37.42 56.85 -30.42
C THR G 24 36.22 57.14 -31.31
N VAL G 25 35.37 56.15 -31.55
CA VAL G 25 34.19 56.36 -32.38
C VAL G 25 33.24 57.36 -31.72
N LEU G 26 32.95 57.16 -30.44
CA LEU G 26 32.09 58.10 -29.72
C LEU G 26 32.75 59.45 -29.53
N GLY G 27 34.08 59.48 -29.41
CA GLY G 27 34.77 60.75 -29.24
C GLY G 27 34.72 61.61 -30.49
N GLN G 28 35.12 61.05 -31.63
CA GLN G 28 35.05 61.78 -32.89
C GLN G 28 33.61 62.09 -33.29
N TRP G 29 32.64 61.37 -32.71
CA TRP G 29 31.24 61.57 -33.07
C TRP G 29 30.67 62.78 -32.35
N TRP G 30 30.74 62.79 -31.01
CA TRP G 30 30.15 63.86 -30.23
C TRP G 30 31.05 65.09 -30.17
N PHE G 31 32.34 64.90 -29.87
CA PHE G 31 33.28 66.00 -29.68
C PHE G 31 34.45 65.82 -30.64
N PRO G 32 34.26 66.14 -31.92
CA PRO G 32 35.35 65.92 -32.88
C PRO G 32 36.49 66.90 -32.74
N TRP G 33 36.18 68.18 -32.48
CA TRP G 33 37.25 69.19 -32.40
C TRP G 33 38.17 68.92 -31.22
N GLN G 34 37.60 68.66 -30.05
CA GLN G 34 38.43 68.42 -28.86
C GLN G 34 39.25 67.14 -29.00
N ALA G 35 38.67 66.12 -29.64
CA ALA G 35 39.36 64.84 -29.78
C ALA G 35 40.59 64.93 -30.69
N ASN G 36 40.62 65.91 -31.61
CA ASN G 36 41.74 66.10 -32.51
C ASN G 36 42.72 67.15 -32.03
N GLY G 37 42.66 67.51 -30.75
CA GLY G 37 43.56 68.49 -30.18
C GLY G 37 43.01 69.90 -30.09
N SER G 38 41.80 70.14 -30.59
CA SER G 38 41.19 71.47 -30.61
C SER G 38 42.11 72.49 -31.26
N LEU G 39 42.58 72.15 -32.46
CA LEU G 39 43.55 72.98 -33.16
C LEU G 39 42.93 74.31 -33.59
N ILE G 40 43.78 75.32 -33.68
CA ILE G 40 43.40 76.64 -34.17
C ILE G 40 44.09 76.85 -35.50
N ARG G 41 43.31 77.01 -36.57
CA ARG G 41 43.84 77.15 -37.92
C ARG G 41 43.33 78.44 -38.55
N GLU G 42 44.20 79.10 -39.31
CA GLU G 42 43.86 80.25 -40.13
C GLU G 42 44.24 79.92 -41.56
N GLY G 43 43.24 79.65 -42.40
CA GLY G 43 43.50 79.14 -43.72
C GLY G 43 43.76 77.64 -43.70
N ASP G 44 44.95 77.24 -44.14
CA ASP G 44 45.35 75.83 -44.09
C ASP G 44 46.51 75.58 -43.12
N THR G 45 47.08 76.64 -42.54
CA THR G 45 48.19 76.49 -41.61
C THR G 45 47.67 76.36 -40.18
N VAL G 46 48.37 75.53 -39.39
CA VAL G 46 47.98 75.28 -38.01
C VAL G 46 48.76 76.26 -37.12
N ARG G 47 48.05 77.22 -36.55
CA ARG G 47 48.67 78.18 -35.63
C ARG G 47 48.87 77.61 -34.24
N GLY G 48 48.11 76.60 -33.86
CA GLY G 48 48.24 76.00 -32.55
C GLY G 48 46.90 75.46 -32.09
N SER G 49 46.78 75.34 -30.76
CA SER G 49 45.55 74.89 -30.14
C SER G 49 45.37 75.65 -28.83
N ALA G 50 44.17 75.52 -28.25
CA ALA G 50 43.87 76.17 -26.99
C ALA G 50 44.62 75.56 -25.80
N LEU G 51 45.35 74.47 -26.01
CA LEU G 51 46.02 73.78 -24.91
C LEU G 51 47.53 73.63 -25.11
N ILE G 52 48.08 74.09 -26.24
CA ILE G 52 49.48 73.86 -26.53
C ILE G 52 50.37 74.70 -25.60
N GLY G 53 50.25 76.02 -25.69
CA GLY G 53 51.19 76.89 -25.03
C GLY G 53 52.42 77.13 -25.88
N GLN G 54 52.70 78.39 -26.21
CA GLN G 54 53.77 78.74 -27.12
C GLN G 54 54.78 79.64 -26.43
N ASN G 55 56.02 79.60 -26.93
CA ASN G 55 57.11 80.41 -26.38
C ASN G 55 57.09 81.78 -27.04
N PHE G 56 56.38 82.71 -26.40
CA PHE G 56 56.26 84.07 -26.91
C PHE G 56 57.39 84.93 -26.34
N THR G 57 58.18 85.53 -27.22
CA THR G 57 59.28 86.39 -26.82
C THR G 57 59.15 87.82 -27.34
N GLY G 58 58.22 88.09 -28.26
CA GLY G 58 58.08 89.42 -28.80
C GLY G 58 57.59 90.42 -27.77
N ASN G 59 57.88 91.69 -28.03
CA ASN G 59 57.52 92.76 -27.10
C ASN G 59 56.05 93.11 -27.18
N GLY G 60 55.40 92.89 -28.32
CA GLY G 60 54.00 93.19 -28.48
C GLY G 60 53.04 92.11 -28.03
N TYR G 61 53.53 90.91 -27.78
CA TYR G 61 52.71 89.79 -27.35
C TYR G 61 52.74 89.64 -25.83
N PHE G 62 51.72 88.97 -25.31
CA PHE G 62 51.71 88.60 -23.91
C PHE G 62 52.61 87.39 -23.69
N HIS G 63 53.29 87.37 -22.55
CA HIS G 63 54.29 86.34 -22.25
C HIS G 63 53.76 85.36 -21.22
N GLY G 64 54.20 84.11 -21.32
CA GLY G 64 53.84 83.07 -20.40
C GLY G 64 54.98 82.71 -19.45
N ARG G 65 54.69 81.74 -18.59
CA ARG G 65 55.65 81.27 -17.62
C ARG G 65 56.84 80.60 -18.32
N PRO G 66 57.98 80.52 -17.64
CA PRO G 66 59.11 79.77 -18.21
C PRO G 66 58.76 78.31 -18.43
N SER G 67 59.33 77.73 -19.49
CA SER G 67 58.96 76.41 -19.98
C SER G 67 59.77 75.30 -19.34
N ALA G 68 61.10 75.39 -19.42
CA ALA G 68 62.02 74.42 -18.82
C ALA G 68 61.91 73.03 -19.46
N THR G 69 61.62 72.98 -20.76
CA THR G 69 61.57 71.71 -21.48
C THR G 69 63.00 71.24 -21.80
N ALA G 70 63.10 70.23 -22.66
CA ALA G 70 64.40 69.61 -22.94
C ALA G 70 65.27 70.49 -23.83
N GLU G 71 64.90 70.62 -25.11
CA GLU G 71 65.73 71.34 -26.08
C GLU G 71 65.34 72.80 -26.15
N MET G 72 64.15 73.10 -26.64
CA MET G 72 63.66 74.45 -26.79
C MET G 72 62.48 74.70 -25.86
N PRO G 73 62.26 75.93 -25.42
CA PRO G 73 61.11 76.22 -24.55
C PRO G 73 59.80 75.97 -25.29
N TYR G 74 58.85 75.37 -24.56
CA TYR G 74 57.53 75.02 -25.09
C TYR G 74 57.64 74.04 -26.26
N ASN G 75 58.38 72.96 -26.05
CA ASN G 75 58.51 71.90 -27.04
C ASN G 75 57.56 70.78 -26.68
N PRO G 76 56.46 70.58 -27.43
CA PRO G 76 55.54 69.49 -27.11
C PRO G 76 56.17 68.11 -27.23
N GLN G 77 57.35 67.99 -27.81
CA GLN G 77 58.04 66.70 -27.93
C GLN G 77 58.80 66.33 -26.67
N ALA G 78 58.80 67.19 -25.65
CA ALA G 78 59.48 66.92 -24.38
C ALA G 78 58.49 66.85 -23.23
N SER G 79 57.73 67.92 -22.99
CA SER G 79 56.73 67.99 -21.93
C SER G 79 57.33 67.60 -20.58
N GLY G 80 58.21 68.47 -20.09
CA GLY G 80 58.86 68.26 -18.81
C GLY G 80 58.80 69.50 -17.95
N GLY G 81 59.36 69.38 -16.75
CA GLY G 81 59.41 70.49 -15.82
C GLY G 81 60.79 70.61 -15.19
N SER G 82 61.00 71.72 -14.50
CA SER G 82 62.23 71.96 -13.76
C SER G 82 62.15 71.28 -12.41
N ASN G 83 62.85 70.17 -12.24
CA ASN G 83 62.85 69.42 -10.98
C ASN G 83 63.88 69.95 -9.99
N LEU G 84 64.05 71.27 -9.93
CA LEU G 84 64.99 71.88 -9.02
C LEU G 84 64.33 72.17 -7.67
N ALA G 85 65.07 71.88 -6.59
CA ALA G 85 64.55 72.04 -5.25
C ALA G 85 64.74 73.46 -4.75
N VAL G 86 64.14 73.74 -3.58
CA VAL G 86 64.36 75.03 -2.93
C VAL G 86 65.79 75.14 -2.43
N SER G 87 66.35 74.04 -1.92
CA SER G 87 67.74 74.04 -1.45
C SER G 87 68.75 74.09 -2.58
N ASN G 88 68.30 73.97 -3.83
CA ASN G 88 69.22 74.01 -4.96
C ASN G 88 69.67 75.45 -5.22
N PRO G 89 70.98 75.70 -5.33
CA PRO G 89 71.44 77.09 -5.56
C PRO G 89 71.18 77.58 -6.97
N GLU G 90 71.07 76.68 -7.95
CA GLU G 90 70.84 77.10 -9.33
C GLU G 90 69.43 77.67 -9.52
N LEU G 91 68.48 77.31 -8.65
CA LEU G 91 67.15 77.87 -8.77
C LEU G 91 67.14 79.35 -8.40
N ASP G 92 67.90 79.74 -7.36
CA ASP G 92 67.99 81.15 -6.99
C ASP G 92 68.53 81.99 -8.13
N LYS G 93 69.55 81.50 -8.83
CA LYS G 93 70.07 82.23 -9.98
C LYS G 93 69.04 82.34 -11.09
N LEU G 94 68.27 81.27 -11.32
CA LEU G 94 67.23 81.31 -12.35
C LEU G 94 66.11 82.27 -11.97
N ILE G 95 65.75 82.33 -10.69
CA ILE G 95 64.70 83.24 -10.26
C ILE G 95 65.17 84.68 -10.38
N ALA G 96 66.36 84.98 -9.86
CA ALA G 96 66.88 86.35 -9.92
C ALA G 96 67.07 86.80 -11.36
N ALA G 97 67.49 85.89 -12.24
CA ALA G 97 67.67 86.25 -13.65
C ALA G 97 66.34 86.60 -14.29
N ARG G 98 65.28 85.87 -13.98
CA ARG G 98 63.97 86.15 -14.58
C ARG G 98 63.34 87.40 -13.98
N VAL G 99 63.51 87.62 -12.67
CA VAL G 99 62.97 88.82 -12.04
C VAL G 99 63.62 90.06 -12.63
N ALA G 100 64.95 90.04 -12.78
CA ALA G 100 65.65 91.20 -13.32
C ALA G 100 65.29 91.41 -14.79
N ALA G 101 65.17 90.33 -15.56
CA ALA G 101 64.86 90.48 -16.98
C ALA G 101 63.43 90.95 -17.21
N LEU G 102 62.50 90.53 -16.36
CA LEU G 102 61.12 90.97 -16.51
C LEU G 102 60.93 92.42 -16.10
N ARG G 103 61.67 92.85 -15.07
CA ARG G 103 61.62 94.27 -14.69
C ARG G 103 62.21 95.15 -15.78
N ALA G 104 63.25 94.66 -16.47
CA ALA G 104 63.85 95.43 -17.56
C ALA G 104 62.88 95.57 -18.72
N ALA G 105 62.14 94.51 -19.04
CA ALA G 105 61.21 94.56 -20.16
C ALA G 105 59.92 95.30 -19.82
N ASN G 106 59.56 95.36 -18.53
CA ASN G 106 58.34 96.02 -18.07
C ASN G 106 58.74 97.13 -17.09
N PRO G 107 59.23 98.27 -17.59
CA PRO G 107 59.68 99.34 -16.69
C PRO G 107 58.51 100.13 -16.10
N ASP G 108 57.45 100.31 -16.88
CA ASP G 108 56.28 101.07 -16.44
C ASP G 108 55.26 100.21 -15.71
N ALA G 109 55.71 99.19 -14.99
CA ALA G 109 54.86 98.33 -14.18
C ALA G 109 55.43 98.24 -12.77
N SER G 110 54.71 97.56 -11.90
CA SER G 110 55.15 97.41 -10.52
C SER G 110 56.43 96.58 -10.46
N ALA G 111 57.29 96.91 -9.49
CA ALA G 111 58.54 96.18 -9.34
C ALA G 111 58.29 94.76 -8.84
N SER G 112 57.19 94.53 -8.14
CA SER G 112 56.85 93.19 -7.68
C SER G 112 56.41 92.34 -8.87
N VAL G 113 57.18 91.29 -9.16
CA VAL G 113 56.89 90.40 -10.28
C VAL G 113 55.93 89.31 -9.80
N PRO G 114 54.86 89.02 -10.54
CA PRO G 114 53.99 87.90 -10.15
C PRO G 114 54.75 86.57 -10.20
N VAL G 115 54.51 85.75 -9.18
CA VAL G 115 55.29 84.52 -9.00
C VAL G 115 55.12 83.56 -10.17
N GLU G 116 53.99 83.65 -10.88
CA GLU G 116 53.78 82.78 -12.02
C GLU G 116 54.80 83.03 -13.13
N LEU G 117 55.07 84.30 -13.42
CA LEU G 117 55.94 84.65 -14.54
C LEU G 117 57.42 84.35 -14.27
N VAL G 118 57.78 84.03 -13.02
CA VAL G 118 59.17 83.72 -12.70
C VAL G 118 59.38 82.23 -12.44
N THR G 119 58.37 81.51 -12.00
CA THR G 119 58.49 80.07 -11.76
C THR G 119 58.06 79.29 -13.00
N ALA G 120 58.78 78.22 -13.28
CA ALA G 120 58.44 77.36 -14.41
C ALA G 120 57.17 76.58 -14.10
N SER G 121 56.63 75.93 -15.12
CA SER G 121 55.44 75.10 -14.97
C SER G 121 55.84 73.63 -14.82
N ALA G 122 54.87 72.82 -14.40
CA ALA G 122 55.12 71.40 -14.24
C ALA G 122 55.16 70.69 -15.59
N SER G 123 54.20 71.00 -16.47
CA SER G 123 54.14 70.33 -17.76
C SER G 123 55.15 70.88 -18.76
N GLY G 124 55.53 72.15 -18.63
CA GLY G 124 56.34 72.80 -19.63
C GLY G 124 55.58 73.28 -20.84
N LEU G 125 54.28 72.98 -20.93
CA LEU G 125 53.43 73.44 -22.02
C LEU G 125 52.29 74.30 -21.48
N ASP G 126 52.51 74.98 -20.37
CA ASP G 126 51.47 75.76 -19.74
C ASP G 126 51.10 76.96 -20.61
N ASN G 127 49.81 77.09 -20.90
CA ASN G 127 49.28 78.19 -21.69
C ASN G 127 48.40 79.12 -20.86
N ASN G 128 48.67 79.19 -19.55
CA ASN G 128 47.77 79.85 -18.62
C ASN G 128 48.52 80.75 -17.66
N ILE G 129 47.91 81.88 -17.34
CA ILE G 129 48.35 82.79 -16.29
C ILE G 129 47.12 83.44 -15.70
N THR G 130 47.16 83.74 -14.40
CA THR G 130 46.03 84.39 -13.76
C THR G 130 45.76 85.75 -14.43
N PRO G 131 44.50 86.16 -14.51
CA PRO G 131 44.19 87.43 -15.18
C PRO G 131 44.90 88.64 -14.60
N GLN G 132 45.22 88.61 -13.30
CA GLN G 132 45.91 89.76 -12.70
C GLN G 132 47.37 89.81 -13.12
N ALA G 133 48.00 88.64 -13.34
CA ALA G 133 49.36 88.64 -13.87
C ALA G 133 49.40 88.99 -15.35
N ALA G 134 48.29 88.76 -16.07
CA ALA G 134 48.22 89.21 -17.46
C ALA G 134 48.04 90.71 -17.54
N ALA G 135 47.42 91.31 -16.52
CA ALA G 135 47.28 92.76 -16.46
C ALA G 135 48.56 93.45 -16.00
N TRP G 136 49.47 92.71 -15.36
CA TRP G 136 50.73 93.30 -14.93
C TRP G 136 51.59 93.70 -16.10
N GLN G 137 51.43 93.04 -17.26
CA GLN G 137 52.19 93.35 -18.46
C GLN G 137 51.38 94.17 -19.46
N ILE G 138 50.29 94.79 -19.00
CA ILE G 138 49.49 95.64 -19.90
C ILE G 138 50.29 96.83 -20.43
N PRO G 139 50.99 97.62 -19.62
CA PRO G 139 51.65 98.82 -20.16
C PRO G 139 52.66 98.51 -21.25
N ARG G 140 53.39 97.39 -21.15
CA ARG G 140 54.34 97.04 -22.20
C ARG G 140 53.63 96.74 -23.51
N VAL G 141 52.53 95.97 -23.46
CA VAL G 141 51.79 95.67 -24.67
C VAL G 141 51.08 96.91 -25.20
N ALA G 142 50.59 97.76 -24.29
CA ALA G 142 49.89 98.96 -24.71
C ALA G 142 50.82 99.94 -25.41
N LYS G 143 52.03 100.12 -24.87
CA LYS G 143 52.99 101.03 -25.47
C LYS G 143 53.49 100.52 -26.81
N ALA G 144 53.63 99.20 -26.96
CA ALA G 144 54.17 98.62 -28.19
C ALA G 144 53.15 98.56 -29.31
N ARG G 145 51.85 98.56 -29.00
CA ARG G 145 50.81 98.48 -30.01
C ARG G 145 49.87 99.68 -30.02
N ASN G 146 50.14 100.71 -29.21
CA ASN G 146 49.37 101.94 -29.17
C ASN G 146 47.90 101.71 -28.79
N LEU G 147 47.61 100.58 -28.14
CA LEU G 147 46.26 100.29 -27.68
C LEU G 147 46.06 100.84 -26.28
N SER G 148 44.81 101.18 -25.96
CA SER G 148 44.51 101.79 -24.69
C SER G 148 44.52 100.75 -23.57
N VAL G 149 44.65 101.23 -22.34
CA VAL G 149 44.66 100.33 -21.19
C VAL G 149 43.27 99.76 -20.92
N GLU G 150 42.23 100.51 -21.28
CA GLU G 150 40.86 100.03 -21.07
C GLU G 150 40.55 98.83 -21.95
N GLN G 151 40.71 98.98 -23.27
CA GLN G 151 40.39 97.89 -24.18
C GLN G 151 41.36 96.72 -24.04
N LEU G 152 42.54 96.94 -23.45
CA LEU G 152 43.46 95.83 -23.22
C LEU G 152 43.01 94.98 -22.03
N THR G 153 42.50 95.62 -20.97
CA THR G 153 41.92 94.87 -19.87
C THR G 153 40.64 94.16 -20.30
N GLN G 154 39.82 94.83 -21.11
CA GLN G 154 38.60 94.20 -21.61
C GLN G 154 38.90 93.03 -22.54
N LEU G 155 40.05 93.06 -23.22
CA LEU G 155 40.43 91.95 -24.08
C LEU G 155 40.94 90.76 -23.28
N ILE G 156 41.64 91.02 -22.17
CA ILE G 156 42.11 89.94 -21.32
C ILE G 156 40.95 89.27 -20.61
N ALA G 157 40.04 90.07 -20.05
CA ALA G 157 38.88 89.52 -19.37
C ALA G 157 37.97 88.77 -20.32
N LYS G 158 37.98 89.15 -21.60
CA LYS G 158 37.19 88.43 -22.60
C LYS G 158 37.72 87.01 -22.79
N TYR G 159 39.04 86.86 -22.86
CA TYR G 159 39.68 85.55 -23.05
C TYR G 159 40.14 84.96 -21.71
N SER G 160 39.33 85.15 -20.67
CA SER G 160 39.61 84.61 -19.35
C SER G 160 38.45 83.74 -18.92
N GLN G 161 38.77 82.52 -18.47
CA GLN G 161 37.75 81.57 -18.03
C GLN G 161 37.89 81.33 -16.54
N GLN G 162 36.78 81.39 -15.83
CA GLN G 162 36.78 81.13 -14.39
C GLN G 162 36.31 79.71 -14.12
N PRO G 163 36.92 79.03 -13.16
CA PRO G 163 36.46 77.68 -12.81
C PRO G 163 35.04 77.68 -12.29
N LEU G 164 34.39 76.52 -12.38
CA LEU G 164 33.02 76.40 -11.90
C LEU G 164 32.91 76.75 -10.42
N VAL G 165 33.89 76.32 -9.63
CA VAL G 165 33.97 76.67 -8.22
C VAL G 165 35.33 77.29 -7.97
N LYS G 166 35.39 78.20 -6.98
CA LYS G 166 36.58 79.02 -6.79
C LYS G 166 37.76 78.20 -6.25
N TYR G 167 37.50 77.14 -5.51
CA TYR G 167 38.57 76.35 -4.90
C TYR G 167 38.93 75.11 -5.70
N ILE G 168 38.36 74.94 -6.89
CA ILE G 168 38.79 73.84 -7.77
C ILE G 168 40.01 74.25 -8.59
N GLY G 169 40.22 75.55 -8.79
CA GLY G 169 41.38 76.00 -9.51
C GLY G 169 41.52 77.51 -9.40
N GLN G 170 42.18 78.08 -10.39
CA GLN G 170 42.36 79.52 -10.46
C GLN G 170 41.88 80.04 -11.81
N PRO G 171 41.39 81.28 -11.86
CA PRO G 171 41.01 81.87 -13.16
C PRO G 171 42.21 81.91 -14.09
N VAL G 172 41.95 81.64 -15.37
CA VAL G 172 43.00 81.38 -16.34
C VAL G 172 42.72 82.15 -17.61
N VAL G 173 43.78 82.70 -18.21
CA VAL G 173 43.71 83.40 -19.49
C VAL G 173 44.36 82.52 -20.55
N ASN G 174 43.71 82.41 -21.71
CA ASN G 174 44.27 81.67 -22.83
C ASN G 174 45.27 82.58 -23.55
N ILE G 175 46.55 82.23 -23.47
CA ILE G 175 47.60 83.11 -23.99
C ILE G 175 47.59 83.11 -25.52
N VAL G 176 47.50 81.93 -26.14
CA VAL G 176 47.53 81.85 -27.59
C VAL G 176 46.31 82.52 -28.20
N GLU G 177 45.13 82.29 -27.62
CA GLU G 177 43.93 82.93 -28.16
C GLU G 177 43.94 84.42 -27.91
N LEU G 178 44.58 84.89 -26.83
CA LEU G 178 44.67 86.32 -26.57
C LEU G 178 45.61 87.00 -27.55
N ASN G 179 46.74 86.35 -27.88
CA ASN G 179 47.70 86.94 -28.79
C ASN G 179 47.16 87.00 -30.21
N LEU G 180 46.48 85.94 -30.66
CA LEU G 180 45.90 85.95 -32.01
C LEU G 180 44.77 86.97 -32.10
N ALA G 181 43.96 87.09 -31.05
CA ALA G 181 42.92 88.12 -31.03
C ALA G 181 43.53 89.52 -31.02
N LEU G 182 44.74 89.65 -30.47
CA LEU G 182 45.42 90.94 -30.45
C LEU G 182 45.85 91.36 -31.85
N ASP G 183 46.12 90.40 -32.73
CA ASP G 183 46.56 90.73 -34.09
C ASP G 183 45.40 91.24 -34.94
N LYS G 184 44.24 90.60 -34.83
CA LYS G 184 43.09 91.07 -35.60
C LYS G 184 42.59 92.42 -35.08
N LEU G 185 42.77 92.69 -33.79
CA LEU G 185 42.41 94.00 -33.26
C LEU G 185 43.37 95.07 -33.73
N ASP G 186 44.65 94.72 -33.89
CA ASP G 186 45.64 95.69 -34.34
C ASP G 186 45.41 96.09 -35.79
N GLU G 187 44.85 95.19 -36.60
CA GLU G 187 44.57 95.49 -37.99
C GLU G 187 43.23 96.21 -38.13
N MET H 1 85.38 47.69 -3.54
CA MET H 1 84.82 47.83 -2.20
C MET H 1 85.89 47.61 -1.13
N SER H 2 85.84 48.43 -0.08
CA SER H 2 86.80 48.32 1.01
C SER H 2 86.64 46.99 1.74
N ALA H 3 87.75 46.48 2.26
CA ALA H 3 87.71 45.21 2.98
C ALA H 3 86.88 45.31 4.25
N GLY H 4 87.05 46.40 5.00
CA GLY H 4 86.27 46.59 6.22
C GLY H 4 84.79 46.78 5.95
N VAL H 5 84.44 47.38 4.82
CA VAL H 5 83.04 47.63 4.52
C VAL H 5 82.36 46.37 3.98
N ILE H 6 83.05 45.60 3.15
CA ILE H 6 82.43 44.41 2.56
C ILE H 6 82.18 43.34 3.61
N THR H 7 83.02 43.28 4.66
CA THR H 7 82.75 42.35 5.75
C THR H 7 81.55 42.78 6.57
N GLY H 8 81.38 44.10 6.76
CA GLY H 8 80.20 44.59 7.45
C GLY H 8 78.92 44.31 6.70
N VAL H 9 78.97 44.28 5.37
CA VAL H 9 77.80 43.93 4.58
C VAL H 9 77.48 42.45 4.74
N LEU H 10 78.51 41.60 4.78
CA LEU H 10 78.28 40.18 4.99
C LEU H 10 77.68 39.90 6.37
N LEU H 11 78.06 40.70 7.37
CA LEU H 11 77.48 40.52 8.71
C LEU H 11 76.00 40.88 8.73
N VAL H 12 75.61 41.92 7.99
CA VAL H 12 74.21 42.31 7.95
C VAL H 12 73.36 41.24 7.27
N PHE H 13 73.87 40.66 6.18
CA PHE H 13 73.13 39.61 5.49
C PHE H 13 72.98 38.36 6.35
N LEU H 14 74.04 37.99 7.06
CA LEU H 14 73.96 36.81 7.92
C LEU H 14 73.03 37.03 9.10
N LEU H 15 72.98 38.25 9.63
CA LEU H 15 72.06 38.53 10.73
C LEU H 15 70.62 38.64 10.23
N LEU H 16 70.42 39.07 8.98
CA LEU H 16 69.07 39.12 8.42
C LEU H 16 68.50 37.72 8.27
N GLY H 17 69.26 36.83 7.62
CA GLY H 17 68.80 35.45 7.47
C GLY H 17 68.64 34.73 8.80
N TYR H 18 69.47 35.07 9.79
CA TYR H 18 69.33 34.47 11.11
C TYR H 18 68.04 34.90 11.78
N LEU H 19 67.65 36.17 11.60
CA LEU H 19 66.42 36.65 12.22
C LEU H 19 65.19 36.15 11.49
N VAL H 20 65.22 36.14 10.15
CA VAL H 20 64.09 35.61 9.39
C VAL H 20 63.89 34.14 9.71
N TYR H 21 64.98 33.39 9.85
CA TYR H 21 64.88 31.99 10.26
C TYR H 21 64.34 31.88 11.69
N ALA H 22 64.74 32.81 12.57
CA ALA H 22 64.24 32.79 13.94
C ALA H 22 62.78 33.20 14.00
N LEU H 23 62.34 34.11 13.14
CA LEU H 23 60.94 34.52 13.14
C LEU H 23 60.03 33.39 12.71
N ILE H 24 60.49 32.57 11.75
CA ILE H 24 59.70 31.43 11.29
C ILE H 24 59.57 30.39 12.39
N ASN H 25 60.57 30.28 13.26
CA ASN H 25 60.60 29.26 14.29
C ASN H 25 60.24 29.86 15.65
N ALA H 26 60.31 29.03 16.68
CA ALA H 26 59.99 29.40 18.06
C ALA H 26 61.21 29.12 18.93
N GLU H 27 62.09 30.12 19.03
CA GLU H 27 63.31 29.99 19.80
C GLU H 27 63.22 30.79 21.09
N MET I 1 -22.80 -36.17 -15.31
CA MET I 1 -23.50 -35.97 -14.04
C MET I 1 -24.98 -36.31 -14.19
N ALA I 2 -25.68 -35.54 -15.03
CA ALA I 2 -27.09 -35.80 -15.26
C ALA I 2 -27.30 -37.15 -15.93
N ALA I 3 -26.43 -37.50 -16.87
CA ALA I 3 -26.54 -38.80 -17.53
C ALA I 3 -26.17 -39.94 -16.57
N GLN I 4 -25.10 -39.76 -15.79
CA GLN I 4 -24.72 -40.79 -14.83
C GLN I 4 -25.73 -40.89 -13.69
N GLY I 5 -26.27 -39.75 -13.25
CA GLY I 5 -27.30 -39.78 -12.23
C GLY I 5 -28.55 -40.49 -12.69
N PHE I 6 -28.88 -40.40 -13.98
CA PHE I 6 -30.04 -41.12 -14.50
C PHE I 6 -29.77 -42.62 -14.57
N LEU I 7 -28.58 -43.01 -15.05
CA LEU I 7 -28.27 -44.43 -15.16
C LEU I 7 -28.18 -45.09 -13.80
N LEU I 8 -27.73 -44.35 -12.77
CA LEU I 8 -27.68 -44.92 -11.43
C LEU I 8 -29.08 -45.19 -10.89
N ILE I 9 -30.04 -44.32 -11.24
CA ILE I 9 -31.42 -44.54 -10.79
C ILE I 9 -32.05 -45.69 -11.56
N ALA I 10 -31.85 -45.73 -12.87
CA ALA I 10 -32.45 -46.78 -13.69
C ALA I 10 -31.87 -48.15 -13.32
N THR I 11 -30.54 -48.24 -13.19
CA THR I 11 -29.93 -49.52 -12.84
C THR I 11 -30.39 -49.99 -11.47
N PHE I 12 -30.57 -49.06 -10.53
CA PHE I 12 -31.00 -49.45 -9.19
C PHE I 12 -32.43 -49.98 -9.20
N LEU I 13 -33.34 -49.27 -9.88
CA LEU I 13 -34.73 -49.70 -9.89
C LEU I 13 -34.94 -50.94 -10.73
N LEU I 14 -34.21 -51.08 -11.84
CA LEU I 14 -34.34 -52.25 -12.68
C LEU I 14 -33.92 -53.51 -11.95
N VAL I 15 -32.74 -53.49 -11.32
CA VAL I 15 -32.27 -54.64 -10.56
C VAL I 15 -33.16 -54.88 -9.34
N LEU I 16 -33.72 -53.81 -8.77
CA LEU I 16 -34.60 -53.97 -7.60
C LEU I 16 -35.86 -54.75 -7.97
N MET I 17 -36.53 -54.35 -9.06
CA MET I 17 -37.76 -55.01 -9.46
C MET I 17 -37.51 -56.47 -9.87
N VAL I 18 -36.33 -56.75 -10.43
CA VAL I 18 -36.03 -58.12 -10.83
C VAL I 18 -35.89 -59.02 -9.62
N LEU I 19 -35.32 -58.51 -8.53
CA LEU I 19 -35.13 -59.34 -7.33
C LEU I 19 -36.38 -59.37 -6.46
N ALA I 20 -37.09 -58.24 -6.37
CA ALA I 20 -38.23 -58.15 -5.46
C ALA I 20 -39.49 -58.80 -6.02
N ARG I 21 -39.55 -59.05 -7.33
CA ARG I 21 -40.75 -59.67 -7.89
C ARG I 21 -40.90 -61.12 -7.48
N PRO I 22 -39.90 -62.00 -7.62
CA PRO I 22 -40.08 -63.38 -7.15
C PRO I 22 -40.17 -63.49 -5.64
N LEU I 23 -39.45 -62.63 -4.91
CA LEU I 23 -39.55 -62.65 -3.45
C LEU I 23 -40.98 -62.34 -2.99
N GLY I 24 -41.71 -61.53 -3.75
CA GLY I 24 -43.10 -61.28 -3.44
C GLY I 24 -43.95 -62.52 -3.55
N SER I 25 -43.59 -63.43 -4.46
CA SER I 25 -44.30 -64.70 -4.57
C SER I 25 -44.06 -65.57 -3.35
N GLY I 26 -42.82 -65.64 -2.88
CA GLY I 26 -42.54 -66.40 -1.66
C GLY I 26 -43.21 -65.79 -0.44
N LEU I 27 -43.29 -64.47 -0.39
CA LEU I 27 -44.00 -63.82 0.72
C LEU I 27 -45.50 -64.04 0.60
N ALA I 28 -46.03 -64.14 -0.63
CA ALA I 28 -47.45 -64.41 -0.80
C ALA I 28 -47.83 -65.78 -0.23
N ARG I 29 -46.95 -66.76 -0.37
CA ARG I 29 -47.21 -68.08 0.20
C ARG I 29 -47.29 -68.03 1.71
N LEU I 30 -46.37 -67.28 2.34
CA LEU I 30 -46.39 -67.18 3.80
C LEU I 30 -47.66 -66.50 4.30
N ILE I 31 -48.21 -65.58 3.52
CA ILE I 31 -49.49 -64.96 3.87
C ILE I 31 -50.61 -65.98 3.71
N ASN I 32 -50.53 -66.83 2.69
CA ASN I 32 -51.55 -67.81 2.39
C ASN I 32 -51.34 -69.13 3.16
N ASP I 33 -50.51 -69.11 4.19
CA ASP I 33 -50.23 -70.28 5.04
C ASP I 33 -49.61 -71.44 4.25
N ILE I 34 -49.35 -71.24 2.97
CA ILE I 34 -48.73 -72.26 2.14
C ILE I 34 -47.23 -72.29 2.42
N PRO I 35 -46.70 -73.40 2.91
CA PRO I 35 -45.28 -73.44 3.27
C PRO I 35 -44.39 -73.36 2.03
N LEU I 36 -43.12 -73.02 2.29
CA LEU I 36 -42.14 -72.96 1.21
C LEU I 36 -41.75 -74.36 0.79
N PRO I 37 -41.23 -74.53 -0.45
CA PRO I 37 -40.94 -75.86 -0.98
C PRO I 37 -40.19 -76.79 -0.04
N GLY I 38 -38.97 -76.40 0.35
CA GLY I 38 -38.19 -77.25 1.22
C GLY I 38 -38.65 -77.26 2.67
N THR I 39 -39.46 -76.28 3.06
CA THR I 39 -39.85 -76.12 4.46
C THR I 39 -41.23 -76.73 4.72
N THR I 40 -41.33 -78.03 4.43
CA THR I 40 -42.57 -78.77 4.65
C THR I 40 -42.49 -79.69 5.86
N GLY I 41 -41.44 -80.49 5.96
CA GLY I 41 -41.31 -81.44 7.05
C GLY I 41 -40.61 -80.88 8.27
N VAL I 42 -39.66 -79.96 8.05
CA VAL I 42 -38.92 -79.38 9.16
C VAL I 42 -39.86 -78.57 10.06
N GLU I 43 -40.85 -77.91 9.44
CA GLU I 43 -41.81 -77.13 10.23
C GLU I 43 -42.56 -78.02 11.21
N ARG I 44 -43.01 -79.18 10.77
CA ARG I 44 -43.78 -80.08 11.63
C ARG I 44 -42.97 -80.52 12.84
N VAL I 45 -41.70 -80.88 12.62
CA VAL I 45 -40.86 -81.34 13.72
C VAL I 45 -40.52 -80.19 14.66
N LEU I 46 -40.24 -79.01 14.10
CA LEU I 46 -39.82 -77.88 14.93
C LEU I 46 -40.99 -77.25 15.68
N PHE I 47 -42.12 -77.03 15.00
CA PHE I 47 -43.23 -76.32 15.64
C PHE I 47 -43.77 -77.10 16.82
N ARG I 48 -43.86 -78.42 16.71
CA ARG I 48 -44.30 -79.22 17.84
C ARG I 48 -43.23 -79.28 18.93
N ALA I 49 -41.96 -79.24 18.55
CA ALA I 49 -40.89 -79.20 19.55
C ALA I 49 -40.90 -77.89 20.32
N LEU I 50 -41.24 -76.78 19.65
CA LEU I 50 -41.31 -75.49 20.30
C LEU I 50 -42.66 -75.22 20.96
N GLY I 51 -43.69 -75.98 20.61
CA GLY I 51 -45.00 -75.75 21.16
C GLY I 51 -45.91 -74.87 20.33
N VAL I 52 -45.54 -74.57 19.09
CA VAL I 52 -46.38 -73.76 18.22
C VAL I 52 -47.44 -74.67 17.61
N SER I 53 -48.71 -74.32 17.79
CA SER I 53 -49.82 -75.22 17.48
C SER I 53 -50.59 -74.82 16.23
N ASP I 54 -50.09 -73.86 15.45
CA ASP I 54 -50.73 -73.42 14.21
C ASP I 54 -52.14 -72.90 14.44
N ARG I 55 -52.46 -72.51 15.68
CA ARG I 55 -53.80 -72.09 16.03
C ARG I 55 -54.09 -70.68 15.52
N GLU I 56 -55.30 -70.47 15.03
CA GLU I 56 -55.69 -69.16 14.53
C GLU I 56 -55.91 -68.20 15.70
N MET I 57 -55.49 -66.95 15.51
CA MET I 57 -55.53 -65.93 16.55
C MET I 57 -56.35 -64.74 16.09
N ASN I 58 -57.12 -64.16 16.99
CA ASN I 58 -57.84 -62.93 16.70
C ASN I 58 -56.90 -61.74 16.82
N TRP I 59 -57.40 -60.54 16.50
CA TRP I 59 -56.54 -59.37 16.48
C TRP I 59 -56.04 -59.01 17.87
N LYS I 60 -56.87 -59.22 18.90
CA LYS I 60 -56.42 -58.97 20.27
C LYS I 60 -55.34 -59.97 20.67
N GLN I 61 -55.46 -61.21 20.24
CA GLN I 61 -54.44 -62.22 20.56
C GLN I 61 -53.19 -62.03 19.71
N TYR I 62 -53.37 -61.69 18.43
CA TYR I 62 -52.21 -61.47 17.55
C TYR I 62 -51.40 -60.28 18.03
N LEU I 63 -52.07 -59.25 18.55
CA LEU I 63 -51.36 -58.07 19.04
C LEU I 63 -50.54 -58.40 20.29
N CYS I 64 -51.12 -59.13 21.23
CA CYS I 64 -50.40 -59.48 22.46
C CYS I 64 -49.26 -60.46 22.19
N ALA I 65 -49.26 -61.12 21.04
CA ALA I 65 -48.12 -61.98 20.70
C ALA I 65 -46.93 -61.16 20.21
N ILE I 66 -47.18 -60.14 19.40
CA ILE I 66 -46.10 -59.28 18.93
C ILE I 66 -45.56 -58.44 20.08
N LEU I 67 -46.45 -57.81 20.84
CA LEU I 67 -46.01 -57.03 21.99
C LEU I 67 -45.37 -57.89 23.06
N GLY I 68 -45.81 -59.15 23.18
CA GLY I 68 -45.18 -60.04 24.16
C GLY I 68 -43.76 -60.39 23.82
N LEU I 69 -43.48 -60.62 22.53
CA LEU I 69 -42.12 -60.92 22.11
C LEU I 69 -41.22 -59.70 22.20
N ASN I 70 -41.77 -58.51 21.91
CA ASN I 70 -40.98 -57.30 21.93
C ASN I 70 -40.64 -56.86 23.36
N MET I 71 -41.64 -56.89 24.25
CA MET I 71 -41.38 -56.55 25.65
C MET I 71 -40.40 -57.53 26.28
N LEU I 72 -40.45 -58.80 25.88
CA LEU I 72 -39.45 -59.76 26.32
C LEU I 72 -38.09 -59.46 25.69
N GLY I 73 -38.09 -58.86 24.49
CA GLY I 73 -36.84 -58.56 23.83
C GLY I 73 -36.02 -57.50 24.54
N LEU I 74 -36.65 -56.37 24.85
CA LEU I 74 -35.91 -55.28 25.50
C LEU I 74 -35.50 -55.64 26.91
N ALA I 75 -36.27 -56.52 27.58
CA ALA I 75 -35.87 -56.96 28.92
C ALA I 75 -34.53 -57.70 28.87
N VAL I 76 -34.33 -58.53 27.85
CA VAL I 76 -33.06 -59.24 27.72
C VAL I 76 -31.95 -58.29 27.28
N LEU I 77 -32.25 -57.40 26.33
CA LEU I 77 -31.21 -56.51 25.81
C LEU I 77 -30.78 -55.48 26.84
N PHE I 78 -31.73 -54.90 27.57
CA PHE I 78 -31.38 -53.90 28.57
C PHE I 78 -30.47 -54.46 29.65
N PHE I 79 -30.69 -55.73 30.02
CA PHE I 79 -29.85 -56.36 31.03
C PHE I 79 -28.53 -56.87 30.44
N MET I 80 -28.51 -57.18 29.15
CA MET I 80 -27.25 -57.56 28.51
C MET I 80 -26.26 -56.40 28.50
N LEU I 81 -26.76 -55.17 28.32
CA LEU I 81 -25.87 -54.02 28.25
C LEU I 81 -25.43 -53.56 29.63
N LEU I 82 -26.27 -53.75 30.66
CA LEU I 82 -25.84 -53.43 32.01
C LEU I 82 -24.81 -54.44 32.52
N GLY I 83 -25.03 -55.72 32.23
CA GLY I 83 -24.09 -56.75 32.63
C GLY I 83 -23.18 -57.17 31.50
N GLN I 84 -22.82 -56.20 30.64
CA GLN I 84 -21.94 -56.48 29.52
C GLN I 84 -20.55 -56.92 29.99
N HIS I 85 -20.10 -56.41 31.14
CA HIS I 85 -18.77 -56.74 31.63
C HIS I 85 -18.66 -58.20 32.05
N TYR I 86 -19.78 -58.83 32.40
CA TYR I 86 -19.76 -60.21 32.89
C TYR I 86 -19.88 -61.23 31.77
N LEU I 87 -20.58 -60.90 30.69
CA LEU I 87 -20.73 -61.82 29.58
C LEU I 87 -19.41 -61.96 28.82
N PRO I 88 -19.14 -63.13 28.23
CA PRO I 88 -17.85 -63.36 27.59
C PRO I 88 -17.72 -62.64 26.25
N LEU I 89 -16.74 -63.06 25.45
CA LEU I 89 -16.47 -62.48 24.12
C LEU I 89 -16.24 -60.98 24.22
N ASN I 90 -15.43 -60.58 25.20
CA ASN I 90 -15.09 -59.18 25.45
C ASN I 90 -13.57 -59.06 25.55
N PRO I 91 -12.88 -58.88 24.42
CA PRO I 91 -11.42 -58.73 24.49
C PRO I 91 -10.98 -57.53 25.30
N GLN I 92 -11.47 -56.34 24.97
CA GLN I 92 -11.28 -55.20 25.84
C GLN I 92 -12.10 -55.39 27.12
N GLN I 93 -11.75 -54.61 28.14
CA GLN I 93 -12.48 -54.66 29.41
C GLN I 93 -13.54 -53.56 29.48
N LEU I 94 -14.38 -53.51 28.45
CA LEU I 94 -15.40 -52.47 28.37
C LEU I 94 -16.42 -52.66 29.49
N PRO I 95 -16.74 -51.60 30.24
CA PRO I 95 -17.67 -51.75 31.36
C PRO I 95 -19.12 -51.77 30.89
N GLY I 96 -20.01 -52.04 31.83
CA GLY I 96 -21.42 -52.00 31.54
C GLY I 96 -21.90 -50.59 31.24
N LEU I 97 -22.85 -50.48 30.32
CA LEU I 97 -23.35 -49.18 29.92
C LEU I 97 -24.14 -48.53 31.05
N SER I 98 -24.24 -47.21 30.99
CA SER I 98 -25.03 -46.49 31.96
C SER I 98 -26.52 -46.78 31.76
N TRP I 99 -27.32 -46.44 32.77
CA TRP I 99 -28.74 -46.76 32.73
C TRP I 99 -29.44 -46.02 31.59
N ASP I 100 -29.06 -44.76 31.34
CA ASP I 100 -29.70 -44.01 30.27
C ASP I 100 -29.25 -44.48 28.90
N LEU I 101 -27.97 -44.85 28.78
CA LEU I 101 -27.47 -45.34 27.50
C LEU I 101 -27.99 -46.75 27.20
N ALA I 102 -28.04 -47.61 28.21
CA ALA I 102 -28.54 -48.96 28.00
C ALA I 102 -30.03 -48.96 27.68
N LEU I 103 -30.81 -48.13 28.38
CA LEU I 103 -32.24 -48.06 28.09
C LEU I 103 -32.50 -47.52 26.69
N ASN I 104 -31.78 -46.47 26.29
CA ASN I 104 -31.98 -45.90 24.97
C ASN I 104 -31.62 -46.88 23.88
N THR I 105 -30.45 -47.51 23.98
CA THR I 105 -29.99 -48.43 22.94
C THR I 105 -30.83 -49.71 22.94
N ALA I 106 -31.31 -50.15 24.10
CA ALA I 106 -32.17 -51.34 24.14
C ALA I 106 -33.51 -51.06 23.46
N VAL I 107 -34.13 -49.92 23.79
CA VAL I 107 -35.37 -49.54 23.12
C VAL I 107 -35.14 -49.34 21.62
N SER I 108 -33.94 -48.92 21.23
CA SER I 108 -33.67 -48.62 19.83
C SER I 108 -33.77 -49.86 18.95
N PHE I 109 -33.09 -50.93 19.36
CA PHE I 109 -33.02 -52.12 18.50
C PHE I 109 -34.31 -52.94 18.51
N VAL I 110 -35.03 -52.95 19.63
CA VAL I 110 -36.34 -53.60 19.64
C VAL I 110 -37.32 -52.85 18.75
N THR I 111 -37.18 -51.53 18.68
CA THR I 111 -38.05 -50.68 17.87
C THR I 111 -37.76 -50.79 16.38
N ASN I 112 -36.65 -51.43 15.99
CA ASN I 112 -36.13 -51.56 14.62
C ASN I 112 -35.47 -50.25 14.19
N THR I 113 -35.31 -49.29 15.10
CA THR I 113 -34.77 -47.97 14.73
C THR I 113 -33.25 -47.97 14.69
N ASN I 114 -32.62 -48.49 15.75
CA ASN I 114 -31.16 -48.50 15.90
C ASN I 114 -30.58 -47.10 15.93
N TRP I 115 -31.02 -46.32 16.91
CA TRP I 115 -30.38 -45.05 17.21
C TRP I 115 -28.99 -45.30 17.80
N ARG I 116 -28.06 -44.39 17.52
CA ARG I 116 -26.67 -44.55 17.92
C ARG I 116 -26.23 -43.30 18.68
N SER I 117 -26.50 -43.28 19.98
CA SER I 117 -25.95 -42.29 20.88
C SER I 117 -24.63 -42.75 21.51
N TYR I 118 -23.87 -43.59 20.80
CA TYR I 118 -22.64 -44.17 21.34
C TYR I 118 -21.67 -44.41 20.19
N SER I 119 -20.42 -44.69 20.56
CA SER I 119 -19.38 -45.04 19.59
C SER I 119 -19.13 -46.54 19.67
N GLY I 120 -19.36 -47.24 18.55
CA GLY I 120 -19.30 -48.69 18.55
C GLY I 120 -18.04 -49.27 19.15
N GLU I 121 -16.87 -48.86 18.65
CA GLU I 121 -15.62 -49.47 19.09
C GLU I 121 -15.35 -49.22 20.57
N THR I 122 -15.85 -48.12 21.11
CA THR I 122 -15.59 -47.77 22.50
C THR I 122 -16.65 -48.29 23.47
N THR I 123 -17.87 -48.56 22.98
CA THR I 123 -19.01 -48.77 23.85
C THR I 123 -19.43 -50.24 23.99
N LEU I 124 -19.38 -51.01 22.91
CA LEU I 124 -20.00 -52.34 22.91
C LEU I 124 -18.96 -53.44 22.72
N SER I 125 -19.27 -54.60 23.29
CA SER I 125 -18.46 -55.81 23.16
C SER I 125 -19.01 -56.69 22.05
N TYR I 126 -18.23 -57.73 21.72
CA TYR I 126 -18.64 -58.62 20.65
C TYR I 126 -19.91 -59.37 21.00
N PHE I 127 -20.06 -59.74 22.28
CA PHE I 127 -21.26 -60.47 22.69
C PHE I 127 -22.50 -59.59 22.62
N SER I 128 -22.39 -58.34 23.10
CA SER I 128 -23.54 -57.43 23.04
C SER I 128 -23.89 -57.08 21.60
N GLN I 129 -22.91 -57.03 20.71
CA GLN I 129 -23.18 -56.77 19.30
C GLN I 129 -23.77 -57.98 18.60
N MET I 130 -23.32 -59.18 18.98
CA MET I 130 -23.72 -60.41 18.30
C MET I 130 -24.94 -61.06 18.97
N ALA I 131 -24.89 -61.26 20.28
CA ALA I 131 -25.98 -61.90 21.01
C ALA I 131 -27.02 -60.91 21.49
N GLY I 132 -26.91 -59.63 21.13
CA GLY I 132 -27.86 -58.63 21.58
C GLY I 132 -28.41 -57.79 20.45
N LEU I 133 -27.53 -57.29 19.58
CA LEU I 133 -27.94 -56.41 18.49
C LEU I 133 -28.39 -57.18 17.26
N THR I 134 -27.69 -58.27 16.90
CA THR I 134 -28.10 -59.06 15.74
C THR I 134 -29.39 -59.82 16.04
N VAL I 135 -29.54 -60.35 17.26
CA VAL I 135 -30.75 -61.08 17.60
C VAL I 135 -31.95 -60.16 17.56
N GLN I 136 -31.77 -58.89 17.92
CA GLN I 136 -32.86 -57.93 17.90
C GLN I 136 -33.07 -57.29 16.54
N ASN I 137 -32.06 -57.33 15.67
CA ASN I 137 -32.26 -56.91 14.29
C ASN I 137 -33.16 -57.88 13.52
N PHE I 138 -33.22 -59.14 13.96
CA PHE I 138 -34.12 -60.10 13.34
C PHE I 138 -35.53 -59.98 13.91
N LEU I 139 -35.65 -59.91 15.25
CA LEU I 139 -36.97 -59.93 15.88
C LEU I 139 -37.74 -58.66 15.59
N SER I 140 -37.08 -57.50 15.62
CA SER I 140 -37.76 -56.25 15.27
C SER I 140 -38.19 -56.28 13.81
N ALA I 141 -37.37 -56.86 12.93
CA ALA I 141 -37.75 -56.98 11.54
C ALA I 141 -38.86 -58.00 11.36
N ALA I 142 -38.81 -59.10 12.11
CA ALA I 142 -39.87 -60.11 12.04
C ALA I 142 -41.20 -59.54 12.50
N SER I 143 -41.19 -58.77 13.59
CA SER I 143 -42.44 -58.18 14.08
C SER I 143 -43.05 -57.24 13.06
N GLY I 144 -42.22 -56.52 12.32
CA GLY I 144 -42.76 -55.63 11.28
C GLY I 144 -43.44 -56.38 10.17
N ILE I 145 -42.79 -57.44 9.67
CA ILE I 145 -43.39 -58.24 8.61
C ILE I 145 -44.57 -59.06 9.15
N ALA I 146 -44.57 -59.35 10.45
CA ALA I 146 -45.69 -60.10 11.03
C ALA I 146 -46.95 -59.25 11.08
N VAL I 147 -46.82 -57.98 11.46
CA VAL I 147 -47.99 -57.11 11.56
C VAL I 147 -48.60 -56.88 10.17
N ILE I 148 -47.77 -56.69 9.15
CA ILE I 148 -48.30 -56.46 7.82
C ILE I 148 -48.94 -57.73 7.27
N PHE I 149 -48.47 -58.90 7.70
CA PHE I 149 -49.12 -60.14 7.30
C PHE I 149 -50.56 -60.19 7.78
N ALA I 150 -50.79 -59.77 9.03
CA ALA I 150 -52.16 -59.75 9.56
C ALA I 150 -53.02 -58.75 8.79
N LEU I 151 -52.48 -57.56 8.50
CA LEU I 151 -53.26 -56.55 7.79
C LEU I 151 -53.58 -56.99 6.37
N ILE I 152 -52.60 -57.57 5.67
CA ILE I 152 -52.85 -58.06 4.32
C ILE I 152 -53.89 -59.16 4.34
N ARG I 153 -53.81 -60.06 5.33
CA ARG I 153 -54.83 -61.10 5.46
C ARG I 153 -56.21 -60.51 5.74
N ALA I 154 -56.27 -59.39 6.46
CA ALA I 154 -57.54 -58.75 6.76
C ALA I 154 -58.23 -58.22 5.51
N PHE I 155 -57.51 -58.06 4.40
CA PHE I 155 -58.12 -57.62 3.16
C PHE I 155 -58.51 -58.77 2.24
N THR I 156 -57.75 -59.87 2.26
CA THR I 156 -58.09 -61.01 1.40
C THR I 156 -59.11 -61.95 2.05
N ARG I 157 -58.99 -62.20 3.35
CA ARG I 157 -59.96 -63.02 4.06
C ARG I 157 -61.29 -62.28 4.18
N GLN I 158 -62.38 -63.05 4.21
CA GLN I 158 -63.72 -62.48 4.18
C GLN I 158 -64.55 -63.04 5.33
N SER I 159 -65.19 -62.13 6.08
CA SER I 159 -66.15 -62.47 7.13
C SER I 159 -65.59 -63.53 8.08
N MET I 160 -64.43 -63.23 8.66
CA MET I 160 -63.79 -64.09 9.64
C MET I 160 -63.46 -63.26 10.88
N SER I 161 -62.77 -63.91 11.83
CA SER I 161 -62.32 -63.22 13.03
C SER I 161 -60.89 -63.57 13.41
N THR I 162 -60.17 -64.33 12.58
CA THR I 162 -58.81 -64.75 12.86
C THR I 162 -57.87 -64.20 11.80
N LEU I 163 -56.62 -63.97 12.21
CA LEU I 163 -55.60 -63.37 11.34
C LEU I 163 -54.39 -64.28 11.15
N GLY I 164 -54.51 -65.56 11.49
CA GLY I 164 -53.40 -66.47 11.42
C GLY I 164 -52.76 -66.70 12.77
N ASN I 165 -51.54 -67.23 12.74
CA ASN I 165 -50.75 -67.48 13.93
C ASN I 165 -49.48 -66.63 13.86
N ALA I 166 -49.26 -65.81 14.89
CA ALA I 166 -48.08 -64.94 14.89
C ALA I 166 -46.80 -65.74 15.07
N TRP I 167 -46.82 -66.77 15.92
CA TRP I 167 -45.61 -67.54 16.17
C TRP I 167 -45.17 -68.32 14.94
N VAL I 168 -46.12 -68.73 14.09
CA VAL I 168 -45.74 -69.40 12.85
C VAL I 168 -45.11 -68.41 11.88
N ASP I 169 -45.61 -67.18 11.85
CA ASP I 169 -45.06 -66.18 10.95
C ASP I 169 -43.67 -65.74 11.42
N LEU I 170 -43.54 -65.39 12.70
CA LEU I 170 -42.25 -64.95 13.22
C LEU I 170 -41.18 -66.01 13.03
N LEU I 171 -41.56 -67.29 13.01
CA LEU I 171 -40.59 -68.35 12.76
C LEU I 171 -40.28 -68.48 11.27
N ARG I 172 -41.31 -68.48 10.43
CA ARG I 172 -41.08 -68.64 8.99
C ARG I 172 -40.38 -67.43 8.38
N ILE I 173 -40.62 -66.23 8.93
CA ILE I 173 -39.98 -65.03 8.38
C ILE I 173 -38.48 -65.05 8.64
N THR I 174 -38.08 -65.33 9.88
CA THR I 174 -36.67 -65.29 10.23
C THR I 174 -35.93 -66.47 9.64
N LEU I 175 -36.48 -67.68 9.75
CA LEU I 175 -35.73 -68.89 9.46
C LEU I 175 -35.52 -69.12 7.97
N TRP I 176 -36.46 -68.67 7.12
CA TRP I 176 -36.37 -68.98 5.69
C TRP I 176 -36.48 -67.76 4.79
N VAL I 177 -36.40 -66.55 5.35
CA VAL I 177 -36.35 -65.34 4.53
C VAL I 177 -35.19 -64.47 5.01
N LEU I 178 -35.18 -64.14 6.30
CA LEU I 178 -34.14 -63.27 6.83
C LEU I 178 -32.80 -63.99 6.94
N VAL I 179 -32.76 -65.09 7.70
CA VAL I 179 -31.48 -65.77 7.95
C VAL I 179 -30.82 -66.28 6.68
N PRO I 180 -31.51 -67.00 5.78
CA PRO I 180 -30.79 -67.54 4.61
C PRO I 180 -30.30 -66.47 3.65
N VAL I 181 -31.13 -65.45 3.37
CA VAL I 181 -30.70 -64.40 2.45
C VAL I 181 -29.57 -63.59 3.06
N ALA I 182 -29.68 -63.24 4.35
CA ALA I 182 -28.61 -62.50 5.01
C ALA I 182 -27.32 -63.30 5.06
N LEU I 183 -27.42 -64.63 5.15
CA LEU I 183 -26.23 -65.47 5.12
C LEU I 183 -25.48 -65.30 3.81
N LEU I 184 -26.20 -65.26 2.68
CA LEU I 184 -25.55 -65.02 1.40
C LEU I 184 -25.00 -63.61 1.31
N ILE I 185 -25.76 -62.62 1.79
CA ILE I 185 -25.32 -61.24 1.72
C ILE I 185 -24.07 -61.02 2.58
N ALA I 186 -24.04 -61.62 3.77
CA ALA I 186 -22.89 -61.46 4.65
C ALA I 186 -21.65 -62.13 4.06
N LEU I 187 -21.82 -63.26 3.38
CA LEU I 187 -20.68 -63.93 2.77
C LEU I 187 -20.10 -63.11 1.62
N PHE I 188 -20.96 -62.43 0.86
CA PHE I 188 -20.46 -61.56 -0.20
C PHE I 188 -19.74 -60.35 0.36
N PHE I 189 -20.16 -59.87 1.53
CA PHE I 189 -19.44 -58.77 2.17
C PHE I 189 -18.04 -59.20 2.58
N ILE I 190 -17.93 -60.39 3.19
CA ILE I 190 -16.63 -60.88 3.63
C ILE I 190 -15.64 -60.95 2.47
N GLN I 191 -16.10 -61.45 1.32
CA GLN I 191 -15.20 -61.59 0.17
C GLN I 191 -14.66 -60.23 -0.27
N GLN I 192 -15.51 -59.20 -0.27
CA GLN I 192 -15.10 -57.88 -0.70
C GLN I 192 -14.30 -57.12 0.35
N GLY I 193 -14.13 -57.68 1.55
CA GLY I 193 -13.26 -57.06 2.53
C GLY I 193 -13.90 -56.74 3.86
N ALA I 194 -15.12 -57.19 4.09
CA ALA I 194 -15.78 -56.92 5.36
C ALA I 194 -15.12 -57.71 6.49
N LEU I 195 -15.42 -57.31 7.71
CA LEU I 195 -14.80 -57.86 8.90
C LEU I 195 -15.71 -58.90 9.53
N GLN I 196 -15.14 -60.05 9.90
CA GLN I 196 -15.94 -61.13 10.50
C GLN I 196 -14.98 -62.05 11.26
N ASN I 197 -14.77 -61.74 12.53
CA ASN I 197 -13.90 -62.55 13.40
C ASN I 197 -14.20 -62.18 14.84
N PHE I 198 -13.47 -62.81 15.76
CA PHE I 198 -13.58 -62.54 17.19
C PHE I 198 -12.20 -62.28 17.78
N LEU I 199 -11.35 -61.60 17.03
CA LEU I 199 -9.98 -61.34 17.45
C LEU I 199 -9.93 -60.13 18.39
N PRO I 200 -8.90 -60.03 19.22
CA PRO I 200 -8.70 -58.82 20.03
C PRO I 200 -8.28 -57.66 19.15
N TYR I 201 -8.35 -56.47 19.73
CA TYR I 201 -8.00 -55.25 18.99
C TYR I 201 -6.53 -55.29 18.57
N GLN I 202 -6.30 -55.05 17.28
CA GLN I 202 -4.97 -55.15 16.70
C GLN I 202 -4.26 -53.81 16.75
N ALA I 203 -3.00 -53.81 17.19
CA ALA I 203 -2.18 -52.62 17.20
C ALA I 203 -1.38 -52.53 15.91
N VAL I 204 -1.31 -51.33 15.35
CA VAL I 204 -0.65 -51.10 14.06
C VAL I 204 0.45 -50.05 14.26
N ASN I 205 1.67 -50.42 13.89
CA ASN I 205 2.80 -49.49 13.88
C ASN I 205 2.97 -49.02 12.43
N THR I 206 2.47 -47.82 12.15
CA THR I 206 2.50 -47.29 10.79
C THR I 206 3.94 -47.04 10.34
N VAL I 207 4.08 -46.65 9.07
CA VAL I 207 5.40 -46.33 8.55
C VAL I 207 5.96 -45.08 9.23
N GLU I 208 5.09 -44.20 9.72
CA GLU I 208 5.51 -43.08 10.53
C GLU I 208 5.42 -43.46 12.00
N GLY I 209 5.78 -42.52 12.88
CA GLY I 209 5.84 -42.80 14.30
C GLY I 209 4.49 -43.09 14.95
N ALA I 210 3.40 -42.67 14.31
CA ALA I 210 2.09 -42.84 14.92
C ALA I 210 1.68 -44.30 15.01
N GLN I 211 0.98 -44.64 16.08
CA GLN I 211 0.44 -45.97 16.30
C GLN I 211 -1.07 -45.88 16.46
N GLN I 212 -1.78 -46.87 15.92
CA GLN I 212 -3.24 -46.89 15.94
C GLN I 212 -3.73 -48.26 16.36
N LEU I 213 -4.91 -48.29 16.97
CA LEU I 213 -5.53 -49.51 17.47
C LEU I 213 -6.70 -49.89 16.58
N LEU I 214 -6.66 -51.11 16.04
CA LEU I 214 -7.70 -51.56 15.11
C LEU I 214 -8.87 -52.18 15.87
N PRO I 215 -10.10 -51.89 15.46
CA PRO I 215 -11.25 -52.55 16.07
C PRO I 215 -11.72 -53.75 15.27
N MET I 216 -11.75 -54.92 15.91
CA MET I 216 -12.19 -56.14 15.27
C MET I 216 -13.63 -56.45 15.70
N GLY I 217 -14.14 -57.62 15.28
CA GLY I 217 -15.46 -58.05 15.67
C GLY I 217 -16.25 -58.66 14.53
N PRO I 218 -17.43 -59.42 14.91
CA PRO I 218 -18.31 -60.03 13.89
C PRO I 218 -19.20 -59.00 13.21
N VAL I 219 -18.61 -58.27 12.27
CA VAL I 219 -19.29 -57.15 11.62
C VAL I 219 -20.12 -57.60 10.43
N ALA I 220 -19.59 -58.52 9.62
CA ALA I 220 -20.23 -58.85 8.35
C ALA I 220 -21.61 -59.46 8.55
N SER I 221 -21.77 -60.34 9.53
CA SER I 221 -23.07 -60.94 9.78
C SER I 221 -24.10 -59.89 10.17
N GLN I 222 -23.73 -58.99 11.08
CA GLN I 222 -24.63 -57.91 11.48
C GLN I 222 -24.88 -56.94 10.34
N GLU I 223 -23.92 -56.79 9.43
CA GLU I 223 -24.08 -55.85 8.33
C GLU I 223 -25.19 -56.29 7.38
N ALA I 224 -25.35 -57.60 7.18
CA ALA I 224 -26.36 -58.09 6.26
C ALA I 224 -27.77 -57.90 6.81
N ILE I 225 -27.94 -58.00 8.13
CA ILE I 225 -29.26 -57.90 8.72
C ILE I 225 -29.72 -56.44 8.77
N LYS I 226 -28.82 -55.53 9.16
CA LYS I 226 -29.22 -54.13 9.33
C LYS I 226 -29.68 -53.51 8.02
N MET I 227 -29.19 -54.00 6.88
CA MET I 227 -29.62 -53.50 5.59
C MET I 227 -30.87 -54.21 5.08
N LEU I 228 -30.92 -55.53 5.21
CA LEU I 228 -32.09 -56.28 4.76
C LEU I 228 -33.27 -56.06 5.71
N GLY I 229 -33.02 -56.06 7.01
CA GLY I 229 -34.05 -55.76 7.98
C GLY I 229 -34.29 -54.28 8.22
N THR I 230 -33.61 -53.42 7.46
CA THR I 230 -33.75 -51.96 7.58
C THR I 230 -33.55 -51.51 9.03
N ASN I 231 -32.57 -52.10 9.69
CA ASN I 231 -32.24 -51.71 11.05
C ASN I 231 -31.30 -50.50 11.07
N GLY I 232 -30.25 -50.55 10.27
CA GLY I 232 -29.36 -49.41 10.11
C GLY I 232 -28.38 -49.18 11.23
N GLY I 233 -28.27 -50.10 12.18
CA GLY I 233 -27.33 -49.94 13.27
C GLY I 233 -25.97 -50.52 12.95
N GLY I 234 -24.96 -49.66 12.85
CA GLY I 234 -23.64 -50.09 12.44
C GLY I 234 -22.78 -50.56 13.61
N PHE I 235 -21.86 -51.47 13.29
CA PHE I 235 -20.94 -51.98 14.30
C PHE I 235 -20.03 -50.88 14.84
N PHE I 236 -19.72 -49.89 14.00
CA PHE I 236 -18.83 -48.80 14.35
C PHE I 236 -19.59 -47.48 14.35
N ASN I 237 -18.91 -46.42 14.80
CA ASN I 237 -19.58 -45.12 14.92
C ASN I 237 -20.00 -44.58 13.56
N ALA I 238 -19.18 -44.81 12.54
CA ALA I 238 -19.56 -44.51 11.16
C ALA I 238 -20.01 -45.83 10.54
N ASN I 239 -21.32 -45.99 10.36
CA ASN I 239 -21.85 -47.31 10.07
C ASN I 239 -21.55 -47.74 8.63
N SER I 240 -22.07 -47.01 7.65
CA SER I 240 -21.96 -47.43 6.26
C SER I 240 -20.76 -46.82 5.54
N SER I 241 -20.15 -45.78 6.11
CA SER I 241 -18.96 -45.21 5.51
C SER I 241 -17.69 -45.93 5.94
N HIS I 242 -17.74 -46.72 7.01
CA HIS I 242 -16.56 -47.42 7.49
C HIS I 242 -16.12 -48.45 6.45
N PRO I 243 -14.82 -48.52 6.12
CA PRO I 243 -14.36 -49.51 5.15
C PRO I 243 -14.54 -50.94 5.61
N PHE I 244 -14.63 -51.20 6.91
CA PHE I 244 -14.83 -52.56 7.40
C PHE I 244 -16.27 -53.03 7.21
N GLU I 245 -17.25 -52.12 7.29
CA GLU I 245 -18.64 -52.51 7.12
C GLU I 245 -19.11 -52.45 5.68
N ASN I 246 -18.57 -51.52 4.89
CA ASN I 246 -18.93 -51.39 3.48
C ASN I 246 -17.65 -51.15 2.69
N PRO I 247 -16.94 -52.21 2.30
CA PRO I 247 -15.59 -52.04 1.76
C PRO I 247 -15.53 -51.46 0.35
N THR I 248 -16.36 -51.96 -0.56
CA THR I 248 -16.31 -51.57 -1.95
C THR I 248 -17.62 -50.92 -2.39
N ALA I 249 -17.59 -50.31 -3.58
CA ALA I 249 -18.81 -49.81 -4.18
C ALA I 249 -19.75 -50.93 -4.58
N LEU I 250 -19.23 -52.14 -4.77
CA LEU I 250 -20.08 -53.28 -5.12
C LEU I 250 -20.94 -53.69 -3.95
N THR I 251 -20.36 -53.78 -2.75
CA THR I 251 -21.16 -54.06 -1.56
C THR I 251 -22.14 -52.94 -1.27
N ASN I 252 -21.79 -51.71 -1.63
CA ASN I 252 -22.70 -50.59 -1.42
C ASN I 252 -23.93 -50.70 -2.29
N PHE I 253 -23.76 -51.08 -3.57
CA PHE I 253 -24.91 -51.28 -4.43
C PHE I 253 -25.78 -52.43 -3.93
N VAL I 254 -25.17 -53.45 -3.33
CA VAL I 254 -25.93 -54.51 -2.71
C VAL I 254 -26.64 -54.01 -1.46
N GLN I 255 -25.96 -53.16 -0.67
CA GLN I 255 -26.58 -52.63 0.54
C GLN I 255 -27.80 -51.77 0.21
N MET I 256 -27.76 -51.05 -0.91
CA MET I 256 -28.91 -50.25 -1.31
C MET I 256 -30.05 -51.14 -1.78
N LEU I 257 -29.74 -52.26 -2.43
CA LEU I 257 -30.79 -53.20 -2.81
C LEU I 257 -31.43 -53.85 -1.59
N ALA I 258 -30.62 -54.17 -0.58
CA ALA I 258 -31.15 -54.83 0.61
C ALA I 258 -32.11 -53.91 1.37
N ILE I 259 -31.91 -52.60 1.30
CA ILE I 259 -32.83 -51.68 1.97
C ILE I 259 -34.20 -51.71 1.31
N PHE I 260 -34.25 -51.82 -0.02
CA PHE I 260 -35.48 -51.81 -0.77
C PHE I 260 -35.99 -53.20 -1.14
N LEU I 261 -35.33 -54.26 -0.68
CA LEU I 261 -35.68 -55.60 -1.14
C LEU I 261 -37.05 -56.04 -0.60
N ILE I 262 -37.14 -56.25 0.71
CA ILE I 262 -38.37 -56.73 1.33
C ILE I 262 -39.50 -55.71 1.22
N PRO I 263 -39.29 -54.41 1.53
CA PRO I 263 -40.41 -53.46 1.42
C PRO I 263 -40.98 -53.32 0.02
N THR I 264 -40.20 -53.63 -1.02
CA THR I 264 -40.75 -53.66 -2.37
C THR I 264 -41.47 -54.98 -2.65
N ALA I 265 -40.91 -56.09 -2.17
CA ALA I 265 -41.55 -57.38 -2.38
C ALA I 265 -42.91 -57.46 -1.69
N LEU I 266 -43.06 -56.80 -0.53
CA LEU I 266 -44.34 -56.78 0.16
C LEU I 266 -45.43 -56.09 -0.66
N CYS I 267 -45.06 -55.28 -1.64
CA CYS I 267 -46.06 -54.73 -2.56
C CYS I 267 -46.41 -55.73 -3.66
N PHE I 268 -45.41 -56.47 -4.15
CA PHE I 268 -45.70 -57.55 -5.09
C PHE I 268 -46.49 -58.66 -4.42
N ALA I 269 -46.22 -58.92 -3.15
CA ALA I 269 -46.97 -59.94 -2.42
C ALA I 269 -48.41 -59.51 -2.20
N PHE I 270 -48.62 -58.27 -1.75
CA PHE I 270 -49.97 -57.76 -1.54
C PHE I 270 -50.76 -57.78 -2.85
N GLY I 271 -50.09 -57.53 -3.98
CA GLY I 271 -50.78 -57.57 -5.25
C GLY I 271 -51.11 -58.97 -5.71
N GLU I 272 -50.34 -59.96 -5.27
CA GLU I 272 -50.59 -61.34 -5.66
C GLU I 272 -51.61 -62.01 -4.75
N VAL I 273 -51.52 -61.77 -3.44
CA VAL I 273 -52.47 -62.33 -2.49
C VAL I 273 -53.88 -61.84 -2.80
N MET I 274 -54.00 -60.56 -3.18
CA MET I 274 -55.29 -59.98 -3.53
C MET I 274 -55.75 -60.36 -4.93
N GLY I 275 -54.97 -61.15 -5.65
CA GLY I 275 -55.36 -61.59 -6.99
C GLY I 275 -55.17 -60.59 -8.10
N ASP I 276 -55.61 -59.36 -7.91
CA ASP I 276 -55.45 -58.30 -8.90
C ASP I 276 -54.09 -57.65 -8.68
N ARG I 277 -53.14 -57.96 -9.55
CA ARG I 277 -51.78 -57.43 -9.42
C ARG I 277 -51.74 -55.91 -9.51
N ARG I 278 -52.75 -55.29 -10.12
CA ARG I 278 -52.76 -53.83 -10.29
C ARG I 278 -52.80 -53.12 -8.93
N GLN I 279 -53.44 -53.73 -7.93
CA GLN I 279 -53.50 -53.10 -6.62
C GLN I 279 -52.13 -53.03 -5.96
N GLY I 280 -51.21 -53.91 -6.34
CA GLY I 280 -49.86 -53.86 -5.83
C GLY I 280 -48.99 -52.96 -6.69
N ARG I 281 -49.23 -52.98 -8.00
CA ARG I 281 -48.47 -52.14 -8.92
C ARG I 281 -48.81 -50.66 -8.73
N MET I 282 -50.07 -50.36 -8.40
CA MET I 282 -50.43 -48.97 -8.13
C MET I 282 -49.76 -48.47 -6.87
N LEU I 283 -49.72 -49.30 -5.83
CA LEU I 283 -49.03 -48.93 -4.61
C LEU I 283 -47.52 -48.77 -4.85
N LEU I 284 -46.94 -49.67 -5.63
CA LEU I 284 -45.54 -49.55 -5.99
C LEU I 284 -45.29 -48.37 -6.91
N TRP I 285 -46.30 -47.96 -7.69
CA TRP I 285 -46.12 -46.87 -8.63
C TRP I 285 -46.07 -45.53 -7.91
N ALA I 286 -46.94 -45.34 -6.91
CA ALA I 286 -46.97 -44.07 -6.20
C ALA I 286 -45.71 -43.85 -5.35
N MET I 287 -45.10 -44.93 -4.87
CA MET I 287 -43.90 -44.79 -4.05
C MET I 287 -42.67 -44.51 -4.90
N SER I 288 -42.56 -45.15 -6.06
CA SER I 288 -41.35 -45.00 -6.85
C SER I 288 -41.28 -43.65 -7.56
N VAL I 289 -42.43 -43.05 -7.88
CA VAL I 289 -42.41 -41.76 -8.58
C VAL I 289 -41.97 -40.64 -7.65
N ILE I 290 -42.42 -40.66 -6.40
CA ILE I 290 -41.93 -39.67 -5.44
C ILE I 290 -40.48 -39.97 -5.08
N PHE I 291 -40.08 -41.24 -5.05
CA PHE I 291 -38.70 -41.58 -4.74
C PHE I 291 -37.74 -41.05 -5.80
N VAL I 292 -38.09 -41.20 -7.08
CA VAL I 292 -37.19 -40.79 -8.15
C VAL I 292 -37.05 -39.27 -8.17
N ILE I 293 -38.12 -38.55 -7.88
CA ILE I 293 -38.05 -37.09 -7.85
C ILE I 293 -37.18 -36.62 -6.68
N CYS I 294 -37.29 -37.28 -5.53
CA CYS I 294 -36.54 -36.85 -4.36
C CYS I 294 -35.04 -37.06 -4.53
N VAL I 295 -34.64 -38.17 -5.16
CA VAL I 295 -33.21 -38.43 -5.34
C VAL I 295 -32.63 -37.47 -6.36
N GLY I 296 -33.41 -37.10 -7.38
CA GLY I 296 -32.94 -36.13 -8.35
C GLY I 296 -32.70 -34.76 -7.75
N VAL I 297 -33.46 -34.41 -6.71
CA VAL I 297 -33.28 -33.13 -6.04
C VAL I 297 -32.01 -33.13 -5.22
N VAL I 298 -31.80 -34.18 -4.42
CA VAL I 298 -30.61 -34.26 -3.58
C VAL I 298 -29.35 -34.38 -4.43
N MET I 299 -29.44 -35.08 -5.57
CA MET I 299 -28.31 -35.13 -6.49
C MET I 299 -27.96 -33.73 -7.00
N TRP I 300 -28.96 -33.01 -7.49
CA TRP I 300 -28.72 -31.65 -7.98
C TRP I 300 -28.24 -30.73 -6.86
N ALA I 301 -28.80 -30.90 -5.65
CA ALA I 301 -28.42 -30.02 -4.55
C ALA I 301 -26.99 -30.29 -4.09
N GLU I 302 -26.57 -31.55 -4.07
CA GLU I 302 -25.22 -31.88 -3.62
C GLU I 302 -24.17 -31.62 -4.70
N VAL I 303 -24.56 -31.68 -5.97
CA VAL I 303 -23.61 -31.34 -7.03
C VAL I 303 -23.33 -29.85 -7.04
N GLN I 304 -24.37 -29.04 -6.83
CA GLN I 304 -24.15 -27.61 -6.60
C GLN I 304 -23.26 -27.39 -5.39
N GLY I 305 -23.55 -28.09 -4.30
CA GLY I 305 -22.65 -28.14 -3.15
C GLY I 305 -22.43 -26.78 -2.51
N ASN I 306 -21.20 -26.57 -2.04
CA ASN I 306 -20.83 -25.37 -1.31
C ASN I 306 -20.11 -24.42 -2.25
N PRO I 307 -20.67 -23.24 -2.56
CA PRO I 307 -19.97 -22.31 -3.46
C PRO I 307 -18.73 -21.68 -2.84
N HIS I 308 -18.61 -21.68 -1.51
CA HIS I 308 -17.41 -21.14 -0.88
C HIS I 308 -16.18 -21.96 -1.22
N LEU I 309 -16.36 -23.24 -1.54
CA LEU I 309 -15.24 -24.06 -2.03
C LEU I 309 -14.67 -23.47 -3.30
N LEU I 310 -15.53 -23.11 -4.25
CA LEU I 310 -15.08 -22.55 -5.51
C LEU I 310 -14.47 -21.17 -5.31
N ALA I 311 -15.00 -20.39 -4.37
CA ALA I 311 -14.46 -19.06 -4.09
C ALA I 311 -13.06 -19.15 -3.48
N LEU I 312 -12.77 -20.23 -2.76
CA LEU I 312 -11.46 -20.41 -2.14
C LEU I 312 -10.47 -21.14 -3.03
N GLY I 313 -10.83 -21.40 -4.29
CA GLY I 313 -9.88 -21.90 -5.25
C GLY I 313 -9.78 -23.41 -5.35
N THR I 314 -10.87 -24.13 -5.15
CA THR I 314 -10.86 -25.58 -5.26
C THR I 314 -11.16 -26.01 -6.69
N ASP I 315 -11.22 -27.33 -6.91
CA ASP I 315 -11.42 -27.86 -8.25
C ASP I 315 -12.87 -27.75 -8.69
N SER I 316 -13.82 -27.90 -7.76
CA SER I 316 -15.24 -27.79 -8.08
C SER I 316 -15.99 -27.44 -6.81
N SER I 317 -17.27 -27.11 -6.98
CA SER I 317 -18.16 -26.81 -5.87
C SER I 317 -18.84 -28.06 -5.31
N ILE I 318 -18.40 -29.24 -5.75
CA ILE I 318 -18.98 -30.49 -5.28
C ILE I 318 -18.83 -30.59 -3.76
N ASN I 319 -19.91 -30.98 -3.08
CA ASN I 319 -19.93 -31.05 -1.63
C ASN I 319 -19.43 -32.42 -1.20
N MET I 320 -18.11 -32.55 -1.09
CA MET I 320 -17.48 -33.77 -0.60
C MET I 320 -17.21 -33.74 0.90
N GLU I 321 -17.84 -32.81 1.63
CA GLU I 321 -17.46 -32.60 3.03
C GLU I 321 -17.85 -33.79 3.90
N GLY I 322 -19.08 -34.26 3.77
CA GLY I 322 -19.52 -35.38 4.57
C GLY I 322 -19.58 -36.68 3.80
N LYS I 323 -18.76 -36.81 2.76
CA LYS I 323 -18.84 -37.92 1.82
C LYS I 323 -17.62 -38.82 1.94
N GLU I 324 -17.61 -39.88 1.12
CA GLU I 324 -16.52 -40.82 1.02
C GLU I 324 -15.99 -40.83 -0.41
N SER I 325 -14.75 -41.30 -0.56
CA SER I 325 -14.13 -41.32 -1.88
C SER I 325 -14.48 -42.56 -2.68
N ARG I 326 -14.78 -43.67 -2.01
CA ARG I 326 -15.21 -44.88 -2.72
C ARG I 326 -16.50 -44.63 -3.47
N PHE I 327 -17.42 -43.90 -2.86
CA PHE I 327 -18.73 -43.63 -3.45
C PHE I 327 -18.78 -42.20 -3.97
N GLY I 328 -19.33 -42.03 -5.16
CA GLY I 328 -19.43 -40.72 -5.76
C GLY I 328 -20.39 -39.81 -5.02
N VAL I 329 -20.49 -38.58 -5.54
CA VAL I 329 -21.46 -37.63 -4.99
C VAL I 329 -22.88 -38.11 -5.27
N LEU I 330 -23.10 -38.67 -6.46
CA LEU I 330 -24.42 -39.18 -6.81
C LEU I 330 -24.77 -40.40 -5.95
N VAL I 331 -23.79 -41.24 -5.65
CA VAL I 331 -24.04 -42.45 -4.86
C VAL I 331 -24.37 -42.08 -3.42
N SER I 332 -23.57 -41.19 -2.82
CA SER I 332 -23.84 -40.76 -1.46
C SER I 332 -25.20 -40.06 -1.36
N SER I 333 -25.58 -39.30 -2.39
CA SER I 333 -26.88 -38.64 -2.38
C SER I 333 -28.01 -39.65 -2.55
N LEU I 334 -27.83 -40.63 -3.45
CA LEU I 334 -28.85 -41.65 -3.64
C LEU I 334 -29.06 -42.45 -2.37
N PHE I 335 -27.96 -42.94 -1.78
CA PHE I 335 -28.05 -43.69 -0.53
C PHE I 335 -28.75 -42.87 0.54
N ALA I 336 -28.49 -41.57 0.59
CA ALA I 336 -29.11 -40.71 1.57
C ALA I 336 -30.64 -40.70 1.42
N VAL I 337 -31.13 -40.76 0.18
CA VAL I 337 -32.56 -40.79 -0.04
C VAL I 337 -33.13 -42.17 0.26
N VAL I 338 -32.39 -43.22 -0.11
CA VAL I 338 -32.87 -44.58 0.10
C VAL I 338 -33.01 -44.89 1.58
N THR I 339 -32.01 -44.53 2.38
CA THR I 339 -31.99 -44.90 3.78
C THR I 339 -32.94 -44.07 4.64
N THR I 340 -33.44 -42.94 4.13
CA THR I 340 -34.37 -42.12 4.88
C THR I 340 -35.82 -42.30 4.45
N ALA I 341 -36.05 -42.63 3.19
CA ALA I 341 -37.42 -42.95 2.77
C ALA I 341 -37.83 -44.33 3.28
N ALA I 342 -36.89 -45.26 3.37
CA ALA I 342 -37.17 -46.65 3.75
C ALA I 342 -36.90 -46.93 5.22
N SER I 343 -36.78 -45.88 6.05
CA SER I 343 -36.63 -46.04 7.50
C SER I 343 -35.44 -46.90 7.88
N CYS I 344 -34.45 -47.03 7.00
CA CYS I 344 -33.31 -47.88 7.30
C CYS I 344 -32.39 -47.23 8.33
N GLY I 345 -32.00 -45.98 8.09
CA GLY I 345 -31.12 -45.28 8.99
C GLY I 345 -29.64 -45.45 8.72
N ALA I 346 -29.27 -46.35 7.81
CA ALA I 346 -27.87 -46.55 7.49
C ALA I 346 -27.29 -45.30 6.83
N VAL I 347 -26.29 -44.70 7.47
CA VAL I 347 -25.71 -43.45 7.02
C VAL I 347 -24.43 -43.77 6.25
N ILE I 348 -24.48 -43.60 4.92
CA ILE I 348 -23.27 -43.71 4.10
C ILE I 348 -22.44 -42.43 4.15
N ALA I 349 -23.06 -41.31 4.51
CA ALA I 349 -22.42 -40.00 4.41
C ALA I 349 -23.12 -39.07 5.40
N MET I 350 -22.33 -38.32 6.16
CA MET I 350 -22.85 -37.49 7.24
C MET I 350 -23.89 -36.50 6.72
N HIS I 351 -25.16 -36.72 7.06
CA HIS I 351 -26.24 -35.86 6.58
C HIS I 351 -26.17 -34.46 7.17
N ASP I 352 -25.49 -34.29 8.32
CA ASP I 352 -25.31 -32.96 8.87
C ASP I 352 -24.47 -32.08 7.96
N SER I 353 -23.53 -32.68 7.23
CA SER I 353 -22.66 -31.96 6.32
C SER I 353 -23.23 -31.87 4.90
N PHE I 354 -24.54 -32.05 4.75
CA PHE I 354 -25.19 -31.87 3.47
C PHE I 354 -25.53 -30.40 3.26
N THR I 355 -26.12 -30.09 2.11
CA THR I 355 -26.50 -28.72 1.82
C THR I 355 -27.87 -28.43 2.43
N ALA I 356 -28.38 -27.23 2.15
CA ALA I 356 -29.68 -26.84 2.69
C ALA I 356 -30.79 -27.70 2.13
N LEU I 357 -30.86 -27.81 0.80
CA LEU I 357 -31.87 -28.66 0.17
C LEU I 357 -31.50 -30.13 0.27
N GLY I 358 -30.22 -30.46 0.07
CA GLY I 358 -29.77 -31.84 0.13
C GLY I 358 -29.99 -32.51 1.47
N GLY I 359 -30.14 -31.72 2.53
CA GLY I 359 -30.41 -32.27 3.85
C GLY I 359 -31.86 -32.18 4.23
N MET I 360 -32.63 -31.37 3.50
CA MET I 360 -34.04 -31.21 3.81
C MET I 360 -34.88 -32.37 3.29
N VAL I 361 -34.53 -32.89 2.11
CA VAL I 361 -35.28 -34.02 1.55
C VAL I 361 -35.18 -35.26 2.42
N PRO I 362 -33.99 -35.68 2.90
CA PRO I 362 -33.98 -36.76 3.89
C PRO I 362 -34.73 -36.40 5.17
N MET I 363 -34.61 -35.14 5.62
CA MET I 363 -35.41 -34.67 6.75
C MET I 363 -36.90 -34.83 6.47
N TRP I 364 -37.34 -34.47 5.26
CA TRP I 364 -38.75 -34.47 4.93
C TRP I 364 -39.29 -35.88 4.69
N LEU I 365 -38.48 -36.78 4.12
CA LEU I 365 -38.93 -38.14 3.88
C LEU I 365 -39.12 -38.92 5.16
N MET I 366 -38.48 -38.51 6.27
CA MET I 366 -38.75 -39.14 7.55
C MET I 366 -40.05 -38.62 8.14
N GLN I 367 -40.20 -37.30 8.21
CA GLN I 367 -41.39 -36.70 8.81
C GLN I 367 -42.67 -37.13 8.09
N ILE I 368 -42.56 -37.46 6.79
CA ILE I 368 -43.72 -37.84 6.00
C ILE I 368 -44.34 -39.16 6.47
N GLY I 369 -43.64 -39.92 7.30
CA GLY I 369 -44.17 -41.14 7.87
C GLY I 369 -43.52 -42.43 7.41
N GLU I 370 -42.35 -42.35 6.75
CA GLU I 370 -41.67 -43.53 6.22
C GLU I 370 -42.60 -44.34 5.32
N VAL I 371 -43.33 -43.62 4.47
CA VAL I 371 -44.31 -44.23 3.58
C VAL I 371 -43.67 -44.69 2.27
N VAL I 372 -42.71 -43.93 1.76
CA VAL I 372 -42.07 -44.22 0.47
C VAL I 372 -41.12 -45.39 0.69
N PHE I 373 -41.57 -46.61 0.34
CA PHE I 373 -40.75 -47.82 0.44
C PHE I 373 -40.31 -48.11 1.87
N GLY I 374 -41.09 -47.66 2.86
CA GLY I 374 -40.74 -47.84 4.26
C GLY I 374 -40.32 -49.26 4.58
N GLY I 375 -39.13 -49.41 5.16
CA GLY I 375 -38.50 -50.72 5.19
C GLY I 375 -39.19 -51.68 6.15
N VAL I 376 -39.42 -52.91 5.68
CA VAL I 376 -39.86 -54.03 6.52
C VAL I 376 -41.22 -53.77 7.15
N GLY I 377 -42.27 -54.24 6.49
CA GLY I 377 -43.62 -54.22 7.04
C GLY I 377 -44.17 -52.87 7.44
N SER I 378 -43.40 -52.12 8.24
CA SER I 378 -43.87 -50.84 8.76
C SER I 378 -44.26 -49.89 7.64
N GLY I 379 -43.50 -49.89 6.53
CA GLY I 379 -43.80 -48.99 5.45
C GLY I 379 -45.06 -49.35 4.69
N LEU I 380 -45.39 -50.64 4.62
CA LEU I 380 -46.59 -51.05 3.90
C LEU I 380 -47.86 -50.67 4.66
N TYR I 381 -47.97 -51.09 5.92
CA TYR I 381 -49.15 -50.70 6.68
C TYR I 381 -49.15 -49.23 7.02
N GLY I 382 -47.99 -48.59 7.04
CA GLY I 382 -47.95 -47.13 7.11
C GLY I 382 -48.57 -46.50 5.88
N MET I 383 -48.23 -47.03 4.70
CA MET I 383 -48.85 -46.55 3.48
C MET I 383 -50.35 -46.84 3.47
N MET I 384 -50.75 -48.02 3.95
CA MET I 384 -52.16 -48.38 3.99
C MET I 384 -52.97 -47.40 4.81
N LEU I 385 -52.37 -46.83 5.86
CA LEU I 385 -53.07 -45.82 6.65
C LEU I 385 -53.42 -44.60 5.80
N PHE I 386 -52.55 -44.22 4.88
CA PHE I 386 -52.86 -43.10 3.99
C PHE I 386 -53.72 -43.54 2.81
N VAL I 387 -53.63 -44.81 2.41
CA VAL I 387 -54.53 -45.31 1.38
C VAL I 387 -55.97 -45.27 1.85
N LEU I 388 -56.22 -45.68 3.10
CA LEU I 388 -57.56 -45.58 3.67
C LEU I 388 -58.00 -44.12 3.77
N LEU I 389 -57.06 -43.23 4.07
CA LEU I 389 -57.39 -41.79 4.12
C LEU I 389 -57.66 -41.26 2.72
N ALA I 390 -56.84 -41.66 1.74
CA ALA I 390 -57.06 -41.23 0.37
C ALA I 390 -58.39 -41.75 -0.17
N VAL I 391 -58.71 -43.00 0.11
CA VAL I 391 -60.00 -43.56 -0.31
C VAL I 391 -61.14 -42.83 0.38
N PHE I 392 -60.97 -42.50 1.67
CA PHE I 392 -62.04 -41.85 2.42
C PHE I 392 -62.37 -40.47 1.85
N ILE I 393 -61.36 -39.61 1.71
CA ILE I 393 -61.61 -38.26 1.21
C ILE I 393 -62.11 -38.31 -0.23
N ALA I 394 -61.73 -39.34 -0.99
CA ALA I 394 -62.21 -39.46 -2.37
C ALA I 394 -63.72 -39.59 -2.41
N GLY I 395 -64.27 -40.56 -1.67
CA GLY I 395 -65.71 -40.70 -1.59
C GLY I 395 -66.38 -39.59 -0.81
N LEU I 396 -65.66 -38.95 0.11
CA LEU I 396 -66.25 -37.86 0.88
C LEU I 396 -66.61 -36.68 0.00
N MET I 397 -65.78 -36.37 -0.99
CA MET I 397 -66.07 -35.27 -1.90
C MET I 397 -67.01 -35.67 -3.03
N ILE I 398 -67.25 -36.97 -3.23
CA ILE I 398 -68.23 -37.40 -4.21
C ILE I 398 -69.62 -37.57 -3.58
N GLY I 399 -69.68 -37.89 -2.30
CA GLY I 399 -70.93 -38.11 -1.62
C GLY I 399 -71.33 -39.56 -1.43
N ARG I 400 -70.39 -40.50 -1.48
CA ARG I 400 -70.66 -41.90 -1.30
C ARG I 400 -69.81 -42.45 -0.17
N THR I 401 -70.20 -43.62 0.34
CA THR I 401 -69.45 -44.25 1.42
C THR I 401 -68.13 -44.78 0.89
N PRO I 402 -67.06 -44.73 1.69
CA PRO I 402 -65.77 -45.25 1.24
C PRO I 402 -65.80 -46.76 1.07
N GLU I 403 -64.94 -47.24 0.17
CA GLU I 403 -64.89 -48.67 -0.13
C GLU I 403 -63.55 -48.98 -0.78
N TYR I 404 -62.73 -49.77 -0.09
CA TYR I 404 -61.44 -50.22 -0.60
C TYR I 404 -61.43 -51.73 -0.71
N LEU I 405 -61.11 -52.23 -1.91
CA LEU I 405 -61.08 -53.67 -2.19
C LEU I 405 -62.44 -54.32 -1.92
N GLY I 406 -63.51 -53.59 -2.16
CA GLY I 406 -64.86 -54.08 -1.91
C GLY I 406 -65.35 -53.89 -0.50
N LYS I 407 -64.44 -53.85 0.48
CA LYS I 407 -64.83 -53.69 1.87
C LYS I 407 -65.08 -52.21 2.17
N LYS I 408 -66.21 -51.94 2.83
CA LYS I 408 -66.60 -50.57 3.16
C LYS I 408 -65.97 -50.14 4.48
N ILE I 409 -65.32 -48.98 4.47
CA ILE I 409 -64.68 -48.45 5.67
C ILE I 409 -65.72 -47.71 6.50
N ASP I 410 -65.81 -48.08 7.78
CA ASP I 410 -66.76 -47.45 8.68
C ASP I 410 -66.08 -46.36 9.51
N VAL I 411 -66.86 -45.69 10.34
CA VAL I 411 -66.36 -44.57 11.13
C VAL I 411 -65.34 -45.06 12.17
N ARG I 412 -65.61 -46.20 12.80
CA ARG I 412 -64.71 -46.69 13.84
C ARG I 412 -63.33 -46.98 13.29
N GLU I 413 -63.24 -47.52 12.07
CA GLU I 413 -61.94 -47.80 11.48
C GLU I 413 -61.18 -46.52 11.15
N MET I 414 -61.88 -45.45 10.79
CA MET I 414 -61.20 -44.20 10.46
C MET I 414 -60.63 -43.53 11.71
N LYS I 415 -61.36 -43.59 12.83
CA LYS I 415 -60.83 -43.08 14.09
C LYS I 415 -59.47 -43.69 14.41
N LEU I 416 -59.28 -44.95 14.05
CA LEU I 416 -58.00 -45.60 14.31
C LEU I 416 -56.95 -45.16 13.30
N THR I 417 -57.33 -45.01 12.03
CA THR I 417 -56.39 -44.51 11.03
C THR I 417 -56.02 -43.06 11.32
N ALA I 418 -57.00 -42.24 11.70
CA ALA I 418 -56.72 -40.84 12.00
C ALA I 418 -55.75 -40.71 13.17
N LEU I 419 -56.02 -41.44 14.27
CA LEU I 419 -55.12 -41.40 15.41
C LEU I 419 -53.74 -41.92 15.05
N ALA I 420 -53.68 -43.00 14.26
CA ALA I 420 -52.38 -43.56 13.86
C ALA I 420 -51.59 -42.58 13.01
N ILE I 421 -52.27 -41.84 12.13
CA ILE I 421 -51.58 -40.85 11.31
C ILE I 421 -51.02 -39.73 12.18
N LEU I 422 -51.74 -39.36 13.24
CA LEU I 422 -51.32 -38.27 14.12
C LEU I 422 -50.26 -38.69 15.13
N VAL I 423 -49.89 -39.97 15.19
CA VAL I 423 -48.97 -40.43 16.23
C VAL I 423 -47.59 -39.80 16.05
N THR I 424 -46.95 -40.07 14.90
CA THR I 424 -45.58 -39.62 14.67
C THR I 424 -45.44 -38.10 14.60
N PRO I 425 -46.33 -37.36 13.91
CA PRO I 425 -46.19 -35.90 13.91
C PRO I 425 -46.41 -35.27 15.28
N THR I 426 -47.19 -35.92 16.15
CA THR I 426 -47.35 -35.40 17.51
C THR I 426 -46.06 -35.57 18.32
N LEU I 427 -45.36 -36.68 18.13
CA LEU I 427 -44.16 -36.94 18.92
C LEU I 427 -42.99 -36.07 18.50
N VAL I 428 -42.90 -35.73 17.21
CA VAL I 428 -41.77 -34.92 16.76
C VAL I 428 -41.93 -33.47 17.17
N LEU I 429 -43.14 -32.92 17.03
CA LEU I 429 -43.35 -31.51 17.38
C LEU I 429 -43.27 -31.30 18.88
N MET I 430 -43.90 -32.19 19.66
CA MET I 430 -43.77 -32.11 21.11
C MET I 430 -42.35 -32.41 21.55
N GLY I 431 -41.71 -33.40 20.91
CA GLY I 431 -40.35 -33.75 21.29
C GLY I 431 -39.34 -32.67 20.97
N ALA I 432 -39.48 -32.05 19.79
CA ALA I 432 -38.55 -30.98 19.42
C ALA I 432 -38.78 -29.73 20.26
N ALA I 433 -40.04 -29.40 20.55
CA ALA I 433 -40.32 -28.23 21.38
C ALA I 433 -39.80 -28.41 22.79
N LEU I 434 -39.72 -29.65 23.28
CA LEU I 434 -39.17 -29.88 24.60
C LEU I 434 -37.66 -29.67 24.61
N ALA I 435 -36.98 -30.07 23.53
CA ALA I 435 -35.54 -29.89 23.46
C ALA I 435 -35.17 -28.42 23.26
N MET I 436 -35.98 -27.69 22.51
CA MET I 436 -35.74 -26.27 22.26
C MET I 436 -36.10 -25.39 23.45
N MET I 437 -36.52 -25.97 24.56
CA MET I 437 -36.85 -25.21 25.77
C MET I 437 -35.99 -25.58 26.96
N THR I 438 -35.06 -26.51 26.81
CA THR I 438 -34.18 -26.94 27.89
C THR I 438 -32.73 -26.64 27.50
N ASP I 439 -31.93 -26.26 28.50
CA ASP I 439 -30.51 -26.03 28.25
C ASP I 439 -29.79 -27.32 27.91
N ALA I 440 -30.21 -28.44 28.51
CA ALA I 440 -29.61 -29.73 28.20
C ALA I 440 -29.88 -30.17 26.78
N GLY I 441 -30.95 -29.69 26.16
CA GLY I 441 -31.27 -30.05 24.79
C GLY I 441 -30.59 -29.14 23.78
N ARG I 442 -30.62 -27.83 24.03
CA ARG I 442 -30.02 -26.88 23.08
C ARG I 442 -28.50 -26.95 23.09
N SER I 443 -27.90 -27.21 24.25
CA SER I 443 -26.45 -27.28 24.33
C SER I 443 -25.88 -28.49 23.58
N ALA I 444 -26.72 -29.47 23.25
CA ALA I 444 -26.26 -30.65 22.53
C ALA I 444 -26.01 -30.39 21.05
N MET I 445 -26.36 -29.21 20.54
CA MET I 445 -26.15 -28.91 19.14
C MET I 445 -24.66 -28.81 18.82
N LEU I 446 -24.37 -28.69 17.52
CA LEU I 446 -23.01 -28.46 17.04
C LEU I 446 -22.93 -27.21 16.18
N ASN I 447 -23.69 -27.12 15.09
CA ASN I 447 -23.63 -25.97 14.21
C ASN I 447 -24.66 -24.91 14.64
N PRO I 448 -24.33 -23.64 14.47
CA PRO I 448 -25.27 -22.58 14.84
C PRO I 448 -26.25 -22.25 13.71
N GLY I 449 -27.15 -21.31 13.98
CA GLY I 449 -28.08 -20.83 12.97
C GLY I 449 -29.26 -21.75 12.78
N PRO I 450 -29.99 -21.56 11.68
CA PRO I 450 -31.13 -22.44 11.39
C PRO I 450 -30.74 -23.91 11.29
N HIS I 451 -29.51 -24.19 10.85
CA HIS I 451 -29.04 -25.57 10.78
C HIS I 451 -28.96 -26.19 12.18
N GLY I 452 -28.75 -25.37 13.21
CA GLY I 452 -28.74 -25.90 14.56
C GLY I 452 -30.08 -26.44 15.00
N PHE I 453 -31.16 -25.74 14.67
CA PHE I 453 -32.49 -26.27 14.92
C PHE I 453 -32.77 -27.48 14.03
N SER I 454 -32.22 -27.49 12.82
CA SER I 454 -32.36 -28.65 11.95
C SER I 454 -31.73 -29.90 12.58
N GLU I 455 -30.70 -29.71 13.40
CA GLU I 455 -30.11 -30.84 14.12
C GLU I 455 -31.08 -31.43 15.13
N VAL I 456 -31.80 -30.56 15.85
CA VAL I 456 -32.77 -31.05 16.83
C VAL I 456 -34.00 -31.61 16.11
N LEU I 457 -34.46 -30.93 15.06
CA LEU I 457 -35.63 -31.39 14.32
C LEU I 457 -35.37 -32.75 13.66
N TYR I 458 -34.14 -32.96 13.19
CA TYR I 458 -33.81 -34.23 12.54
C TYR I 458 -33.74 -35.38 13.54
N ALA I 459 -33.34 -35.09 14.78
CA ALA I 459 -33.18 -36.16 15.77
C ALA I 459 -34.53 -36.74 16.18
N VAL I 460 -35.46 -35.87 16.59
CA VAL I 460 -36.77 -36.36 17.03
C VAL I 460 -37.59 -36.87 15.85
N SER I 461 -37.38 -36.30 14.65
CA SER I 461 -38.06 -36.83 13.47
C SER I 461 -37.61 -38.25 13.16
N SER I 462 -36.32 -38.50 13.28
CA SER I 462 -35.79 -39.83 13.03
C SER I 462 -36.23 -40.82 14.10
N ALA I 463 -36.22 -40.40 15.37
CA ALA I 463 -36.57 -41.30 16.46
C ALA I 463 -38.04 -41.71 16.41
N ALA I 464 -38.93 -40.73 16.22
CA ALA I 464 -40.37 -41.03 16.23
C ALA I 464 -40.77 -41.88 15.03
N ASN I 465 -40.21 -41.60 13.86
CA ASN I 465 -40.51 -42.38 12.67
C ASN I 465 -39.68 -43.66 12.56
N ASN I 466 -38.82 -43.93 13.53
CA ASN I 466 -38.05 -45.17 13.63
C ASN I 466 -36.98 -45.28 12.55
N ASN I 467 -36.63 -44.16 11.91
CA ASN I 467 -35.63 -44.19 10.85
C ASN I 467 -34.25 -44.53 11.41
N GLY I 468 -33.82 -43.81 12.45
CA GLY I 468 -32.51 -44.01 13.04
C GLY I 468 -31.38 -43.20 12.43
N SER I 469 -31.63 -42.49 11.33
CA SER I 469 -30.61 -41.62 10.78
C SER I 469 -30.44 -40.41 11.69
N ALA I 470 -29.23 -39.85 11.69
CA ALA I 470 -28.97 -38.70 12.54
C ALA I 470 -27.98 -37.78 11.86
N PHE I 471 -28.04 -36.51 12.23
CA PHE I 471 -27.02 -35.58 11.80
C PHE I 471 -25.69 -35.88 12.47
N ALA I 472 -25.72 -36.45 13.67
CA ALA I 472 -24.56 -36.91 14.43
C ALA I 472 -23.76 -35.75 14.99
N GLY I 473 -23.97 -34.54 14.45
CA GLY I 473 -23.44 -33.36 15.12
C GLY I 473 -24.02 -33.17 16.50
N LEU I 474 -25.24 -33.64 16.72
CA LEU I 474 -25.87 -33.59 18.03
C LEU I 474 -25.26 -34.66 18.93
N SER I 475 -24.78 -34.25 20.10
CA SER I 475 -24.25 -35.18 21.09
C SER I 475 -25.39 -35.52 22.06
N ALA I 476 -25.96 -36.70 21.89
CA ALA I 476 -27.19 -37.08 22.57
C ALA I 476 -26.98 -38.16 23.64
N ASN I 477 -25.75 -38.32 24.13
CA ASN I 477 -25.49 -39.29 25.18
C ASN I 477 -25.96 -38.83 26.55
N SER I 478 -26.52 -37.63 26.64
CA SER I 478 -27.04 -37.15 27.91
C SER I 478 -28.30 -37.92 28.30
N PRO I 479 -28.60 -38.00 29.60
CA PRO I 479 -29.83 -38.71 30.02
C PRO I 479 -31.10 -38.04 29.52
N PHE I 480 -31.05 -36.75 29.19
CA PHE I 480 -32.23 -36.09 28.63
C PHE I 480 -32.57 -36.65 27.26
N TRP I 481 -31.60 -36.63 26.34
CA TRP I 481 -31.86 -37.11 24.99
C TRP I 481 -32.07 -38.61 24.95
N ASN I 482 -31.43 -39.36 25.84
CA ASN I 482 -31.66 -40.81 25.87
C ASN I 482 -33.08 -41.14 26.31
N CYS I 483 -33.60 -40.41 27.29
CA CYS I 483 -34.97 -40.66 27.75
C CYS I 483 -36.00 -40.04 26.80
N LEU I 484 -35.72 -38.84 26.29
CA LEU I 484 -36.67 -38.18 25.40
C LEU I 484 -36.85 -38.96 24.10
N LEU I 485 -35.75 -39.39 23.49
CA LEU I 485 -35.85 -40.08 22.21
C LEU I 485 -36.44 -41.47 22.37
N ALA I 486 -36.04 -42.18 23.43
CA ALA I 486 -36.58 -43.53 23.66
C ALA I 486 -38.10 -43.51 23.81
N PHE I 487 -38.65 -42.45 24.40
CA PHE I 487 -40.11 -42.33 24.48
C PHE I 487 -40.72 -42.17 23.10
N CYS I 488 -40.10 -41.39 22.23
CA CYS I 488 -40.64 -41.20 20.89
C CYS I 488 -40.54 -42.48 20.06
N MET I 489 -39.48 -43.26 20.27
CA MET I 489 -39.32 -44.50 19.52
C MET I 489 -40.33 -45.55 19.96
N PHE I 490 -40.52 -45.70 21.27
CA PHE I 490 -41.48 -46.67 21.79
C PHE I 490 -42.90 -46.31 21.36
N VAL I 491 -43.32 -45.08 21.65
CA VAL I 491 -44.68 -44.66 21.30
C VAL I 491 -44.84 -44.55 19.79
N GLY I 492 -43.78 -44.15 19.07
CA GLY I 492 -43.87 -44.03 17.63
C GLY I 492 -43.97 -45.36 16.90
N ARG I 493 -43.61 -46.45 17.56
CA ARG I 493 -43.66 -47.78 16.95
C ARG I 493 -44.91 -48.53 17.38
N PHE I 494 -44.99 -48.89 18.67
CA PHE I 494 -46.11 -49.68 19.15
C PHE I 494 -47.39 -48.86 19.19
N GLY I 495 -47.29 -47.54 19.32
CA GLY I 495 -48.46 -46.70 19.22
C GLY I 495 -49.09 -46.66 17.85
N VAL I 496 -48.43 -47.19 16.83
CA VAL I 496 -48.99 -47.28 15.50
C VAL I 496 -49.36 -48.72 15.21
N ILE I 497 -48.59 -49.65 15.76
CA ILE I 497 -48.89 -51.06 15.56
C ILE I 497 -50.20 -51.44 16.24
N ILE I 498 -50.46 -50.86 17.41
CA ILE I 498 -51.70 -51.20 18.14
C ILE I 498 -52.96 -50.81 17.36
N PRO I 499 -53.11 -49.56 16.90
CA PRO I 499 -54.33 -49.26 16.12
C PRO I 499 -54.36 -49.93 14.77
N VAL I 500 -53.20 -50.23 14.18
CA VAL I 500 -53.18 -50.94 12.90
C VAL I 500 -53.77 -52.34 13.06
N MET I 501 -53.43 -53.02 14.16
CA MET I 501 -54.00 -54.34 14.41
C MET I 501 -55.50 -54.26 14.65
N ALA I 502 -55.96 -53.22 15.36
CA ALA I 502 -57.40 -53.03 15.54
C ALA I 502 -58.09 -52.73 14.21
N ILE I 503 -57.40 -52.03 13.31
CA ILE I 503 -57.93 -51.84 11.95
C ILE I 503 -58.02 -53.20 11.25
N ALA I 504 -57.00 -54.03 11.41
CA ALA I 504 -57.00 -55.35 10.79
C ALA I 504 -58.16 -56.19 11.31
N GLY I 505 -58.28 -56.30 12.63
CA GLY I 505 -59.36 -57.09 13.22
C GLY I 505 -60.74 -56.57 12.89
N SER I 506 -60.85 -55.28 12.56
CA SER I 506 -62.13 -54.71 12.18
C SER I 506 -62.50 -55.01 10.73
N LEU I 507 -61.51 -55.28 9.89
CA LEU I 507 -61.72 -55.50 8.47
C LEU I 507 -62.04 -56.95 8.12
N VAL I 508 -61.63 -57.90 8.97
CA VAL I 508 -61.88 -59.30 8.66
C VAL I 508 -63.37 -59.62 8.78
N SER I 509 -64.03 -59.06 9.80
CA SER I 509 -65.45 -59.31 10.02
C SER I 509 -66.32 -58.75 8.91
N LYS I 510 -65.76 -58.05 7.94
CA LYS I 510 -66.51 -57.52 6.81
C LYS I 510 -66.33 -58.41 5.59
N LYS I 511 -67.34 -58.39 4.72
CA LYS I 511 -67.33 -59.16 3.49
C LYS I 511 -67.23 -58.21 2.31
N SER I 512 -66.28 -58.48 1.41
CA SER I 512 -66.12 -57.66 0.22
C SER I 512 -67.39 -57.68 -0.62
N GLN I 513 -67.78 -56.51 -1.11
CA GLN I 513 -68.97 -56.36 -1.93
C GLN I 513 -68.59 -56.00 -3.36
N ALA I 514 -69.49 -56.30 -4.28
CA ALA I 514 -69.24 -56.03 -5.69
C ALA I 514 -69.25 -54.53 -5.96
N ALA I 515 -68.73 -54.16 -7.13
CA ALA I 515 -68.64 -52.75 -7.50
C ALA I 515 -70.02 -52.17 -7.77
N SER I 516 -70.30 -51.01 -7.20
CA SER I 516 -71.55 -50.30 -7.38
C SER I 516 -71.27 -48.96 -8.09
N SER I 517 -72.28 -48.09 -8.12
CA SER I 517 -72.12 -46.80 -8.78
C SER I 517 -71.20 -45.88 -7.98
N GLY I 518 -71.20 -46.01 -6.66
CA GLY I 518 -70.39 -45.17 -5.80
C GLY I 518 -68.97 -45.65 -5.55
N THR I 519 -68.52 -46.70 -6.24
CA THR I 519 -67.17 -47.19 -6.04
C THR I 519 -66.17 -46.38 -6.88
N LEU I 520 -64.92 -46.38 -6.43
CA LEU I 520 -63.85 -45.61 -7.06
C LEU I 520 -62.67 -46.52 -7.39
N PRO I 521 -62.13 -46.44 -8.60
CA PRO I 521 -61.00 -47.30 -8.97
C PRO I 521 -59.76 -46.96 -8.16
N THR I 522 -59.32 -47.92 -7.35
CA THR I 522 -58.08 -47.79 -6.58
C THR I 522 -56.86 -48.20 -7.39
N HIS I 523 -56.88 -47.97 -8.70
CA HIS I 523 -55.75 -48.20 -9.58
C HIS I 523 -55.71 -47.08 -10.61
N GLY I 524 -54.69 -47.12 -11.47
CA GLY I 524 -54.55 -46.12 -12.51
C GLY I 524 -53.93 -44.84 -11.99
N PRO I 525 -53.79 -43.84 -12.88
CA PRO I 525 -53.07 -42.62 -12.50
C PRO I 525 -53.85 -41.72 -11.56
N LEU I 526 -55.19 -41.70 -11.65
CA LEU I 526 -55.97 -40.78 -10.83
C LEU I 526 -55.83 -41.08 -9.35
N PHE I 527 -55.78 -42.36 -8.98
CA PHE I 527 -55.63 -42.71 -7.57
C PHE I 527 -54.18 -42.63 -7.13
N VAL I 528 -53.22 -42.84 -8.04
CA VAL I 528 -51.81 -42.64 -7.70
C VAL I 528 -51.57 -41.20 -7.28
N GLY I 529 -52.00 -40.24 -8.11
CA GLY I 529 -51.86 -38.84 -7.75
C GLY I 529 -52.66 -38.46 -6.52
N LEU I 530 -53.88 -38.99 -6.42
CA LEU I 530 -54.69 -38.74 -5.23
C LEU I 530 -54.01 -39.28 -3.97
N LEU I 531 -53.31 -40.41 -4.09
CA LEU I 531 -52.57 -40.94 -2.95
C LEU I 531 -51.35 -40.09 -2.65
N ILE I 532 -50.61 -39.68 -3.68
CA ILE I 532 -49.42 -38.85 -3.49
C ILE I 532 -49.79 -37.55 -2.82
N GLY I 533 -50.82 -36.87 -3.34
CA GLY I 533 -51.25 -35.62 -2.74
C GLY I 533 -51.71 -35.79 -1.30
N THR I 534 -52.29 -36.93 -0.97
CA THR I 534 -52.73 -37.17 0.40
C THR I 534 -51.54 -37.28 1.35
N VAL I 535 -50.49 -38.00 0.94
CA VAL I 535 -49.33 -38.16 1.80
C VAL I 535 -48.52 -36.86 1.85
N LEU I 536 -48.42 -36.16 0.72
CA LEU I 536 -47.63 -34.93 0.70
C LEU I 536 -48.30 -33.80 1.46
N LEU I 537 -49.60 -33.63 1.28
CA LEU I 537 -50.29 -32.50 1.90
C LEU I 537 -50.36 -32.65 3.42
N VAL I 538 -50.52 -33.88 3.90
CA VAL I 538 -50.56 -34.10 5.35
C VAL I 538 -49.22 -33.77 5.98
N GLY I 539 -48.13 -34.27 5.38
CA GLY I 539 -46.81 -33.93 5.87
C GLY I 539 -46.47 -32.46 5.69
N ALA I 540 -47.04 -31.82 4.66
CA ALA I 540 -46.79 -30.40 4.44
C ALA I 540 -47.44 -29.56 5.53
N LEU I 541 -48.76 -29.70 5.71
CA LEU I 541 -49.47 -28.93 6.71
C LEU I 541 -48.92 -29.13 8.12
N THR I 542 -48.16 -30.19 8.35
CA THR I 542 -47.60 -30.46 9.67
C THR I 542 -46.21 -29.87 9.85
N PHE I 543 -45.39 -29.88 8.79
CA PHE I 543 -43.98 -29.54 8.92
C PHE I 543 -43.55 -28.33 8.11
N ILE I 544 -44.46 -27.70 7.36
CA ILE I 544 -44.07 -26.48 6.62
C ILE I 544 -43.59 -25.38 7.54
N PRO I 545 -44.16 -25.15 8.75
CA PRO I 545 -43.60 -24.09 9.61
C PRO I 545 -42.23 -24.47 10.16
N ALA I 546 -42.10 -25.69 10.68
CA ALA I 546 -40.84 -26.12 11.29
C ALA I 546 -39.71 -26.17 10.26
N LEU I 547 -40.05 -26.43 8.99
CA LEU I 547 -39.02 -26.42 7.95
C LEU I 547 -38.60 -25.00 7.59
N ALA I 548 -39.52 -24.03 7.69
CA ALA I 548 -39.18 -22.64 7.41
C ALA I 548 -38.13 -22.12 8.39
N LEU I 549 -38.25 -22.50 9.67
CA LEU I 549 -37.25 -22.15 10.67
C LEU I 549 -36.05 -23.10 10.66
N GLY I 550 -36.02 -24.07 9.76
CA GLY I 550 -34.91 -24.99 9.70
C GLY I 550 -34.12 -24.82 8.41
N PRO I 551 -34.14 -25.85 7.55
CA PRO I 551 -33.33 -25.80 6.33
C PRO I 551 -33.77 -24.74 5.34
N VAL I 552 -35.04 -24.30 5.38
CA VAL I 552 -35.48 -23.27 4.46
C VAL I 552 -34.83 -21.93 4.82
N ALA I 553 -34.74 -21.63 6.11
CA ALA I 553 -34.03 -20.42 6.53
C ALA I 553 -32.55 -20.49 6.18
N GLU I 554 -31.94 -21.66 6.37
CA GLU I 554 -30.54 -21.85 5.99
C GLU I 554 -30.35 -21.68 4.49
N TYR I 555 -31.34 -22.08 3.68
CA TYR I 555 -31.22 -21.92 2.24
C TYR I 555 -31.27 -20.45 1.85
N LEU I 556 -32.23 -19.70 2.40
CA LEU I 556 -32.37 -18.28 2.10
C LEU I 556 -31.38 -17.41 2.86
N SER I 557 -30.57 -17.99 3.75
CA SER I 557 -29.58 -17.23 4.50
C SER I 557 -28.36 -16.92 3.64
N PHE J 1 -85.80 -15.81 2.28
CA PHE J 1 -84.53 -16.39 2.70
C PHE J 1 -83.76 -15.47 3.63
N GLU J 2 -83.80 -14.17 3.33
CA GLU J 2 -83.17 -13.14 4.17
C GLU J 2 -84.12 -11.97 4.37
N PRO J 3 -85.17 -12.15 5.19
CA PRO J 3 -86.02 -11.01 5.52
C PRO J 3 -85.56 -10.32 6.79
N THR J 4 -85.68 -8.98 6.78
CA THR J 4 -85.29 -8.19 7.94
C THR J 4 -86.06 -8.57 9.20
N LEU J 5 -87.26 -9.16 9.05
CA LEU J 5 -88.00 -9.64 10.21
C LEU J 5 -87.25 -10.76 10.91
N VAL J 6 -86.88 -11.80 10.16
CA VAL J 6 -86.25 -12.97 10.77
C VAL J 6 -84.79 -12.72 11.09
N VAL J 7 -84.09 -11.96 10.24
CA VAL J 7 -82.67 -11.70 10.45
C VAL J 7 -82.45 -11.02 11.81
N GLN J 8 -83.27 -10.02 12.11
CA GLN J 8 -83.17 -9.36 13.42
C GLN J 8 -83.52 -10.32 14.54
N ALA J 9 -84.52 -11.18 14.32
CA ALA J 9 -84.88 -12.21 15.29
C ALA J 9 -83.81 -13.28 15.45
N LEU J 10 -82.85 -13.36 14.51
CA LEU J 10 -81.77 -14.34 14.59
C LEU J 10 -80.45 -13.73 15.03
N LYS J 11 -80.11 -12.53 14.54
CA LYS J 11 -78.87 -11.90 14.96
C LYS J 11 -78.83 -11.66 16.47
N GLU J 12 -79.99 -11.43 17.08
CA GLU J 12 -80.04 -11.36 18.54
C GLU J 12 -79.70 -12.70 19.16
N ALA J 13 -80.20 -13.80 18.57
CA ALA J 13 -79.82 -15.13 19.02
C ALA J 13 -78.37 -15.46 18.67
N VAL J 14 -77.82 -14.83 17.64
CA VAL J 14 -76.42 -15.03 17.30
C VAL J 14 -75.52 -14.47 18.39
N LYS J 15 -75.79 -13.25 18.82
CA LYS J 15 -75.02 -12.63 19.91
C LYS J 15 -75.25 -13.35 21.23
N LYS J 16 -76.38 -14.05 21.39
CA LYS J 16 -76.61 -14.85 22.59
C LYS J 16 -75.90 -16.20 22.54
N LEU J 17 -75.37 -16.59 21.39
CA LEU J 17 -74.60 -17.83 21.27
C LEU J 17 -73.10 -17.61 21.41
N ASN J 18 -72.70 -16.55 22.12
CA ASN J 18 -71.29 -16.24 22.33
C ASN J 18 -70.69 -16.66 23.68
N PRO J 19 -71.49 -16.99 24.74
CA PRO J 19 -70.83 -17.37 26.00
C PRO J 19 -70.12 -18.71 25.93
N GLN J 20 -69.67 -19.20 27.08
CA GLN J 20 -68.93 -20.46 27.14
C GLN J 20 -69.87 -21.65 26.96
N ALA J 21 -70.63 -21.64 25.86
CA ALA J 21 -71.55 -22.71 25.53
C ALA J 21 -71.29 -23.25 24.13
N GLN J 22 -70.03 -23.21 23.70
CA GLN J 22 -69.63 -23.74 22.40
C GLN J 22 -68.57 -24.82 22.52
N TRP J 23 -68.41 -25.41 23.70
CA TRP J 23 -67.40 -26.44 23.88
C TRP J 23 -67.77 -27.73 23.16
N ARG J 24 -69.04 -27.88 22.77
CA ARG J 24 -69.45 -29.03 21.97
C ARG J 24 -69.05 -28.90 20.51
N ASN J 25 -68.79 -27.67 20.05
CA ASN J 25 -68.21 -27.44 18.73
C ASN J 25 -66.73 -27.18 18.93
N PRO J 26 -65.86 -28.18 18.72
CA PRO J 26 -64.44 -27.99 19.04
C PRO J 26 -63.72 -26.99 18.15
N VAL J 27 -64.10 -26.88 16.88
CA VAL J 27 -63.42 -25.92 15.99
C VAL J 27 -63.68 -24.50 16.46
N MET J 28 -64.95 -24.14 16.64
CA MET J 28 -65.28 -22.78 17.07
C MET J 28 -64.94 -22.53 18.53
N PHE J 29 -64.84 -23.59 19.34
CA PHE J 29 -64.42 -23.41 20.73
C PHE J 29 -62.98 -22.96 20.82
N ILE J 30 -62.12 -23.43 19.91
CA ILE J 30 -60.74 -22.95 19.87
C ILE J 30 -60.69 -21.50 19.41
N VAL J 31 -61.54 -21.15 18.43
CA VAL J 31 -61.60 -19.77 17.97
C VAL J 31 -62.12 -18.87 19.08
N TRP J 32 -63.05 -19.37 19.91
CA TRP J 32 -63.55 -18.58 21.03
C TRP J 32 -62.46 -18.39 22.08
N ILE J 33 -61.71 -19.45 22.40
CA ILE J 33 -60.62 -19.34 23.36
C ILE J 33 -59.54 -18.39 22.83
N GLY J 34 -59.22 -18.51 21.54
CA GLY J 34 -58.26 -17.60 20.95
C GLY J 34 -58.77 -16.16 20.94
N SER J 35 -60.07 -15.98 20.69
CA SER J 35 -60.65 -14.65 20.73
C SER J 35 -60.72 -14.11 22.15
N LEU J 36 -60.79 -15.00 23.15
CA LEU J 36 -60.88 -14.55 24.54
C LEU J 36 -59.54 -13.99 25.00
N LEU J 37 -58.45 -14.71 24.74
CA LEU J 37 -57.15 -14.25 25.23
C LEU J 37 -56.65 -13.04 24.45
N THR J 38 -56.91 -12.99 23.13
CA THR J 38 -56.44 -11.87 22.33
C THR J 38 -57.11 -10.56 22.74
N THR J 39 -58.37 -10.62 23.19
CA THR J 39 -58.98 -9.42 23.76
C THR J 39 -58.58 -9.21 25.21
N CYS J 40 -58.41 -10.30 25.96
CA CYS J 40 -57.96 -10.17 27.35
C CYS J 40 -56.54 -9.63 27.43
N ILE J 41 -55.69 -10.00 26.47
CA ILE J 41 -54.33 -9.48 26.43
C ILE J 41 -54.35 -8.02 25.98
N SER J 42 -54.97 -7.75 24.82
CA SER J 42 -54.93 -6.41 24.24
C SER J 42 -55.48 -5.35 25.20
N ILE J 43 -56.41 -5.72 26.08
CA ILE J 43 -56.87 -4.79 27.10
C ILE J 43 -55.77 -4.53 28.12
N ALA J 44 -55.18 -5.60 28.66
CA ALA J 44 -54.05 -5.43 29.57
C ALA J 44 -52.82 -4.94 28.83
N MET J 45 -52.66 -5.31 27.56
CA MET J 45 -51.53 -4.84 26.77
C MET J 45 -51.60 -3.33 26.56
N ALA J 46 -52.80 -2.79 26.37
CA ALA J 46 -52.95 -1.35 26.18
C ALA J 46 -52.83 -0.60 27.50
N SER J 47 -53.39 -1.14 28.58
CA SER J 47 -53.35 -0.46 29.87
C SER J 47 -51.93 -0.41 30.43
N GLY J 48 -51.31 -1.58 30.60
CA GLY J 48 -49.96 -1.64 31.13
C GLY J 48 -49.34 -3.01 31.04
N ALA J 49 -48.51 -3.23 30.02
CA ALA J 49 -47.86 -4.52 29.83
C ALA J 49 -46.61 -4.30 28.98
N MET J 50 -45.79 -5.35 28.90
CA MET J 50 -44.55 -5.27 28.13
C MET J 50 -44.76 -5.05 26.64
N PRO J 51 -45.72 -5.69 25.95
CA PRO J 51 -45.89 -5.43 24.51
C PRO J 51 -46.15 -3.96 24.22
N GLY J 52 -45.72 -3.53 23.04
CA GLY J 52 -45.74 -2.12 22.69
C GLY J 52 -46.85 -1.67 21.76
N ASN J 53 -47.39 -2.59 20.96
CA ASN J 53 -48.41 -2.26 19.97
C ASN J 53 -49.70 -2.96 20.37
N ALA J 54 -50.74 -2.18 20.68
CA ALA J 54 -51.99 -2.71 21.18
C ALA J 54 -53.15 -2.62 20.19
N LEU J 55 -53.13 -1.65 19.27
CA LEU J 55 -54.22 -1.54 18.31
C LEU J 55 -54.22 -2.69 17.30
N PHE J 56 -53.04 -3.25 17.01
CA PHE J 56 -52.98 -4.39 16.10
C PHE J 56 -53.66 -5.62 16.71
N SER J 57 -53.35 -5.94 17.96
CA SER J 57 -53.99 -7.08 18.61
C SER J 57 -55.47 -6.82 18.84
N ALA J 58 -55.87 -5.56 19.03
CA ALA J 58 -57.28 -5.24 19.16
C ALA J 58 -58.02 -5.44 17.84
N ALA J 59 -57.32 -5.28 16.72
CA ALA J 59 -57.93 -5.56 15.42
C ALA J 59 -58.02 -7.06 15.17
N ILE J 60 -57.00 -7.81 15.60
CA ILE J 60 -57.04 -9.27 15.47
C ILE J 60 -58.15 -9.84 16.34
N SER J 61 -58.19 -9.47 17.62
CA SER J 61 -59.22 -9.95 18.52
C SER J 61 -60.60 -9.49 18.08
N GLY J 62 -60.68 -8.33 17.43
CA GLY J 62 -61.97 -7.85 16.93
C GLY J 62 -62.54 -8.77 15.86
N TRP J 63 -61.73 -9.09 14.85
CA TRP J 63 -62.19 -9.99 13.79
C TRP J 63 -62.40 -11.42 14.29
N LEU J 64 -61.73 -11.82 15.37
CA LEU J 64 -61.95 -13.15 15.90
C LEU J 64 -63.35 -13.30 16.49
N TRP J 65 -63.85 -12.24 17.14
CA TRP J 65 -65.24 -12.26 17.58
C TRP J 65 -66.19 -12.18 16.39
N ILE J 66 -65.80 -11.42 15.35
CA ILE J 66 -66.60 -11.36 14.14
C ILE J 66 -66.61 -12.72 13.43
N THR J 67 -65.51 -13.47 13.54
CA THR J 67 -65.48 -14.82 12.97
C THR J 67 -66.47 -15.75 13.67
N VAL J 68 -66.52 -15.68 15.00
CA VAL J 68 -67.48 -16.50 15.74
C VAL J 68 -68.90 -16.06 15.45
N LEU J 69 -69.13 -14.75 15.33
CA LEU J 69 -70.47 -14.25 15.03
C LEU J 69 -70.95 -14.72 13.66
N PHE J 70 -70.07 -14.68 12.66
CA PHE J 70 -70.46 -15.12 11.32
C PHE J 70 -70.76 -16.62 11.28
N ALA J 71 -70.03 -17.42 12.07
CA ALA J 71 -70.34 -18.84 12.15
C ALA J 71 -71.68 -19.08 12.83
N ASN J 72 -71.96 -18.34 13.91
CA ASN J 72 -73.26 -18.46 14.57
C ASN J 72 -74.37 -17.87 13.72
N PHE J 73 -74.05 -16.88 12.88
CA PHE J 73 -75.07 -16.29 12.02
C PHE J 73 -75.56 -17.29 10.98
N ALA J 74 -74.70 -18.20 10.53
CA ALA J 74 -75.13 -19.22 9.57
C ALA J 74 -76.03 -20.25 10.24
N GLU J 75 -75.69 -20.68 11.45
CA GLU J 75 -76.50 -21.66 12.16
C GLU J 75 -77.88 -21.09 12.49
N ALA J 76 -77.93 -19.83 12.90
CA ALA J 76 -79.22 -19.21 13.20
C ALA J 76 -80.03 -18.98 11.92
N LEU J 77 -79.35 -18.63 10.82
CA LEU J 77 -80.06 -18.39 9.57
C LEU J 77 -80.72 -19.67 9.06
N ALA J 78 -80.03 -20.81 9.21
CA ALA J 78 -80.63 -22.08 8.83
C ALA J 78 -81.82 -22.42 9.73
N GLU J 79 -81.70 -22.13 11.02
CA GLU J 79 -82.79 -22.37 11.95
C GLU J 79 -83.93 -21.35 11.81
N GLY J 80 -83.70 -20.26 11.09
CA GLY J 80 -84.75 -19.28 10.86
C GLY J 80 -85.75 -19.73 9.82
N ARG J 81 -85.25 -20.32 8.74
CA ARG J 81 -86.13 -20.84 7.71
C ARG J 81 -86.77 -22.16 8.12
N SER J 82 -86.16 -22.88 9.07
CA SER J 82 -86.71 -24.16 9.51
C SER J 82 -87.85 -23.96 10.50
N LYS J 83 -87.59 -23.23 11.58
CA LYS J 83 -88.59 -23.03 12.63
C LYS J 83 -89.76 -22.16 12.19
N ALA J 84 -89.73 -21.59 10.97
CA ALA J 84 -90.85 -20.78 10.52
C ALA J 84 -92.08 -21.63 10.25
N GLN J 85 -91.90 -22.76 9.57
CA GLN J 85 -93.03 -23.67 9.35
C GLN J 85 -93.42 -24.39 10.63
N ALA J 86 -92.46 -24.65 11.52
CA ALA J 86 -92.77 -25.32 12.77
C ALA J 86 -93.55 -24.41 13.71
N ASN J 87 -93.21 -23.12 13.77
CA ASN J 87 -93.94 -22.21 14.63
C ASN J 87 -95.34 -21.92 14.09
N SER J 88 -95.56 -22.08 12.79
CA SER J 88 -96.90 -21.90 12.24
C SER J 88 -97.86 -22.97 12.75
N LEU J 89 -97.37 -24.20 12.92
CA LEU J 89 -98.17 -25.27 13.50
C LEU J 89 -98.07 -25.34 15.01
N LYS J 90 -97.04 -24.72 15.60
CA LYS J 90 -96.90 -24.74 17.05
C LYS J 90 -97.91 -23.79 17.69
N GLY J 91 -98.17 -22.65 17.05
CA GLY J 91 -99.17 -21.72 17.56
C GLY J 91 -100.60 -22.19 17.39
N VAL J 92 -100.82 -23.21 16.57
CA VAL J 92 -102.14 -23.83 16.48
C VAL J 92 -102.48 -24.55 17.78
N LYS J 93 -101.46 -25.04 18.50
CA LYS J 93 -101.69 -25.69 19.78
C LYS J 93 -102.10 -24.70 20.87
N LYS J 94 -101.75 -23.43 20.70
CA LYS J 94 -102.01 -22.28 21.58
C LYS J 94 -103.50 -21.91 21.68
N THR J 95 -104.42 -22.70 21.12
CA THR J 95 -105.83 -22.33 21.17
C THR J 95 -106.41 -22.50 22.57
N ALA J 96 -106.12 -23.63 23.21
CA ALA J 96 -106.54 -23.91 24.58
C ALA J 96 -108.05 -23.84 24.77
N PHE J 97 -108.82 -23.98 23.69
CA PHE J 97 -110.26 -24.08 23.80
C PHE J 97 -110.73 -25.37 23.16
N ALA J 98 -111.69 -26.02 23.81
CA ALA J 98 -112.27 -27.26 23.34
C ALA J 98 -113.58 -27.49 24.06
N ARG J 99 -114.15 -28.68 23.91
CA ARG J 99 -115.38 -29.06 24.60
C ARG J 99 -115.58 -30.58 24.58
N LYS J 100 -115.53 -31.19 25.76
CA LYS J 100 -115.67 -32.64 25.88
C LYS J 100 -117.04 -33.00 26.42
N LEU J 101 -117.68 -33.99 25.79
CA LEU J 101 -118.99 -34.45 26.18
C LEU J 101 -118.89 -35.49 27.29
N ARG J 102 -119.81 -35.43 28.24
CA ARG J 102 -119.87 -36.48 29.26
C ARG J 102 -120.43 -37.77 28.67
N GLU J 103 -121.44 -37.66 27.80
CA GLU J 103 -122.00 -38.80 27.08
C GLU J 103 -121.48 -38.82 25.65
N PRO J 104 -120.96 -39.95 25.18
CA PRO J 104 -120.36 -39.97 23.83
C PRO J 104 -121.31 -39.63 22.70
N LYS J 105 -122.62 -39.77 22.91
CA LYS J 105 -123.58 -39.48 21.85
C LYS J 105 -123.66 -37.97 21.59
N TYR J 106 -123.94 -37.63 20.34
CA TYR J 106 -124.05 -36.23 19.95
C TYR J 106 -125.29 -35.59 20.59
N GLY J 107 -125.18 -34.30 20.89
CA GLY J 107 -126.26 -33.55 21.50
C GLY J 107 -126.24 -33.47 23.00
N ALA J 108 -125.24 -34.06 23.65
CA ALA J 108 -125.14 -34.03 25.10
C ALA J 108 -124.63 -32.67 25.57
N ALA J 109 -124.52 -32.51 26.88
CA ALA J 109 -124.03 -31.27 27.47
C ALA J 109 -122.50 -31.29 27.52
N ALA J 110 -121.88 -30.23 27.00
CA ALA J 110 -120.44 -30.12 26.95
C ALA J 110 -119.97 -28.88 27.68
N ASP J 111 -118.86 -29.01 28.39
CA ASP J 111 -118.21 -27.88 29.06
C ASP J 111 -116.85 -27.64 28.43
N LYS J 112 -116.45 -26.37 28.39
CA LYS J 112 -115.19 -26.01 27.75
C LYS J 112 -114.00 -26.42 28.62
N VAL J 113 -113.06 -27.13 28.01
CA VAL J 113 -111.87 -27.62 28.68
C VAL J 113 -110.66 -27.19 27.85
N PRO J 114 -109.56 -26.75 28.47
CA PRO J 114 -108.37 -26.39 27.70
C PRO J 114 -107.91 -27.52 26.79
N ALA J 115 -107.43 -27.13 25.60
CA ALA J 115 -107.07 -28.12 24.59
C ALA J 115 -105.87 -28.96 25.01
N ASP J 116 -104.94 -28.38 25.77
CA ASP J 116 -103.75 -29.11 26.19
C ASP J 116 -104.06 -30.19 27.23
N GLN J 117 -105.22 -30.10 27.89
CA GLN J 117 -105.62 -31.11 28.86
C GLN J 117 -106.27 -32.33 28.21
N LEU J 118 -106.47 -32.33 26.89
CA LEU J 118 -107.07 -33.48 26.23
C LEU J 118 -106.08 -34.64 26.24
N ARG J 119 -106.50 -35.77 26.78
CA ARG J 119 -105.67 -36.97 26.87
C ARG J 119 -106.32 -38.09 26.07
N LYS J 120 -105.64 -39.24 26.04
CA LYS J 120 -106.13 -40.39 25.31
C LYS J 120 -107.37 -40.97 25.98
N GLY J 121 -108.43 -41.17 25.21
CA GLY J 121 -109.68 -41.71 25.69
C GLY J 121 -110.80 -40.71 25.80
N ASP J 122 -110.49 -39.42 25.77
CA ASP J 122 -111.52 -38.38 25.86
C ASP J 122 -112.36 -38.35 24.60
N ILE J 123 -113.58 -37.83 24.74
CA ILE J 123 -114.52 -37.67 23.63
C ILE J 123 -114.81 -36.17 23.53
N VAL J 124 -114.34 -35.56 22.44
CA VAL J 124 -114.49 -34.12 22.24
C VAL J 124 -115.32 -33.86 20.99
N LEU J 125 -116.05 -32.75 21.02
CA LEU J 125 -116.87 -32.30 19.91
C LEU J 125 -116.23 -31.09 19.25
N VAL J 126 -116.25 -31.07 17.91
CA VAL J 126 -115.69 -29.96 17.13
C VAL J 126 -116.69 -29.63 16.03
N GLU J 127 -117.28 -28.44 16.10
CA GLU J 127 -118.21 -27.96 15.09
C GLU J 127 -117.51 -27.06 14.09
N ALA J 128 -118.24 -26.71 13.03
CA ALA J 128 -117.69 -25.95 11.93
C ALA J 128 -117.17 -24.58 12.38
N GLY J 129 -115.97 -24.24 11.94
CA GLY J 129 -115.35 -22.98 12.30
C GLY J 129 -114.08 -23.13 13.12
N ASP J 130 -114.12 -24.02 14.11
CA ASP J 130 -112.96 -24.26 14.95
C ASP J 130 -111.96 -25.17 14.24
N ILE J 131 -110.78 -25.28 14.84
CA ILE J 131 -109.74 -26.17 14.33
C ILE J 131 -109.61 -27.36 15.27
N ILE J 132 -109.21 -28.50 14.72
CA ILE J 132 -109.12 -29.75 15.46
C ILE J 132 -108.05 -29.64 16.55
N PRO J 133 -108.41 -29.86 17.81
CA PRO J 133 -107.43 -29.68 18.90
C PRO J 133 -106.41 -30.82 19.00
N CYS J 134 -106.85 -32.05 18.80
CA CYS J 134 -105.97 -33.20 18.95
C CYS J 134 -106.35 -34.28 17.95
N ASP J 135 -105.44 -35.25 17.80
CA ASP J 135 -105.65 -36.36 16.87
C ASP J 135 -106.71 -37.31 17.40
N GLY J 136 -106.94 -38.38 16.66
CA GLY J 136 -107.87 -39.42 17.04
C GLY J 136 -108.63 -39.93 15.84
N GLU J 137 -109.69 -40.69 16.11
CA GLU J 137 -110.53 -41.28 15.09
C GLU J 137 -111.95 -40.74 15.22
N VAL J 138 -112.61 -40.56 14.08
CA VAL J 138 -113.98 -40.07 14.06
C VAL J 138 -114.92 -41.20 14.44
N ILE J 139 -115.79 -40.94 15.43
CA ILE J 139 -116.73 -41.95 15.89
C ILE J 139 -118.18 -41.60 15.54
N GLU J 140 -118.51 -40.31 15.37
CA GLU J 140 -119.86 -39.90 15.04
C GLU J 140 -119.81 -38.70 14.09
N GLY J 141 -120.66 -38.73 13.07
CA GLY J 141 -120.78 -37.62 12.15
C GLY J 141 -119.94 -37.78 10.90
N GLY J 142 -120.05 -36.78 10.04
CA GLY J 142 -119.30 -36.75 8.79
C GLY J 142 -119.24 -35.36 8.21
N ALA J 143 -118.03 -34.87 7.94
CA ALA J 143 -117.85 -33.52 7.43
C ALA J 143 -116.58 -33.45 6.60
N SER J 144 -116.44 -32.37 5.86
CA SER J 144 -115.26 -32.10 5.06
C SER J 144 -114.34 -31.15 5.82
N VAL J 145 -113.09 -31.55 5.99
CA VAL J 145 -112.12 -30.79 6.75
C VAL J 145 -111.03 -30.28 5.81
N ASP J 146 -110.24 -29.32 6.29
CA ASP J 146 -109.14 -28.74 5.54
C ASP J 146 -107.84 -29.10 6.24
N GLU J 147 -107.08 -30.02 5.64
CA GLU J 147 -105.81 -30.48 6.20
C GLU J 147 -104.62 -29.70 5.66
N SER J 148 -104.78 -28.38 5.45
CA SER J 148 -103.67 -27.57 4.97
C SER J 148 -102.53 -27.51 5.97
N ALA J 149 -102.80 -27.77 7.25
CA ALA J 149 -101.75 -27.73 8.26
C ALA J 149 -100.73 -28.86 8.06
N ILE J 150 -101.15 -29.95 7.43
CA ILE J 150 -100.28 -31.11 7.26
C ILE J 150 -99.84 -31.32 5.82
N THR J 151 -100.57 -30.79 4.84
CA THR J 151 -100.22 -30.96 3.43
C THR J 151 -99.97 -29.65 2.69
N GLY J 152 -100.36 -28.51 3.26
CA GLY J 152 -100.17 -27.25 2.57
C GLY J 152 -101.13 -27.00 1.42
N GLU J 153 -102.23 -27.74 1.36
CA GLU J 153 -103.22 -27.57 0.31
C GLU J 153 -104.57 -27.18 0.91
N SEP J 154 -105.22 -26.18 0.31
CA SEP J 154 -106.51 -25.71 0.82
CB SEP J 154 -106.76 -24.25 0.44
OG SEP J 154 -105.66 -23.43 0.79
C SEP J 154 -107.65 -26.59 0.32
O SEP J 154 -108.82 -26.32 0.60
P SEP J 154 -105.75 -22.05 -0.01
O1P SEP J 154 -107.20 -21.37 0.26
O2P SEP J 154 -104.59 -21.05 0.49
O3P SEP J 154 -105.59 -22.32 -1.59
N ALA J 155 -107.31 -27.64 -0.42
CA ALA J 155 -108.31 -28.57 -0.94
C ALA J 155 -108.94 -29.37 0.20
N PRO J 156 -110.26 -29.57 0.14
CA PRO J 156 -110.96 -30.26 1.22
C PRO J 156 -110.71 -31.76 1.19
N VAL J 157 -111.07 -32.40 2.30
CA VAL J 157 -110.97 -33.85 2.44
C VAL J 157 -112.01 -34.30 3.47
N ILE J 158 -112.70 -35.38 3.17
CA ILE J 158 -113.80 -35.87 3.98
C ILE J 158 -113.25 -36.78 5.08
N ARG J 159 -113.88 -36.70 6.26
CA ARG J 159 -113.54 -37.56 7.39
C ARG J 159 -114.85 -38.01 8.03
N GLU J 160 -115.24 -39.26 7.78
CA GLU J 160 -116.49 -39.80 8.30
C GLU J 160 -116.23 -41.06 9.11
N SER J 161 -117.20 -41.42 9.94
CA SER J 161 -117.07 -42.56 10.83
C SER J 161 -117.41 -43.87 10.11
N GLY J 162 -116.87 -44.96 10.65
CA GLY J 162 -117.14 -46.28 10.12
C GLY J 162 -116.60 -46.52 8.72
N GLY J 163 -115.32 -46.26 8.53
CA GLY J 163 -114.71 -46.49 7.23
C GLY J 163 -113.21 -46.30 7.29
N ASP J 164 -112.61 -46.27 6.09
CA ASP J 164 -111.18 -46.03 5.98
C ASP J 164 -110.81 -44.56 6.13
N PHE J 165 -111.80 -43.66 6.21
CA PHE J 165 -111.56 -42.23 6.25
C PHE J 165 -111.77 -41.64 7.64
N ALA J 166 -111.72 -42.48 8.68
CA ALA J 166 -111.98 -42.04 10.03
C ALA J 166 -110.75 -41.50 10.75
N SER J 167 -109.63 -41.36 10.04
CA SER J 167 -108.39 -40.87 10.64
C SER J 167 -108.33 -39.35 10.48
N VAL J 168 -108.42 -38.63 11.60
CA VAL J 168 -108.36 -37.17 11.60
C VAL J 168 -107.09 -36.75 12.33
N THR J 169 -106.52 -35.64 11.88
CA THR J 169 -105.28 -35.10 12.42
C THR J 169 -105.55 -33.81 13.18
N GLY J 170 -105.03 -33.73 14.41
CA GLY J 170 -105.18 -32.51 15.18
C GLY J 170 -104.36 -31.38 14.59
N GLY J 171 -104.93 -30.18 14.63
CA GLY J 171 -104.34 -29.02 14.00
C GLY J 171 -105.01 -28.60 12.71
N THR J 172 -105.66 -29.53 12.02
CA THR J 172 -106.39 -29.22 10.81
C THR J 172 -107.67 -28.45 11.14
N ARG J 173 -108.34 -27.98 10.10
CA ARG J 173 -109.53 -27.15 10.25
C ARG J 173 -110.72 -27.84 9.63
N ILE J 174 -111.82 -27.88 10.37
CA ILE J 174 -113.09 -28.42 9.87
C ILE J 174 -113.85 -27.30 9.20
N LEU J 175 -114.67 -27.64 8.19
CA LEU J 175 -115.31 -26.64 7.35
C LEU J 175 -116.83 -26.77 7.29
N SER J 176 -117.36 -27.98 7.09
CA SER J 176 -118.77 -28.11 6.75
C SER J 176 -119.66 -28.37 7.95
N ASP J 177 -119.55 -29.55 8.54
CA ASP J 177 -120.50 -29.97 9.58
C ASP J 177 -119.82 -30.16 10.92
N TRP J 178 -120.39 -31.04 11.76
CA TRP J 178 -119.84 -31.35 13.07
C TRP J 178 -119.19 -32.72 13.04
N LEU J 179 -118.27 -32.94 13.98
CA LEU J 179 -117.53 -34.19 14.07
C LEU J 179 -117.26 -34.51 15.53
N VAL J 180 -117.49 -35.76 15.93
CA VAL J 180 -117.19 -36.25 17.26
C VAL J 180 -116.06 -37.26 17.12
N ILE J 181 -114.93 -37.01 17.80
CA ILE J 181 -113.75 -37.85 17.69
C ILE J 181 -113.31 -38.30 19.07
N GLU J 182 -112.52 -39.36 19.10
CA GLU J 182 -111.94 -39.91 20.32
C GLU J 182 -110.43 -39.81 20.22
N CYS J 183 -109.82 -39.10 21.16
CA CYS J 183 -108.36 -38.93 21.14
C CYS J 183 -107.67 -40.28 21.29
N SER J 184 -106.65 -40.49 20.47
CA SER J 184 -105.94 -41.77 20.40
C SER J 184 -104.44 -41.67 20.60
N VAL J 185 -103.87 -40.48 20.70
CA VAL J 185 -102.43 -40.29 20.82
C VAL J 185 -102.10 -39.77 22.20
N ASN J 186 -100.97 -40.20 22.73
CA ASN J 186 -100.48 -39.76 24.03
C ASN J 186 -99.78 -38.41 23.90
N PRO J 187 -99.67 -37.67 25.00
CA PRO J 187 -98.92 -36.40 24.95
C PRO J 187 -97.49 -36.63 24.49
N GLY J 188 -96.99 -35.73 23.65
CA GLY J 188 -95.69 -35.88 23.04
C GLY J 188 -95.68 -36.64 21.74
N GLU J 189 -96.79 -37.30 21.38
CA GLU J 189 -96.88 -38.06 20.14
C GLU J 189 -97.94 -37.52 19.19
N THR J 190 -98.48 -36.33 19.45
CA THR J 190 -99.44 -35.74 18.52
C THR J 190 -98.75 -35.46 17.20
N PHE J 191 -99.53 -35.51 16.11
CA PHE J 191 -98.95 -35.28 14.78
C PHE J 191 -98.27 -33.92 14.69
N LEU J 192 -98.76 -32.92 15.42
CA LEU J 192 -98.06 -31.65 15.43
C LEU J 192 -96.73 -31.76 16.17
N ASP J 193 -96.67 -32.61 17.19
CA ASP J 193 -95.41 -32.84 17.89
C ASP J 193 -94.46 -33.68 17.04
N ARG J 194 -95.01 -34.52 16.15
CA ARG J 194 -94.16 -35.35 15.29
C ARG J 194 -93.36 -34.49 14.32
N MET J 195 -93.96 -33.41 13.79
CA MET J 195 -93.21 -32.45 13.01
C MET J 195 -92.25 -31.65 13.89
N ILE J 196 -92.63 -31.39 15.14
CA ILE J 196 -91.77 -30.66 16.06
C ILE J 196 -90.54 -31.50 16.41
N ALA J 197 -90.71 -32.82 16.57
CA ALA J 197 -89.59 -33.67 16.92
C ALA J 197 -88.54 -33.70 15.80
N MET J 198 -88.97 -33.52 14.55
CA MET J 198 -88.02 -33.49 13.44
C MET J 198 -87.32 -32.14 13.32
N VAL J 199 -87.97 -31.07 13.77
CA VAL J 199 -87.42 -29.72 13.62
C VAL J 199 -86.56 -29.33 14.81
N GLU J 200 -87.05 -29.54 16.03
CA GLU J 200 -86.30 -29.14 17.21
C GLU J 200 -85.07 -30.02 17.38
N GLY J 201 -84.09 -29.50 18.10
CA GLY J 201 -82.82 -30.17 18.30
C GLY J 201 -82.88 -31.15 19.46
N ALA J 202 -81.69 -31.58 19.87
CA ALA J 202 -81.49 -32.51 21.00
C ALA J 202 -82.05 -33.90 20.70
N GLN J 203 -82.77 -34.05 19.59
CA GLN J 203 -83.31 -35.34 19.17
C GLN J 203 -82.77 -35.79 17.83
N ARG J 204 -81.74 -35.13 17.31
CA ARG J 204 -81.14 -35.46 16.02
C ARG J 204 -79.64 -35.62 16.22
N ARG J 205 -79.18 -36.87 16.23
CA ARG J 205 -77.74 -37.13 16.36
C ARG J 205 -77.03 -36.82 15.04
N LYS J 206 -75.71 -36.90 15.07
CA LYS J 206 -74.92 -36.67 13.87
C LYS J 206 -74.98 -37.87 12.94
N THR J 207 -75.09 -37.60 11.65
CA THR J 207 -75.18 -38.66 10.65
C THR J 207 -73.80 -39.27 10.40
N PRO J 208 -73.75 -40.47 9.82
CA PRO J 208 -72.45 -41.08 9.51
C PRO J 208 -71.55 -40.19 8.65
N ASN J 209 -72.12 -39.53 7.64
CA ASN J 209 -71.34 -38.59 6.85
C ASN J 209 -70.95 -37.36 7.65
N GLU J 210 -71.78 -36.96 8.61
CA GLU J 210 -71.43 -35.83 9.46
C GLU J 210 -70.31 -36.19 10.44
N ILE J 211 -70.40 -37.37 11.06
CA ILE J 211 -69.30 -37.86 11.89
C ILE J 211 -68.07 -38.13 11.04
N ALA J 212 -68.28 -38.43 9.76
CA ALA J 212 -67.16 -38.78 8.87
C ALA J 212 -66.14 -37.66 8.79
N LEU J 213 -66.54 -36.51 8.25
CA LEU J 213 -65.60 -35.41 8.07
C LEU J 213 -65.25 -34.74 9.40
N THR J 214 -66.12 -34.85 10.42
CA THR J 214 -65.82 -34.27 11.72
C THR J 214 -64.54 -34.85 12.31
N ILE J 215 -64.27 -36.13 12.06
CA ILE J 215 -63.04 -36.74 12.53
C ILE J 215 -61.83 -36.15 11.80
N LEU J 216 -61.98 -35.86 10.51
CA LEU J 216 -60.90 -35.22 9.78
C LEU J 216 -60.69 -33.78 10.24
N LEU J 217 -61.79 -33.09 10.58
CA LEU J 217 -61.67 -31.72 11.08
C LEU J 217 -60.94 -31.69 12.43
N ILE J 218 -61.18 -32.69 13.27
CA ILE J 218 -60.48 -32.75 14.54
C ILE J 218 -59.01 -33.09 14.34
N ALA J 219 -58.72 -33.98 13.38
CA ALA J 219 -57.32 -34.29 13.10
C ALA J 219 -56.57 -33.10 12.53
N LEU J 220 -57.25 -32.25 11.75
CA LEU J 220 -56.59 -31.07 11.21
C LEU J 220 -56.32 -30.04 12.30
N THR J 221 -57.30 -29.81 13.18
CA THR J 221 -57.08 -28.86 14.27
C THR J 221 -56.03 -29.36 15.26
N ILE J 222 -55.88 -30.67 15.38
CA ILE J 222 -54.79 -31.21 16.19
C ILE J 222 -53.44 -30.93 15.53
N VAL J 223 -53.37 -31.05 14.21
CA VAL J 223 -52.14 -30.74 13.50
C VAL J 223 -51.80 -29.26 13.63
N PHE J 224 -52.76 -28.40 13.31
CA PHE J 224 -52.50 -26.96 13.34
C PHE J 224 -52.34 -26.42 14.75
N LEU J 225 -52.83 -27.14 15.76
CA LEU J 225 -52.53 -26.74 17.14
C LEU J 225 -51.07 -27.04 17.47
N LEU J 226 -50.59 -28.23 17.10
CA LEU J 226 -49.19 -28.56 17.32
C LEU J 226 -48.28 -27.79 16.39
N ALA J 227 -48.74 -27.47 15.19
CA ALA J 227 -47.88 -26.78 14.22
C ALA J 227 -47.59 -25.34 14.65
N THR J 228 -48.52 -24.69 15.35
CA THR J 228 -48.34 -23.31 15.78
C THR J 228 -47.86 -23.16 17.21
N ALA J 229 -48.33 -24.03 18.12
CA ALA J 229 -47.88 -23.94 19.51
C ALA J 229 -46.42 -24.30 19.67
N THR J 230 -45.85 -25.07 18.76
CA THR J 230 -44.42 -25.36 18.79
C THR J 230 -43.59 -24.29 18.10
N LEU J 231 -44.24 -23.34 17.41
CA LEU J 231 -43.50 -22.25 16.77
C LEU J 231 -42.88 -21.32 17.79
N TRP J 232 -43.50 -21.15 18.95
CA TRP J 232 -42.95 -20.26 19.97
C TRP J 232 -41.57 -20.72 20.46
N PRO J 233 -41.38 -21.97 20.90
CA PRO J 233 -40.02 -22.40 21.26
C PRO J 233 -39.09 -22.53 20.06
N PHE J 234 -39.62 -22.74 18.86
CA PHE J 234 -38.77 -22.84 17.68
C PHE J 234 -38.25 -21.46 17.27
N SER J 235 -39.09 -20.43 17.37
CA SER J 235 -38.71 -19.09 16.95
C SER J 235 -38.00 -18.31 18.04
N ALA J 236 -38.26 -18.61 19.32
CA ALA J 236 -37.60 -17.91 20.40
C ALA J 236 -36.11 -18.17 20.45
N TRP J 237 -35.64 -19.22 19.77
CA TRP J 237 -34.22 -19.55 19.78
C TRP J 237 -33.44 -18.82 18.68
N GLY J 238 -34.01 -18.73 17.48
CA GLY J 238 -33.34 -18.02 16.40
C GLY J 238 -33.34 -16.52 16.58
N GLY J 239 -34.35 -15.98 17.26
CA GLY J 239 -34.45 -14.56 17.51
C GLY J 239 -35.49 -14.26 18.56
N ASN J 240 -36.27 -13.20 18.37
CA ASN J 240 -37.40 -12.94 19.25
C ASN J 240 -38.57 -13.85 18.88
N ALA J 241 -39.28 -14.33 19.89
CA ALA J 241 -40.36 -15.26 19.67
C ALA J 241 -41.54 -14.59 18.96
N VAL J 242 -42.31 -15.40 18.23
CA VAL J 242 -43.53 -14.90 17.61
C VAL J 242 -44.54 -14.55 18.70
N SER J 243 -45.15 -13.38 18.58
CA SER J 243 -46.10 -12.94 19.60
C SER J 243 -47.30 -13.87 19.64
N VAL J 244 -47.93 -13.94 20.82
CA VAL J 244 -49.06 -14.85 21.01
C VAL J 244 -50.23 -14.44 20.13
N THR J 245 -50.47 -13.13 20.01
CA THR J 245 -51.58 -12.67 19.17
C THR J 245 -51.40 -13.07 17.71
N VAL J 246 -50.15 -13.19 17.25
CA VAL J 246 -49.91 -13.64 15.89
C VAL J 246 -50.07 -15.16 15.78
N LEU J 247 -49.58 -15.90 16.79
CA LEU J 247 -49.76 -17.35 16.78
C LEU J 247 -51.24 -17.72 16.79
N VAL J 248 -52.05 -16.98 17.55
CA VAL J 248 -53.48 -17.23 17.57
C VAL J 248 -54.09 -16.92 16.21
N ALA J 249 -53.71 -15.79 15.61
CA ALA J 249 -54.24 -15.43 14.30
C ALA J 249 -53.83 -16.45 13.25
N LEU J 250 -52.61 -16.97 13.33
CA LEU J 250 -52.19 -18.02 12.40
C LEU J 250 -52.99 -19.30 12.60
N LEU J 251 -53.23 -19.68 13.86
CA LEU J 251 -53.97 -20.91 14.14
C LEU J 251 -55.43 -20.81 13.71
N VAL J 252 -56.08 -19.68 14.01
CA VAL J 252 -57.48 -19.51 13.63
C VAL J 252 -57.64 -19.54 12.11
N CYS J 253 -56.63 -19.06 11.38
CA CYS J 253 -56.68 -19.12 9.92
C CYS J 253 -56.61 -20.57 9.45
N LEU J 254 -55.53 -21.28 9.80
CA LEU J 254 -55.33 -22.65 9.32
C LEU J 254 -56.47 -23.56 9.74
N ILE J 255 -57.04 -23.35 10.91
CA ILE J 255 -58.14 -24.21 11.39
C ILE J 255 -59.31 -24.10 10.42
N PRO J 256 -59.91 -25.21 9.99
CA PRO J 256 -61.02 -25.15 9.02
C PRO J 256 -62.26 -24.48 9.58
N THR J 257 -62.18 -23.17 9.82
CA THR J 257 -63.34 -22.45 10.31
C THR J 257 -64.39 -22.25 9.22
N THR J 258 -64.01 -22.41 7.95
CA THR J 258 -64.97 -22.24 6.86
C THR J 258 -66.06 -23.30 6.93
N ILE J 259 -65.67 -24.56 7.00
CA ILE J 259 -66.64 -25.66 7.05
C ILE J 259 -67.01 -26.02 8.48
N GLY J 260 -66.14 -25.76 9.45
CA GLY J 260 -66.45 -26.04 10.83
C GLY J 260 -67.61 -25.24 11.39
N GLY J 261 -67.93 -24.11 10.76
CA GLY J 261 -69.06 -23.29 11.19
C GLY J 261 -70.26 -23.42 10.29
N LEU J 262 -70.11 -24.13 9.17
CA LEU J 262 -71.21 -24.30 8.22
C LEU J 262 -71.77 -25.72 8.18
N LEU J 263 -71.10 -26.69 8.80
CA LEU J 263 -71.56 -28.08 8.69
C LEU J 263 -72.90 -28.28 9.39
N SER J 264 -73.03 -27.74 10.61
CA SER J 264 -74.28 -27.88 11.34
C SER J 264 -75.43 -27.10 10.70
N ALA J 265 -75.12 -26.06 9.93
CA ALA J 265 -76.16 -25.28 9.26
C ALA J 265 -76.65 -25.96 7.99
N ILE J 266 -75.81 -26.76 7.34
CA ILE J 266 -76.24 -27.47 6.14
C ILE J 266 -77.28 -28.51 6.48
N GLY J 267 -77.09 -29.23 7.58
CA GLY J 267 -78.04 -30.26 7.97
C GLY J 267 -79.39 -29.69 8.33
N VAL J 268 -79.41 -28.56 9.05
CA VAL J 268 -80.68 -27.94 9.43
C VAL J 268 -81.39 -27.40 8.19
N ALA J 269 -80.63 -26.80 7.26
CA ALA J 269 -81.23 -26.30 6.03
C ALA J 269 -81.70 -27.43 5.14
N GLY J 270 -81.05 -28.60 5.22
CA GLY J 270 -81.48 -29.73 4.41
C GLY J 270 -82.76 -30.35 4.91
N MET J 271 -82.92 -30.46 6.23
CA MET J 271 -84.15 -31.00 6.80
C MET J 271 -85.35 -30.11 6.49
N SER J 272 -85.11 -28.81 6.27
CA SER J 272 -86.21 -27.92 5.90
C SER J 272 -86.71 -28.23 4.50
N ARG J 273 -85.79 -28.45 3.55
CA ARG J 273 -86.20 -28.87 2.22
C ARG J 273 -86.83 -30.25 2.25
N MET J 274 -86.45 -31.09 3.21
CA MET J 274 -87.10 -32.38 3.38
C MET J 274 -88.54 -32.19 3.87
N LEU J 275 -88.73 -31.37 4.89
CA LEU J 275 -90.09 -31.02 5.32
C LEU J 275 -90.81 -30.20 4.27
N GLY J 276 -90.08 -29.40 3.50
CA GLY J 276 -90.70 -28.65 2.42
C GLY J 276 -91.29 -29.55 1.35
N ALA J 277 -90.76 -30.76 1.22
CA ALA J 277 -91.29 -31.75 0.30
C ALA J 277 -92.32 -32.66 0.95
N ASN J 278 -92.82 -32.28 2.13
CA ASN J 278 -93.85 -33.06 2.84
C ASN J 278 -93.40 -34.48 3.12
N VAL J 279 -92.16 -34.62 3.60
CA VAL J 279 -91.60 -35.91 3.99
C VAL J 279 -91.10 -35.79 5.43
N ILE J 280 -91.55 -36.72 6.27
CA ILE J 280 -91.21 -36.71 7.69
C ILE J 280 -90.20 -37.82 7.96
N ALA J 281 -89.07 -37.45 8.55
CA ALA J 281 -88.03 -38.40 8.92
C ALA J 281 -87.79 -38.34 10.42
N THR J 282 -87.53 -39.50 11.03
CA THR J 282 -87.26 -39.54 12.46
C THR J 282 -85.97 -38.81 12.80
N SER J 283 -84.92 -39.01 11.99
CA SER J 283 -83.65 -38.32 12.17
C SER J 283 -83.06 -38.02 10.81
N GLY J 284 -82.08 -37.10 10.80
CA GLY J 284 -81.42 -36.73 9.57
C GLY J 284 -80.58 -37.83 8.94
N ARG J 285 -80.29 -38.90 9.70
CA ARG J 285 -79.47 -39.99 9.16
C ARG J 285 -80.16 -40.69 8.00
N ALA J 286 -81.49 -40.79 8.02
CA ALA J 286 -82.20 -41.45 6.94
C ALA J 286 -82.07 -40.69 5.64
N VAL J 287 -82.12 -39.35 5.70
CA VAL J 287 -82.01 -38.54 4.49
C VAL J 287 -80.64 -38.69 3.85
N GLU J 288 -79.59 -38.85 4.66
CA GLU J 288 -78.25 -39.03 4.12
C GLU J 288 -78.13 -40.36 3.39
N ALA J 289 -78.80 -41.40 3.89
CA ALA J 289 -78.70 -42.72 3.27
C ALA J 289 -79.40 -42.75 1.92
N ALA J 290 -80.39 -41.90 1.69
CA ALA J 290 -81.07 -41.86 0.40
C ALA J 290 -80.15 -41.40 -0.71
N GLY J 291 -79.13 -40.59 -0.39
CA GLY J 291 -78.18 -40.16 -1.39
C GLY J 291 -77.14 -41.19 -1.76
N ASP J 292 -76.94 -42.19 -0.92
CA ASP J 292 -75.99 -43.27 -1.18
C ASP J 292 -76.65 -44.48 -1.85
N VAL J 293 -77.81 -44.28 -2.47
CA VAL J 293 -78.61 -45.36 -3.04
C VAL J 293 -78.16 -45.64 -4.47
N ASP J 294 -78.05 -46.92 -4.81
CA ASP J 294 -77.69 -47.34 -6.16
C ASP J 294 -78.90 -47.63 -7.03
N VAL J 295 -80.04 -47.98 -6.43
CA VAL J 295 -81.25 -48.31 -7.19
C VAL J 295 -82.45 -47.98 -6.32
N LEU J 296 -83.40 -47.25 -6.89
CA LEU J 296 -84.64 -46.90 -6.21
C LEU J 296 -85.83 -47.61 -6.86
N LEU J 297 -86.79 -48.01 -6.03
CA LEU J 297 -87.97 -48.75 -6.46
C LEU J 297 -89.22 -47.93 -6.20
N LEU J 298 -90.08 -47.83 -7.21
CA LEU J 298 -91.32 -47.07 -7.13
C LEU J 298 -92.50 -48.02 -7.24
N ASP J 299 -93.34 -48.04 -6.21
CA ASP J 299 -94.52 -48.90 -6.18
C ASP J 299 -95.71 -48.12 -6.74
N LYS J 300 -96.23 -48.58 -7.88
CA LYS J 300 -97.33 -47.92 -8.56
C LYS J 300 -98.66 -48.63 -8.35
N THR J 301 -98.70 -49.63 -7.47
CA THR J 301 -99.92 -50.44 -7.32
C THR J 301 -101.09 -49.59 -6.84
N GLY J 302 -100.88 -48.80 -5.80
CA GLY J 302 -101.95 -48.05 -5.17
C GLY J 302 -102.45 -46.82 -5.90
N THR J 303 -101.94 -46.56 -7.11
CA THR J 303 -102.33 -45.36 -7.84
C THR J 303 -102.43 -45.68 -9.33
N ILE J 304 -102.95 -44.72 -10.08
CA ILE J 304 -103.18 -44.89 -11.52
C ILE J 304 -101.85 -44.85 -12.25
N THR J 305 -101.25 -43.66 -12.33
CA THR J 305 -99.97 -43.46 -12.98
C THR J 305 -98.87 -43.39 -11.93
N LEU J 306 -97.67 -42.98 -12.34
CA LEU J 306 -96.57 -42.84 -11.40
C LEU J 306 -96.76 -41.65 -10.47
N GLY J 307 -97.79 -40.83 -10.66
CA GLY J 307 -98.05 -39.68 -9.83
C GLY J 307 -97.57 -38.36 -10.42
N ASN J 308 -96.83 -38.40 -11.53
CA ASN J 308 -96.38 -37.17 -12.16
C ASN J 308 -97.52 -36.50 -12.94
N ARG J 309 -98.34 -37.28 -13.62
CA ARG J 309 -99.43 -36.75 -14.42
C ARG J 309 -100.62 -36.42 -13.52
N GLN J 310 -101.02 -35.16 -13.49
CA GLN J 310 -102.10 -34.69 -12.63
C GLN J 310 -103.10 -33.92 -13.48
N ALA J 311 -104.28 -33.69 -12.89
CA ALA J 311 -105.39 -33.08 -13.61
C ALA J 311 -105.00 -31.73 -14.18
N SER J 312 -105.37 -31.50 -15.45
CA SER J 312 -105.04 -30.28 -16.16
C SER J 312 -106.27 -29.52 -16.64
N GLU J 313 -107.19 -30.19 -17.33
CA GLU J 313 -108.36 -29.54 -17.89
C GLU J 313 -109.60 -30.39 -17.66
N PHE J 314 -110.74 -29.73 -17.59
CA PHE J 314 -112.05 -30.39 -17.60
C PHE J 314 -112.64 -30.23 -18.98
N ILE J 315 -112.95 -31.35 -19.64
CA ILE J 315 -113.44 -31.31 -21.02
C ILE J 315 -114.81 -31.99 -21.08
N PRO J 316 -115.89 -31.23 -21.28
CA PRO J 316 -117.22 -31.84 -21.44
C PRO J 316 -117.49 -32.18 -22.91
N ALA J 317 -118.01 -33.37 -23.15
CA ALA J 317 -118.20 -33.84 -24.52
C ALA J 317 -119.37 -33.15 -25.19
N GLN J 318 -120.60 -33.58 -24.89
CA GLN J 318 -121.78 -33.12 -25.60
C GLN J 318 -122.86 -32.75 -24.59
N GLY J 319 -123.35 -31.51 -24.67
CA GLY J 319 -124.47 -31.08 -23.86
C GLY J 319 -124.21 -31.12 -22.36
N VAL J 320 -122.97 -30.87 -21.94
CA VAL J 320 -122.61 -30.84 -20.54
C VAL J 320 -121.84 -29.56 -20.26
N ASP J 321 -122.19 -28.87 -19.17
CA ASP J 321 -121.48 -27.67 -18.78
C ASP J 321 -120.22 -28.04 -18.01
N GLU J 322 -119.15 -27.26 -18.22
CA GLU J 322 -117.89 -27.53 -17.53
C GLU J 322 -118.03 -27.35 -16.02
N LYS J 323 -118.89 -26.44 -15.59
CA LYS J 323 -119.11 -26.25 -14.15
C LYS J 323 -119.74 -27.49 -13.51
N THR J 324 -120.77 -28.04 -14.16
CA THR J 324 -121.41 -29.25 -13.64
C THR J 324 -120.50 -30.47 -13.75
N LEU J 325 -119.47 -30.42 -14.59
CA LEU J 325 -118.52 -31.52 -14.67
C LEU J 325 -117.65 -31.58 -13.42
N ALA J 326 -116.99 -30.47 -13.09
CA ALA J 326 -116.16 -30.42 -11.90
C ALA J 326 -116.97 -30.58 -10.62
N ASP J 327 -118.28 -30.30 -10.66
CA ASP J 327 -119.13 -30.53 -9.50
C ASP J 327 -119.18 -32.01 -9.15
N ALA J 328 -119.30 -32.87 -10.16
CA ALA J 328 -119.30 -34.31 -9.94
C ALA J 328 -117.90 -34.89 -9.89
N ALA J 329 -116.94 -34.28 -10.60
CA ALA J 329 -115.57 -34.77 -10.57
C ALA J 329 -114.98 -34.65 -9.17
N GLN J 330 -115.31 -33.57 -8.45
CA GLN J 330 -114.86 -33.44 -7.07
C GLN J 330 -115.54 -34.45 -6.17
N LEU J 331 -116.85 -34.63 -6.32
CA LEU J 331 -117.60 -35.58 -5.49
C LEU J 331 -117.03 -36.99 -5.64
N ALA J 332 -116.68 -37.39 -6.86
CA ALA J 332 -116.10 -38.71 -7.06
C ALA J 332 -114.67 -38.77 -6.55
N SER J 333 -113.93 -37.66 -6.62
CA SER J 333 -112.55 -37.62 -6.19
C SER J 333 -112.37 -37.36 -4.71
N LEU J 334 -113.45 -37.01 -3.99
CA LEU J 334 -113.35 -36.81 -2.55
C LEU J 334 -112.89 -38.09 -1.85
N ALA J 335 -113.32 -39.25 -2.34
CA ALA J 335 -112.88 -40.53 -1.81
C ALA J 335 -111.56 -40.99 -2.40
N ASP J 336 -111.00 -40.26 -3.36
CA ASP J 336 -109.75 -40.63 -4.01
C ASP J 336 -108.63 -39.78 -3.40
N GLU J 337 -107.96 -40.33 -2.40
CA GLU J 337 -106.87 -39.65 -1.73
C GLU J 337 -105.52 -39.87 -2.43
N THR J 338 -105.50 -40.58 -3.54
CA THR J 338 -104.28 -40.69 -4.34
C THR J 338 -103.93 -39.34 -4.94
N PRO J 339 -102.66 -39.15 -5.35
CA PRO J 339 -102.30 -37.86 -5.98
C PRO J 339 -103.16 -37.52 -7.19
N GLU J 340 -103.52 -38.51 -8.00
CA GLU J 340 -104.38 -38.25 -9.15
C GLU J 340 -105.76 -37.76 -8.71
N GLY J 341 -106.27 -38.31 -7.61
CA GLY J 341 -107.57 -37.90 -7.12
C GLY J 341 -107.54 -36.55 -6.44
N ARG J 342 -106.46 -36.26 -5.71
CA ARG J 342 -106.34 -34.97 -5.03
C ARG J 342 -106.24 -33.83 -6.02
N SER J 343 -105.52 -34.03 -7.12
CA SER J 343 -105.36 -32.96 -8.12
C SER J 343 -106.68 -32.57 -8.74
N ILE J 344 -107.60 -33.52 -8.89
CA ILE J 344 -108.92 -33.20 -9.43
C ILE J 344 -109.71 -32.35 -8.45
N VAL J 345 -109.55 -32.62 -7.14
CA VAL J 345 -110.17 -31.76 -6.13
C VAL J 345 -109.50 -30.39 -6.14
N ILE J 346 -108.21 -30.32 -6.46
CA ILE J 346 -107.52 -29.04 -6.50
C ILE J 346 -108.02 -28.19 -7.66
N LEU J 347 -108.18 -28.79 -8.84
CA LEU J 347 -108.70 -28.04 -9.99
C LEU J 347 -110.15 -27.63 -9.79
N ALA J 348 -110.89 -28.32 -8.91
CA ALA J 348 -112.27 -27.93 -8.65
C ALA J 348 -112.33 -26.60 -7.90
N LYS J 349 -111.38 -26.36 -7.00
CA LYS J 349 -111.36 -25.12 -6.24
C LYS J 349 -110.59 -24.00 -6.94
N GLN J 350 -109.65 -24.34 -7.81
CA GLN J 350 -108.88 -23.30 -8.50
C GLN J 350 -109.66 -22.63 -9.62
N ARG J 351 -110.55 -23.37 -10.29
CA ARG J 351 -111.30 -22.83 -11.41
C ARG J 351 -112.75 -22.49 -11.06
N PHE J 352 -113.37 -23.23 -10.15
CA PHE J 352 -114.78 -23.03 -9.83
C PHE J 352 -115.04 -22.78 -8.35
N ASN J 353 -113.99 -22.69 -7.53
CA ASN J 353 -114.11 -22.33 -6.11
C ASN J 353 -115.05 -23.29 -5.36
N LEU J 354 -114.85 -24.59 -5.59
CA LEU J 354 -115.61 -25.62 -4.89
C LEU J 354 -114.81 -26.02 -3.66
N ARG J 355 -115.08 -25.34 -2.54
CA ARG J 355 -114.28 -25.48 -1.32
C ARG J 355 -114.92 -26.40 -0.29
N GLU J 356 -116.22 -26.26 -0.04
CA GLU J 356 -116.89 -26.99 1.03
C GLU J 356 -118.17 -27.63 0.50
N ARG J 357 -118.57 -28.72 1.16
CA ARG J 357 -119.79 -29.44 0.81
C ARG J 357 -120.45 -29.95 2.08
N ASP J 358 -121.72 -29.61 2.26
CA ASP J 358 -122.49 -30.04 3.43
C ASP J 358 -122.78 -31.54 3.32
N VAL J 359 -122.09 -32.34 4.14
CA VAL J 359 -122.18 -33.79 4.02
C VAL J 359 -123.51 -34.32 4.55
N GLN J 360 -124.06 -33.68 5.59
CA GLN J 360 -125.25 -34.22 6.24
C GLN J 360 -126.46 -34.19 5.31
N SER J 361 -126.58 -33.13 4.50
CA SER J 361 -127.70 -33.05 3.56
C SER J 361 -127.61 -34.09 2.45
N LEU J 362 -126.42 -34.64 2.19
CA LEU J 362 -126.27 -35.61 1.12
C LEU J 362 -126.79 -37.00 1.51
N HIS J 363 -126.60 -37.38 2.78
CA HIS J 363 -126.90 -38.75 3.23
C HIS J 363 -126.24 -39.77 2.32
N ALA J 364 -124.92 -39.64 2.19
CA ALA J 364 -124.16 -40.36 1.18
C ALA J 364 -123.25 -41.40 1.82
N THR J 365 -122.77 -42.32 0.96
CA THR J 365 -121.75 -43.29 1.31
C THR J 365 -120.67 -43.22 0.24
N PHE J 366 -119.45 -42.92 0.64
CA PHE J 366 -118.36 -42.72 -0.30
C PHE J 366 -117.70 -44.05 -0.65
N VAL J 367 -117.40 -44.22 -1.94
CA VAL J 367 -116.71 -45.41 -2.45
C VAL J 367 -115.24 -45.05 -2.62
N PRO J 368 -114.35 -45.52 -1.74
CA PRO J 368 -112.94 -45.15 -1.85
C PRO J 368 -112.28 -45.75 -3.08
N PHE J 369 -111.17 -45.14 -3.48
CA PHE J 369 -110.42 -45.61 -4.64
C PHE J 369 -109.68 -46.90 -4.29
N THR J 370 -109.77 -47.88 -5.18
CA THR J 370 -109.09 -49.16 -5.00
C THR J 370 -108.29 -49.47 -6.25
N ALA J 371 -107.15 -50.15 -6.04
CA ALA J 371 -106.27 -50.48 -7.16
C ALA J 371 -106.90 -51.51 -8.08
N GLN J 372 -107.77 -52.37 -7.56
CA GLN J 372 -108.39 -53.39 -8.39
C GLN J 372 -109.44 -52.78 -9.32
N SER J 373 -110.24 -51.85 -8.81
CA SER J 373 -111.27 -51.23 -9.64
C SER J 373 -110.71 -50.11 -10.51
N ARG J 374 -109.62 -49.48 -10.11
CA ARG J 374 -109.02 -48.37 -10.85
C ARG J 374 -110.03 -47.24 -11.08
N MET J 375 -110.90 -47.03 -10.10
CA MET J 375 -111.94 -46.00 -10.18
C MET J 375 -112.43 -45.70 -8.78
N SER J 376 -112.87 -44.46 -8.59
CA SER J 376 -113.48 -44.01 -7.34
C SER J 376 -114.83 -43.36 -7.65
N GLY J 377 -115.62 -43.15 -6.62
CA GLY J 377 -116.92 -42.56 -6.83
C GLY J 377 -117.60 -42.21 -5.53
N ILE J 378 -118.88 -41.86 -5.64
CA ILE J 378 -119.69 -41.43 -4.50
C ILE J 378 -121.12 -41.86 -4.74
N ASN J 379 -121.80 -42.25 -3.65
CA ASN J 379 -123.21 -42.61 -3.71
C ASN J 379 -124.06 -41.50 -3.07
N ILE J 380 -123.91 -40.27 -3.55
CA ILE J 380 -124.58 -39.11 -2.95
C ILE J 380 -126.08 -39.20 -3.16
N ASP J 381 -126.53 -39.11 -4.41
CA ASP J 381 -127.95 -39.22 -4.71
C ASP J 381 -128.36 -40.68 -4.69
N ASN J 382 -129.63 -40.93 -5.05
CA ASN J 382 -130.06 -42.32 -5.23
C ASN J 382 -129.30 -42.97 -6.38
N ARG J 383 -128.78 -42.18 -7.32
CA ARG J 383 -127.87 -42.67 -8.34
C ARG J 383 -126.44 -42.55 -7.86
N MET J 384 -125.57 -43.39 -8.40
CA MET J 384 -124.18 -43.46 -8.00
C MET J 384 -123.28 -42.85 -9.07
N ILE J 385 -122.42 -41.91 -8.66
CA ILE J 385 -121.47 -41.25 -9.53
C ILE J 385 -120.10 -41.88 -9.33
N ARG J 386 -119.39 -42.13 -10.43
CA ARG J 386 -118.07 -42.74 -10.37
C ARG J 386 -117.14 -42.07 -11.37
N LYS J 387 -115.84 -42.25 -11.13
CA LYS J 387 -114.80 -41.66 -11.96
C LYS J 387 -113.59 -42.59 -11.98
N GLY J 388 -113.11 -42.91 -13.17
CA GLY J 388 -111.98 -43.81 -13.30
C GLY J 388 -111.33 -43.71 -14.65
N SER J 389 -110.58 -44.76 -15.00
CA SER J 389 -109.86 -44.82 -16.27
C SER J 389 -110.81 -45.17 -17.40
N VAL J 390 -110.25 -45.26 -18.61
CA VAL J 390 -111.09 -45.50 -19.80
C VAL J 390 -111.62 -46.93 -19.83
N ASP J 391 -110.79 -47.90 -19.43
CA ASP J 391 -111.18 -49.30 -19.55
C ASP J 391 -112.23 -49.68 -18.52
N ALA J 392 -112.07 -49.21 -17.28
CA ALA J 392 -112.95 -49.63 -16.20
C ALA J 392 -114.34 -49.01 -16.28
N ILE J 393 -114.49 -47.88 -16.96
CA ILE J 393 -115.77 -47.18 -16.97
C ILE J 393 -116.73 -47.76 -18.00
N ARG J 394 -116.21 -48.16 -19.17
CA ARG J 394 -117.08 -48.78 -20.17
C ARG J 394 -117.72 -50.06 -19.63
N ARG J 395 -117.02 -50.78 -18.75
CA ARG J 395 -117.60 -51.94 -18.10
C ARG J 395 -118.65 -51.55 -17.07
N HIS J 396 -118.62 -50.31 -16.57
CA HIS J 396 -119.57 -49.86 -15.57
C HIS J 396 -120.77 -49.13 -16.19
N VAL J 397 -120.54 -48.35 -17.25
CA VAL J 397 -121.64 -47.64 -17.89
C VAL J 397 -122.58 -48.62 -18.58
N GLU J 398 -122.02 -49.58 -19.32
CA GLU J 398 -122.83 -50.58 -19.99
C GLU J 398 -123.55 -51.50 -19.01
N ALA J 399 -123.08 -51.58 -17.76
CA ALA J 399 -123.78 -52.39 -16.76
C ALA J 399 -125.07 -51.73 -16.29
N ASN J 400 -125.19 -50.41 -16.43
CA ASN J 400 -126.41 -49.69 -16.06
C ASN J 400 -127.31 -49.40 -17.24
N GLY J 401 -127.19 -50.18 -18.31
CA GLY J 401 -127.99 -49.93 -19.50
C GLY J 401 -127.62 -48.68 -20.26
N GLY J 402 -126.37 -48.25 -20.18
CA GLY J 402 -125.93 -47.05 -20.88
C GLY J 402 -125.06 -47.34 -22.08
N HIS J 403 -125.03 -46.42 -23.03
CA HIS J 403 -124.26 -46.56 -24.26
C HIS J 403 -123.08 -45.59 -24.23
N PHE J 404 -122.12 -45.85 -25.12
CA PHE J 404 -120.96 -44.98 -25.24
C PHE J 404 -121.24 -43.89 -26.27
N PRO J 405 -121.28 -42.62 -25.88
CA PRO J 405 -121.51 -41.56 -26.87
C PRO J 405 -120.33 -41.42 -27.82
N THR J 406 -120.65 -41.08 -29.07
CA THR J 406 -119.60 -40.93 -30.08
C THR J 406 -118.68 -39.76 -29.75
N ASP J 407 -119.25 -38.67 -29.21
CA ASP J 407 -118.43 -37.51 -28.87
C ASP J 407 -117.48 -37.83 -27.73
N VAL J 408 -117.91 -38.64 -26.77
CA VAL J 408 -117.03 -39.03 -25.67
C VAL J 408 -115.84 -39.82 -26.20
N ASP J 409 -116.09 -40.74 -27.13
CA ASP J 409 -115.00 -41.51 -27.72
C ASP J 409 -114.05 -40.59 -28.47
N GLN J 410 -114.57 -39.54 -29.10
CA GLN J 410 -113.71 -38.57 -29.78
C GLN J 410 -112.86 -37.81 -28.77
N LYS J 411 -113.44 -37.48 -27.60
CA LYS J 411 -112.67 -36.79 -26.57
C LYS J 411 -111.55 -37.69 -26.04
N VAL J 412 -111.83 -38.97 -25.84
CA VAL J 412 -110.80 -39.90 -25.38
C VAL J 412 -109.69 -40.02 -26.41
N ASP J 413 -110.05 -40.04 -27.69
CA ASP J 413 -109.04 -40.07 -28.74
C ASP J 413 -108.22 -38.79 -28.78
N GLN J 414 -108.85 -37.65 -28.51
CA GLN J 414 -108.13 -36.38 -28.50
C GLN J 414 -107.12 -36.33 -27.36
N VAL J 415 -107.53 -36.75 -26.16
CA VAL J 415 -106.61 -36.74 -25.02
C VAL J 415 -105.50 -37.77 -25.23
N ALA J 416 -105.80 -38.87 -25.91
CA ALA J 416 -104.75 -39.85 -26.22
C ALA J 416 -103.71 -39.27 -27.15
N ARG J 417 -104.14 -38.44 -28.11
CA ARG J 417 -103.18 -37.77 -28.99
C ARG J 417 -102.32 -36.78 -28.21
N GLN J 418 -102.90 -36.14 -27.19
CA GLN J 418 -102.17 -35.17 -26.39
C GLN J 418 -101.05 -35.82 -25.57
N GLY J 419 -101.16 -37.12 -25.30
CA GLY J 419 -100.18 -37.81 -24.48
C GLY J 419 -100.56 -37.94 -23.02
N ALA J 420 -101.77 -37.50 -22.65
CA ALA J 420 -102.24 -37.54 -21.28
C ALA J 420 -103.21 -38.71 -21.09
N THR J 421 -103.03 -39.42 -19.98
CA THR J 421 -103.95 -40.50 -19.64
C THR J 421 -105.32 -39.91 -19.30
N PRO J 422 -106.39 -40.27 -20.01
CA PRO J 422 -107.68 -39.63 -19.79
C PRO J 422 -108.51 -40.31 -18.72
N LEU J 423 -109.08 -39.51 -17.81
CA LEU J 423 -110.04 -39.98 -16.82
C LEU J 423 -111.42 -39.44 -17.17
N VAL J 424 -112.44 -40.23 -16.88
CA VAL J 424 -113.82 -39.90 -17.23
C VAL J 424 -114.67 -39.92 -15.97
N VAL J 425 -115.67 -39.03 -15.93
CA VAL J 425 -116.64 -38.99 -14.86
C VAL J 425 -118.02 -39.27 -15.45
N VAL J 426 -118.80 -40.11 -14.78
CA VAL J 426 -120.09 -40.55 -15.27
C VAL J 426 -121.09 -40.50 -14.12
N GLU J 427 -122.27 -39.94 -14.39
CA GLU J 427 -123.38 -39.94 -13.44
C GLU J 427 -124.38 -41.01 -13.87
N GLY J 428 -124.49 -42.08 -13.09
CA GLY J 428 -125.39 -43.16 -13.41
C GLY J 428 -125.02 -43.91 -14.67
N SER J 429 -125.56 -43.48 -15.81
CA SER J 429 -125.29 -44.12 -17.09
C SER J 429 -124.98 -43.11 -18.19
N ARG J 430 -124.90 -41.82 -17.87
CA ARG J 430 -124.62 -40.77 -18.83
C ARG J 430 -123.27 -40.15 -18.53
N VAL J 431 -122.42 -40.07 -19.55
CA VAL J 431 -121.08 -39.52 -19.39
C VAL J 431 -121.15 -38.00 -19.31
N LEU J 432 -120.40 -37.42 -18.38
CA LEU J 432 -120.33 -35.97 -18.21
C LEU J 432 -119.16 -35.35 -18.94
N GLY J 433 -118.02 -36.02 -19.00
CA GLY J 433 -116.87 -35.47 -19.68
C GLY J 433 -115.61 -36.23 -19.33
N VAL J 434 -114.49 -35.71 -19.84
CA VAL J 434 -113.19 -36.34 -19.71
C VAL J 434 -112.26 -35.39 -18.97
N ILE J 435 -111.36 -35.95 -18.16
CA ILE J 435 -110.38 -35.19 -17.41
C ILE J 435 -108.99 -35.51 -17.96
N ALA J 436 -108.24 -34.48 -18.30
CA ALA J 436 -106.89 -34.64 -18.84
C ALA J 436 -105.86 -34.59 -17.72
N LEU J 437 -104.89 -35.49 -17.78
CA LEU J 437 -103.84 -35.61 -16.77
C LEU J 437 -102.47 -35.45 -17.45
N LYS J 438 -101.99 -34.21 -17.51
CA LYS J 438 -100.70 -33.93 -18.12
C LYS J 438 -99.59 -33.97 -17.08
N ASP J 439 -98.35 -34.02 -17.56
CA ASP J 439 -97.20 -34.15 -16.67
C ASP J 439 -96.92 -32.84 -15.95
N ILE J 440 -96.57 -32.95 -14.66
CA ILE J 440 -96.25 -31.78 -13.86
C ILE J 440 -94.79 -31.37 -14.00
N VAL J 441 -93.88 -32.33 -14.17
CA VAL J 441 -92.45 -32.07 -14.17
C VAL J 441 -92.12 -30.97 -15.17
N LYS J 442 -91.32 -30.01 -14.72
CA LYS J 442 -90.96 -28.85 -15.55
C LYS J 442 -90.25 -29.30 -16.83
N GLY J 443 -89.10 -29.96 -16.67
CA GLY J 443 -88.46 -30.62 -17.78
C GLY J 443 -89.14 -31.92 -18.12
N GLY J 444 -88.60 -32.60 -19.14
CA GLY J 444 -89.10 -33.92 -19.48
C GLY J 444 -88.81 -34.89 -18.35
N ILE J 445 -89.85 -35.61 -17.93
CA ILE J 445 -89.67 -36.58 -16.85
C ILE J 445 -88.71 -37.69 -17.27
N LYS J 446 -88.67 -38.00 -18.57
CA LYS J 446 -87.69 -38.96 -19.06
C LYS J 446 -86.26 -38.46 -18.83
N GLU J 447 -86.07 -37.13 -18.83
CA GLU J 447 -84.75 -36.59 -18.55
C GLU J 447 -84.39 -36.71 -17.07
N ARG J 448 -85.38 -36.58 -16.19
CA ARG J 448 -85.12 -36.77 -14.76
C ARG J 448 -84.60 -38.17 -14.48
N PHE J 449 -85.16 -39.18 -15.16
CA PHE J 449 -84.59 -40.53 -15.06
C PHE J 449 -83.29 -40.64 -15.84
N ALA J 450 -83.12 -39.81 -16.88
CA ALA J 450 -81.86 -39.84 -17.62
C ALA J 450 -80.73 -39.23 -16.81
N GLN J 451 -81.01 -38.13 -16.12
CA GLN J 451 -80.02 -37.58 -15.20
C GLN J 451 -79.69 -38.59 -14.10
N LEU J 452 -80.71 -39.24 -13.54
CA LEU J 452 -80.48 -40.30 -12.58
C LEU J 452 -79.75 -41.48 -13.22
N ARG J 453 -79.95 -41.70 -14.52
CA ARG J 453 -79.26 -42.78 -15.21
C ARG J 453 -77.80 -42.44 -15.44
N LYS J 454 -77.50 -41.18 -15.80
CA LYS J 454 -76.12 -40.77 -16.04
C LYS J 454 -75.29 -40.76 -14.76
N MET J 455 -75.94 -40.80 -13.59
CA MET J 455 -75.22 -40.94 -12.33
C MET J 455 -74.98 -42.39 -11.94
N GLY J 456 -75.61 -43.34 -12.63
CA GLY J 456 -75.48 -44.74 -12.30
C GLY J 456 -76.59 -45.31 -11.45
N ILE J 457 -77.61 -44.53 -11.13
CA ILE J 457 -78.72 -44.98 -10.30
C ILE J 457 -79.76 -45.65 -11.19
N LYS J 458 -80.15 -46.87 -10.83
CA LYS J 458 -81.10 -47.65 -11.60
C LYS J 458 -82.52 -47.44 -11.08
N THR J 459 -83.48 -47.47 -11.99
CA THR J 459 -84.88 -47.27 -11.67
C THR J 459 -85.70 -48.47 -12.15
N VAL J 460 -86.48 -49.05 -11.24
CA VAL J 460 -87.35 -50.18 -11.54
C VAL J 460 -88.73 -49.87 -10.99
N MET J 461 -89.75 -49.97 -11.84
CA MET J 461 -91.13 -49.69 -11.45
C MET J 461 -91.80 -50.96 -10.94
N ILE J 462 -92.50 -50.85 -9.82
CA ILE J 462 -93.23 -51.95 -9.21
C ILE J 462 -94.72 -51.65 -9.34
N THR J 463 -95.48 -52.61 -9.87
CA THR J 463 -96.90 -52.42 -10.08
C THR J 463 -97.59 -53.77 -10.10
N GLY J 464 -98.91 -53.74 -10.09
CA GLY J 464 -99.73 -54.93 -10.19
C GLY J 464 -100.50 -55.08 -11.47
N ASP J 465 -100.30 -54.18 -12.45
CA ASP J 465 -101.00 -54.28 -13.73
C ASP J 465 -100.37 -55.38 -14.57
N ASN J 466 -100.94 -55.61 -15.75
CA ASN J 466 -100.40 -56.66 -16.61
C ASN J 466 -99.04 -56.23 -17.17
N ARG J 467 -98.29 -57.23 -17.65
CA ARG J 467 -96.97 -56.97 -18.20
C ARG J 467 -97.02 -56.20 -19.52
N LEU J 468 -98.20 -56.11 -20.16
CA LEU J 468 -98.34 -55.39 -21.41
C LEU J 468 -98.72 -53.93 -21.17
N THR J 469 -99.54 -53.67 -20.16
CA THR J 469 -99.93 -52.29 -19.85
C THR J 469 -98.87 -51.58 -19.00
N ALA J 470 -98.11 -52.32 -18.21
CA ALA J 470 -97.06 -51.72 -17.40
C ALA J 470 -95.93 -51.17 -18.27
N ALA J 471 -95.63 -51.83 -19.38
CA ALA J 471 -94.58 -51.34 -20.28
C ALA J 471 -94.98 -50.02 -20.92
N ALA J 472 -96.27 -49.77 -21.07
CA ALA J 472 -96.72 -48.49 -21.63
C ALA J 472 -96.40 -47.34 -20.69
N ILE J 473 -96.70 -47.50 -19.41
CA ILE J 473 -96.37 -46.47 -18.44
C ILE J 473 -94.85 -46.35 -18.28
N ALA J 474 -94.14 -47.47 -18.40
CA ALA J 474 -92.68 -47.43 -18.33
C ALA J 474 -92.09 -46.63 -19.49
N ALA J 475 -92.72 -46.71 -20.67
CA ALA J 475 -92.25 -45.94 -21.81
C ALA J 475 -92.61 -44.46 -21.70
N GLU J 476 -93.76 -44.15 -21.08
CA GLU J 476 -94.14 -42.75 -20.90
C GLU J 476 -93.27 -42.06 -19.86
N ALA J 477 -92.76 -42.81 -18.88
CA ALA J 477 -91.88 -42.25 -17.87
C ALA J 477 -90.41 -42.35 -18.24
N GLY J 478 -90.05 -43.28 -19.13
CA GLY J 478 -88.66 -43.44 -19.49
C GLY J 478 -87.82 -44.14 -18.45
N VAL J 479 -88.38 -45.12 -17.74
CA VAL J 479 -87.66 -45.85 -16.71
C VAL J 479 -86.93 -47.03 -17.35
N ASP J 480 -85.99 -47.62 -16.61
CA ASP J 480 -85.19 -48.71 -17.13
C ASP J 480 -86.01 -49.98 -17.33
N ASP J 481 -86.45 -50.61 -16.24
CA ASP J 481 -87.24 -51.83 -16.29
C ASP J 481 -88.45 -51.68 -15.38
N PHE J 482 -89.27 -52.74 -15.34
CA PHE J 482 -90.49 -52.72 -14.54
C PHE J 482 -90.79 -54.14 -14.06
N LEU J 483 -91.55 -54.22 -12.97
CA LEU J 483 -91.97 -55.49 -12.39
C LEU J 483 -93.49 -55.46 -12.28
N ALA J 484 -94.16 -56.14 -13.21
CA ALA J 484 -95.62 -56.19 -13.22
C ALA J 484 -96.13 -57.43 -12.49
N GLU J 485 -97.31 -57.30 -11.89
CA GLU J 485 -97.94 -58.36 -11.12
C GLU J 485 -96.99 -58.87 -10.03
N ALA J 486 -96.57 -57.93 -9.18
CA ALA J 486 -95.56 -58.18 -8.17
C ALA J 486 -96.21 -58.72 -6.91
N THR J 487 -95.92 -59.98 -6.58
CA THR J 487 -96.31 -60.57 -5.32
C THR J 487 -95.34 -60.14 -4.22
N PRO J 488 -95.79 -60.14 -2.96
CA PRO J 488 -94.87 -59.77 -1.86
C PRO J 488 -93.59 -60.59 -1.81
N GLU J 489 -93.57 -61.77 -2.42
CA GLU J 489 -92.33 -62.54 -2.51
C GLU J 489 -91.47 -62.10 -3.68
N ALA J 490 -92.10 -61.63 -4.76
CA ALA J 490 -91.34 -61.15 -5.91
C ALA J 490 -90.63 -59.83 -5.60
N LYS J 491 -91.20 -59.02 -4.71
CA LYS J 491 -90.54 -57.78 -4.31
C LYS J 491 -89.31 -58.07 -3.45
N LEU J 492 -89.44 -58.99 -2.49
CA LEU J 492 -88.29 -59.36 -1.67
C LEU J 492 -87.20 -60.02 -2.51
N ALA J 493 -87.58 -60.75 -3.56
CA ALA J 493 -86.57 -61.37 -4.42
C ALA J 493 -85.81 -60.32 -5.23
N LEU J 494 -86.49 -59.24 -5.64
CA LEU J 494 -85.81 -58.20 -6.41
C LEU J 494 -84.89 -57.38 -5.52
N ILE J 495 -85.31 -57.10 -4.28
CA ILE J 495 -84.47 -56.31 -3.39
C ILE J 495 -83.22 -57.10 -2.99
N ARG J 496 -83.41 -58.35 -2.55
CA ARG J 496 -82.28 -59.15 -2.10
C ARG J 496 -81.31 -59.47 -3.24
N GLN J 497 -81.83 -59.65 -4.46
CA GLN J 497 -80.94 -59.94 -5.58
C GLN J 497 -80.08 -58.73 -5.93
N TYR J 498 -80.62 -57.52 -5.77
CA TYR J 498 -79.81 -56.32 -5.96
C TYR J 498 -78.78 -56.19 -4.85
N GLN J 499 -79.18 -56.43 -3.60
CA GLN J 499 -78.23 -56.37 -2.49
C GLN J 499 -77.17 -57.45 -2.58
N ALA J 500 -77.51 -58.60 -3.16
CA ALA J 500 -76.53 -59.66 -3.35
C ALA J 500 -75.45 -59.26 -4.35
N GLU J 501 -75.70 -58.24 -5.17
CA GLU J 501 -74.72 -57.70 -6.10
C GLU J 501 -74.08 -56.41 -5.59
N GLY J 502 -74.20 -56.12 -4.29
CA GLY J 502 -73.57 -54.97 -3.70
C GLY J 502 -74.14 -53.64 -4.14
N ARG J 503 -75.45 -53.48 -4.03
CA ARG J 503 -76.13 -52.25 -4.43
C ARG J 503 -77.13 -51.86 -3.36
N LEU J 504 -76.99 -50.64 -2.83
CA LEU J 504 -77.95 -50.14 -1.86
C LEU J 504 -79.27 -49.81 -2.56
N VAL J 505 -80.38 -50.23 -1.95
CA VAL J 505 -81.69 -50.13 -2.56
C VAL J 505 -82.57 -49.19 -1.74
N ALA J 506 -83.25 -48.28 -2.43
CA ALA J 506 -84.29 -47.46 -1.84
C ALA J 506 -85.63 -47.86 -2.45
N MET J 507 -86.69 -47.73 -1.66
CA MET J 507 -88.01 -48.15 -2.10
C MET J 507 -89.08 -47.28 -1.46
N THR J 508 -90.09 -46.93 -2.24
CA THR J 508 -91.27 -46.23 -1.75
C THR J 508 -92.50 -47.11 -1.99
N GLY J 509 -93.39 -47.13 -1.00
CA GLY J 509 -94.57 -47.96 -1.12
C GLY J 509 -95.52 -47.74 0.04
N ASP J 510 -96.52 -48.61 0.12
CA ASP J 510 -97.51 -48.54 1.17
C ASP J 510 -96.99 -49.22 2.42
N GLY J 511 -97.23 -48.61 3.58
CA GLY J 511 -96.76 -49.18 4.83
C GLY J 511 -97.39 -50.53 5.15
N THR J 512 -98.65 -50.72 4.76
CA THR J 512 -99.34 -51.98 5.02
C THR J 512 -99.08 -53.01 3.94
N ASN J 513 -99.25 -52.64 2.67
CA ASN J 513 -99.09 -53.60 1.59
C ASN J 513 -97.64 -54.03 1.42
N ASP J 514 -96.71 -53.09 1.54
CA ASP J 514 -95.28 -53.37 1.34
C ASP J 514 -94.53 -53.37 2.67
N ALA J 515 -95.17 -53.84 3.73
CA ALA J 515 -94.53 -53.90 5.05
C ALA J 515 -93.24 -54.73 5.04
N PRO J 516 -93.19 -55.95 4.49
CA PRO J 516 -91.93 -56.70 4.52
C PRO J 516 -90.87 -56.15 3.57
N ALA J 517 -91.29 -55.51 2.48
CA ALA J 517 -90.33 -55.02 1.50
C ALA J 517 -89.59 -53.79 2.00
N LEU J 518 -90.30 -52.86 2.64
CA LEU J 518 -89.66 -51.65 3.16
C LEU J 518 -88.69 -51.97 4.28
N ALA J 519 -88.94 -53.03 5.05
CA ALA J 519 -88.03 -53.40 6.12
C ALA J 519 -86.71 -53.94 5.58
N GLN J 520 -86.77 -54.74 4.52
CA GLN J 520 -85.54 -55.28 3.94
C GLN J 520 -84.76 -54.22 3.19
N ALA J 521 -85.45 -53.22 2.64
CA ALA J 521 -84.77 -52.18 1.88
C ALA J 521 -83.89 -51.34 2.80
N ASP J 522 -82.81 -50.81 2.22
CA ASP J 522 -81.87 -49.99 3.00
C ASP J 522 -82.47 -48.61 3.29
N VAL J 523 -83.15 -48.02 2.31
CA VAL J 523 -83.86 -46.76 2.48
C VAL J 523 -85.31 -46.99 2.07
N ALA J 524 -86.24 -46.51 2.89
CA ALA J 524 -87.66 -46.75 2.66
C ALA J 524 -88.46 -45.49 2.95
N VAL J 525 -89.44 -45.22 2.08
CA VAL J 525 -90.38 -44.12 2.26
C VAL J 525 -91.78 -44.71 2.22
N ALA J 526 -92.56 -44.45 3.26
CA ALA J 526 -93.88 -45.05 3.42
C ALA J 526 -94.96 -44.11 2.91
N MET J 527 -95.91 -44.67 2.16
CA MET J 527 -97.06 -43.94 1.64
C MET J 527 -98.33 -44.45 2.29
N ASN J 528 -99.33 -43.58 2.37
CA ASN J 528 -100.67 -43.92 2.86
C ASN J 528 -100.62 -44.53 4.26
N SER J 529 -99.67 -44.10 5.08
CA SER J 529 -99.50 -44.63 6.43
C SER J 529 -99.22 -43.49 7.39
N GLY J 530 -99.48 -43.75 8.67
CA GLY J 530 -99.19 -42.78 9.71
C GLY J 530 -97.73 -42.82 10.14
N THR J 531 -97.40 -41.89 11.04
CA THR J 531 -96.05 -41.81 11.55
C THR J 531 -95.65 -42.98 12.43
N GLN J 532 -96.64 -43.64 13.06
CA GLN J 532 -96.33 -44.76 13.96
C GLN J 532 -95.78 -45.96 13.21
N ALA J 533 -96.26 -46.20 11.99
CA ALA J 533 -95.80 -47.35 11.22
C ALA J 533 -94.33 -47.22 10.83
N ALA J 534 -93.86 -46.00 10.55
CA ALA J 534 -92.49 -45.81 10.09
C ALA J 534 -91.52 -45.56 11.24
N LYS J 535 -91.98 -45.00 12.36
CA LYS J 535 -91.08 -44.75 13.48
C LYS J 535 -90.53 -46.06 14.05
N GLU J 536 -91.29 -47.15 13.93
CA GLU J 536 -90.81 -48.45 14.40
C GLU J 536 -89.77 -49.04 13.45
N ALA J 537 -89.96 -48.85 12.15
CA ALA J 537 -89.04 -49.35 11.15
C ALA J 537 -87.95 -48.34 10.78
N GLY J 538 -87.99 -47.14 11.35
CA GLY J 538 -87.00 -46.13 11.02
C GLY J 538 -87.05 -45.64 9.59
N ASN J 539 -88.25 -45.55 9.01
CA ASN J 539 -88.44 -45.15 7.63
C ASN J 539 -89.05 -43.76 7.57
N MET J 540 -89.02 -43.19 6.36
CA MET J 540 -89.62 -41.88 6.11
C MET J 540 -91.12 -42.02 5.86
N VAL J 541 -91.83 -40.90 5.99
CA VAL J 541 -93.26 -40.85 5.76
C VAL J 541 -93.53 -39.84 4.64
N ASP J 542 -94.27 -40.27 3.63
CA ASP J 542 -94.71 -39.39 2.55
C ASP J 542 -96.12 -38.92 2.85
N LEU J 543 -96.27 -37.62 3.09
CA LEU J 543 -97.59 -37.07 3.41
C LEU J 543 -98.47 -36.95 2.18
N ASP J 544 -97.89 -36.63 1.02
CA ASP J 544 -98.65 -36.55 -0.21
C ASP J 544 -98.93 -37.91 -0.84
N SER J 545 -98.25 -38.96 -0.38
CA SER J 545 -98.45 -40.32 -0.88
C SER J 545 -98.23 -40.42 -2.39
N ASN J 546 -97.20 -39.74 -2.88
CA ASN J 546 -96.87 -39.75 -4.30
C ASN J 546 -95.61 -40.59 -4.51
N PRO J 547 -95.68 -41.67 -5.30
CA PRO J 547 -94.47 -42.49 -5.51
C PRO J 547 -93.33 -41.76 -6.19
N THR J 548 -93.61 -40.75 -7.01
CA THR J 548 -92.54 -40.01 -7.68
C THR J 548 -91.73 -39.14 -6.73
N LYS J 549 -92.24 -38.89 -5.53
CA LYS J 549 -91.53 -38.06 -4.56
C LYS J 549 -90.24 -38.71 -4.08
N LEU J 550 -90.07 -40.02 -4.27
CA LEU J 550 -88.81 -40.66 -3.90
C LEU J 550 -87.65 -40.12 -4.71
N ILE J 551 -87.90 -39.66 -5.94
CA ILE J 551 -86.85 -39.08 -6.77
C ILE J 551 -86.32 -37.81 -6.10
N GLU J 552 -87.23 -36.95 -5.65
CA GLU J 552 -86.82 -35.72 -4.97
C GLU J 552 -86.18 -36.02 -3.61
N VAL J 553 -86.61 -37.11 -2.95
CA VAL J 553 -86.02 -37.49 -1.68
C VAL J 553 -84.54 -37.83 -1.86
N VAL J 554 -84.21 -38.56 -2.92
CA VAL J 554 -82.82 -38.90 -3.17
C VAL J 554 -82.03 -37.66 -3.57
N HIS J 555 -82.65 -36.76 -4.33
CA HIS J 555 -81.96 -35.55 -4.77
C HIS J 555 -81.66 -34.63 -3.59
N ILE J 556 -82.60 -34.50 -2.66
CA ILE J 556 -82.38 -33.66 -1.48
C ILE J 556 -81.23 -34.22 -0.64
N GLY J 557 -81.20 -35.54 -0.46
CA GLY J 557 -80.10 -36.15 0.27
C GLY J 557 -78.77 -36.06 -0.46
N LYS J 558 -78.80 -35.99 -1.79
CA LYS J 558 -77.56 -35.84 -2.56
C LYS J 558 -76.94 -34.47 -2.33
N GLN J 559 -77.75 -33.40 -2.36
CA GLN J 559 -77.22 -32.06 -2.14
C GLN J 559 -76.56 -31.95 -0.77
N MET J 560 -77.15 -32.57 0.25
CA MET J 560 -76.56 -32.56 1.58
C MET J 560 -75.19 -33.24 1.60
N LEU J 561 -74.94 -34.16 0.67
CA LEU J 561 -73.64 -34.81 0.56
C LEU J 561 -72.69 -34.06 -0.37
N MET J 562 -73.22 -33.33 -1.35
CA MET J 562 -72.37 -32.59 -2.27
C MET J 562 -71.85 -31.30 -1.65
N THR J 563 -72.70 -30.60 -0.89
CA THR J 563 -72.26 -29.37 -0.25
C THR J 563 -71.14 -29.61 0.74
N ARG J 564 -71.24 -30.67 1.54
CA ARG J 564 -70.17 -31.01 2.47
C ARG J 564 -68.91 -31.43 1.72
N GLY J 565 -69.06 -32.20 0.65
CA GLY J 565 -67.88 -32.66 -0.08
C GLY J 565 -67.21 -31.55 -0.87
N SER J 566 -67.99 -30.61 -1.40
CA SER J 566 -67.42 -29.53 -2.20
C SER J 566 -66.80 -28.46 -1.32
N LEU J 567 -67.33 -28.22 -0.12
CA LEU J 567 -66.80 -27.19 0.75
C LEU J 567 -65.51 -27.62 1.44
N THR J 568 -65.39 -28.90 1.79
CA THR J 568 -64.15 -29.38 2.40
C THR J 568 -62.99 -29.25 1.43
N THR J 569 -63.21 -29.57 0.15
CA THR J 569 -62.15 -29.44 -0.84
C THR J 569 -61.79 -27.97 -1.06
N PHE J 570 -62.78 -27.08 -1.04
CA PHE J 570 -62.50 -25.65 -1.21
C PHE J 570 -61.80 -25.09 0.02
N SER J 571 -62.22 -25.51 1.22
CA SER J 571 -61.63 -24.96 2.44
C SER J 571 -60.21 -25.45 2.64
N ILE J 572 -59.95 -26.73 2.38
CA ILE J 572 -58.60 -27.28 2.58
C ILE J 572 -57.65 -26.70 1.54
N ALA J 573 -58.12 -26.53 0.30
CA ALA J 573 -57.27 -25.98 -0.75
C ALA J 573 -56.87 -24.54 -0.48
N ASN J 574 -57.58 -23.85 0.41
CA ASN J 574 -57.19 -22.48 0.77
C ASN J 574 -55.88 -22.45 1.53
N ASP J 575 -55.53 -23.55 2.22
CA ASP J 575 -54.39 -23.56 3.12
C ASP J 575 -53.06 -23.29 2.41
N VAL J 576 -53.01 -23.45 1.09
CA VAL J 576 -51.77 -23.18 0.36
C VAL J 576 -51.48 -21.68 0.36
N ALA J 577 -52.47 -20.87 -0.01
CA ALA J 577 -52.27 -19.42 -0.01
C ALA J 577 -52.17 -18.87 1.41
N LYS J 578 -52.87 -19.48 2.36
CA LYS J 578 -52.83 -18.99 3.74
C LYS J 578 -51.46 -19.18 4.36
N TYR J 579 -50.70 -20.18 3.91
CA TYR J 579 -49.34 -20.35 4.41
C TYR J 579 -48.39 -19.31 3.81
N PHE J 580 -48.57 -18.97 2.54
CA PHE J 580 -47.74 -17.95 1.91
C PHE J 580 -48.07 -16.54 2.39
N ALA J 581 -49.10 -16.36 3.22
CA ALA J 581 -49.45 -15.05 3.73
C ALA J 581 -48.99 -14.81 5.17
N ILE J 582 -48.90 -15.87 5.98
CA ILE J 582 -48.55 -15.72 7.38
C ILE J 582 -47.14 -16.16 7.69
N ILE J 583 -46.62 -17.19 7.02
CA ILE J 583 -45.25 -17.65 7.29
C ILE J 583 -44.21 -16.56 7.03
N PRO J 584 -44.20 -15.87 5.88
CA PRO J 584 -43.22 -14.80 5.70
C PRO J 584 -43.48 -13.58 6.57
N ALA J 585 -44.70 -13.39 7.05
CA ALA J 585 -45.04 -12.23 7.87
C ALA J 585 -44.74 -12.46 9.34
N ALA J 586 -45.19 -13.60 9.88
CA ALA J 586 -44.96 -13.89 11.29
C ALA J 586 -43.50 -14.11 11.61
N PHE J 587 -42.68 -14.51 10.64
CA PHE J 587 -41.27 -14.79 10.84
C PHE J 587 -40.38 -13.69 10.27
N ALA J 588 -40.96 -12.56 9.86
CA ALA J 588 -40.16 -11.46 9.32
C ALA J 588 -39.28 -10.84 10.38
N ALA J 589 -39.70 -10.87 11.64
CA ALA J 589 -38.91 -10.33 12.73
C ALA J 589 -37.93 -11.33 13.33
N THR J 590 -38.02 -12.59 12.92
CA THR J 590 -37.13 -13.65 13.41
C THR J 590 -36.16 -14.16 12.36
N TYR J 591 -36.62 -14.35 11.13
CA TYR J 591 -35.77 -14.71 10.01
C TYR J 591 -36.18 -13.88 8.81
N PRO J 592 -35.60 -12.69 8.64
CA PRO J 592 -36.04 -11.79 7.56
C PRO J 592 -35.77 -12.33 6.16
N GLN J 593 -34.89 -13.34 6.02
CA GLN J 593 -34.64 -13.89 4.70
C GLN J 593 -35.85 -14.65 4.15
N LEU J 594 -36.81 -14.99 5.01
CA LEU J 594 -38.04 -15.65 4.56
C LEU J 594 -38.98 -14.71 3.83
N ASN J 595 -38.62 -13.44 3.66
CA ASN J 595 -39.46 -12.53 2.89
C ASN J 595 -39.51 -12.90 1.41
N ALA J 596 -38.58 -13.72 0.93
CA ALA J 596 -38.63 -14.17 -0.45
C ALA J 596 -39.83 -15.06 -0.71
N LEU J 597 -40.32 -15.75 0.32
CA LEU J 597 -41.50 -16.61 0.18
C LEU J 597 -42.80 -15.83 0.07
N ASN J 598 -42.76 -14.51 0.30
CA ASN J 598 -43.95 -13.67 0.18
C ASN J 598 -44.21 -13.43 -1.30
N ILE J 599 -44.85 -14.41 -1.93
CA ILE J 599 -45.08 -14.34 -3.37
C ILE J 599 -46.12 -13.27 -3.69
N MET J 600 -47.13 -13.12 -2.84
CA MET J 600 -48.20 -12.16 -3.08
C MET J 600 -47.76 -10.72 -2.92
N CYS J 601 -46.52 -10.49 -2.46
CA CYS J 601 -45.98 -9.13 -2.28
C CYS J 601 -46.89 -8.29 -1.39
N LEU J 602 -47.19 -8.80 -0.21
CA LEU J 602 -48.02 -8.07 0.73
C LEU J 602 -47.24 -6.91 1.34
N HIS J 603 -47.96 -5.85 1.69
CA HIS J 603 -47.32 -4.58 2.02
C HIS J 603 -46.44 -4.69 3.26
N SER J 604 -47.04 -5.04 4.40
CA SER J 604 -46.35 -5.10 5.67
C SER J 604 -46.70 -6.39 6.40
N PRO J 605 -45.82 -6.85 7.30
CA PRO J 605 -46.12 -8.08 8.05
C PRO J 605 -47.41 -7.99 8.85
N ASP J 606 -47.69 -6.84 9.47
CA ASP J 606 -48.93 -6.70 10.22
C ASP J 606 -50.13 -6.62 9.29
N SER J 607 -49.96 -6.09 8.07
CA SER J 607 -51.04 -6.06 7.11
C SER J 607 -51.27 -7.43 6.47
N ALA J 608 -50.21 -8.23 6.36
CA ALA J 608 -50.35 -9.58 5.82
C ALA J 608 -51.19 -10.46 6.73
N ILE J 609 -50.89 -10.44 8.04
CA ILE J 609 -51.63 -11.27 8.98
C ILE J 609 -53.06 -10.77 9.14
N LEU J 610 -53.25 -9.45 9.10
CA LEU J 610 -54.61 -8.90 9.16
C LEU J 610 -55.43 -9.32 7.94
N SER J 611 -54.82 -9.29 6.75
CA SER J 611 -55.55 -9.68 5.54
C SER J 611 -55.91 -11.16 5.56
N ALA J 612 -55.08 -12.00 6.19
CA ALA J 612 -55.40 -13.41 6.29
C ALA J 612 -56.54 -13.67 7.26
N VAL J 613 -56.63 -12.88 8.33
CA VAL J 613 -57.73 -13.03 9.29
C VAL J 613 -59.03 -12.53 8.70
N ILE J 614 -58.97 -11.43 7.93
CA ILE J 614 -60.18 -10.89 7.31
C ILE J 614 -60.73 -11.86 6.29
N PHE J 615 -59.86 -12.47 5.48
CA PHE J 615 -60.32 -13.49 4.54
C PHE J 615 -60.83 -14.73 5.27
N ASN J 616 -60.22 -15.07 6.41
CA ASN J 616 -60.69 -16.19 7.22
C ASN J 616 -62.03 -15.89 7.88
N ALA J 617 -62.47 -14.64 7.91
CA ALA J 617 -63.76 -14.26 8.46
C ALA J 617 -64.79 -13.92 7.40
N LEU J 618 -64.38 -13.28 6.31
CA LEU J 618 -65.31 -12.90 5.26
C LEU J 618 -65.70 -14.08 4.37
N ILE J 619 -64.89 -15.14 4.32
CA ILE J 619 -65.22 -16.28 3.48
C ILE J 619 -66.43 -17.03 3.99
N ILE J 620 -66.74 -16.91 5.29
CA ILE J 620 -67.93 -17.58 5.82
C ILE J 620 -69.20 -16.92 5.29
N VAL J 621 -69.24 -15.58 5.26
CA VAL J 621 -70.42 -14.88 4.79
C VAL J 621 -70.64 -15.13 3.30
N PHE J 622 -69.57 -15.13 2.51
CA PHE J 622 -69.70 -15.35 1.07
C PHE J 622 -70.16 -16.76 0.74
N LEU J 623 -69.98 -17.71 1.65
CA LEU J 623 -70.39 -19.09 1.42
C LEU J 623 -71.67 -19.48 2.17
N ILE J 624 -72.25 -18.55 2.92
CA ILE J 624 -73.52 -18.84 3.60
C ILE J 624 -74.64 -19.14 2.61
N PRO J 625 -74.86 -18.35 1.54
CA PRO J 625 -75.91 -18.72 0.57
C PRO J 625 -75.65 -20.04 -0.12
N LEU J 626 -74.38 -20.39 -0.36
CA LEU J 626 -74.07 -21.68 -0.98
C LEU J 626 -74.39 -22.84 -0.04
N ALA J 627 -74.13 -22.67 1.26
CA ALA J 627 -74.34 -23.75 2.21
C ALA J 627 -75.81 -24.05 2.43
N LEU J 628 -76.68 -23.03 2.36
CA LEU J 628 -78.09 -23.23 2.66
C LEU J 628 -78.91 -23.60 1.42
N LYS J 629 -78.62 -22.96 0.28
CA LYS J 629 -79.37 -23.30 -0.94
C LYS J 629 -78.95 -24.67 -1.48
N GLY J 630 -77.67 -24.97 -1.48
CA GLY J 630 -77.19 -26.24 -1.97
C GLY J 630 -76.37 -26.09 -3.24
N VAL J 631 -75.53 -27.10 -3.48
CA VAL J 631 -74.66 -27.13 -4.65
C VAL J 631 -75.43 -27.72 -5.82
N SER J 632 -75.42 -27.02 -6.96
CA SER J 632 -76.09 -27.50 -8.17
C SER J 632 -75.09 -28.35 -8.97
N TYR J 633 -74.94 -29.60 -8.52
CA TYR J 633 -74.01 -30.51 -9.16
C TYR J 633 -74.58 -31.00 -10.50
N LYS J 634 -73.70 -31.62 -11.29
CA LYS J 634 -74.09 -32.17 -12.58
C LYS J 634 -74.09 -33.69 -12.56
N PRO J 635 -74.99 -34.33 -13.30
CA PRO J 635 -75.04 -35.79 -13.30
C PRO J 635 -73.83 -36.44 -13.96
N LEU J 636 -73.02 -37.14 -13.17
CA LEU J 636 -71.82 -37.79 -13.66
C LEU J 636 -71.62 -39.09 -12.91
N THR J 637 -70.74 -39.93 -13.45
CA THR J 637 -70.37 -41.16 -12.77
C THR J 637 -69.45 -40.86 -11.60
N ALA J 638 -68.94 -41.92 -10.96
CA ALA J 638 -68.10 -41.75 -9.78
C ALA J 638 -66.75 -41.17 -10.15
N SER J 639 -66.00 -41.86 -11.02
CA SER J 639 -64.66 -41.41 -11.37
C SER J 639 -64.67 -40.09 -12.13
N ALA J 640 -65.69 -39.86 -12.95
CA ALA J 640 -65.78 -38.60 -13.70
C ALA J 640 -66.05 -37.44 -12.77
N MET J 641 -66.89 -37.64 -11.74
CA MET J 641 -67.19 -36.57 -10.81
C MET J 641 -66.02 -36.26 -9.88
N LEU J 642 -65.21 -37.27 -9.57
CA LEU J 642 -64.03 -37.03 -8.72
C LEU J 642 -63.09 -36.04 -9.38
N ARG J 643 -62.93 -36.11 -10.70
CA ARG J 643 -62.06 -35.18 -11.40
C ARG J 643 -62.67 -33.78 -11.45
N ARG J 644 -63.95 -33.69 -11.81
CA ARG J 644 -64.59 -32.38 -11.91
C ARG J 644 -64.66 -31.70 -10.55
N ASN J 645 -64.84 -32.46 -9.47
CA ASN J 645 -64.84 -31.86 -8.14
C ASN J 645 -63.45 -31.38 -7.75
N LEU J 646 -62.39 -31.99 -8.29
CA LEU J 646 -61.04 -31.53 -8.01
C LEU J 646 -60.65 -30.36 -8.89
N TRP J 647 -61.23 -30.24 -10.09
CA TRP J 647 -60.89 -29.13 -10.97
C TRP J 647 -61.57 -27.84 -10.53
N ILE J 648 -62.87 -27.91 -10.26
CA ILE J 648 -63.62 -26.70 -9.93
C ILE J 648 -63.33 -26.24 -8.51
N TYR J 649 -63.46 -27.15 -7.54
CA TYR J 649 -63.31 -26.79 -6.13
C TYR J 649 -61.88 -26.97 -5.61
N GLY J 650 -61.00 -27.58 -6.40
CA GLY J 650 -59.60 -27.67 -6.01
C GLY J 650 -58.82 -26.47 -6.50
N LEU J 651 -58.90 -26.19 -7.80
CA LEU J 651 -58.29 -24.98 -8.34
C LEU J 651 -59.00 -23.73 -7.83
N GLY J 652 -60.33 -23.77 -7.77
CA GLY J 652 -61.07 -22.66 -7.17
C GLY J 652 -60.67 -22.41 -5.74
N GLY J 653 -60.45 -23.47 -4.97
CA GLY J 653 -59.92 -23.34 -3.63
C GLY J 653 -58.47 -22.90 -3.58
N LEU J 654 -57.76 -22.95 -4.71
CA LEU J 654 -56.36 -22.53 -4.78
C LEU J 654 -56.22 -21.08 -5.24
N LEU J 655 -57.02 -20.65 -6.21
CA LEU J 655 -56.84 -19.34 -6.82
C LEU J 655 -57.65 -18.24 -6.13
N VAL J 656 -58.82 -18.58 -5.57
CA VAL J 656 -59.63 -17.57 -4.88
C VAL J 656 -58.91 -16.98 -3.68
N PRO J 657 -58.27 -17.76 -2.80
CA PRO J 657 -57.54 -17.12 -1.67
C PRO J 657 -56.38 -16.25 -2.13
N PHE J 658 -55.72 -16.60 -3.23
CA PHE J 658 -54.66 -15.76 -3.75
C PHE J 658 -55.19 -14.38 -4.13
N ILE J 659 -56.29 -14.34 -4.89
CA ILE J 659 -56.89 -13.07 -5.28
C ILE J 659 -57.52 -12.38 -4.07
N GLY J 660 -58.05 -13.16 -3.12
CA GLY J 660 -58.73 -12.58 -1.98
C GLY J 660 -57.78 -11.87 -1.02
N ILE J 661 -56.61 -12.45 -0.78
CA ILE J 661 -55.66 -11.84 0.14
C ILE J 661 -55.11 -10.54 -0.45
N LYS J 662 -54.88 -10.51 -1.77
CA LYS J 662 -54.36 -9.31 -2.41
C LYS J 662 -55.33 -8.15 -2.27
N VAL J 663 -56.60 -8.36 -2.62
CA VAL J 663 -57.59 -7.29 -2.59
C VAL J 663 -57.77 -6.75 -1.17
N ILE J 664 -57.79 -7.66 -0.18
CA ILE J 664 -57.93 -7.21 1.20
C ILE J 664 -56.69 -6.42 1.63
N ASP J 665 -55.50 -6.85 1.18
CA ASP J 665 -54.29 -6.13 1.53
C ASP J 665 -54.18 -4.82 0.78
N LEU J 666 -54.55 -4.81 -0.50
CA LEU J 666 -54.50 -3.57 -1.29
C LEU J 666 -55.47 -2.53 -0.76
N LEU J 667 -56.65 -2.98 -0.29
CA LEU J 667 -57.60 -2.04 0.29
C LEU J 667 -57.06 -1.43 1.58
N LEU J 668 -56.32 -2.21 2.37
CA LEU J 668 -55.69 -1.67 3.57
C LEU J 668 -54.61 -0.65 3.23
N THR J 669 -53.92 -0.83 2.10
CA THR J 669 -52.90 0.12 1.68
C THR J 669 -53.52 1.38 1.08
N VAL J 670 -54.51 1.21 0.19
CA VAL J 670 -55.15 2.37 -0.44
C VAL J 670 -55.88 3.20 0.60
N CYS J 671 -56.67 2.55 1.46
CA CYS J 671 -57.35 3.27 2.53
C CYS J 671 -56.39 3.76 3.60
N GLY J 672 -55.20 3.18 3.68
CA GLY J 672 -54.22 3.61 4.67
C GLY J 672 -54.61 3.32 6.09
N LEU J 673 -55.34 2.23 6.34
CA LEU J 673 -55.75 1.91 7.69
C LEU J 673 -54.56 1.48 8.55
N VAL J 674 -53.79 0.51 8.09
CA VAL J 674 -52.60 0.06 8.80
C VAL J 674 -51.41 0.03 7.86
N LEU K 1 -48.11 -69.18 27.26
CA LEU K 1 -46.83 -68.48 27.30
C LEU K 1 -45.68 -69.41 26.93
N ARG K 2 -45.95 -70.71 26.90
CA ARG K 2 -44.93 -71.68 26.51
C ARG K 2 -44.45 -71.48 25.07
N PRO K 3 -45.32 -71.29 24.06
CA PRO K 3 -44.81 -71.00 22.72
C PRO K 3 -44.16 -69.63 22.62
N ALA K 4 -44.52 -68.69 23.49
CA ALA K 4 -43.90 -67.36 23.47
C ALA K 4 -42.43 -67.45 23.85
N LEU K 5 -42.14 -68.02 25.03
CA LEU K 5 -40.75 -68.11 25.48
C LEU K 5 -39.94 -69.06 24.62
N SER K 6 -40.56 -70.10 24.05
CA SER K 6 -39.82 -71.05 23.25
C SER K 6 -39.41 -70.44 21.90
N THR K 7 -40.31 -69.69 21.27
CA THR K 7 -39.97 -69.04 20.01
C THR K 7 -38.85 -68.03 20.21
N PHE K 8 -38.89 -67.28 21.32
CA PHE K 8 -37.84 -66.31 21.60
C PHE K 8 -36.50 -66.99 21.83
N ILE K 9 -36.47 -68.04 22.65
CA ILE K 9 -35.21 -68.69 22.98
C ILE K 9 -34.63 -69.42 21.79
N PHE K 10 -35.48 -70.04 20.96
CA PHE K 10 -34.99 -70.75 19.79
C PHE K 10 -34.34 -69.80 18.79
N LEU K 11 -35.04 -68.73 18.44
CA LEU K 11 -34.50 -67.77 17.48
C LEU K 11 -33.29 -67.04 18.05
N LEU K 12 -33.25 -66.81 19.36
CA LEU K 12 -32.08 -66.17 19.96
C LEU K 12 -30.85 -67.05 19.84
N LEU K 13 -31.01 -68.36 19.85
CA LEU K 13 -29.87 -69.26 19.68
C LEU K 13 -29.50 -69.42 18.22
N ILE K 14 -30.47 -69.31 17.31
CA ILE K 14 -30.17 -69.43 15.88
C ILE K 14 -29.49 -68.16 15.38
N THR K 15 -30.07 -67.00 15.65
CA THR K 15 -29.52 -65.74 15.15
C THR K 15 -28.30 -65.29 15.94
N GLY K 16 -28.23 -65.61 17.23
CA GLY K 16 -27.11 -65.22 18.06
C GLY K 16 -26.01 -66.24 18.20
N GLY K 17 -26.26 -67.48 17.79
CA GLY K 17 -25.26 -68.52 17.89
C GLY K 17 -24.95 -69.19 16.57
N VAL K 18 -25.98 -69.81 15.97
CA VAL K 18 -25.79 -70.56 14.74
C VAL K 18 -25.42 -69.64 13.58
N TYR K 19 -26.11 -68.49 13.48
CA TYR K 19 -25.85 -67.58 12.36
C TYR K 19 -24.46 -66.97 12.42
N PRO K 20 -23.98 -66.44 13.54
CA PRO K 20 -22.61 -65.91 13.53
C PRO K 20 -21.55 -66.99 13.38
N LEU K 21 -21.75 -68.16 13.99
CA LEU K 21 -20.77 -69.23 13.86
C LEU K 21 -20.68 -69.73 12.42
N LEU K 22 -21.82 -69.80 11.72
CA LEU K 22 -21.81 -70.27 10.35
C LEU K 22 -21.10 -69.28 9.42
N THR K 23 -21.36 -67.99 9.60
CA THR K 23 -20.67 -66.99 8.79
C THR K 23 -19.19 -66.93 9.11
N THR K 24 -18.83 -67.07 10.39
CA THR K 24 -17.42 -67.01 10.77
C THR K 24 -16.65 -68.22 10.25
N VAL K 25 -17.23 -69.42 10.38
CA VAL K 25 -16.55 -70.62 9.89
C VAL K 25 -16.39 -70.56 8.38
N LEU K 26 -17.47 -70.24 7.67
CA LEU K 26 -17.39 -70.12 6.22
C LEU K 26 -16.54 -68.93 5.79
N GLY K 27 -16.51 -67.87 6.61
CA GLY K 27 -15.70 -66.71 6.27
C GLY K 27 -14.20 -67.00 6.35
N GLN K 28 -13.75 -67.54 7.49
CA GLN K 28 -12.35 -67.89 7.63
C GLN K 28 -11.91 -68.98 6.67
N TRP K 29 -12.86 -69.75 6.13
CA TRP K 29 -12.53 -70.82 5.20
C TRP K 29 -12.31 -70.29 3.79
N TRP K 30 -13.30 -69.58 3.25
CA TRP K 30 -13.22 -69.10 1.87
C TRP K 30 -12.36 -67.84 1.76
N PHE K 31 -12.62 -66.86 2.62
CA PHE K 31 -11.96 -65.56 2.55
C PHE K 31 -11.28 -65.27 3.89
N PRO K 32 -10.14 -65.92 4.16
CA PRO K 32 -9.51 -65.73 5.48
C PRO K 32 -8.86 -64.38 5.64
N TRP K 33 -8.20 -63.85 4.60
CA TRP K 33 -7.48 -62.59 4.72
C TRP K 33 -8.44 -61.44 4.99
N GLN K 34 -9.52 -61.35 4.22
CA GLN K 34 -10.46 -60.25 4.40
C GLN K 34 -11.18 -60.34 5.75
N ALA K 35 -11.46 -61.56 6.21
CA ALA K 35 -12.16 -61.73 7.48
C ALA K 35 -11.33 -61.31 8.68
N ASN K 36 -10.00 -61.32 8.55
CA ASN K 36 -9.10 -60.93 9.63
C ASN K 36 -8.63 -59.49 9.52
N GLY K 37 -9.31 -58.67 8.70
CA GLY K 37 -8.96 -57.29 8.54
C GLY K 37 -8.12 -56.97 7.32
N SER K 38 -7.70 -57.99 6.56
CA SER K 38 -6.84 -57.83 5.38
C SER K 38 -5.59 -57.01 5.72
N LEU K 39 -4.91 -57.43 6.78
CA LEU K 39 -3.74 -56.72 7.27
C LEU K 39 -2.57 -56.83 6.29
N ILE K 40 -1.72 -55.81 6.30
CA ILE K 40 -0.50 -55.79 5.51
C ILE K 40 0.68 -55.89 6.46
N ARG K 41 1.45 -56.98 6.33
CA ARG K 41 2.57 -57.24 7.22
C ARG K 41 3.85 -57.43 6.42
N GLU K 42 4.95 -56.91 6.96
CA GLU K 42 6.29 -57.13 6.42
C GLU K 42 7.13 -57.73 7.54
N GLY K 43 7.41 -59.02 7.45
CA GLY K 43 8.03 -59.73 8.56
C GLY K 43 7.01 -60.13 9.60
N ASP K 44 7.18 -59.63 10.82
CA ASP K 44 6.23 -59.89 11.89
C ASP K 44 5.50 -58.63 12.35
N THR K 45 5.85 -57.46 11.83
CA THR K 45 5.23 -56.22 12.21
C THR K 45 4.03 -55.91 11.31
N VAL K 46 2.99 -55.35 11.89
CA VAL K 46 1.76 -55.02 11.18
C VAL K 46 1.86 -53.56 10.71
N ARG K 47 2.02 -53.37 9.40
CA ARG K 47 2.08 -52.02 8.84
C ARG K 47 0.70 -51.39 8.68
N GLY K 48 -0.35 -52.20 8.58
CA GLY K 48 -1.69 -51.68 8.41
C GLY K 48 -2.52 -52.65 7.58
N SER K 49 -3.55 -52.11 6.95
CA SER K 49 -4.42 -52.89 6.08
C SER K 49 -4.84 -52.02 4.90
N ALA K 50 -5.43 -52.66 3.89
CA ALA K 50 -5.88 -51.94 2.71
C ALA K 50 -7.11 -51.08 2.98
N LEU K 51 -7.68 -51.12 4.17
CA LEU K 51 -8.89 -50.38 4.49
C LEU K 51 -8.75 -49.44 5.67
N ILE K 52 -7.58 -49.38 6.31
CA ILE K 52 -7.43 -48.56 7.52
C ILE K 52 -7.45 -47.08 7.17
N GLY K 53 -6.49 -46.64 6.37
CA GLY K 53 -6.27 -45.21 6.16
C GLY K 53 -5.38 -44.65 7.25
N GLN K 54 -4.24 -44.08 6.86
CA GLN K 54 -3.25 -43.61 7.80
C GLN K 54 -3.03 -42.11 7.63
N ASN K 55 -2.57 -41.48 8.71
CA ASN K 55 -2.31 -40.04 8.72
C ASN K 55 -0.89 -39.81 8.21
N PHE K 56 -0.76 -39.59 6.91
CA PHE K 56 0.53 -39.34 6.28
C PHE K 56 0.81 -37.85 6.29
N THR K 57 1.93 -37.46 6.91
CA THR K 57 2.34 -36.07 6.98
C THR K 57 3.69 -35.79 6.35
N GLY K 58 4.46 -36.82 6.01
CA GLY K 58 5.77 -36.60 5.42
C GLY K 58 5.69 -35.99 4.04
N ASN K 59 6.79 -35.34 3.65
CA ASN K 59 6.84 -34.66 2.36
C ASN K 59 7.04 -35.64 1.21
N GLY K 60 7.67 -36.79 1.47
CA GLY K 60 7.89 -37.80 0.45
C GLY K 60 6.75 -38.75 0.22
N TYR K 61 5.76 -38.77 1.11
CA TYR K 61 4.61 -39.66 1.00
C TYR K 61 3.43 -38.93 0.36
N PHE K 62 2.52 -39.72 -0.20
CA PHE K 62 1.26 -39.17 -0.69
C PHE K 62 0.32 -38.93 0.48
N HIS K 63 -0.47 -37.86 0.39
CA HIS K 63 -1.33 -37.43 1.47
C HIS K 63 -2.78 -37.72 1.13
N GLY K 64 -3.57 -37.99 2.17
CA GLY K 64 -4.98 -38.25 2.04
C GLY K 64 -5.83 -37.08 2.51
N ARG K 65 -7.15 -37.29 2.43
CA ARG K 65 -8.11 -36.29 2.85
C ARG K 65 -7.99 -36.04 4.35
N PRO K 66 -8.45 -34.87 4.81
CA PRO K 66 -8.47 -34.64 6.27
C PRO K 66 -9.36 -35.63 6.98
N SER K 67 -8.95 -36.00 8.19
CA SER K 67 -9.56 -37.12 8.92
C SER K 67 -10.72 -36.64 9.79
N ALA K 68 -10.48 -35.67 10.67
CA ALA K 68 -11.51 -35.08 11.54
C ALA K 68 -12.06 -36.09 12.54
N THR K 69 -11.22 -37.01 13.02
CA THR K 69 -11.64 -37.96 14.04
C THR K 69 -11.65 -37.26 15.41
N ALA K 70 -11.76 -38.05 16.48
CA ALA K 70 -11.91 -37.49 17.82
C ALA K 70 -10.60 -36.94 18.36
N GLU K 71 -9.65 -37.81 18.68
CA GLU K 71 -8.40 -37.39 19.32
C GLU K 71 -7.33 -37.08 18.28
N MET K 72 -6.87 -38.10 17.57
CA MET K 72 -5.83 -37.95 16.56
C MET K 72 -6.40 -38.26 15.18
N PRO K 73 -5.84 -37.66 14.12
CA PRO K 73 -6.34 -37.95 12.77
C PRO K 73 -6.07 -39.40 12.39
N TYR K 74 -7.07 -40.01 11.74
CA TYR K 74 -7.03 -41.41 11.32
C TYR K 74 -6.88 -42.34 12.52
N ASN K 75 -7.75 -42.14 13.51
CA ASN K 75 -7.80 -43.00 14.68
C ASN K 75 -8.91 -44.01 14.51
N PRO K 76 -8.62 -45.30 14.28
CA PRO K 76 -9.69 -46.29 14.13
C PRO K 76 -10.54 -46.46 15.37
N GLN K 77 -10.12 -45.91 16.51
CA GLN K 77 -10.91 -45.99 17.74
C GLN K 77 -12.00 -44.94 17.81
N ALA K 78 -12.11 -44.06 16.81
CA ALA K 78 -13.15 -43.05 16.79
C ALA K 78 -14.10 -43.21 15.60
N SER K 79 -13.58 -43.19 14.37
CA SER K 79 -14.38 -43.36 13.16
C SER K 79 -15.56 -42.39 13.13
N GLY K 80 -15.22 -41.12 12.96
CA GLY K 80 -16.21 -40.06 12.90
C GLY K 80 -15.95 -39.14 11.74
N GLY K 81 -16.82 -38.15 11.60
CA GLY K 81 -16.68 -37.17 10.54
C GLY K 81 -16.90 -35.76 11.07
N SER K 82 -16.56 -34.79 10.21
CA SER K 82 -16.79 -33.40 10.52
C SER K 82 -18.24 -33.07 10.17
N ASN K 83 -19.09 -32.95 11.19
CA ASN K 83 -20.50 -32.65 10.99
C ASN K 83 -20.77 -31.16 10.87
N LEU K 84 -19.88 -30.43 10.19
CA LEU K 84 -20.03 -29.00 10.00
C LEU K 84 -20.85 -28.72 8.75
N ALA K 85 -21.76 -27.75 8.86
CA ALA K 85 -22.65 -27.40 7.77
C ALA K 85 -22.01 -26.36 6.86
N VAL K 86 -22.67 -26.10 5.73
CA VAL K 86 -22.23 -25.03 4.84
C VAL K 86 -22.43 -23.68 5.51
N SER K 87 -23.53 -23.52 6.26
CA SER K 87 -23.78 -22.27 6.98
C SER K 87 -22.87 -22.10 8.18
N ASN K 88 -22.10 -23.12 8.55
CA ASN K 88 -21.20 -23.00 9.68
C ASN K 88 -19.98 -22.17 9.30
N PRO K 89 -19.65 -21.13 10.06
CA PRO K 89 -18.50 -20.30 9.69
C PRO K 89 -17.16 -20.97 9.95
N GLU K 90 -17.08 -21.92 10.87
CA GLU K 90 -15.81 -22.58 11.16
C GLU K 90 -15.36 -23.49 10.03
N LEU K 91 -16.28 -23.96 9.19
CA LEU K 91 -15.88 -24.78 8.06
C LEU K 91 -15.16 -23.95 7.00
N ASP K 92 -15.64 -22.73 6.75
CA ASP K 92 -14.99 -21.86 5.77
C ASP K 92 -13.55 -21.56 6.17
N LYS K 93 -13.31 -21.31 7.45
CA LYS K 93 -11.95 -21.08 7.93
C LYS K 93 -11.09 -22.33 7.76
N LEU K 94 -11.67 -23.50 8.01
CA LEU K 94 -10.93 -24.75 7.84
C LEU K 94 -10.62 -25.02 6.36
N ILE K 95 -11.55 -24.67 5.46
CA ILE K 95 -11.32 -24.89 4.04
C ILE K 95 -10.20 -23.98 3.54
N ALA K 96 -10.27 -22.69 3.88
CA ALA K 96 -9.23 -21.76 3.44
C ALA K 96 -7.87 -22.15 4.03
N ALA K 97 -7.86 -22.64 5.27
CA ALA K 97 -6.61 -23.06 5.88
C ALA K 97 -6.00 -24.24 5.14
N ARG K 98 -6.82 -25.19 4.71
CA ARG K 98 -6.30 -26.35 3.99
C ARG K 98 -5.89 -25.99 2.57
N VAL K 99 -6.64 -25.11 1.91
CA VAL K 99 -6.28 -24.68 0.55
C VAL K 99 -4.93 -23.97 0.57
N ALA K 100 -4.74 -23.06 1.52
CA ALA K 100 -3.48 -22.33 1.59
C ALA K 100 -2.32 -23.25 1.97
N ALA K 101 -2.55 -24.18 2.89
CA ALA K 101 -1.47 -25.06 3.33
C ALA K 101 -1.08 -26.06 2.24
N LEU K 102 -2.05 -26.52 1.45
CA LEU K 102 -1.75 -27.47 0.39
C LEU K 102 -1.02 -26.79 -0.77
N ARG K 103 -1.38 -25.55 -1.07
CA ARG K 103 -0.67 -24.80 -2.10
C ARG K 103 0.77 -24.51 -1.67
N ALA K 104 0.98 -24.25 -0.38
CA ALA K 104 2.33 -24.01 0.12
C ALA K 104 3.18 -25.27 0.01
N ALA K 105 2.61 -26.43 0.32
CA ALA K 105 3.37 -27.68 0.26
C ALA K 105 3.56 -28.17 -1.17
N ASN K 106 2.67 -27.79 -2.09
CA ASN K 106 2.73 -28.18 -3.50
C ASN K 106 2.83 -26.91 -4.34
N PRO K 107 4.00 -26.27 -4.38
CA PRO K 107 4.12 -25.02 -5.15
C PRO K 107 4.22 -25.27 -6.65
N ASP K 108 4.89 -26.35 -7.05
CA ASP K 108 5.06 -26.71 -8.45
C ASP K 108 3.91 -27.53 -9.00
N ALA K 109 2.69 -27.30 -8.51
CA ALA K 109 1.49 -27.96 -8.99
C ALA K 109 0.45 -26.88 -9.28
N SER K 110 -0.70 -27.30 -9.81
CA SER K 110 -1.75 -26.36 -10.13
C SER K 110 -2.29 -25.69 -8.87
N ALA K 111 -2.67 -24.42 -9.00
CA ALA K 111 -3.21 -23.69 -7.87
C ALA K 111 -4.59 -24.20 -7.48
N SER K 112 -5.32 -24.80 -8.41
CA SER K 112 -6.62 -25.38 -8.11
C SER K 112 -6.43 -26.65 -7.28
N VAL K 113 -6.92 -26.64 -6.05
CA VAL K 113 -6.78 -27.77 -5.15
C VAL K 113 -7.95 -28.74 -5.39
N PRO K 114 -7.68 -30.04 -5.53
CA PRO K 114 -8.79 -31.00 -5.65
C PRO K 114 -9.65 -31.00 -4.39
N VAL K 115 -10.97 -31.04 -4.58
CA VAL K 115 -11.91 -30.88 -3.49
C VAL K 115 -11.77 -31.98 -2.44
N GLU K 116 -11.27 -33.15 -2.85
CA GLU K 116 -11.09 -34.23 -1.89
C GLU K 116 -10.07 -33.87 -0.82
N LEU K 117 -8.95 -33.26 -1.22
CA LEU K 117 -7.87 -32.97 -0.27
C LEU K 117 -8.20 -31.83 0.68
N VAL K 118 -9.29 -31.10 0.47
CA VAL K 118 -9.68 -30.02 1.36
C VAL K 118 -10.90 -30.38 2.21
N THR K 119 -11.76 -31.28 1.73
CA THR K 119 -12.94 -31.70 2.49
C THR K 119 -12.62 -32.98 3.26
N ALA K 120 -13.13 -33.06 4.49
CA ALA K 120 -12.95 -34.26 5.29
C ALA K 120 -13.79 -35.40 4.73
N SER K 121 -13.55 -36.60 5.25
CA SER K 121 -14.30 -37.78 4.86
C SER K 121 -15.42 -38.06 5.86
N ALA K 122 -16.35 -38.93 5.46
CA ALA K 122 -17.45 -39.29 6.33
C ALA K 122 -17.02 -40.25 7.42
N SER K 123 -16.23 -41.27 7.06
CA SER K 123 -15.82 -42.27 8.04
C SER K 123 -14.68 -41.79 8.93
N GLY K 124 -13.84 -40.89 8.42
CA GLY K 124 -12.64 -40.50 9.12
C GLY K 124 -11.49 -41.47 8.97
N LEU K 125 -11.70 -42.61 8.33
CA LEU K 125 -10.65 -43.59 8.05
C LEU K 125 -10.49 -43.81 6.55
N ASP K 126 -10.77 -42.77 5.77
CA ASP K 126 -10.74 -42.91 4.31
C ASP K 126 -9.32 -43.15 3.83
N ASN K 127 -9.14 -44.22 3.06
CA ASN K 127 -7.85 -44.58 2.48
C ASN K 127 -7.90 -44.46 0.96
N ASN K 128 -8.74 -43.58 0.44
CA ASN K 128 -9.05 -43.53 -0.98
C ASN K 128 -8.98 -42.09 -1.49
N ILE K 129 -8.46 -41.94 -2.71
CA ILE K 129 -8.45 -40.67 -3.41
C ILE K 129 -8.54 -40.96 -4.90
N THR K 130 -9.23 -40.09 -5.63
CA THR K 130 -9.35 -40.25 -7.08
C THR K 130 -7.96 -40.20 -7.73
N PRO K 131 -7.74 -40.95 -8.81
CA PRO K 131 -6.41 -40.98 -9.42
C PRO K 131 -5.88 -39.62 -9.83
N GLN K 132 -6.75 -38.69 -10.23
CA GLN K 132 -6.26 -37.38 -10.66
C GLN K 132 -5.76 -36.55 -9.49
N ALA K 133 -6.43 -36.66 -8.34
CA ALA K 133 -5.95 -35.95 -7.15
C ALA K 133 -4.67 -36.55 -6.60
N ALA K 134 -4.40 -37.82 -6.87
CA ALA K 134 -3.11 -38.39 -6.49
C ALA K 134 -2.00 -37.90 -7.41
N ALA K 135 -2.34 -37.58 -8.66
CA ALA K 135 -1.37 -37.00 -9.59
C ALA K 135 -1.12 -35.53 -9.33
N TRP K 136 -2.04 -34.85 -8.64
CA TRP K 136 -1.85 -33.44 -8.31
C TRP K 136 -0.66 -33.22 -7.39
N GLN K 137 -0.34 -34.23 -6.57
CA GLN K 137 0.79 -34.15 -5.65
C GLN K 137 2.01 -34.90 -6.16
N ILE K 138 2.06 -35.21 -7.47
CA ILE K 138 3.23 -35.88 -8.02
C ILE K 138 4.50 -35.02 -7.92
N PRO K 139 4.50 -33.73 -8.29
CA PRO K 139 5.76 -32.98 -8.25
C PRO K 139 6.38 -32.91 -6.85
N ARG K 140 5.57 -32.80 -5.81
CA ARG K 140 6.12 -32.78 -4.45
C ARG K 140 6.78 -34.10 -4.11
N VAL K 141 6.13 -35.23 -4.45
CA VAL K 141 6.71 -36.53 -4.16
C VAL K 141 7.91 -36.79 -5.06
N ALA K 142 7.86 -36.32 -6.31
CA ALA K 142 8.97 -36.55 -7.24
C ALA K 142 10.22 -35.81 -6.79
N LYS K 143 10.08 -34.56 -6.35
CA LYS K 143 11.23 -33.79 -5.91
C LYS K 143 11.83 -34.34 -4.63
N ALA K 144 10.99 -34.89 -3.74
CA ALA K 144 11.48 -35.38 -2.46
C ALA K 144 12.13 -36.75 -2.56
N ARG K 145 11.83 -37.53 -3.60
CA ARG K 145 12.40 -38.86 -3.76
C ARG K 145 13.20 -39.04 -5.05
N ASN K 146 13.38 -37.97 -5.84
CA ASN K 146 14.18 -37.99 -7.06
C ASN K 146 13.65 -38.97 -8.09
N LEU K 147 12.38 -39.36 -7.99
CA LEU K 147 11.76 -40.24 -8.96
C LEU K 147 11.15 -39.45 -10.10
N SER K 148 11.10 -40.07 -11.28
CA SER K 148 10.60 -39.40 -12.46
C SER K 148 9.07 -39.31 -12.42
N VAL K 149 8.52 -38.41 -13.23
CA VAL K 149 7.08 -38.23 -13.28
C VAL K 149 6.41 -39.40 -13.98
N GLU K 150 7.10 -40.05 -14.91
CA GLU K 150 6.52 -41.19 -15.62
C GLU K 150 6.32 -42.38 -14.68
N GLN K 151 7.39 -42.83 -14.03
CA GLN K 151 7.30 -43.99 -13.17
C GLN K 151 6.48 -43.72 -11.91
N LEU K 152 6.27 -42.46 -11.56
CA LEU K 152 5.39 -42.14 -10.44
C LEU K 152 3.93 -42.26 -10.83
N THR K 153 3.59 -41.82 -12.05
CA THR K 153 2.24 -42.03 -12.56
C THR K 153 1.97 -43.52 -12.80
N GLN K 154 2.96 -44.25 -13.31
CA GLN K 154 2.81 -45.68 -13.53
C GLN K 154 2.62 -46.43 -12.22
N LEU K 155 3.19 -45.89 -11.12
CA LEU K 155 3.01 -46.52 -9.81
C LEU K 155 1.62 -46.25 -9.25
N ILE K 156 1.08 -45.06 -9.50
CA ILE K 156 -0.26 -44.74 -9.03
C ILE K 156 -1.30 -45.54 -9.80
N ALA K 157 -1.17 -45.59 -11.12
CA ALA K 157 -2.12 -46.33 -11.94
C ALA K 157 -2.05 -47.83 -11.66
N LYS K 158 -0.89 -48.32 -11.23
CA LYS K 158 -0.77 -49.74 -10.86
C LYS K 158 -1.61 -50.05 -9.63
N TYR K 159 -1.58 -49.19 -8.63
CA TYR K 159 -2.34 -49.37 -7.39
C TYR K 159 -3.66 -48.61 -7.40
N SER K 160 -4.32 -48.56 -8.55
CA SER K 160 -5.61 -47.90 -8.70
C SER K 160 -6.62 -48.90 -9.27
N GLN K 161 -7.77 -49.02 -8.63
CA GLN K 161 -8.83 -49.91 -9.06
C GLN K 161 -10.05 -49.09 -9.47
N GLN K 162 -10.62 -49.42 -10.63
CA GLN K 162 -11.83 -48.78 -11.13
C GLN K 162 -13.05 -49.65 -10.86
N PRO K 163 -14.17 -49.05 -10.48
CA PRO K 163 -15.39 -49.83 -10.26
C PRO K 163 -15.85 -50.53 -11.53
N LEU K 164 -16.64 -51.58 -11.35
CA LEU K 164 -17.16 -52.32 -12.50
C LEU K 164 -17.98 -51.43 -13.42
N VAL K 165 -18.79 -50.54 -12.85
CA VAL K 165 -19.56 -49.57 -13.61
C VAL K 165 -19.22 -48.18 -13.09
N LYS K 166 -19.28 -47.20 -13.99
CA LYS K 166 -18.78 -45.87 -13.66
C LYS K 166 -19.69 -45.12 -12.68
N TYR K 167 -20.98 -45.43 -12.66
CA TYR K 167 -21.92 -44.71 -11.80
C TYR K 167 -22.19 -45.44 -10.49
N ILE K 168 -21.50 -46.54 -10.22
CA ILE K 168 -21.60 -47.18 -8.91
C ILE K 168 -20.68 -46.52 -7.90
N GLY K 169 -19.61 -45.86 -8.37
CA GLY K 169 -18.69 -45.16 -7.49
C GLY K 169 -17.71 -44.31 -8.27
N GLN K 170 -16.55 -44.06 -7.70
CA GLN K 170 -15.48 -43.31 -8.34
C GLN K 170 -14.20 -44.11 -8.32
N PRO K 171 -13.33 -43.94 -9.32
CA PRO K 171 -12.03 -44.60 -9.29
C PRO K 171 -11.25 -44.19 -8.05
N VAL K 172 -10.53 -45.15 -7.47
CA VAL K 172 -9.95 -45.00 -6.13
C VAL K 172 -8.52 -45.51 -6.15
N VAL K 173 -7.63 -44.79 -5.46
CA VAL K 173 -6.24 -45.18 -5.27
C VAL K 173 -6.06 -45.59 -3.82
N ASN K 174 -5.37 -46.71 -3.60
CA ASN K 174 -5.05 -47.16 -2.24
C ASN K 174 -3.82 -46.39 -1.76
N ILE K 175 -4.01 -45.54 -0.76
CA ILE K 175 -2.93 -44.66 -0.31
C ILE K 175 -1.87 -45.46 0.43
N VAL K 176 -2.29 -46.34 1.34
CA VAL K 176 -1.34 -47.11 2.14
C VAL K 176 -0.54 -48.04 1.23
N GLU K 177 -1.21 -48.69 0.28
CA GLU K 177 -0.50 -49.58 -0.63
C GLU K 177 0.41 -48.82 -1.58
N LEU K 178 0.05 -47.58 -1.93
CA LEU K 178 0.89 -46.78 -2.80
C LEU K 178 2.15 -46.30 -2.07
N ASN K 179 2.01 -45.91 -0.80
CA ASN K 179 3.17 -45.41 -0.05
C ASN K 179 4.15 -46.53 0.25
N LEU K 180 3.66 -47.71 0.64
CA LEU K 180 4.56 -48.83 0.91
C LEU K 180 5.26 -49.30 -0.36
N ALA K 181 4.55 -49.30 -1.48
CA ALA K 181 5.19 -49.63 -2.75
C ALA K 181 6.22 -48.57 -3.14
N LEU K 182 6.01 -47.32 -2.70
CA LEU K 182 6.98 -46.27 -2.99
C LEU K 182 8.29 -46.48 -2.23
N ASP K 183 8.23 -47.11 -1.06
CA ASP K 183 9.43 -47.32 -0.27
C ASP K 183 10.30 -48.44 -0.84
N LYS K 184 9.68 -49.54 -1.28
CA LYS K 184 10.47 -50.61 -1.88
C LYS K 184 11.08 -50.20 -3.21
N LEU K 185 10.41 -49.30 -3.95
CA LEU K 185 10.98 -48.81 -5.20
C LEU K 185 12.15 -47.87 -4.94
N ASP K 186 12.09 -47.08 -3.87
CA ASP K 186 13.17 -46.13 -3.58
C ASP K 186 14.46 -46.83 -3.20
N GLU K 187 14.37 -48.00 -2.55
CA GLU K 187 15.57 -48.76 -2.18
C GLU K 187 16.04 -49.63 -3.33
N MET L 1 -39.04 -21.49 34.82
CA MET L 1 -39.92 -21.19 33.69
C MET L 1 -40.80 -19.98 33.99
N SER L 2 -40.97 -19.13 32.98
CA SER L 2 -41.77 -17.93 33.14
C SER L 2 -43.23 -18.27 33.41
N ALA L 3 -43.90 -17.40 34.17
CA ALA L 3 -45.30 -17.63 34.50
C ALA L 3 -46.18 -17.56 33.27
N GLY L 4 -45.93 -16.58 32.38
CA GLY L 4 -46.72 -16.48 31.17
C GLY L 4 -46.50 -17.64 30.22
N VAL L 5 -45.29 -18.22 30.22
CA VAL L 5 -44.99 -19.32 29.32
C VAL L 5 -45.55 -20.63 29.85
N ILE L 6 -45.46 -20.86 31.18
CA ILE L 6 -45.91 -22.12 31.74
C ILE L 6 -47.42 -22.24 31.66
N THR L 7 -48.15 -21.12 31.69
CA THR L 7 -49.60 -21.17 31.51
C THR L 7 -49.94 -21.52 30.07
N GLY L 8 -49.17 -21.03 29.11
CA GLY L 8 -49.39 -21.39 27.72
C GLY L 8 -49.18 -22.86 27.46
N VAL L 9 -48.28 -23.49 28.21
CA VAL L 9 -48.08 -24.94 28.07
C VAL L 9 -49.27 -25.70 28.61
N LEU L 10 -49.82 -25.24 29.74
CA LEU L 10 -51.02 -25.88 30.29
C LEU L 10 -52.21 -25.72 29.35
N LEU L 11 -52.30 -24.58 28.65
CA LEU L 11 -53.39 -24.38 27.71
C LEU L 11 -53.27 -25.34 26.52
N VAL L 12 -52.05 -25.57 26.04
CA VAL L 12 -51.85 -26.50 24.93
C VAL L 12 -52.18 -27.93 25.36
N PHE L 13 -51.77 -28.31 26.57
CA PHE L 13 -52.05 -29.67 27.04
C PHE L 13 -53.53 -29.90 27.23
N LEU L 14 -54.25 -28.91 27.76
CA LEU L 14 -55.69 -29.07 27.96
C LEU L 14 -56.43 -29.11 26.62
N LEU L 15 -55.97 -28.32 25.65
CA LEU L 15 -56.60 -28.34 24.33
C LEU L 15 -56.24 -29.59 23.54
N LEU L 16 -55.06 -30.16 23.76
CA LEU L 16 -54.70 -31.40 23.09
C LEU L 16 -55.57 -32.57 23.56
N GLY L 17 -55.67 -32.76 24.88
CA GLY L 17 -56.53 -33.80 25.39
C GLY L 17 -58.00 -33.58 25.08
N TYR L 18 -58.42 -32.31 25.00
CA TYR L 18 -59.80 -32.02 24.65
C TYR L 18 -60.10 -32.40 23.20
N LEU L 19 -59.14 -32.20 22.30
CA LEU L 19 -59.36 -32.54 20.90
C LEU L 19 -59.27 -34.05 20.66
N VAL L 20 -58.32 -34.73 21.29
CA VAL L 20 -58.22 -36.18 21.16
C VAL L 20 -59.46 -36.84 21.74
N TYR L 21 -59.99 -36.31 22.84
CA TYR L 21 -61.24 -36.81 23.39
C TYR L 21 -62.40 -36.53 22.45
N ALA L 22 -62.39 -35.38 21.78
CA ALA L 22 -63.46 -35.05 20.85
C ALA L 22 -63.40 -35.92 19.60
N LEU L 23 -62.20 -36.29 19.15
CA LEU L 23 -62.09 -37.15 17.97
C LEU L 23 -62.69 -38.53 18.23
N ILE L 24 -62.52 -39.05 19.44
CA ILE L 24 -63.07 -40.36 19.77
C ILE L 24 -64.59 -40.33 19.78
N ASN L 25 -65.18 -39.19 20.15
CA ASN L 25 -66.62 -39.06 20.28
C ASN L 25 -67.22 -38.33 19.08
N ALA L 26 -68.51 -38.08 19.14
CA ALA L 26 -69.27 -37.40 18.09
C ALA L 26 -69.94 -36.18 18.72
N GLU L 27 -69.22 -35.06 18.73
CA GLU L 27 -69.72 -33.84 19.33
C GLU L 27 -70.11 -32.82 18.26
K K M . -3.26 10.97 -3.59
O1 PX4 N . -8.85 3.52 -21.82
O2 PX4 N . -9.81 2.65 -23.93
P1 PX4 N . -8.56 2.73 -23.08
O3 PX4 N . -8.08 1.19 -22.66
C1 PX4 N . -8.73 0.56 -21.56
O4 PX4 N . -7.34 3.47 -23.93
C6 PX4 N . -7.71 4.39 -24.97
C7 PX4 N . -7.27 5.80 -24.57
C8 PX4 N . -8.19 6.33 -23.45
O5 PX4 N . -9.51 6.50 -23.96
C9 PX4 N . -10.54 6.14 -23.06
O6 PX4 N . -10.99 5.03 -23.09
C10 PX4 N . -11.09 7.16 -22.03
C11 PX4 N . -12.59 6.85 -21.76
C12 PX4 N . -13.04 7.52 -20.43
C13 PX4 N . -13.99 8.72 -20.76
C14 PX4 N . -13.15 9.99 -21.05
C15 PX4 N . -14.09 11.24 -21.10
C16 PX4 N . -13.28 12.52 -20.76
C17 PX4 N . -14.12 13.43 -19.82
C18 PX4 N . -13.34 14.73 -19.50
C19 PX4 N . -13.87 15.36 -18.18
C20 PX4 N . -14.84 16.52 -18.50
C21 PX4 N . -16.29 15.99 -18.58
C22 PX4 N . -16.71 15.40 -17.21
O7 PX4 N . -5.94 5.77 -24.11
C23 PX4 N . -4.97 5.54 -25.13
O8 PX4 N . -4.49 4.46 -25.25
C24 PX4 N . -4.53 6.69 -26.06
C25 PX4 N . -4.44 8.01 -25.25
C26 PX4 N . -4.52 9.22 -26.24
C27 PX4 N . -5.26 10.39 -25.54
C28 PX4 N . -6.10 11.17 -26.60
C29 PX4 N . -7.41 11.70 -25.95
C30 PX4 N . -8.56 11.71 -27.00
C31 PX4 N . -9.92 11.51 -26.28
C32 PX4 N . -10.93 12.59 -26.79
C33 PX4 N . -11.98 12.87 -25.68
C34 PX4 N . -12.47 14.34 -25.79
C35 PX4 N . -13.62 14.59 -24.79
C36 PX4 N . -13.93 16.10 -24.72
O1 PX4 O . 20.13 9.73 -17.06
O2 PX4 O . 19.12 10.64 -15.00
P1 PX4 O . 20.09 9.62 -15.55
O3 PX4 O . 21.61 9.91 -14.93
C1 PX4 O . 22.56 10.59 -15.75
O4 PX4 O . 19.59 8.08 -15.11
C6 PX4 O . 18.26 7.67 -15.46
C7 PX4 O . 17.82 6.54 -14.52
C8 PX4 O . 18.75 5.32 -14.70
O5 PX4 O . 17.97 4.16 -14.95
C9 PX4 O . 18.53 3.31 -15.95
O6 PX4 O . 19.18 3.79 -16.83
C10 PX4 O . 18.30 1.78 -15.89
C11 PX4 O . 18.47 1.18 -17.31
C12 PX4 O . 19.38 -0.09 -17.26
C13 PX4 O . 18.64 -1.26 -16.53
C14 PX4 O . 19.36 -1.56 -15.18
C15 PX4 O . 18.65 -2.75 -14.47
C16 PX4 O . 19.23 -2.93 -13.04
C17 PX4 O . 19.04 -4.41 -12.57
C18 PX4 O . 19.24 -4.50 -11.03
C19 PX4 O . 19.54 -5.98 -10.65
C20 PX4 O . 19.09 -6.23 -9.18
C21 PX4 O . 19.33 -7.72 -8.81
C22 PX4 O . 18.76 -8.02 -7.40
O7 PX4 O . 17.88 6.98 -13.19
C23 PX4 O . 17.08 8.12 -12.91
O8 PX4 O . 15.93 8.14 -13.20
C24 PX4 O . 17.73 9.35 -12.22
C25 PX4 O . 18.45 8.91 -10.91
C26 PX4 O . 17.41 8.34 -9.90
C27 PX4 O . 18.09 7.30 -8.95
C28 PX4 O . 18.98 6.33 -9.79
C29 PX4 O . 19.49 5.18 -8.88
C30 PX4 O . 19.07 3.81 -9.49
C31 PX4 O . 19.77 2.65 -8.70
C32 PX4 O . 19.50 1.30 -9.42
C33 PX4 O . 19.95 0.12 -8.51
C34 PX4 O . 19.31 -1.20 -9.02
C35 PX4 O . 19.60 -2.33 -8.00
C36 PX4 O . 21.04 -2.84 -8.17
C1 BOG P . -13.49 -12.46 -21.76
O1 BOG P . -12.46 -11.59 -21.44
C2 BOG P . -13.14 -13.86 -21.25
O2 BOG P . -12.00 -14.34 -21.96
C3 BOG P . -14.25 -14.80 -21.43
O3 BOG P . -13.91 -16.08 -20.80
C4 BOG P . -15.52 -14.30 -20.84
O4 BOG P . -16.60 -15.21 -21.19
C5 BOG P . -15.88 -12.87 -21.34
O5 BOG P . -14.78 -11.95 -21.16
C6 BOG P . -17.05 -12.37 -20.61
O6 BOG P . -17.24 -11.03 -20.89
C1' BOG P . -12.87 -10.23 -21.34
C2' BOG P . -11.77 -9.31 -21.92
C3' BOG P . -12.37 -7.93 -22.15
C4' BOG P . -11.38 -7.04 -22.96
C5' BOG P . -12.04 -5.65 -23.24
C6' BOG P . -11.05 -4.54 -22.88
C7' BOG P . -11.53 -3.22 -23.44
C8' BOG P . -10.33 -2.17 -23.44
C1 BOG Q . 28.50 8.29 -47.43
O1 BOG Q . 27.35 9.05 -47.28
C2 BOG Q . 29.20 8.21 -46.08
O2 BOG Q . 29.65 9.51 -45.70
C3 BOG Q . 30.36 7.29 -46.13
O3 BOG Q . 30.92 7.15 -44.77
C4 BOG Q . 29.99 5.95 -46.64
O4 BOG Q . 31.20 5.15 -46.80
C5 BOG Q . 29.25 6.02 -48.00
O5 BOG Q . 28.12 6.94 -47.96
C6 BOG Q . 28.75 4.67 -48.36
O6 BOG Q . 28.30 4.68 -49.66
C1' BOG Q . 26.55 9.10 -48.44
C2' BOG Q . 25.46 10.20 -48.29
C3' BOG Q . 24.87 10.51 -49.66
C4' BOG Q . 23.92 11.73 -49.56
C5' BOG Q . 23.62 12.26 -50.99
C6' BOG Q . 22.16 12.73 -51.07
C7' BOG Q . 21.82 13.07 -52.51
C8' BOG Q . 20.24 13.26 -52.66
K K R . 50.38 53.06 -9.33
O1 PX4 S . 59.19 65.44 11.36
O2 PX4 S . 57.68 64.28 9.78
P1 PX4 S . 57.74 65.10 11.04
O3 PX4 S . 56.88 66.51 10.85
C1 PX4 S . 57.59 67.74 10.75
O4 PX4 S . 57.09 64.22 12.31
C6 PX4 S . 57.30 62.81 12.32
C7 PX4 S . 55.94 62.09 12.30
C8 PX4 S . 55.23 62.31 13.65
O5 PX4 S . 55.46 61.20 14.50
C9 PX4 S . 56.03 61.55 15.75
O6 PX4 S . 56.86 62.39 15.82
C10 PX4 S . 55.56 60.82 17.04
C11 PX4 S . 56.61 61.05 18.18
C12 PX4 S . 55.88 61.33 19.53
C13 PX4 S . 54.96 60.13 19.90
C14 PX4 S . 53.48 60.61 19.94
C15 PX4 S . 52.56 59.43 20.39
C16 PX4 S . 51.07 59.84 20.18
C17 PX4 S . 50.17 59.03 21.17
C18 PX4 S . 48.67 59.20 20.76
C19 PX4 S . 47.76 58.82 21.96
C20 PX4 S . 46.37 58.37 21.43
C21 PX4 S . 45.44 58.04 22.63
C22 PX4 S . 44.17 57.31 22.11
O7 PX4 S . 55.15 62.63 11.27
C23 PX4 S . 55.42 62.09 9.99
O8 PX4 S . 56.00 61.05 9.88
C24 PX4 S . 54.96 62.85 8.72
C25 PX4 S . 53.57 63.50 8.99
C26 PX4 S . 52.44 62.52 8.55
C27 PX4 S . 51.14 62.81 9.35
C28 PX4 S . 51.44 62.78 10.87
C29 PX4 S . 50.12 63.06 11.67
C30 PX4 S . 50.28 62.54 13.12
C31 PX4 S . 48.88 62.29 13.73
C32 PX4 S . 49.02 61.75 15.18
C33 PX4 S . 47.62 61.42 15.77
C34 PX4 S . 47.79 60.56 17.06
C35 PX4 S . 46.40 60.25 17.67
C36 PX4 S . 46.09 61.26 18.80
C1 BOG T . 45.82 25.52 6.60
O1 BOG T . 46.41 26.76 6.78
C2 BOG T . 44.60 25.39 7.51
O2 BOG T . 45.03 25.47 8.88
C3 BOG T . 43.92 24.10 7.29
O3 BOG T . 42.71 24.05 8.11
C4 BOG T . 43.54 23.92 5.87
O4 BOG T . 43.01 22.57 5.69
C5 BOG T . 44.74 24.11 4.91
O5 BOG T . 45.46 25.34 5.16
C6 BOG T . 44.25 24.11 3.51
O6 BOG T . 45.26 24.55 2.67
C1' BOG T . 47.36 27.05 5.78
C2' BOG T . 48.14 28.35 6.14
C3' BOG T . 48.97 28.75 4.92
C4' BOG T . 50.40 29.18 5.36
C5' BOG T . 51.33 29.22 4.14
C6' BOG T . 52.44 30.28 4.36
C7' BOG T . 53.09 30.62 3.03
C8' BOG T . 53.98 31.93 3.21
O1 PX4 U . 63.05 38.04 4.71
O2 PX4 U . 64.05 40.07 5.69
P1 PX4 U . 63.20 39.54 4.56
O3 PX4 U . 61.68 40.25 4.63
C1 PX4 U . 60.61 39.53 5.23
O4 PX4 U . 63.91 39.88 3.10
C6 PX4 U . 64.73 38.89 2.49
C7 PX4 U . 64.63 39.05 0.96
C8 PX4 U . 63.20 38.68 0.51
O5 PX4 U . 62.70 37.63 1.33
C9 PX4 U . 61.47 37.93 1.98
O6 PX4 U . 61.01 39.03 1.91
C10 PX4 U . 60.72 36.84 2.78
C11 PX4 U . 59.57 36.24 1.93
C12 PX4 U . 60.15 35.34 0.79
C13 PX4 U . 60.15 36.14 -0.55
C14 PX4 U . 58.68 36.40 -1.00
C15 PX4 U . 57.93 35.04 -1.13
C16 PX4 U . 58.50 34.23 -2.32
C17 PX4 U . 58.46 35.10 -3.61
C18 PX4 U . 59.20 34.35 -4.76
C19 PX4 U . 59.34 35.29 -6.00
C20 PX4 U . 57.92 35.66 -6.53
C21 PX4 U . 57.16 34.38 -6.93
C22 PX4 U . 57.87 33.69 -8.13
O7 PX4 U . 64.89 40.37 0.61
C23 PX4 U . 66.25 40.63 0.27
O8 PX4 U . 67.11 40.49 1.08
C24 PX4 U . 66.61 41.11 -1.17
C25 PX4 U . 66.97 39.87 -2.04
C26 PX4 U . 68.38 39.34 -1.65
C27 PX4 U . 68.27 37.88 -1.14
C28 PX4 U . 69.21 37.69 0.08
C29 PX4 U . 68.87 36.36 0.80
C30 PX4 U . 70.14 35.47 0.86
C31 PX4 U . 69.88 34.25 1.79
C32 PX4 U . 70.44 32.96 1.13
C33 PX4 U . 70.31 31.77 2.12
C34 PX4 U . 69.10 30.88 1.71
C35 PX4 U . 67.82 31.34 2.45
C36 PX4 U . 68.03 31.21 3.98
K K V . -34.14 -48.25 11.27
O1 PX4 W . -53.02 -43.69 23.79
O2 PX4 W . -54.30 -45.50 22.72
P1 PX4 W . -54.22 -44.00 22.92
O3 PX4 W . -55.61 -43.46 23.67
C1 PX4 W . -56.34 -44.38 24.48
O4 PX4 W . -54.06 -43.26 21.43
C6 PX4 W . -53.80 -41.86 21.38
C7 PX4 W . -52.35 -41.62 20.93
C8 PX4 W . -52.12 -40.11 20.74
O5 PX4 W . -52.28 -39.43 21.97
C9 PX4 W . -51.49 -38.26 22.12
O6 PX4 W . -50.85 -37.85 21.20
C10 PX4 W . -51.47 -37.50 23.48
C11 PX4 W . -50.04 -36.96 23.77
C12 PX4 W . -49.34 -37.88 24.81
C13 PX4 W . -47.92 -37.32 25.11
C14 PX4 W . -47.30 -38.06 26.33
C15 PX4 W . -48.10 -37.73 27.63
C16 PX4 W . -47.53 -38.58 28.81
C17 PX4 W . -46.14 -38.00 29.25
C18 PX4 W . -45.83 -38.43 30.71
C19 PX4 W . -45.20 -39.85 30.72
C20 PX4 W . -45.12 -40.37 32.18
C21 PX4 W . -44.14 -41.57 32.25
C22 PX4 W . -44.26 -42.28 33.62
O7 PX4 W . -51.47 -42.09 21.92
C23 PX4 W . -50.83 -43.33 21.61
O8 PX4 W . -50.96 -43.81 20.53
C24 PX4 W . -49.98 -44.04 22.69
C25 PX4 W . -49.80 -45.54 22.33
C26 PX4 W . -51.13 -46.32 22.53
C27 PX4 W . -51.35 -46.61 24.04
C28 PX4 W . -51.03 -48.10 24.35
C29 PX4 W . -49.51 -48.24 24.67
C30 PX4 W . -49.17 -47.36 25.91
C31 PX4 W . -47.68 -46.94 25.87
C32 PX4 W . -47.34 -46.12 27.14
C33 PX4 W . -48.00 -44.71 27.03
C34 PX4 W . -47.92 -43.98 28.40
C35 PX4 W . -46.48 -44.07 28.97
C36 PX4 W . -46.49 -43.74 30.48
O1 PX4 X . -42.00 -30.40 1.78
O2 PX4 X . -39.82 -30.25 0.61
P1 PX4 X . -41.23 -29.70 0.67
O3 PX4 X . -41.16 -28.06 0.99
C1 PX4 X . -40.63 -27.64 2.25
O4 PX4 X . -42.00 -29.96 -0.78
C6 PX4 X . -42.02 -31.28 -1.32
C7 PX4 X . -41.97 -31.22 -2.85
C8 PX4 X . -42.77 -30.01 -3.34
O5 PX4 X . -44.14 -30.36 -3.49
C9 PX4 X . -45.01 -29.62 -2.65
O6 PX4 X . -44.58 -29.02 -1.72
C10 PX4 X . -46.53 -29.58 -2.95
C11 PX4 X . -47.33 -29.81 -1.64
C12 PX4 X . -48.80 -29.34 -1.83
C13 PX4 X . -49.73 -30.57 -1.99
C14 PX4 X . -49.74 -31.03 -3.48
C15 PX4 X . -51.20 -30.97 -4.05
C16 PX4 X . -51.85 -29.59 -3.74
C17 PX4 X . -51.13 -28.47 -4.55
C18 PX4 X . -51.30 -28.73 -6.08
C19 PX4 X . -50.25 -27.89 -6.86
C20 PX4 X . -50.71 -27.71 -8.34
C21 PX4 X . -51.03 -29.09 -8.96
C22 PX4 X . -51.54 -28.89 -10.41
O7 PX4 X . -40.65 -31.12 -3.32
C23 PX4 X . -39.68 -31.93 -2.66
O8 PX4 X . -38.91 -31.43 -1.91
C24 PX4 X . -39.59 -33.46 -2.93
C25 PX4 X . -40.21 -33.83 -4.31
C26 PX4 X . -41.39 -34.81 -4.07
C27 PX4 X . -42.38 -34.80 -5.28
C28 PX4 X . -42.66 -33.35 -5.75
C29 PX4 X . -44.02 -33.28 -6.48
C30 PX4 X . -44.12 -31.97 -7.30
C31 PX4 X . -45.47 -31.93 -8.08
C32 PX4 X . -45.50 -30.70 -9.02
C33 PX4 X . -46.72 -30.83 -9.98
C34 PX4 X . -46.78 -29.60 -10.93
C35 PX4 X . -47.63 -29.96 -12.18
C36 PX4 X . -47.87 -28.69 -13.03
C1 BOG Y . -63.31 -54.47 16.83
O1 BOG Y . -62.38 -53.46 16.63
C2 BOG Y . -63.63 -55.11 15.49
O2 BOG Y . -64.35 -54.15 14.69
C3 BOG Y . -64.47 -56.33 15.62
O3 BOG Y . -64.56 -56.99 14.31
C4 BOG Y . -63.90 -57.29 16.60
O4 BOG Y . -64.84 -58.38 16.79
C5 BOG Y . -63.63 -56.62 17.96
O5 BOG Y . -62.76 -55.46 17.82
C6 BOG Y . -62.99 -57.60 18.88
O6 BOG Y . -62.07 -56.94 19.68
C1' BOG Y . -61.67 -53.11 17.81
C2' BOG Y . -61.15 -51.66 17.69
C3' BOG Y . -60.43 -51.29 19.00
C4' BOG Y . -59.75 -49.91 18.82
C5' BOG Y . -58.84 -49.59 20.03
C6' BOG Y . -57.86 -48.46 19.65
C7' BOG Y . -57.41 -47.72 20.88
C8' BOG Y . -56.58 -46.43 20.45
#